data_2L8O
#
_entry.id   2L8O
#
_entity_poly.entity_id   1
_entity_poly.type   'polypeptide(L)'
_entity_poly.pdbx_seq_one_letter_code
;GNKITVEVTVYAAIEKVWKYWNEPAHIMKWCQASPEWHVPAAQNDLKAGGTFTTTMAAKDGSMSFDFGGVYDQVKTNDLI
EYTIGDGRKVRIVFTHTGDTTNIVESFDPEETNPRELQQSGWQAILNSFKSYTENNLEHHHHHH
;
_entity_poly.pdbx_strand_id   A
#
# COMPACT_ATOMS: atom_id res chain seq x y z
N GLY A 1 -3.67 -1.45 -20.77
CA GLY A 1 -3.96 -2.89 -20.52
C GLY A 1 -3.20 -3.36 -19.29
N ASN A 2 -1.95 -3.78 -19.50
CA ASN A 2 -1.11 -4.25 -18.40
C ASN A 2 -0.83 -3.11 -17.43
N LYS A 3 -0.88 -1.89 -17.92
CA LYS A 3 -0.63 -0.70 -17.09
C LYS A 3 -1.81 -0.48 -16.13
N ILE A 4 -2.13 -1.51 -15.34
CA ILE A 4 -3.25 -1.41 -14.39
C ILE A 4 -3.04 -0.21 -13.47
N THR A 5 -4.09 0.59 -13.31
CA THR A 5 -4.06 1.79 -12.47
C THR A 5 -5.26 1.76 -11.53
N VAL A 6 -5.03 2.15 -10.28
CA VAL A 6 -6.08 2.20 -9.25
C VAL A 6 -5.95 3.48 -8.47
N GLU A 7 -7.06 3.92 -7.86
CA GLU A 7 -7.07 5.17 -7.07
C GLU A 7 -8.01 5.03 -5.88
N VAL A 8 -7.79 5.84 -4.85
CA VAL A 8 -8.65 5.84 -3.65
C VAL A 8 -8.76 7.26 -3.10
N THR A 9 -9.96 7.60 -2.58
CA THR A 9 -10.21 8.92 -2.00
C THR A 9 -10.07 8.83 -0.48
N VAL A 10 -9.09 9.56 0.06
CA VAL A 10 -8.83 9.58 1.52
C VAL A 10 -9.04 11.00 2.05
N TYR A 11 -9.89 11.16 3.07
CA TYR A 11 -10.17 12.47 3.68
C TYR A 11 -9.23 12.71 4.86
N ALA A 12 -8.06 13.28 4.58
CA ALA A 12 -7.07 13.56 5.61
C ALA A 12 -5.96 14.44 5.03
N ALA A 13 -5.31 15.22 5.89
CA ALA A 13 -4.21 16.08 5.45
C ALA A 13 -3.07 15.25 4.90
N ILE A 14 -2.45 15.72 3.80
CA ILE A 14 -1.36 14.96 3.17
C ILE A 14 -0.28 14.58 4.19
N GLU A 15 -0.02 15.47 5.13
CA GLU A 15 0.99 15.24 6.16
C GLU A 15 0.59 14.10 7.11
N LYS A 16 -0.73 13.96 7.36
CA LYS A 16 -1.22 12.92 8.28
C LYS A 16 -1.10 11.51 7.67
N VAL A 17 -1.60 11.35 6.45
CA VAL A 17 -1.56 10.05 5.75
C VAL A 17 -0.11 9.66 5.45
N TRP A 18 0.72 10.65 5.13
CA TRP A 18 2.13 10.38 4.80
C TRP A 18 2.79 9.61 5.96
N LYS A 19 2.52 10.04 7.18
CA LYS A 19 3.09 9.39 8.36
C LYS A 19 2.52 7.99 8.53
N TYR A 20 1.19 7.86 8.39
CA TYR A 20 0.53 6.56 8.55
C TYR A 20 0.94 5.58 7.44
N TRP A 21 0.97 6.08 6.21
CA TRP A 21 1.33 5.25 5.06
C TRP A 21 2.79 4.80 5.13
N ASN A 22 3.60 5.53 5.91
CA ASN A 22 5.05 5.24 6.06
C ASN A 22 5.34 4.53 7.39
N GLU A 23 4.45 4.70 8.37
CA GLU A 23 4.67 4.06 9.68
C GLU A 23 4.63 2.52 9.52
N PRO A 24 5.66 1.77 9.90
CA PRO A 24 5.64 0.28 9.72
C PRO A 24 4.68 -0.41 10.69
N ALA A 25 4.64 0.07 11.93
CA ALA A 25 3.76 -0.53 12.94
C ALA A 25 2.31 -0.53 12.45
N HIS A 26 1.90 0.55 11.78
CA HIS A 26 0.54 0.66 11.28
C HIS A 26 0.30 -0.37 10.17
N ILE A 27 1.26 -0.55 9.27
CA ILE A 27 1.08 -1.51 8.17
C ILE A 27 0.94 -2.93 8.74
N MET A 28 1.77 -3.27 9.72
CA MET A 28 1.73 -4.59 10.33
C MET A 28 0.35 -4.87 10.95
N LYS A 29 -0.48 -3.83 11.10
CA LYS A 29 -1.82 -4.00 11.69
C LYS A 29 -2.84 -4.42 10.61
N TRP A 30 -2.71 -3.85 9.41
CA TRP A 30 -3.62 -4.16 8.28
C TRP A 30 -2.83 -4.68 7.07
N CYS A 31 -1.64 -5.24 7.28
CA CYS A 31 -0.85 -5.77 6.16
C CYS A 31 -1.66 -6.76 5.32
N GLN A 32 -1.69 -6.56 4.00
CA GLN A 32 -2.44 -7.42 3.08
C GLN A 32 -3.94 -7.25 3.29
N ALA A 33 -4.34 -6.94 4.53
CA ALA A 33 -5.74 -6.73 4.88
C ALA A 33 -6.60 -7.94 4.48
N SER A 34 -6.03 -9.14 4.66
CA SER A 34 -6.70 -10.41 4.31
C SER A 34 -6.49 -11.46 5.43
N PRO A 35 -7.49 -12.27 5.78
CA PRO A 35 -7.33 -13.31 6.86
C PRO A 35 -6.48 -14.50 6.41
N GLU A 36 -6.29 -14.65 5.09
CA GLU A 36 -5.51 -15.75 4.53
C GLU A 36 -4.02 -15.40 4.55
N TRP A 37 -3.67 -14.34 5.30
CA TRP A 37 -2.27 -13.90 5.41
C TRP A 37 -2.04 -13.22 6.75
N HIS A 38 -0.79 -13.24 7.19
CA HIS A 38 -0.38 -12.63 8.47
C HIS A 38 0.99 -11.98 8.31
N VAL A 39 1.33 -11.10 9.25
CA VAL A 39 2.62 -10.37 9.24
C VAL A 39 3.31 -10.55 10.61
N PRO A 40 4.13 -11.57 10.81
CA PRO A 40 4.79 -11.80 12.13
C PRO A 40 5.92 -10.79 12.37
N ALA A 41 6.31 -10.07 11.32
CA ALA A 41 7.36 -9.07 11.44
C ALA A 41 7.47 -8.26 10.15
N ALA A 42 7.95 -7.02 10.27
CA ALA A 42 8.16 -6.14 9.11
C ALA A 42 9.18 -5.06 9.45
N GLN A 43 9.92 -4.60 8.42
CA GLN A 43 10.93 -3.55 8.58
C GLN A 43 10.83 -2.56 7.43
N ASN A 44 11.10 -1.29 7.72
CA ASN A 44 11.05 -0.22 6.71
C ASN A 44 11.82 1.00 7.20
N ASP A 45 12.68 1.53 6.34
CA ASP A 45 13.50 2.72 6.65
C ASP A 45 13.33 3.75 5.53
N LEU A 46 12.43 4.71 5.73
CA LEU A 46 12.19 5.74 4.73
C LEU A 46 13.42 6.62 4.56
N LYS A 47 14.24 6.30 3.55
CA LYS A 47 15.45 7.08 3.27
C LYS A 47 16.01 6.69 1.90
N ALA A 48 16.54 7.68 1.18
CA ALA A 48 17.11 7.43 -0.14
C ALA A 48 18.32 6.51 -0.03
N GLY A 49 18.43 5.55 -0.94
CA GLY A 49 19.54 4.60 -0.94
C GLY A 49 19.37 3.58 0.19
N GLY A 50 18.26 3.71 0.92
CA GLY A 50 17.93 2.79 2.01
C GLY A 50 17.20 1.57 1.47
N THR A 51 17.09 0.52 2.30
CA THR A 51 16.40 -0.73 1.91
C THR A 51 15.38 -1.12 2.97
N PHE A 52 14.48 -2.04 2.61
CA PHE A 52 13.41 -2.51 3.51
C PHE A 52 13.20 -4.02 3.34
N THR A 53 12.51 -4.62 4.32
CA THR A 53 12.21 -6.05 4.30
C THR A 53 10.89 -6.30 5.04
N THR A 54 9.92 -6.92 4.33
CA THR A 54 8.60 -7.24 4.91
C THR A 54 8.42 -8.76 4.94
N THR A 55 8.29 -9.34 6.15
CA THR A 55 8.10 -10.79 6.30
C THR A 55 6.62 -11.11 6.41
N MET A 56 6.09 -11.90 5.47
CA MET A 56 4.67 -12.29 5.48
C MET A 56 4.52 -13.70 4.96
N ALA A 57 3.55 -14.43 5.52
CA ALA A 57 3.29 -15.82 5.12
C ALA A 57 1.82 -16.17 5.32
N ALA A 58 1.36 -17.17 4.57
CA ALA A 58 -0.02 -17.62 4.67
C ALA A 58 -0.31 -18.12 6.08
N LYS A 59 -1.54 -17.95 6.55
CA LYS A 59 -1.92 -18.37 7.88
C LYS A 59 -1.63 -19.85 8.09
N ASP A 60 -1.90 -20.66 7.06
CA ASP A 60 -1.65 -22.11 7.14
C ASP A 60 -0.16 -22.38 6.97
N GLY A 61 0.61 -21.34 6.66
CA GLY A 61 2.05 -21.46 6.48
C GLY A 61 2.38 -22.24 5.21
N SER A 62 1.36 -22.46 4.39
CA SER A 62 1.53 -23.20 3.14
C SER A 62 2.48 -22.47 2.19
N MET A 63 2.34 -21.14 2.12
CA MET A 63 3.18 -20.29 1.25
C MET A 63 3.91 -19.25 2.10
N SER A 64 5.13 -18.90 1.70
CA SER A 64 5.94 -17.92 2.42
C SER A 64 6.76 -17.10 1.42
N PHE A 65 6.89 -15.79 1.68
CA PHE A 65 7.66 -14.91 0.79
C PHE A 65 8.05 -13.65 1.55
N ASP A 66 9.06 -12.94 1.04
CA ASP A 66 9.56 -11.70 1.66
C ASP A 66 9.85 -10.66 0.58
N PHE A 67 9.26 -9.46 0.73
CA PHE A 67 9.45 -8.37 -0.23
C PHE A 67 10.59 -7.45 0.24
N GLY A 68 11.47 -7.08 -0.69
CA GLY A 68 12.61 -6.21 -0.37
C GLY A 68 13.08 -5.48 -1.62
N GLY A 69 13.73 -4.34 -1.41
CA GLY A 69 14.22 -3.52 -2.51
C GLY A 69 14.96 -2.31 -1.98
N VAL A 70 15.32 -1.37 -2.87
CA VAL A 70 16.04 -0.14 -2.49
C VAL A 70 15.33 1.08 -3.06
N TYR A 71 15.26 2.15 -2.26
CA TYR A 71 14.60 3.39 -2.68
C TYR A 71 15.51 4.19 -3.63
N ASP A 72 15.01 4.51 -4.83
CA ASP A 72 15.77 5.28 -5.81
C ASP A 72 15.81 6.75 -5.41
N GLN A 73 14.68 7.25 -4.91
CA GLN A 73 14.57 8.65 -4.48
C GLN A 73 13.39 8.82 -3.53
N VAL A 74 13.54 9.73 -2.55
CA VAL A 74 12.47 10.00 -1.57
C VAL A 74 12.34 11.52 -1.38
N LYS A 75 11.10 12.02 -1.45
CA LYS A 75 10.81 13.46 -1.29
C LYS A 75 9.45 13.63 -0.58
N THR A 76 9.45 14.34 0.55
CA THR A 76 8.24 14.54 1.34
C THR A 76 7.11 15.16 0.52
N ASN A 77 5.96 14.46 0.47
CA ASN A 77 4.78 14.94 -0.27
C ASN A 77 5.12 15.26 -1.73
N ASP A 78 5.58 14.24 -2.47
CA ASP A 78 5.95 14.41 -3.88
C ASP A 78 5.86 13.08 -4.65
N LEU A 79 6.93 12.26 -4.54
CA LEU A 79 6.97 10.96 -5.24
C LEU A 79 7.77 9.94 -4.42
N ILE A 80 7.25 8.70 -4.34
CA ILE A 80 7.90 7.60 -3.63
C ILE A 80 7.94 6.39 -4.56
N GLU A 81 9.14 5.83 -4.76
CA GLU A 81 9.30 4.65 -5.62
C GLU A 81 10.53 3.86 -5.19
N TYR A 82 10.61 2.61 -5.65
CA TYR A 82 11.74 1.74 -5.31
C TYR A 82 11.92 0.68 -6.39
N THR A 83 13.15 0.17 -6.52
CA THR A 83 13.47 -0.85 -7.52
C THR A 83 13.19 -2.24 -6.95
N ILE A 84 12.44 -3.06 -7.70
CA ILE A 84 12.08 -4.42 -7.28
C ILE A 84 13.03 -5.43 -7.93
N GLY A 85 13.43 -6.45 -7.15
CA GLY A 85 14.36 -7.46 -7.66
C GLY A 85 13.84 -8.08 -8.96
N ASP A 86 12.55 -8.36 -9.02
CA ASP A 86 11.94 -8.95 -10.21
C ASP A 86 12.11 -8.03 -11.43
N GLY A 87 12.39 -6.75 -11.16
CA GLY A 87 12.58 -5.76 -12.22
C GLY A 87 11.30 -5.01 -12.53
N ARG A 88 10.22 -5.34 -11.80
CA ARG A 88 8.93 -4.67 -12.02
C ARG A 88 9.07 -3.17 -11.74
N LYS A 89 8.04 -2.40 -12.11
CA LYS A 89 8.03 -0.94 -11.91
C LYS A 89 6.79 -0.52 -11.13
N VAL A 90 7.02 0.06 -9.95
CA VAL A 90 5.94 0.54 -9.06
C VAL A 90 6.28 1.97 -8.61
N ARG A 91 5.35 2.90 -8.83
CA ARG A 91 5.52 4.31 -8.45
C ARG A 91 4.23 4.80 -7.79
N ILE A 92 4.35 5.54 -6.68
CA ILE A 92 3.19 6.09 -5.95
C ILE A 92 3.21 7.61 -6.09
N VAL A 93 2.25 8.17 -6.83
CA VAL A 93 2.15 9.63 -7.03
C VAL A 93 1.14 10.20 -6.05
N PHE A 94 1.56 11.24 -5.31
CA PHE A 94 0.71 11.89 -4.30
C PHE A 94 0.08 13.15 -4.88
N THR A 95 -1.26 13.20 -4.87
CA THR A 95 -2.02 14.35 -5.39
C THR A 95 -3.26 14.55 -4.53
N HIS A 96 -3.71 15.80 -4.41
CA HIS A 96 -4.91 16.14 -3.61
C HIS A 96 -5.71 17.24 -4.31
N THR A 97 -7.01 17.01 -4.47
CA THR A 97 -7.88 17.98 -5.13
C THR A 97 -7.94 19.27 -4.31
N GLY A 98 -8.11 19.11 -3.01
CA GLY A 98 -8.17 20.26 -2.10
C GLY A 98 -8.45 19.80 -0.68
N ASP A 99 -9.68 19.31 -0.45
CA ASP A 99 -10.10 18.83 0.88
C ASP A 99 -10.09 17.29 0.94
N THR A 100 -9.50 16.65 -0.09
CA THR A 100 -9.42 15.17 -0.13
C THR A 100 -8.14 14.74 -0.83
N THR A 101 -7.39 13.83 -0.20
CA THR A 101 -6.14 13.31 -0.78
C THR A 101 -6.44 12.13 -1.70
N ASN A 102 -5.74 12.06 -2.84
CA ASN A 102 -5.91 10.98 -3.82
C ASN A 102 -4.59 10.24 -4.01
N ILE A 103 -4.57 8.95 -3.65
CA ILE A 103 -3.37 8.12 -3.78
C ILE A 103 -3.46 7.34 -5.10
N VAL A 104 -2.45 7.47 -5.96
CA VAL A 104 -2.40 6.79 -7.26
C VAL A 104 -1.18 5.88 -7.32
N GLU A 105 -1.38 4.61 -7.66
CA GLU A 105 -0.26 3.64 -7.76
C GLU A 105 -0.48 2.68 -8.95
N SER A 106 0.53 2.62 -9.83
CA SER A 106 0.51 1.74 -11.01
C SER A 106 1.20 0.43 -10.66
N PHE A 107 0.81 -0.68 -11.32
CA PHE A 107 1.41 -2.01 -11.06
C PHE A 107 1.71 -2.71 -12.38
N ASP A 108 2.76 -3.54 -12.37
CA ASP A 108 3.19 -4.30 -13.57
C ASP A 108 2.71 -5.77 -13.47
N PRO A 109 1.59 -6.16 -14.07
CA PRO A 109 1.10 -7.58 -13.96
C PRO A 109 1.88 -8.53 -14.86
N GLU A 110 1.86 -9.81 -14.48
CA GLU A 110 2.56 -10.85 -15.23
C GLU A 110 1.70 -11.31 -16.41
N GLU A 111 2.34 -11.88 -17.42
CA GLU A 111 1.65 -12.37 -18.61
C GLU A 111 1.02 -13.74 -18.33
N THR A 112 1.69 -14.55 -17.51
CA THR A 112 1.21 -15.89 -17.17
C THR A 112 -0.11 -15.84 -16.38
N ASN A 113 -0.17 -14.95 -15.39
CA ASN A 113 -1.37 -14.82 -14.54
C ASN A 113 -2.39 -13.85 -15.18
N PRO A 114 -3.69 -14.10 -15.08
CA PRO A 114 -4.72 -13.16 -15.68
C PRO A 114 -4.80 -11.83 -14.91
N ARG A 115 -4.90 -10.73 -15.67
CA ARG A 115 -4.96 -9.38 -15.09
C ARG A 115 -6.23 -9.19 -14.25
N GLU A 116 -7.35 -9.70 -14.73
CA GLU A 116 -8.65 -9.54 -14.05
C GLU A 116 -8.60 -9.91 -12.56
N LEU A 117 -7.99 -11.05 -12.23
CA LEU A 117 -7.94 -11.50 -10.83
C LEU A 117 -7.15 -10.52 -9.96
N GLN A 118 -5.94 -10.17 -10.39
CA GLN A 118 -5.07 -9.25 -9.64
C GLN A 118 -5.60 -7.82 -9.70
N GLN A 119 -6.22 -7.44 -10.81
CA GLN A 119 -6.77 -6.09 -10.96
C GLN A 119 -7.82 -5.83 -9.87
N SER A 120 -8.73 -6.80 -9.70
CA SER A 120 -9.77 -6.67 -8.68
C SER A 120 -9.16 -6.75 -7.29
N GLY A 121 -8.01 -7.41 -7.17
CA GLY A 121 -7.34 -7.56 -5.89
C GLY A 121 -6.88 -6.22 -5.34
N TRP A 122 -6.16 -5.45 -6.16
CA TRP A 122 -5.67 -4.14 -5.73
C TRP A 122 -6.84 -3.21 -5.40
N GLN A 123 -7.91 -3.31 -6.19
CA GLN A 123 -9.09 -2.46 -5.96
C GLN A 123 -9.82 -2.91 -4.69
N ALA A 124 -9.86 -4.22 -4.45
CA ALA A 124 -10.56 -4.76 -3.28
C ALA A 124 -9.98 -4.21 -1.96
N ILE A 125 -8.67 -4.29 -1.80
CA ILE A 125 -8.01 -3.81 -0.59
C ILE A 125 -8.20 -2.30 -0.45
N LEU A 126 -8.15 -1.59 -1.57
CA LEU A 126 -8.32 -0.13 -1.56
C LEU A 126 -9.73 0.22 -1.07
N ASN A 127 -10.72 -0.58 -1.44
CA ASN A 127 -12.11 -0.33 -1.04
C ASN A 127 -12.24 -0.36 0.49
N SER A 128 -11.41 -1.17 1.14
CA SER A 128 -11.47 -1.31 2.61
C SER A 128 -11.29 0.06 3.28
N PHE A 129 -10.46 0.92 2.69
CA PHE A 129 -10.24 2.25 3.24
C PHE A 129 -11.55 3.05 3.25
N LYS A 130 -12.30 2.97 2.16
CA LYS A 130 -13.58 3.68 2.06
C LYS A 130 -14.54 3.18 3.13
N SER A 131 -14.61 1.85 3.29
CA SER A 131 -15.49 1.24 4.28
C SER A 131 -15.11 1.70 5.69
N TYR A 132 -13.81 1.84 5.93
CA TYR A 132 -13.33 2.27 7.24
C TYR A 132 -13.87 3.66 7.58
N THR A 133 -13.75 4.59 6.63
CA THR A 133 -14.21 5.96 6.84
C THR A 133 -15.72 5.99 7.05
N GLU A 134 -16.45 5.08 6.40
CA GLU A 134 -17.90 5.02 6.51
C GLU A 134 -18.31 4.84 7.98
N ASN A 135 -17.34 4.48 8.82
CA ASN A 135 -17.59 4.27 10.25
C ASN A 135 -18.13 5.55 10.90
N ASN A 136 -18.19 6.64 10.13
CA ASN A 136 -18.68 7.91 10.64
C ASN A 136 -20.14 7.79 11.07
N LEU A 137 -20.80 6.72 10.61
CA LEU A 137 -22.21 6.46 10.92
C LEU A 137 -23.08 7.64 10.46
N GLU A 138 -23.08 8.70 11.26
CA GLU A 138 -23.87 9.90 10.95
C GLU A 138 -23.45 10.46 9.59
N HIS A 139 -22.14 10.47 9.34
CA HIS A 139 -21.59 10.98 8.08
C HIS A 139 -22.09 12.41 7.82
N HIS A 140 -22.58 13.05 8.88
CA HIS A 140 -23.10 14.42 8.76
C HIS A 140 -21.99 15.36 8.29
N HIS A 141 -22.37 16.36 7.49
CA HIS A 141 -21.42 17.34 6.97
C HIS A 141 -22.15 18.65 6.63
N HIS A 142 -21.46 19.77 6.80
CA HIS A 142 -22.03 21.09 6.50
C HIS A 142 -21.92 21.38 5.00
N HIS A 143 -23.07 21.56 4.34
CA HIS A 143 -23.09 21.84 2.90
C HIS A 143 -22.29 20.79 2.12
N HIS A 144 -20.99 21.03 1.96
CA HIS A 144 -20.12 20.11 1.23
C HIS A 144 -20.06 18.76 1.94
N GLY A 1 -5.38 -2.02 -19.22
CA GLY A 1 -4.55 -3.25 -19.39
C GLY A 1 -3.08 -2.90 -19.25
N ASN A 2 -2.26 -3.90 -18.90
CA ASN A 2 -0.82 -3.71 -18.73
C ASN A 2 -0.54 -2.60 -17.70
N LYS A 3 -0.61 -1.35 -18.14
CA LYS A 3 -0.36 -0.21 -17.27
C LYS A 3 -1.56 -0.01 -16.32
N ILE A 4 -1.93 -1.07 -15.60
CA ILE A 4 -3.08 -1.00 -14.67
C ILE A 4 -2.96 0.23 -13.79
N THR A 5 -4.09 0.91 -13.57
CA THR A 5 -4.14 2.12 -12.74
C THR A 5 -5.35 2.05 -11.82
N VAL A 6 -5.15 2.46 -10.57
CA VAL A 6 -6.20 2.47 -9.56
C VAL A 6 -6.11 3.75 -8.74
N GLU A 7 -7.22 4.13 -8.12
CA GLU A 7 -7.28 5.35 -7.30
C GLU A 7 -8.26 5.18 -6.15
N VAL A 8 -8.11 6.00 -5.11
CA VAL A 8 -9.01 5.96 -3.95
C VAL A 8 -9.20 7.38 -3.41
N THR A 9 -10.42 7.70 -2.96
CA THR A 9 -10.72 9.03 -2.41
C THR A 9 -10.64 8.97 -0.87
N VAL A 10 -9.71 9.75 -0.28
CA VAL A 10 -9.54 9.78 1.19
C VAL A 10 -9.75 11.21 1.69
N TYR A 11 -10.62 11.38 2.69
CA TYR A 11 -10.91 12.71 3.24
C TYR A 11 -10.01 12.96 4.44
N ALA A 12 -8.79 13.44 4.17
CA ALA A 12 -7.82 13.73 5.24
C ALA A 12 -6.61 14.46 4.65
N ALA A 13 -5.95 15.25 5.48
CA ALA A 13 -4.77 15.99 5.03
C ALA A 13 -3.65 15.01 4.67
N ILE A 14 -2.99 15.25 3.53
CA ILE A 14 -1.91 14.37 3.08
C ILE A 14 -0.84 14.20 4.17
N GLU A 15 -0.64 15.25 4.97
CA GLU A 15 0.36 15.22 6.03
C GLU A 15 0.05 14.11 7.03
N LYS A 16 -1.23 13.93 7.33
CA LYS A 16 -1.66 12.88 8.26
C LYS A 16 -1.54 11.50 7.60
N VAL A 17 -2.07 11.40 6.36
CA VAL A 17 -2.04 10.13 5.62
C VAL A 17 -0.59 9.70 5.37
N TRP A 18 0.24 10.66 4.97
CA TRP A 18 1.65 10.37 4.70
C TRP A 18 2.32 9.70 5.91
N LYS A 19 1.95 10.15 7.11
CA LYS A 19 2.53 9.58 8.32
C LYS A 19 2.19 8.10 8.45
N TYR A 20 0.90 7.77 8.37
CA TYR A 20 0.45 6.37 8.48
C TYR A 20 0.88 5.55 7.26
N TRP A 21 0.76 6.15 6.08
CA TRP A 21 1.11 5.46 4.83
C TRP A 21 2.58 5.03 4.84
N ASN A 22 3.36 5.63 5.75
CA ASN A 22 4.81 5.33 5.89
C ASN A 22 5.14 4.70 7.24
N GLU A 23 4.36 5.01 8.29
CA GLU A 23 4.62 4.46 9.63
C GLU A 23 4.69 2.91 9.56
N PRO A 24 5.85 2.26 9.67
CA PRO A 24 5.90 0.76 9.56
C PRO A 24 4.98 0.08 10.58
N ALA A 25 4.99 0.59 11.81
CA ALA A 25 4.19 0.01 12.89
C ALA A 25 2.70 0.01 12.53
N HIS A 26 2.27 0.96 11.71
CA HIS A 26 0.85 1.05 11.31
C HIS A 26 0.51 0.04 10.20
N ILE A 27 1.44 -0.17 9.26
CA ILE A 27 1.18 -1.08 8.13
C ILE A 27 0.96 -2.51 8.64
N MET A 28 1.80 -2.97 9.57
CA MET A 28 1.67 -4.33 10.10
C MET A 28 0.24 -4.61 10.64
N LYS A 29 -0.49 -3.55 10.98
CA LYS A 29 -1.86 -3.71 11.52
C LYS A 29 -2.85 -4.13 10.43
N TRP A 30 -2.69 -3.54 9.23
CA TRP A 30 -3.58 -3.83 8.08
C TRP A 30 -2.80 -4.31 6.86
N CYS A 31 -1.59 -4.84 7.04
CA CYS A 31 -0.80 -5.30 5.90
C CYS A 31 -1.54 -6.42 5.16
N GLN A 32 -1.57 -6.31 3.83
CA GLN A 32 -2.26 -7.29 2.97
C GLN A 32 -3.77 -7.18 3.14
N ALA A 33 -4.21 -6.86 4.36
CA ALA A 33 -5.64 -6.73 4.67
C ALA A 33 -6.41 -7.99 4.25
N SER A 34 -5.66 -9.10 4.14
CA SER A 34 -6.22 -10.40 3.74
C SER A 34 -6.25 -11.38 4.95
N PRO A 35 -7.39 -11.74 5.51
CA PRO A 35 -7.46 -12.68 6.69
C PRO A 35 -6.67 -13.99 6.45
N GLU A 36 -6.56 -14.37 5.18
CA GLU A 36 -5.86 -15.58 4.77
C GLU A 36 -4.35 -15.39 4.87
N TRP A 37 -3.94 -14.23 5.39
CA TRP A 37 -2.50 -13.93 5.56
C TRP A 37 -2.31 -13.07 6.80
N HIS A 38 -1.10 -13.10 7.36
CA HIS A 38 -0.75 -12.33 8.56
C HIS A 38 0.69 -11.84 8.44
N VAL A 39 1.07 -10.87 9.26
CA VAL A 39 2.44 -10.30 9.26
C VAL A 39 3.07 -10.45 10.66
N PRO A 40 3.85 -11.50 10.94
CA PRO A 40 4.45 -11.68 12.30
C PRO A 40 5.66 -10.76 12.52
N ALA A 41 6.10 -10.09 11.46
CA ALA A 41 7.24 -9.17 11.55
C ALA A 41 7.35 -8.34 10.27
N ALA A 42 7.95 -7.15 10.37
CA ALA A 42 8.11 -6.29 9.21
C ALA A 42 9.09 -5.18 9.54
N GLN A 43 9.79 -4.70 8.51
CA GLN A 43 10.77 -3.62 8.69
C GLN A 43 10.80 -2.74 7.45
N ASN A 44 11.04 -1.45 7.67
CA ASN A 44 11.10 -0.48 6.57
C ASN A 44 11.75 0.80 7.07
N ASP A 45 12.67 1.36 6.27
CA ASP A 45 13.38 2.60 6.59
C ASP A 45 13.17 3.59 5.44
N LEU A 46 12.26 4.56 5.62
CA LEU A 46 11.98 5.54 4.57
C LEU A 46 13.22 6.42 4.34
N LYS A 47 14.03 6.06 3.34
CA LYS A 47 15.24 6.83 3.01
C LYS A 47 15.82 6.35 1.68
N ALA A 48 16.33 7.29 0.89
CA ALA A 48 16.92 6.96 -0.41
C ALA A 48 18.10 6.01 -0.23
N GLY A 49 18.21 5.00 -1.08
CA GLY A 49 19.31 4.04 -0.99
C GLY A 49 19.12 3.11 0.20
N GLY A 50 18.03 3.31 0.94
CA GLY A 50 17.72 2.49 2.11
C GLY A 50 17.11 1.17 1.69
N THR A 51 17.27 0.14 2.53
CA THR A 51 16.72 -1.21 2.26
C THR A 51 15.50 -1.46 3.13
N PHE A 52 14.66 -2.40 2.70
CA PHE A 52 13.44 -2.75 3.44
C PHE A 52 13.15 -4.25 3.30
N THR A 53 12.45 -4.82 4.27
CA THR A 53 12.10 -6.24 4.24
C THR A 53 10.80 -6.46 5.01
N THR A 54 9.84 -7.17 4.39
CA THR A 54 8.54 -7.46 5.02
C THR A 54 8.33 -8.97 5.05
N THR A 55 8.13 -9.55 6.25
CA THR A 55 7.93 -11.00 6.38
C THR A 55 6.44 -11.30 6.42
N MET A 56 5.94 -12.06 5.44
CA MET A 56 4.51 -12.41 5.37
C MET A 56 4.37 -13.92 5.14
N ALA A 57 3.39 -14.53 5.79
CA ALA A 57 3.15 -15.97 5.67
C ALA A 57 1.65 -16.29 5.79
N ALA A 58 1.22 -17.32 5.08
CA ALA A 58 -0.18 -17.75 5.13
C ALA A 58 -0.49 -18.31 6.50
N LYS A 59 -1.73 -18.16 6.97
CA LYS A 59 -2.12 -18.66 8.28
C LYS A 59 -1.83 -20.16 8.38
N ASP A 60 -2.10 -20.89 7.30
CA ASP A 60 -1.85 -22.35 7.26
C ASP A 60 -0.35 -22.62 7.12
N GLY A 61 0.40 -21.56 6.81
CA GLY A 61 1.85 -21.69 6.66
C GLY A 61 2.20 -22.60 5.49
N SER A 62 1.25 -22.78 4.56
CA SER A 62 1.45 -23.64 3.39
C SER A 62 2.23 -22.89 2.31
N MET A 63 2.35 -21.58 2.47
CA MET A 63 3.08 -20.74 1.50
C MET A 63 3.48 -19.41 2.14
N SER A 64 4.73 -19.00 1.92
CA SER A 64 5.24 -17.73 2.45
C SER A 64 6.21 -17.09 1.47
N PHE A 65 6.47 -15.80 1.65
CA PHE A 65 7.39 -15.08 0.77
C PHE A 65 7.89 -13.82 1.49
N ASP A 66 8.97 -13.24 0.99
CA ASP A 66 9.56 -12.02 1.58
C ASP A 66 9.97 -11.05 0.47
N PHE A 67 9.44 -9.82 0.53
CA PHE A 67 9.75 -8.79 -0.46
C PHE A 67 10.90 -7.90 0.04
N GLY A 68 11.80 -7.52 -0.87
CA GLY A 68 12.94 -6.67 -0.53
C GLY A 68 13.40 -5.90 -1.75
N GLY A 69 14.00 -4.74 -1.51
CA GLY A 69 14.47 -3.88 -2.59
C GLY A 69 15.14 -2.66 -2.01
N VAL A 70 15.47 -1.69 -2.87
CA VAL A 70 16.12 -0.44 -2.45
C VAL A 70 15.36 0.77 -3.01
N TYR A 71 15.18 1.80 -2.17
CA TYR A 71 14.48 3.01 -2.62
C TYR A 71 15.35 3.78 -3.62
N ASP A 72 14.83 3.98 -4.84
CA ASP A 72 15.57 4.72 -5.88
C ASP A 72 15.58 6.20 -5.53
N GLN A 73 14.42 6.69 -5.07
CA GLN A 73 14.28 8.11 -4.68
C GLN A 73 13.01 8.30 -3.86
N VAL A 74 13.06 9.26 -2.92
CA VAL A 74 11.91 9.58 -2.06
C VAL A 74 11.88 11.08 -1.76
N LYS A 75 10.68 11.67 -1.79
CA LYS A 75 10.49 13.11 -1.53
C LYS A 75 9.19 13.31 -0.75
N THR A 76 9.25 14.06 0.35
CA THR A 76 8.07 14.31 1.18
C THR A 76 6.90 14.90 0.35
N ASN A 77 5.77 14.20 0.35
CA ASN A 77 4.58 14.67 -0.39
C ASN A 77 4.90 15.03 -1.84
N ASP A 78 5.14 14.00 -2.67
CA ASP A 78 5.46 14.21 -4.09
C ASP A 78 5.41 12.88 -4.85
N LEU A 79 6.48 12.09 -4.73
CA LEU A 79 6.55 10.79 -5.42
C LEU A 79 7.36 9.78 -4.59
N ILE A 80 6.86 8.54 -4.51
CA ILE A 80 7.54 7.45 -3.78
C ILE A 80 7.61 6.24 -4.70
N GLU A 81 8.80 5.65 -4.85
CA GLU A 81 8.99 4.49 -5.70
C GLU A 81 10.20 3.70 -5.19
N TYR A 82 10.33 2.45 -5.65
CA TYR A 82 11.44 1.60 -5.25
C TYR A 82 11.71 0.56 -6.33
N THR A 83 12.95 0.04 -6.39
CA THR A 83 13.31 -0.96 -7.38
C THR A 83 13.00 -2.35 -6.85
N ILE A 84 12.28 -3.16 -7.66
CA ILE A 84 11.90 -4.52 -7.26
C ILE A 84 12.86 -5.54 -7.90
N GLY A 85 13.24 -6.56 -7.14
CA GLY A 85 14.15 -7.59 -7.66
C GLY A 85 13.66 -8.16 -8.99
N ASP A 86 12.36 -8.40 -9.07
CA ASP A 86 11.76 -8.96 -10.28
C ASP A 86 11.99 -8.02 -11.48
N GLY A 87 12.33 -6.76 -11.19
CA GLY A 87 12.58 -5.75 -12.24
C GLY A 87 11.31 -5.01 -12.61
N ARG A 88 10.21 -5.31 -11.90
CA ARG A 88 8.94 -4.66 -12.16
C ARG A 88 9.05 -3.17 -11.85
N LYS A 89 8.08 -2.38 -12.31
CA LYS A 89 8.05 -0.93 -12.09
C LYS A 89 6.77 -0.53 -11.36
N VAL A 90 6.92 0.12 -10.20
CA VAL A 90 5.80 0.58 -9.38
C VAL A 90 6.08 2.01 -8.91
N ARG A 91 5.12 2.91 -9.12
CA ARG A 91 5.26 4.31 -8.71
C ARG A 91 3.97 4.75 -8.04
N ILE A 92 4.08 5.51 -6.96
CA ILE A 92 2.90 6.02 -6.22
C ILE A 92 2.88 7.54 -6.36
N VAL A 93 1.81 8.07 -6.98
CA VAL A 93 1.66 9.52 -7.18
C VAL A 93 0.61 10.06 -6.21
N PHE A 94 1.00 11.03 -5.37
CA PHE A 94 0.09 11.63 -4.38
C PHE A 94 -0.47 12.94 -4.92
N THR A 95 -1.81 13.05 -4.95
CA THR A 95 -2.49 14.26 -5.45
C THR A 95 -3.57 14.67 -4.46
N HIS A 96 -3.85 15.98 -4.41
CA HIS A 96 -4.87 16.51 -3.50
C HIS A 96 -5.42 17.81 -4.07
N THR A 97 -6.70 18.09 -3.82
CA THR A 97 -7.35 19.32 -4.31
C THR A 97 -7.55 20.30 -3.15
N GLY A 98 -7.51 19.77 -1.93
CA GLY A 98 -7.67 20.59 -0.73
C GLY A 98 -7.82 19.71 0.51
N ASP A 99 -9.05 19.66 1.04
CA ASP A 99 -9.34 18.86 2.25
C ASP A 99 -9.56 17.39 1.88
N THR A 100 -9.30 17.04 0.61
CA THR A 100 -9.45 15.66 0.12
C THR A 100 -8.17 15.21 -0.59
N THR A 101 -7.61 14.08 -0.14
CA THR A 101 -6.38 13.52 -0.71
C THR A 101 -6.73 12.35 -1.63
N ASN A 102 -6.10 12.31 -2.80
CA ASN A 102 -6.31 11.25 -3.80
C ASN A 102 -4.99 10.53 -4.04
N ILE A 103 -4.97 9.22 -3.77
CA ILE A 103 -3.76 8.41 -3.95
C ILE A 103 -3.89 7.64 -5.27
N VAL A 104 -2.88 7.74 -6.15
CA VAL A 104 -2.89 7.05 -7.44
C VAL A 104 -1.60 6.25 -7.60
N GLU A 105 -1.72 4.97 -7.96
CA GLU A 105 -0.55 4.11 -8.15
C GLU A 105 -0.78 3.17 -9.32
N SER A 106 0.30 2.87 -10.06
CA SER A 106 0.26 1.98 -11.24
C SER A 106 1.02 0.70 -10.90
N PHE A 107 0.61 -0.42 -11.50
CA PHE A 107 1.27 -1.72 -11.27
C PHE A 107 1.28 -2.51 -12.58
N ASP A 108 2.38 -3.21 -12.84
CA ASP A 108 2.52 -4.01 -14.09
C ASP A 108 2.18 -5.49 -13.82
N PRO A 109 1.19 -6.10 -14.47
CA PRO A 109 0.86 -7.54 -14.20
C PRO A 109 1.88 -8.48 -14.84
N GLU A 110 2.06 -9.65 -14.24
CA GLU A 110 3.02 -10.66 -14.76
C GLU A 110 2.38 -11.43 -15.92
N GLU A 111 3.18 -12.19 -16.67
CA GLU A 111 2.68 -12.97 -17.80
C GLU A 111 1.85 -14.16 -17.30
N THR A 112 2.41 -14.93 -16.35
CA THR A 112 1.71 -16.09 -15.82
C THR A 112 0.42 -15.70 -15.10
N ASN A 113 0.49 -14.66 -14.24
CA ASN A 113 -0.69 -14.22 -13.49
C ASN A 113 -1.58 -13.33 -14.37
N PRO A 114 -2.89 -13.54 -14.43
CA PRO A 114 -3.78 -12.68 -15.29
C PRO A 114 -3.94 -11.27 -14.70
N ARG A 115 -4.07 -10.28 -15.59
CA ARG A 115 -4.23 -8.89 -15.17
C ARG A 115 -5.52 -8.72 -14.37
N GLU A 116 -6.58 -9.42 -14.79
CA GLU A 116 -7.87 -9.34 -14.11
C GLU A 116 -7.75 -9.56 -12.60
N LEU A 117 -7.00 -10.59 -12.20
CA LEU A 117 -6.80 -10.88 -10.77
C LEU A 117 -6.06 -9.72 -10.10
N GLN A 118 -5.01 -9.21 -10.78
CA GLN A 118 -4.22 -8.11 -10.22
C GLN A 118 -5.09 -6.88 -10.02
N GLN A 119 -5.78 -6.43 -11.06
CA GLN A 119 -6.64 -5.25 -10.96
C GLN A 119 -7.64 -5.43 -9.82
N SER A 120 -8.29 -6.60 -9.79
CA SER A 120 -9.25 -6.90 -8.74
C SER A 120 -8.55 -6.91 -7.38
N GLY A 121 -7.36 -7.50 -7.31
CA GLY A 121 -6.62 -7.55 -6.05
C GLY A 121 -6.30 -6.15 -5.52
N TRP A 122 -5.70 -5.31 -6.37
CA TRP A 122 -5.35 -3.95 -5.97
C TRP A 122 -6.60 -3.15 -5.60
N GLN A 123 -7.67 -3.34 -6.38
CA GLN A 123 -8.93 -2.62 -6.10
C GLN A 123 -9.58 -3.17 -4.82
N ALA A 124 -9.48 -4.48 -4.62
CA ALA A 124 -10.07 -5.12 -3.44
C ALA A 124 -9.56 -4.49 -2.13
N ILE A 125 -8.24 -4.42 -1.99
CA ILE A 125 -7.62 -3.85 -0.78
C ILE A 125 -7.91 -2.35 -0.66
N LEU A 126 -7.92 -1.64 -1.78
CA LEU A 126 -8.17 -0.19 -1.76
C LEU A 126 -9.56 0.12 -1.15
N ASN A 127 -10.59 -0.66 -1.50
CA ASN A 127 -11.93 -0.38 -0.95
C ASN A 127 -11.96 -0.63 0.56
N SER A 128 -11.13 -1.57 1.03
CA SER A 128 -11.07 -1.89 2.47
C SER A 128 -10.63 -0.66 3.27
N PHE A 129 -9.70 0.12 2.71
CA PHE A 129 -9.21 1.31 3.39
C PHE A 129 -10.36 2.29 3.67
N LYS A 130 -11.24 2.45 2.68
CA LYS A 130 -12.39 3.36 2.82
C LYS A 130 -13.28 2.95 4.00
N SER A 131 -13.54 1.64 4.12
CA SER A 131 -14.39 1.14 5.20
C SER A 131 -13.77 1.47 6.56
N TYR A 132 -12.44 1.35 6.64
CA TYR A 132 -11.74 1.64 7.89
C TYR A 132 -11.93 3.11 8.29
N THR A 133 -11.80 4.01 7.32
CA THR A 133 -11.94 5.46 7.57
C THR A 133 -13.34 5.76 8.12
N GLU A 134 -14.36 5.23 7.45
CA GLU A 134 -15.73 5.46 7.87
C GLU A 134 -15.97 4.78 9.23
N ASN A 135 -15.36 3.63 9.43
CA ASN A 135 -15.50 2.89 10.69
C ASN A 135 -14.89 3.70 11.84
N ASN A 136 -13.79 4.39 11.57
CA ASN A 136 -13.12 5.20 12.59
C ASN A 136 -14.06 6.31 13.06
N LEU A 137 -14.86 6.86 12.14
CA LEU A 137 -15.80 7.95 12.46
C LEU A 137 -15.03 9.14 13.05
N GLU A 138 -15.76 10.14 13.54
CA GLU A 138 -15.14 11.34 14.12
C GLU A 138 -14.17 11.97 13.12
N HIS A 139 -14.27 11.55 11.86
CA HIS A 139 -13.41 12.07 10.79
C HIS A 139 -13.73 13.54 10.52
N HIS A 140 -12.68 14.33 10.30
CA HIS A 140 -12.85 15.76 10.01
C HIS A 140 -13.53 15.93 8.65
N HIS A 141 -14.41 16.92 8.55
CA HIS A 141 -15.11 17.21 7.30
C HIS A 141 -15.75 18.59 7.36
N HIS A 142 -15.65 19.34 6.25
CA HIS A 142 -16.21 20.69 6.18
C HIS A 142 -16.34 21.11 4.72
N HIS A 143 -17.27 22.02 4.45
CA HIS A 143 -17.50 22.51 3.09
C HIS A 143 -17.70 21.35 2.11
N HIS A 144 -18.94 20.85 2.03
CA HIS A 144 -19.27 19.75 1.14
C HIS A 144 -19.02 20.14 -0.32
N GLY A 1 -4.64 -4.10 -19.64
CA GLY A 1 -3.30 -3.49 -19.84
C GLY A 1 -2.41 -3.84 -18.65
N ASN A 2 -1.13 -4.11 -18.94
CA ASN A 2 -0.18 -4.45 -17.89
C ASN A 2 0.00 -3.28 -16.92
N LYS A 3 0.05 -2.07 -17.48
CA LYS A 3 0.22 -0.87 -16.67
C LYS A 3 -1.06 -0.56 -15.89
N ILE A 4 -1.57 -1.56 -15.17
CA ILE A 4 -2.81 -1.39 -14.39
C ILE A 4 -2.70 -0.12 -13.53
N THR A 5 -3.82 0.59 -13.38
CA THR A 5 -3.87 1.83 -12.59
C THR A 5 -5.09 1.78 -11.68
N VAL A 6 -4.91 2.24 -10.44
CA VAL A 6 -5.98 2.28 -9.45
C VAL A 6 -5.93 3.58 -8.67
N GLU A 7 -7.04 3.95 -8.04
CA GLU A 7 -7.14 5.19 -7.27
C GLU A 7 -8.10 5.02 -6.08
N VAL A 8 -7.93 5.84 -5.06
CA VAL A 8 -8.80 5.81 -3.86
C VAL A 8 -8.96 7.22 -3.31
N THR A 9 -10.16 7.54 -2.80
CA THR A 9 -10.44 8.86 -2.20
C THR A 9 -10.37 8.76 -0.69
N VAL A 10 -9.45 9.51 -0.06
CA VAL A 10 -9.29 9.50 1.41
C VAL A 10 -9.42 10.93 1.95
N TYR A 11 -10.24 11.11 2.99
CA TYR A 11 -10.45 12.42 3.60
C TYR A 11 -9.48 12.61 4.77
N ALA A 12 -8.29 13.14 4.45
CA ALA A 12 -7.27 13.38 5.48
C ALA A 12 -6.12 14.20 4.91
N ALA A 13 -5.47 14.97 5.77
CA ALA A 13 -4.35 15.80 5.32
C ALA A 13 -3.21 14.92 4.79
N ILE A 14 -2.71 15.23 3.59
CA ILE A 14 -1.64 14.46 2.98
C ILE A 14 -0.46 14.29 3.93
N GLU A 15 -0.21 15.30 4.76
CA GLU A 15 0.90 15.27 5.69
C GLU A 15 0.77 14.09 6.66
N LYS A 16 -0.46 13.85 7.13
CA LYS A 16 -0.72 12.74 8.05
C LYS A 16 -0.65 11.41 7.29
N VAL A 17 -1.30 11.35 6.13
CA VAL A 17 -1.32 10.14 5.32
C VAL A 17 0.09 9.76 4.88
N TRP A 18 0.87 10.75 4.45
CA TRP A 18 2.23 10.50 3.99
C TRP A 18 3.04 9.77 5.07
N LYS A 19 2.91 10.24 6.32
CA LYS A 19 3.62 9.64 7.44
C LYS A 19 3.08 8.22 7.71
N TYR A 20 1.76 8.08 7.77
CA TYR A 20 1.12 6.78 8.04
C TYR A 20 1.40 5.77 6.93
N TRP A 21 1.32 6.22 5.69
CA TRP A 21 1.55 5.35 4.55
C TRP A 21 2.98 4.81 4.58
N ASN A 22 3.86 5.52 5.31
CA ASN A 22 5.28 5.15 5.45
C ASN A 22 5.58 4.58 6.84
N GLU A 23 4.75 4.92 7.82
CA GLU A 23 4.95 4.43 9.19
C GLU A 23 4.86 2.89 9.22
N PRO A 24 5.87 2.15 9.68
CA PRO A 24 5.78 0.66 9.68
C PRO A 24 4.78 0.15 10.71
N ALA A 25 4.75 0.79 11.88
CA ALA A 25 3.84 0.37 12.94
C ALA A 25 2.38 0.43 12.47
N HIS A 26 2.06 1.44 11.69
CA HIS A 26 0.70 1.59 11.17
C HIS A 26 0.36 0.45 10.20
N ILE A 27 1.29 0.10 9.32
CA ILE A 27 1.04 -0.96 8.34
C ILE A 27 0.82 -2.29 9.07
N MET A 28 1.66 -2.59 10.06
CA MET A 28 1.55 -3.85 10.80
C MET A 28 0.23 -3.96 11.56
N LYS A 29 -0.62 -2.93 11.44
CA LYS A 29 -1.92 -2.90 12.14
C LYS A 29 -3.10 -3.29 11.22
N TRP A 30 -3.17 -2.65 10.03
CA TRP A 30 -4.26 -2.88 9.05
C TRP A 30 -3.86 -3.77 7.88
N CYS A 31 -2.60 -4.17 7.80
CA CYS A 31 -2.15 -5.03 6.71
C CYS A 31 -2.79 -6.41 6.83
N GLN A 32 -4.08 -6.47 6.56
CA GLN A 32 -4.84 -7.72 6.63
C GLN A 32 -6.01 -7.62 5.67
N ALA A 33 -5.68 -7.20 4.47
CA ALA A 33 -6.67 -7.02 3.42
C ALA A 33 -7.34 -8.37 3.08
N SER A 34 -6.82 -9.47 3.67
CA SER A 34 -7.38 -10.82 3.46
C SER A 34 -7.16 -11.67 4.74
N PRO A 35 -8.13 -12.46 5.20
CA PRO A 35 -7.94 -13.30 6.43
C PRO A 35 -7.02 -14.51 6.20
N GLU A 36 -6.71 -14.80 4.93
CA GLU A 36 -5.86 -15.95 4.59
C GLU A 36 -4.38 -15.54 4.67
N TRP A 37 -4.11 -14.39 5.31
CA TRP A 37 -2.73 -13.90 5.47
C TRP A 37 -2.58 -13.17 6.80
N HIS A 38 -1.37 -13.27 7.39
CA HIS A 38 -1.04 -12.63 8.68
C HIS A 38 0.28 -11.87 8.54
N VAL A 39 0.55 -10.95 9.47
CA VAL A 39 1.79 -10.14 9.45
C VAL A 39 2.68 -10.48 10.66
N PRO A 40 3.66 -11.37 10.53
CA PRO A 40 4.54 -11.72 11.70
C PRO A 40 5.56 -10.63 11.97
N ALA A 41 5.81 -9.78 10.97
CA ALA A 41 6.77 -8.68 11.11
C ALA A 41 6.83 -7.86 9.81
N ALA A 42 7.33 -6.63 9.92
CA ALA A 42 7.48 -5.75 8.75
C ALA A 42 8.56 -4.70 9.01
N GLN A 43 9.26 -4.29 7.95
CA GLN A 43 10.32 -3.26 8.05
C GLN A 43 10.17 -2.28 6.90
N ASN A 44 10.51 -1.02 7.17
CA ASN A 44 10.43 0.04 6.15
C ASN A 44 11.38 1.18 6.51
N ASP A 45 12.51 1.25 5.80
CA ASP A 45 13.52 2.29 6.03
C ASP A 45 13.33 3.40 4.99
N LEU A 46 12.44 4.35 5.30
CA LEU A 46 12.17 5.44 4.35
C LEU A 46 13.42 6.30 4.17
N LYS A 47 14.22 5.98 3.15
CA LYS A 47 15.43 6.75 2.86
C LYS A 47 15.99 6.33 1.51
N ALA A 48 16.54 7.29 0.76
CA ALA A 48 17.12 7.01 -0.55
C ALA A 48 18.24 5.97 -0.42
N GLY A 49 18.27 5.00 -1.34
CA GLY A 49 19.29 3.97 -1.31
C GLY A 49 19.06 3.01 -0.14
N GLY A 50 17.99 3.25 0.62
CA GLY A 50 17.65 2.41 1.76
C GLY A 50 16.95 1.15 1.29
N THR A 51 16.95 0.10 2.13
CA THR A 51 16.30 -1.18 1.80
C THR A 51 15.21 -1.49 2.81
N PHE A 52 14.23 -2.30 2.40
CA PHE A 52 13.10 -2.71 3.25
C PHE A 52 12.83 -4.20 3.11
N THR A 53 12.07 -4.74 4.07
CA THR A 53 11.73 -6.17 4.06
C THR A 53 10.38 -6.37 4.76
N THR A 54 9.38 -6.84 3.99
CA THR A 54 8.02 -7.10 4.53
C THR A 54 7.73 -8.59 4.43
N THR A 55 7.47 -9.24 5.58
CA THR A 55 7.20 -10.68 5.62
C THR A 55 5.70 -10.93 5.58
N MET A 56 5.25 -11.74 4.61
CA MET A 56 3.82 -12.06 4.46
C MET A 56 3.68 -13.58 4.32
N ALA A 57 3.20 -14.23 5.38
CA ALA A 57 3.02 -15.71 5.39
C ALA A 57 1.56 -16.07 5.59
N ALA A 58 1.13 -17.15 4.94
CA ALA A 58 -0.25 -17.63 5.06
C ALA A 58 -0.48 -18.17 6.45
N LYS A 59 -1.71 -18.03 6.97
CA LYS A 59 -2.03 -18.51 8.30
C LYS A 59 -1.73 -20.01 8.42
N ASP A 60 -2.07 -20.77 7.37
CA ASP A 60 -1.83 -22.21 7.35
C ASP A 60 -0.35 -22.49 7.11
N GLY A 61 0.40 -21.45 6.78
CA GLY A 61 1.84 -21.58 6.52
C GLY A 61 2.08 -22.39 5.25
N SER A 62 1.02 -22.59 4.46
CA SER A 62 1.12 -23.36 3.22
C SER A 62 2.03 -22.64 2.22
N MET A 63 2.21 -21.33 2.43
CA MET A 63 3.04 -20.52 1.54
C MET A 63 3.71 -19.40 2.34
N SER A 64 4.94 -19.04 1.95
CA SER A 64 5.71 -17.98 2.62
C SER A 64 6.51 -17.20 1.58
N PHE A 65 6.56 -15.87 1.73
CA PHE A 65 7.31 -15.02 0.81
C PHE A 65 7.60 -13.68 1.47
N ASP A 66 8.61 -12.97 0.97
CA ASP A 66 9.00 -11.66 1.52
C ASP A 66 9.35 -10.70 0.38
N PHE A 67 8.82 -9.46 0.47
CA PHE A 67 9.08 -8.43 -0.55
C PHE A 67 10.24 -7.56 -0.12
N GLY A 68 11.12 -7.21 -1.06
CA GLY A 68 12.28 -6.37 -0.77
C GLY A 68 12.69 -5.59 -2.01
N GLY A 69 13.29 -4.43 -1.79
CA GLY A 69 13.73 -3.57 -2.88
C GLY A 69 14.51 -2.39 -2.34
N VAL A 70 14.86 -1.44 -3.22
CA VAL A 70 15.62 -0.25 -2.83
C VAL A 70 14.92 1.01 -3.34
N TYR A 71 14.84 2.04 -2.49
CA TYR A 71 14.19 3.30 -2.86
C TYR A 71 15.10 4.08 -3.82
N ASP A 72 14.62 4.34 -5.03
CA ASP A 72 15.39 5.09 -6.03
C ASP A 72 15.44 6.56 -5.61
N GLN A 73 14.33 7.05 -5.06
CA GLN A 73 14.24 8.43 -4.61
C GLN A 73 13.03 8.61 -3.70
N VAL A 74 13.14 9.54 -2.73
CA VAL A 74 12.05 9.84 -1.78
C VAL A 74 11.86 11.36 -1.70
N LYS A 75 10.61 11.83 -1.80
CA LYS A 75 10.30 13.25 -1.72
C LYS A 75 8.96 13.42 -0.99
N THR A 76 8.97 14.18 0.10
CA THR A 76 7.76 14.37 0.89
C THR A 76 6.63 15.00 0.07
N ASN A 77 5.48 14.32 0.04
CA ASN A 77 4.30 14.83 -0.68
C ASN A 77 4.63 15.22 -2.13
N ASP A 78 5.11 14.25 -2.91
CA ASP A 78 5.46 14.48 -4.31
C ASP A 78 5.43 13.18 -5.11
N LEU A 79 6.46 12.35 -4.94
CA LEU A 79 6.54 11.07 -5.66
C LEU A 79 7.37 10.06 -4.86
N ILE A 80 6.87 8.82 -4.78
CA ILE A 80 7.57 7.73 -4.06
C ILE A 80 7.61 6.50 -4.97
N GLU A 81 8.78 5.90 -5.12
CA GLU A 81 8.94 4.71 -5.96
C GLU A 81 10.11 3.88 -5.43
N TYR A 82 10.18 2.64 -5.88
CA TYR A 82 11.25 1.73 -5.45
C TYR A 82 11.42 0.63 -6.49
N THR A 83 12.60 0.00 -6.52
CA THR A 83 12.91 -1.08 -7.47
C THR A 83 12.96 -2.42 -6.72
N ILE A 84 12.26 -3.42 -7.25
CA ILE A 84 12.22 -4.77 -6.64
C ILE A 84 13.29 -5.66 -7.27
N GLY A 85 13.78 -6.64 -6.51
CA GLY A 85 14.81 -7.54 -7.03
C GLY A 85 14.37 -8.21 -8.33
N ASP A 86 13.10 -8.60 -8.42
CA ASP A 86 12.57 -9.24 -9.62
C ASP A 86 12.65 -8.29 -10.82
N GLY A 87 12.92 -7.01 -10.54
CA GLY A 87 13.03 -5.99 -11.58
C GLY A 87 11.72 -5.22 -11.72
N ARG A 88 10.70 -5.62 -10.95
CA ARG A 88 9.41 -4.94 -10.99
C ARG A 88 9.52 -3.58 -10.34
N LYS A 89 8.68 -2.63 -10.76
CA LYS A 89 8.68 -1.26 -10.22
C LYS A 89 7.25 -0.79 -9.98
N VAL A 90 7.10 0.11 -9.00
CA VAL A 90 5.80 0.66 -8.64
C VAL A 90 5.92 2.17 -8.43
N ARG A 91 5.17 2.95 -9.22
CA ARG A 91 5.19 4.41 -9.12
C ARG A 91 3.96 4.87 -8.35
N ILE A 92 4.15 5.73 -7.34
CA ILE A 92 3.03 6.25 -6.52
C ILE A 92 2.98 7.77 -6.70
N VAL A 93 1.81 8.29 -7.10
CA VAL A 93 1.62 9.75 -7.32
C VAL A 93 0.60 10.27 -6.32
N PHE A 94 0.99 11.29 -5.54
CA PHE A 94 0.09 11.90 -4.53
C PHE A 94 -0.49 13.19 -5.10
N THR A 95 -1.84 13.28 -5.13
CA THR A 95 -2.53 14.47 -5.64
C THR A 95 -3.46 15.02 -4.55
N HIS A 96 -3.29 16.31 -4.23
CA HIS A 96 -4.10 16.97 -3.20
C HIS A 96 -5.18 17.82 -3.88
N THR A 97 -6.46 17.53 -3.58
CA THR A 97 -7.60 18.26 -4.17
C THR A 97 -8.19 19.20 -3.13
N GLY A 98 -7.50 19.33 -2.00
CA GLY A 98 -7.94 20.20 -0.91
C GLY A 98 -8.99 19.50 -0.04
N ASP A 99 -8.70 19.38 1.25
CA ASP A 99 -9.61 18.73 2.20
C ASP A 99 -9.88 17.29 1.78
N THR A 100 -9.13 16.80 0.78
CA THR A 100 -9.30 15.42 0.30
C THR A 100 -8.05 14.97 -0.46
N THR A 101 -7.41 13.90 0.04
CA THR A 101 -6.18 13.36 -0.58
C THR A 101 -6.54 12.17 -1.48
N ASN A 102 -5.93 12.12 -2.67
CA ASN A 102 -6.16 11.03 -3.63
C ASN A 102 -4.83 10.32 -3.89
N ILE A 103 -4.79 9.01 -3.63
CA ILE A 103 -3.59 8.19 -3.83
C ILE A 103 -3.73 7.43 -5.15
N VAL A 104 -2.78 7.60 -6.07
CA VAL A 104 -2.80 6.90 -7.37
C VAL A 104 -1.50 6.12 -7.54
N GLU A 105 -1.61 4.82 -7.82
CA GLU A 105 -0.44 3.96 -8.00
C GLU A 105 -0.70 2.92 -9.10
N SER A 106 0.36 2.58 -9.84
CA SER A 106 0.26 1.60 -10.93
C SER A 106 1.30 0.51 -10.72
N PHE A 107 0.97 -0.71 -11.16
CA PHE A 107 1.85 -1.88 -11.02
C PHE A 107 2.14 -2.47 -12.39
N ASP A 108 3.19 -3.29 -12.47
CA ASP A 108 3.59 -3.94 -13.73
C ASP A 108 3.76 -5.45 -13.48
N PRO A 109 2.69 -6.23 -13.40
CA PRO A 109 2.78 -7.70 -13.16
C PRO A 109 3.20 -8.45 -14.42
N GLU A 110 3.52 -9.74 -14.26
CA GLU A 110 3.94 -10.55 -15.39
C GLU A 110 2.83 -10.65 -16.45
N GLU A 111 3.24 -10.81 -17.71
CA GLU A 111 2.28 -10.91 -18.82
C GLU A 111 1.50 -12.24 -18.74
N THR A 112 2.22 -13.32 -18.46
CA THR A 112 1.60 -14.65 -18.37
C THR A 112 0.58 -14.72 -17.23
N ASN A 113 0.85 -14.01 -16.14
CA ASN A 113 -0.05 -14.02 -14.98
C ASN A 113 -1.40 -13.37 -15.36
N PRO A 114 -2.51 -13.79 -14.77
CA PRO A 114 -3.85 -13.18 -15.09
C PRO A 114 -3.98 -11.78 -14.50
N ARG A 115 -3.97 -10.77 -15.37
CA ARG A 115 -4.09 -9.37 -14.94
C ARG A 115 -5.48 -9.08 -14.39
N GLU A 116 -6.47 -9.85 -14.83
CA GLU A 116 -7.86 -9.66 -14.39
C GLU A 116 -7.97 -9.78 -12.86
N LEU A 117 -7.43 -10.87 -12.31
CA LEU A 117 -7.48 -11.09 -10.87
C LEU A 117 -6.69 -10.03 -10.12
N GLN A 118 -5.53 -9.64 -10.69
CA GLN A 118 -4.68 -8.63 -10.05
C GLN A 118 -5.43 -7.30 -9.92
N GLN A 119 -6.13 -6.89 -10.98
CA GLN A 119 -6.87 -5.64 -10.94
C GLN A 119 -7.83 -5.63 -9.74
N SER A 120 -8.54 -6.74 -9.56
CA SER A 120 -9.47 -6.89 -8.44
C SER A 120 -8.70 -6.92 -7.12
N GLY A 121 -7.55 -7.59 -7.11
CA GLY A 121 -6.74 -7.68 -5.90
C GLY A 121 -6.30 -6.32 -5.39
N TRP A 122 -5.69 -5.52 -6.28
CA TRP A 122 -5.22 -4.18 -5.90
C TRP A 122 -6.41 -3.29 -5.54
N GLN A 123 -7.53 -3.47 -6.24
CA GLN A 123 -8.74 -2.69 -5.98
C GLN A 123 -9.40 -3.13 -4.66
N ALA A 124 -9.36 -4.44 -4.39
CA ALA A 124 -9.97 -4.99 -3.17
C ALA A 124 -9.38 -4.36 -1.90
N ILE A 125 -8.05 -4.35 -1.81
CA ILE A 125 -7.37 -3.77 -0.63
C ILE A 125 -7.68 -2.29 -0.51
N LEU A 126 -7.77 -1.60 -1.63
CA LEU A 126 -8.08 -0.16 -1.62
C LEU A 126 -9.49 0.05 -1.05
N ASN A 127 -10.44 -0.79 -1.47
CA ASN A 127 -11.82 -0.68 -0.99
C ASN A 127 -11.88 -0.97 0.50
N SER A 128 -11.10 -1.96 0.94
CA SER A 128 -11.06 -2.34 2.35
C SER A 128 -10.66 -1.16 3.23
N PHE A 129 -9.80 -0.30 2.70
CA PHE A 129 -9.32 0.87 3.45
C PHE A 129 -10.51 1.69 3.99
N LYS A 130 -11.66 1.58 3.33
CA LYS A 130 -12.86 2.30 3.74
C LYS A 130 -13.34 1.82 5.12
N SER A 131 -13.23 0.51 5.36
CA SER A 131 -13.67 -0.06 6.64
C SER A 131 -12.91 0.60 7.79
N TYR A 132 -11.60 0.73 7.64
CA TYR A 132 -10.79 1.37 8.67
C TYR A 132 -11.18 2.83 8.83
N THR A 133 -11.35 3.52 7.71
CA THR A 133 -11.74 4.94 7.75
C THR A 133 -13.12 5.11 8.39
N GLU A 134 -14.05 4.20 8.07
CA GLU A 134 -15.41 4.24 8.60
C GLU A 134 -15.43 3.93 10.12
N ASN A 135 -14.24 3.81 10.71
CA ASN A 135 -14.13 3.52 12.15
C ASN A 135 -14.80 4.62 12.97
N ASN A 136 -15.17 5.72 12.30
CA ASN A 136 -15.83 6.84 12.97
C ASN A 136 -17.34 6.58 13.10
N LEU A 137 -17.77 5.36 12.76
CA LEU A 137 -19.19 5.01 12.85
C LEU A 137 -19.67 5.11 14.29
N GLU A 138 -18.86 4.59 15.21
CA GLU A 138 -19.21 4.63 16.64
C GLU A 138 -17.97 4.33 17.49
N HIS A 139 -17.85 5.02 18.63
CA HIS A 139 -16.72 4.83 19.54
C HIS A 139 -17.05 5.43 20.90
N HIS A 140 -16.48 4.87 21.96
CA HIS A 140 -16.72 5.35 23.31
C HIS A 140 -15.74 4.68 24.28
N HIS A 141 -14.45 4.90 24.06
CA HIS A 141 -13.42 4.31 24.91
C HIS A 141 -13.62 2.79 25.03
N HIS A 142 -12.89 2.16 25.94
CA HIS A 142 -12.99 0.72 26.14
C HIS A 142 -12.23 0.30 27.41
N HIS A 143 -12.93 0.23 28.54
CA HIS A 143 -12.33 -0.14 29.81
C HIS A 143 -11.14 0.77 30.15
N HIS A 144 -9.97 0.45 29.61
CA HIS A 144 -8.77 1.24 29.85
C HIS A 144 -8.97 2.69 29.39
N GLY A 1 -0.02 -2.30 -21.19
CA GLY A 1 -1.23 -3.11 -20.84
C GLY A 1 -1.13 -3.61 -19.40
N ASN A 2 0.03 -4.19 -19.07
CA ASN A 2 0.28 -4.72 -17.72
C ASN A 2 0.44 -3.58 -16.72
N LYS A 3 0.51 -2.35 -17.24
CA LYS A 3 0.69 -1.17 -16.38
C LYS A 3 -0.63 -0.78 -15.72
N ILE A 4 -1.27 -1.76 -15.07
CA ILE A 4 -2.53 -1.51 -14.39
C ILE A 4 -2.29 -0.66 -13.16
N THR A 5 -3.20 0.28 -12.91
CA THR A 5 -3.12 1.19 -11.77
C THR A 5 -4.50 1.33 -11.15
N VAL A 6 -4.50 1.77 -9.89
CA VAL A 6 -5.74 1.95 -9.12
C VAL A 6 -5.68 3.29 -8.39
N GLU A 7 -6.83 3.72 -7.88
CA GLU A 7 -6.94 4.98 -7.17
C GLU A 7 -7.98 4.88 -6.07
N VAL A 8 -7.89 5.77 -5.08
CA VAL A 8 -8.85 5.81 -3.97
C VAL A 8 -8.99 7.25 -3.48
N THR A 9 -10.20 7.62 -3.06
CA THR A 9 -10.48 8.97 -2.54
C THR A 9 -10.63 8.91 -1.02
N VAL A 10 -9.79 9.67 -0.30
CA VAL A 10 -9.83 9.72 1.17
C VAL A 10 -9.89 11.17 1.63
N TYR A 11 -10.74 11.44 2.64
CA TYR A 11 -10.91 12.80 3.19
C TYR A 11 -10.01 12.96 4.41
N ALA A 12 -8.78 13.41 4.16
CA ALA A 12 -7.81 13.62 5.25
C ALA A 12 -6.61 14.38 4.72
N ALA A 13 -5.97 15.14 5.60
CA ALA A 13 -4.79 15.91 5.22
C ALA A 13 -3.66 14.95 4.80
N ILE A 14 -3.09 15.18 3.62
CA ILE A 14 -2.01 14.32 3.12
C ILE A 14 -0.89 14.19 4.15
N GLU A 15 -0.61 15.27 4.87
CA GLU A 15 0.45 15.26 5.87
C GLU A 15 0.22 14.18 6.90
N LYS A 16 -1.03 14.04 7.34
CA LYS A 16 -1.38 13.02 8.33
C LYS A 16 -1.28 11.62 7.70
N VAL A 17 -1.87 11.48 6.52
CA VAL A 17 -1.87 10.19 5.81
C VAL A 17 -0.45 9.75 5.49
N TRP A 18 0.39 10.70 5.08
CA TRP A 18 1.77 10.37 4.72
C TRP A 18 2.48 9.63 5.87
N LYS A 19 2.21 10.06 7.10
CA LYS A 19 2.84 9.43 8.27
C LYS A 19 2.41 7.97 8.40
N TYR A 20 1.10 7.73 8.35
CA TYR A 20 0.56 6.37 8.47
C TYR A 20 0.92 5.54 7.24
N TRP A 21 0.89 6.19 6.08
CA TRP A 21 1.18 5.52 4.82
C TRP A 21 2.60 4.96 4.82
N ASN A 22 3.43 5.47 5.73
CA ASN A 22 4.83 5.06 5.87
C ASN A 22 5.08 4.39 7.21
N GLU A 23 4.27 4.75 8.23
CA GLU A 23 4.45 4.17 9.57
C GLU A 23 4.51 2.62 9.48
N PRO A 24 5.66 1.99 9.69
CA PRO A 24 5.75 0.48 9.58
C PRO A 24 4.70 -0.24 10.45
N ALA A 25 4.53 0.23 11.68
CA ALA A 25 3.58 -0.37 12.62
C ALA A 25 2.16 -0.36 12.08
N HIS A 26 1.85 0.66 11.29
CA HIS A 26 0.50 0.78 10.70
C HIS A 26 0.33 -0.14 9.50
N ILE A 27 1.37 -0.26 8.67
CA ILE A 27 1.26 -1.10 7.46
C ILE A 27 0.99 -2.56 7.84
N MET A 28 1.72 -3.07 8.82
CA MET A 28 1.56 -4.46 9.25
C MET A 28 0.15 -4.72 9.77
N LYS A 29 -0.57 -3.65 10.11
CA LYS A 29 -1.93 -3.78 10.65
C LYS A 29 -2.93 -4.15 9.55
N TRP A 30 -2.63 -3.71 8.33
CA TRP A 30 -3.51 -3.96 7.16
C TRP A 30 -2.68 -4.30 5.93
N CYS A 31 -1.45 -4.79 6.12
CA CYS A 31 -0.60 -5.13 4.97
C CYS A 31 -1.31 -6.12 4.06
N GLN A 32 -1.41 -5.77 2.77
CA GLN A 32 -2.09 -6.61 1.78
C GLN A 32 -3.59 -6.67 2.06
N ALA A 33 -3.97 -6.43 3.31
CA ALA A 33 -5.37 -6.46 3.73
C ALA A 33 -6.03 -7.78 3.33
N SER A 34 -5.26 -8.88 3.40
CA SER A 34 -5.75 -10.23 3.05
C SER A 34 -5.83 -11.10 4.32
N PRO A 35 -6.99 -11.21 4.95
CA PRO A 35 -7.14 -12.06 6.19
C PRO A 35 -6.56 -13.46 6.02
N GLU A 36 -6.50 -13.94 4.78
CA GLU A 36 -5.98 -15.28 4.51
C GLU A 36 -4.47 -15.33 4.77
N TRP A 37 -3.81 -14.18 4.65
CA TRP A 37 -2.36 -14.07 4.89
C TRP A 37 -2.13 -13.35 6.21
N HIS A 38 -0.89 -13.36 6.66
CA HIS A 38 -0.50 -12.73 7.92
C HIS A 38 0.92 -12.20 7.80
N VAL A 39 1.21 -11.14 8.56
CA VAL A 39 2.53 -10.51 8.58
C VAL A 39 3.17 -10.65 9.98
N PRO A 40 4.04 -11.63 10.22
CA PRO A 40 4.68 -11.81 11.58
C PRO A 40 5.79 -10.79 11.81
N ALA A 41 6.17 -10.06 10.76
CA ALA A 41 7.23 -9.05 10.87
C ALA A 41 7.27 -8.20 9.61
N ALA A 42 7.79 -6.97 9.75
CA ALA A 42 7.90 -6.05 8.63
C ALA A 42 8.92 -4.96 8.96
N GLN A 43 9.64 -4.51 7.92
CA GLN A 43 10.67 -3.48 8.09
C GLN A 43 10.61 -2.51 6.91
N ASN A 44 10.87 -1.24 7.18
CA ASN A 44 10.85 -0.20 6.15
C ASN A 44 11.59 1.04 6.67
N ASP A 45 12.49 1.58 5.83
CA ASP A 45 13.26 2.78 6.19
C ASP A 45 13.28 3.74 5.00
N LEU A 46 12.48 4.81 5.08
CA LEU A 46 12.42 5.79 4.00
C LEU A 46 13.72 6.58 3.94
N LYS A 47 14.60 6.18 3.03
CA LYS A 47 15.88 6.86 2.88
C LYS A 47 16.54 6.44 1.57
N ALA A 48 17.11 7.40 0.86
CA ALA A 48 17.76 7.12 -0.41
C ALA A 48 18.89 6.10 -0.21
N GLY A 49 18.95 5.10 -1.10
CA GLY A 49 19.99 4.06 -1.01
C GLY A 49 19.68 3.10 0.14
N GLY A 50 18.56 3.31 0.82
CA GLY A 50 18.13 2.44 1.92
C GLY A 50 17.45 1.20 1.37
N THR A 51 17.32 0.17 2.22
CA THR A 51 16.68 -1.10 1.84
C THR A 51 15.64 -1.48 2.87
N PHE A 52 14.73 -2.38 2.47
CA PHE A 52 13.65 -2.85 3.35
C PHE A 52 13.47 -4.35 3.21
N THR A 53 12.72 -4.95 4.13
CA THR A 53 12.45 -6.38 4.11
C THR A 53 11.10 -6.65 4.79
N THR A 54 10.10 -7.04 3.98
CA THR A 54 8.75 -7.34 4.48
C THR A 54 8.55 -8.86 4.45
N THR A 55 8.42 -9.47 5.64
CA THR A 55 8.22 -10.91 5.74
C THR A 55 6.73 -11.22 5.65
N MET A 56 6.31 -11.89 4.57
CA MET A 56 4.90 -12.24 4.34
C MET A 56 4.79 -13.75 4.19
N ALA A 57 3.89 -14.36 4.94
CA ALA A 57 3.69 -15.82 4.89
C ALA A 57 2.25 -16.14 5.26
N ALA A 58 1.74 -17.24 4.69
CA ALA A 58 0.38 -17.68 4.95
C ALA A 58 0.28 -18.20 6.39
N LYS A 59 -0.89 -18.02 7.00
CA LYS A 59 -1.10 -18.49 8.37
C LYS A 59 -0.84 -19.99 8.48
N ASP A 60 -1.12 -20.71 7.40
CA ASP A 60 -0.92 -22.16 7.37
C ASP A 60 0.57 -22.48 7.23
N GLY A 61 1.38 -21.44 6.99
CA GLY A 61 2.83 -21.62 6.85
C GLY A 61 3.15 -22.38 5.56
N SER A 62 2.12 -22.65 4.77
CA SER A 62 2.30 -23.38 3.51
C SER A 62 3.18 -22.57 2.55
N MET A 63 3.04 -21.24 2.60
CA MET A 63 3.80 -20.32 1.73
C MET A 63 4.53 -19.29 2.57
N SER A 64 5.80 -19.03 2.22
CA SER A 64 6.62 -18.04 2.93
C SER A 64 7.56 -17.36 1.93
N PHE A 65 7.58 -16.02 1.96
CA PHE A 65 8.44 -15.25 1.06
C PHE A 65 8.72 -13.89 1.68
N ASP A 66 9.76 -13.22 1.19
CA ASP A 66 10.16 -11.89 1.69
C ASP A 66 10.52 -10.99 0.51
N PHE A 67 9.89 -9.81 0.46
CA PHE A 67 10.14 -8.83 -0.60
C PHE A 67 11.20 -7.85 -0.15
N GLY A 68 12.04 -7.41 -1.09
CA GLY A 68 13.11 -6.46 -0.80
C GLY A 68 13.36 -5.59 -2.02
N GLY A 69 13.82 -4.37 -1.77
CA GLY A 69 14.10 -3.43 -2.84
C GLY A 69 14.92 -2.26 -2.30
N VAL A 70 15.32 -1.34 -3.19
CA VAL A 70 16.14 -0.17 -2.80
C VAL A 70 15.41 1.12 -3.18
N TYR A 71 15.35 2.08 -2.25
CA TYR A 71 14.70 3.36 -2.50
C TYR A 71 15.59 4.23 -3.39
N ASP A 72 15.10 4.54 -4.59
CA ASP A 72 15.84 5.39 -5.53
C ASP A 72 15.81 6.83 -5.05
N GLN A 73 14.63 7.24 -4.54
CA GLN A 73 14.44 8.60 -4.04
C GLN A 73 13.14 8.66 -3.23
N VAL A 74 13.12 9.52 -2.21
CA VAL A 74 11.94 9.71 -1.35
C VAL A 74 11.76 11.19 -1.05
N LYS A 75 10.54 11.70 -1.25
CA LYS A 75 10.23 13.11 -1.00
C LYS A 75 8.87 13.19 -0.30
N THR A 76 8.84 13.86 0.84
CA THR A 76 7.61 13.99 1.62
C THR A 76 6.51 14.63 0.79
N ASN A 77 5.38 13.94 0.66
CA ASN A 77 4.24 14.46 -0.09
C ASN A 77 4.65 14.93 -1.48
N ASP A 78 5.01 13.98 -2.35
CA ASP A 78 5.41 14.32 -3.72
C ASP A 78 5.47 13.06 -4.57
N LEU A 79 6.56 12.32 -4.47
CA LEU A 79 6.74 11.09 -5.25
C LEU A 79 7.62 10.09 -4.49
N ILE A 80 7.16 8.84 -4.41
CA ILE A 80 7.90 7.76 -3.74
C ILE A 80 7.93 6.54 -4.66
N GLU A 81 9.11 5.96 -4.83
CA GLU A 81 9.29 4.78 -5.68
C GLU A 81 10.50 3.99 -5.19
N TYR A 82 10.62 2.75 -5.64
CA TYR A 82 11.72 1.88 -5.27
C TYR A 82 11.80 0.72 -6.25
N THR A 83 13.00 0.13 -6.36
CA THR A 83 13.24 -1.01 -7.27
C THR A 83 13.22 -2.29 -6.45
N ILE A 84 12.48 -3.29 -6.94
CA ILE A 84 12.37 -4.60 -6.27
C ILE A 84 13.41 -5.54 -6.86
N GLY A 85 14.02 -6.35 -6.00
CA GLY A 85 15.03 -7.30 -6.45
C GLY A 85 14.39 -8.48 -7.16
N ASP A 86 13.22 -8.26 -7.81
CA ASP A 86 12.49 -9.31 -8.57
C ASP A 86 12.35 -8.89 -10.04
N GLY A 87 12.71 -7.64 -10.33
CA GLY A 87 12.63 -7.08 -11.70
C GLY A 87 11.40 -6.20 -11.86
N ARG A 88 10.46 -6.31 -10.92
CA ARG A 88 9.24 -5.52 -10.98
C ARG A 88 9.55 -4.09 -10.57
N LYS A 89 8.54 -3.22 -10.68
CA LYS A 89 8.68 -1.80 -10.32
C LYS A 89 7.37 -1.29 -9.73
N VAL A 90 7.49 -0.29 -8.85
CA VAL A 90 6.33 0.33 -8.19
C VAL A 90 6.56 1.84 -8.10
N ARG A 91 5.52 2.61 -8.40
CA ARG A 91 5.57 4.07 -8.34
C ARG A 91 4.30 4.59 -7.67
N ILE A 92 4.46 5.52 -6.73
CA ILE A 92 3.32 6.11 -6.01
C ILE A 92 3.27 7.60 -6.34
N VAL A 93 2.10 8.09 -6.77
CA VAL A 93 1.90 9.50 -7.12
C VAL A 93 0.84 10.08 -6.20
N PHE A 94 1.20 11.14 -5.47
CA PHE A 94 0.27 11.80 -4.55
C PHE A 94 -0.38 12.98 -5.25
N THR A 95 -1.72 13.02 -5.21
CA THR A 95 -2.49 14.09 -5.84
C THR A 95 -3.61 14.50 -4.90
N HIS A 96 -3.88 15.81 -4.84
CA HIS A 96 -4.93 16.35 -3.98
C HIS A 96 -5.49 17.63 -4.61
N THR A 97 -6.68 18.02 -4.16
CA THR A 97 -7.35 19.24 -4.68
C THR A 97 -7.75 20.15 -3.52
N GLY A 98 -7.71 19.60 -2.31
CA GLY A 98 -8.07 20.37 -1.12
C GLY A 98 -8.14 19.48 0.12
N ASP A 99 -9.31 19.46 0.78
CA ASP A 99 -9.49 18.65 1.98
C ASP A 99 -9.60 17.17 1.62
N THR A 100 -9.38 16.83 0.34
CA THR A 100 -9.45 15.45 -0.14
C THR A 100 -8.12 15.06 -0.79
N THR A 101 -7.54 13.94 -0.34
CA THR A 101 -6.26 13.44 -0.89
C THR A 101 -6.54 12.20 -1.71
N ASN A 102 -5.94 12.15 -2.91
CA ASN A 102 -6.10 11.02 -3.82
C ASN A 102 -4.77 10.28 -3.92
N ILE A 103 -4.81 8.97 -3.67
CA ILE A 103 -3.60 8.12 -3.72
C ILE A 103 -3.68 7.27 -4.98
N VAL A 104 -2.61 7.28 -5.78
CA VAL A 104 -2.55 6.50 -7.02
C VAL A 104 -1.24 5.70 -7.02
N GLU A 105 -1.34 4.41 -7.37
CA GLU A 105 -0.15 3.53 -7.42
C GLU A 105 -0.29 2.57 -8.60
N SER A 106 0.82 2.41 -9.35
CA SER A 106 0.87 1.53 -10.51
C SER A 106 1.44 0.18 -10.07
N PHE A 107 1.07 -0.88 -10.79
CA PHE A 107 1.55 -2.23 -10.45
C PHE A 107 1.76 -3.01 -11.75
N ASP A 108 2.76 -3.89 -11.76
CA ASP A 108 3.08 -4.72 -12.94
C ASP A 108 2.90 -6.21 -12.58
N PRO A 109 1.70 -6.79 -12.70
CA PRO A 109 1.46 -8.22 -12.34
C PRO A 109 1.98 -9.16 -13.42
N GLU A 110 2.19 -10.43 -13.04
CA GLU A 110 2.69 -11.43 -13.99
C GLU A 110 1.74 -11.53 -15.19
N GLU A 111 2.30 -11.98 -16.31
CA GLU A 111 1.50 -12.12 -17.54
C GLU A 111 0.44 -13.20 -17.34
N THR A 112 0.80 -14.28 -16.64
CA THR A 112 -0.13 -15.37 -16.38
C THR A 112 -1.31 -14.89 -15.55
N ASN A 113 -1.01 -14.09 -14.52
CA ASN A 113 -2.07 -13.59 -13.64
C ASN A 113 -3.07 -12.73 -14.44
N PRO A 114 -4.36 -13.10 -14.51
CA PRO A 114 -5.35 -12.28 -15.28
C PRO A 114 -5.30 -10.79 -14.91
N ARG A 115 -5.30 -9.92 -15.90
CA ARG A 115 -5.27 -8.47 -15.67
C ARG A 115 -6.58 -7.98 -15.06
N GLU A 116 -7.69 -8.53 -15.52
CA GLU A 116 -9.00 -8.12 -15.05
C GLU A 116 -9.23 -8.53 -13.58
N LEU A 117 -8.91 -9.79 -13.24
CA LEU A 117 -9.14 -10.30 -11.89
C LEU A 117 -8.19 -9.65 -10.87
N GLN A 118 -6.88 -9.69 -11.16
CA GLN A 118 -5.89 -9.10 -10.26
C GLN A 118 -6.22 -7.63 -9.96
N GLN A 119 -6.72 -6.92 -10.98
CA GLN A 119 -7.09 -5.50 -10.82
C GLN A 119 -8.15 -5.36 -9.73
N SER A 120 -9.09 -6.29 -9.70
CA SER A 120 -10.16 -6.26 -8.71
C SER A 120 -9.59 -6.44 -7.31
N GLY A 121 -8.55 -7.27 -7.17
CA GLY A 121 -7.94 -7.52 -5.87
C GLY A 121 -7.39 -6.24 -5.25
N TRP A 122 -6.58 -5.51 -6.01
CA TRP A 122 -5.99 -4.27 -5.52
C TRP A 122 -7.09 -3.24 -5.23
N GLN A 123 -8.12 -3.23 -6.08
CA GLN A 123 -9.24 -2.30 -5.91
C GLN A 123 -10.13 -2.74 -4.73
N ALA A 124 -10.26 -4.05 -4.54
CA ALA A 124 -11.10 -4.58 -3.46
C ALA A 124 -10.64 -4.08 -2.08
N ILE A 125 -9.35 -4.21 -1.81
CA ILE A 125 -8.79 -3.78 -0.52
C ILE A 125 -8.94 -2.28 -0.35
N LEU A 126 -8.83 -1.54 -1.45
CA LEU A 126 -8.97 -0.08 -1.43
C LEU A 126 -10.41 0.32 -1.06
N ASN A 127 -11.38 -0.42 -1.58
CA ASN A 127 -12.78 -0.13 -1.28
C ASN A 127 -13.06 -0.34 0.21
N SER A 128 -12.49 -1.40 0.77
CA SER A 128 -12.67 -1.69 2.19
C SER A 128 -12.11 -0.57 3.07
N PHE A 129 -11.00 0.04 2.61
CA PHE A 129 -10.36 1.11 3.36
C PHE A 129 -11.33 2.26 3.61
N LYS A 130 -12.31 2.43 2.71
CA LYS A 130 -13.28 3.50 2.84
C LYS A 130 -14.12 3.30 4.11
N SER A 131 -14.50 2.06 4.38
CA SER A 131 -15.32 1.75 5.56
C SER A 131 -14.61 2.19 6.83
N TYR A 132 -13.28 2.08 6.84
CA TYR A 132 -12.49 2.46 8.02
C TYR A 132 -12.67 3.96 8.32
N THR A 133 -12.57 4.78 7.28
CA THR A 133 -12.73 6.23 7.44
C THR A 133 -14.14 6.58 7.91
N GLU A 134 -15.13 5.83 7.43
CA GLU A 134 -16.53 6.05 7.80
C GLU A 134 -16.76 5.72 9.27
N ASN A 135 -15.99 4.76 9.78
CA ASN A 135 -16.11 4.35 11.18
C ASN A 135 -15.75 5.50 12.12
N ASN A 136 -15.33 6.62 11.53
CA ASN A 136 -14.96 7.80 12.32
C ASN A 136 -16.14 8.30 13.15
N LEU A 137 -17.33 8.31 12.54
CA LEU A 137 -18.56 8.75 13.23
C LEU A 137 -19.21 7.57 13.95
N GLU A 138 -18.64 7.18 15.09
CA GLU A 138 -19.16 6.07 15.88
C GLU A 138 -18.51 6.07 17.27
N HIS A 139 -17.18 5.93 17.31
CA HIS A 139 -16.45 5.90 18.57
C HIS A 139 -14.96 6.11 18.33
N HIS A 140 -14.28 6.71 19.30
CA HIS A 140 -12.84 6.96 19.17
C HIS A 140 -12.08 5.63 19.10
N HIS A 141 -12.34 4.74 20.06
CA HIS A 141 -11.69 3.44 20.11
C HIS A 141 -10.17 3.58 19.93
N HIS A 142 -9.47 4.05 20.96
CA HIS A 142 -8.02 4.23 20.90
C HIS A 142 -7.64 5.09 19.68
N HIS A 143 -7.59 6.41 19.88
CA HIS A 143 -7.26 7.32 18.79
C HIS A 143 -5.87 7.02 18.24
N HIS A 144 -4.91 6.82 19.14
CA HIS A 144 -3.53 6.52 18.76
C HIS A 144 -3.47 5.21 17.97
N GLY A 1 -3.31 -2.65 -20.83
CA GLY A 1 -3.99 -3.63 -19.95
C GLY A 1 -3.09 -4.01 -18.79
N ASN A 2 -1.82 -4.30 -19.11
CA ASN A 2 -0.85 -4.67 -18.10
C ASN A 2 -0.62 -3.52 -17.12
N LYS A 3 -0.56 -2.31 -17.66
CA LYS A 3 -0.36 -1.11 -16.84
C LYS A 3 -1.62 -0.80 -16.02
N ILE A 4 -2.05 -1.78 -15.23
CA ILE A 4 -3.25 -1.61 -14.40
C ILE A 4 -3.05 -0.42 -13.47
N THR A 5 -4.12 0.36 -13.30
CA THR A 5 -4.10 1.55 -12.44
C THR A 5 -5.34 1.56 -11.56
N VAL A 6 -5.15 2.00 -10.32
CA VAL A 6 -6.23 2.08 -9.33
C VAL A 6 -6.08 3.38 -8.54
N GLU A 7 -7.19 3.86 -7.99
CA GLU A 7 -7.19 5.11 -7.20
C GLU A 7 -8.26 5.05 -6.12
N VAL A 8 -8.13 5.93 -5.12
CA VAL A 8 -9.09 6.02 -4.02
C VAL A 8 -9.17 7.45 -3.52
N THR A 9 -10.33 7.80 -2.97
CA THR A 9 -10.58 9.14 -2.42
C THR A 9 -10.52 9.07 -0.89
N VAL A 10 -9.58 9.83 -0.30
CA VAL A 10 -9.40 9.87 1.17
C VAL A 10 -9.53 11.31 1.66
N TYR A 11 -10.40 11.55 2.64
CA TYR A 11 -10.61 12.88 3.21
C TYR A 11 -9.74 13.06 4.45
N ALA A 12 -8.52 13.54 4.23
CA ALA A 12 -7.57 13.75 5.31
C ALA A 12 -6.36 14.52 4.81
N ALA A 13 -5.73 15.29 5.70
CA ALA A 13 -4.55 16.08 5.32
C ALA A 13 -3.40 15.15 4.92
N ILE A 14 -2.72 15.47 3.82
CA ILE A 14 -1.62 14.63 3.33
C ILE A 14 -0.59 14.35 4.43
N GLU A 15 -0.34 15.34 5.27
CA GLU A 15 0.63 15.19 6.34
C GLU A 15 0.22 14.06 7.29
N LYS A 16 -1.10 13.92 7.50
CA LYS A 16 -1.61 12.86 8.37
C LYS A 16 -1.49 11.51 7.67
N VAL A 17 -1.93 11.45 6.41
CA VAL A 17 -1.89 10.19 5.64
C VAL A 17 -0.45 9.76 5.42
N TRP A 18 0.44 10.73 5.13
CA TRP A 18 1.85 10.43 4.90
C TRP A 18 2.43 9.62 6.07
N LYS A 19 2.04 9.97 7.30
CA LYS A 19 2.55 9.26 8.47
C LYS A 19 2.15 7.79 8.44
N TYR A 20 0.86 7.52 8.20
CA TYR A 20 0.38 6.13 8.14
C TYR A 20 0.97 5.40 6.94
N TRP A 21 1.05 6.07 5.81
CA TRP A 21 1.58 5.47 4.58
C TRP A 21 3.09 5.20 4.70
N ASN A 22 3.76 5.84 5.68
CA ASN A 22 5.22 5.70 5.88
C ASN A 22 5.56 4.97 7.20
N GLU A 23 4.69 5.07 8.20
CA GLU A 23 4.94 4.42 9.50
C GLU A 23 4.98 2.89 9.31
N PRO A 24 5.93 2.16 9.89
CA PRO A 24 5.98 0.66 9.73
C PRO A 24 4.94 -0.03 10.62
N ALA A 25 4.83 0.45 11.86
CA ALA A 25 3.88 -0.14 12.82
C ALA A 25 2.44 -0.03 12.31
N HIS A 26 2.17 1.01 11.53
CA HIS A 26 0.83 1.24 10.98
C HIS A 26 0.52 0.30 9.81
N ILE A 27 1.50 0.04 8.95
CA ILE A 27 1.28 -0.84 7.79
C ILE A 27 0.92 -2.27 8.24
N MET A 28 1.62 -2.79 9.23
CA MET A 28 1.37 -4.15 9.71
C MET A 28 -0.04 -4.27 10.31
N LYS A 29 -0.63 -3.13 10.70
CA LYS A 29 -1.97 -3.13 11.28
C LYS A 29 -3.01 -3.55 10.24
N TRP A 30 -2.77 -3.19 8.97
CA TRP A 30 -3.70 -3.50 7.86
C TRP A 30 -2.94 -4.03 6.64
N CYS A 31 -1.71 -4.54 6.81
CA CYS A 31 -0.95 -5.05 5.68
C CYS A 31 -1.71 -6.18 4.99
N GLN A 32 -1.76 -6.12 3.66
CA GLN A 32 -2.45 -7.13 2.85
C GLN A 32 -3.97 -7.00 3.01
N ALA A 33 -4.41 -6.74 4.25
CA ALA A 33 -5.83 -6.58 4.56
C ALA A 33 -6.62 -7.81 4.14
N SER A 34 -5.95 -8.97 4.17
CA SER A 34 -6.55 -10.26 3.80
C SER A 34 -6.61 -11.20 5.03
N PRO A 35 -7.77 -11.45 5.61
CA PRO A 35 -7.88 -12.36 6.81
C PRO A 35 -7.24 -13.73 6.56
N GLU A 36 -7.13 -14.10 5.29
CA GLU A 36 -6.55 -15.39 4.91
C GLU A 36 -5.01 -15.35 5.03
N TRP A 37 -4.48 -14.22 5.50
CA TRP A 37 -3.02 -14.05 5.69
C TRP A 37 -2.75 -13.25 6.95
N HIS A 38 -1.47 -13.21 7.36
CA HIS A 38 -1.04 -12.49 8.56
C HIS A 38 0.35 -11.91 8.32
N VAL A 39 0.74 -10.95 9.17
CA VAL A 39 2.05 -10.26 9.09
C VAL A 39 2.81 -10.42 10.43
N PRO A 40 3.64 -11.44 10.61
CA PRO A 40 4.36 -11.63 11.91
C PRO A 40 5.53 -10.64 12.05
N ALA A 41 5.87 -9.96 10.95
CA ALA A 41 6.96 -9.00 10.97
C ALA A 41 6.95 -8.17 9.70
N ALA A 42 7.45 -6.94 9.78
CA ALA A 42 7.50 -6.05 8.63
C ALA A 42 8.46 -4.89 8.89
N GLN A 43 9.14 -4.42 7.84
CA GLN A 43 10.08 -3.30 7.94
C GLN A 43 9.85 -2.33 6.79
N ASN A 44 10.05 -1.02 7.06
CA ASN A 44 9.86 0.02 6.05
C ASN A 44 10.77 1.21 6.38
N ASP A 45 11.74 1.48 5.51
CA ASP A 45 12.69 2.60 5.69
C ASP A 45 12.81 3.37 4.39
N LEU A 46 12.04 4.45 4.28
CA LEU A 46 12.05 5.29 3.08
C LEU A 46 13.23 6.26 3.15
N LYS A 47 14.34 5.86 2.56
CA LYS A 47 15.57 6.67 2.54
C LYS A 47 16.34 6.38 1.26
N ALA A 48 16.88 7.43 0.63
CA ALA A 48 17.65 7.27 -0.62
C ALA A 48 18.77 6.25 -0.43
N GLY A 49 18.78 5.22 -1.27
CA GLY A 49 19.80 4.17 -1.20
C GLY A 49 19.50 3.20 -0.07
N GLY A 50 18.38 3.45 0.63
CA GLY A 50 17.97 2.59 1.75
C GLY A 50 17.28 1.33 1.23
N THR A 51 17.16 0.31 2.10
CA THR A 51 16.52 -0.97 1.75
C THR A 51 15.45 -1.32 2.78
N PHE A 52 14.54 -2.21 2.38
CA PHE A 52 13.44 -2.64 3.26
C PHE A 52 12.98 -4.05 2.88
N THR A 53 12.13 -4.64 3.72
CA THR A 53 11.61 -5.98 3.46
C THR A 53 10.35 -6.21 4.31
N THR A 54 9.36 -6.90 3.72
CA THR A 54 8.09 -7.21 4.41
C THR A 54 7.90 -8.73 4.44
N THR A 55 7.74 -9.29 5.65
CA THR A 55 7.55 -10.74 5.80
C THR A 55 6.05 -11.05 5.85
N MET A 56 5.57 -11.84 4.86
CA MET A 56 4.16 -12.23 4.78
C MET A 56 4.05 -13.75 4.65
N ALA A 57 3.16 -14.36 5.44
CA ALA A 57 2.96 -15.81 5.41
C ALA A 57 1.52 -16.15 5.75
N ALA A 58 1.03 -17.23 5.14
CA ALA A 58 -0.35 -17.69 5.38
C ALA A 58 -0.46 -18.24 6.80
N LYS A 59 -1.65 -18.09 7.40
CA LYS A 59 -1.88 -18.57 8.76
C LYS A 59 -1.61 -20.08 8.85
N ASP A 60 -1.91 -20.79 7.76
CA ASP A 60 -1.69 -22.24 7.70
C ASP A 60 -0.20 -22.54 7.58
N GLY A 61 0.59 -21.50 7.33
CA GLY A 61 2.04 -21.65 7.18
C GLY A 61 2.37 -22.52 5.98
N SER A 62 1.40 -22.69 5.09
CA SER A 62 1.58 -23.50 3.88
C SER A 62 2.23 -22.68 2.77
N MET A 63 2.17 -21.35 2.91
CA MET A 63 2.74 -20.42 1.90
C MET A 63 3.54 -19.33 2.60
N SER A 64 4.68 -18.97 1.99
CA SER A 64 5.55 -17.91 2.52
C SER A 64 6.18 -17.12 1.38
N PHE A 65 6.45 -15.84 1.63
CA PHE A 65 7.07 -14.95 0.63
C PHE A 65 7.79 -13.81 1.32
N ASP A 66 8.70 -13.16 0.58
CA ASP A 66 9.49 -12.03 1.10
C ASP A 66 9.55 -10.92 0.07
N PHE A 67 8.69 -9.90 0.25
CA PHE A 67 8.65 -8.75 -0.68
C PHE A 67 9.53 -7.62 -0.14
N GLY A 68 10.33 -7.03 -1.04
CA GLY A 68 11.22 -5.95 -0.66
C GLY A 68 11.77 -5.25 -1.89
N GLY A 69 12.47 -4.15 -1.67
CA GLY A 69 13.06 -3.37 -2.76
C GLY A 69 14.01 -2.32 -2.22
N VAL A 70 14.55 -1.49 -3.12
CA VAL A 70 15.50 -0.42 -2.73
C VAL A 70 14.91 0.93 -3.12
N TYR A 71 14.88 1.88 -2.16
CA TYR A 71 14.36 3.22 -2.43
C TYR A 71 15.34 4.00 -3.32
N ASP A 72 14.93 4.28 -4.55
CA ASP A 72 15.76 5.02 -5.50
C ASP A 72 15.81 6.50 -5.12
N GLN A 73 14.66 7.02 -4.66
CA GLN A 73 14.57 8.42 -4.25
C GLN A 73 13.30 8.65 -3.43
N VAL A 74 13.36 9.64 -2.53
CA VAL A 74 12.22 9.97 -1.67
C VAL A 74 12.17 11.49 -1.47
N LYS A 75 10.95 12.04 -1.43
CA LYS A 75 10.74 13.47 -1.22
C LYS A 75 9.45 13.67 -0.39
N THR A 76 9.59 14.33 0.77
CA THR A 76 8.46 14.55 1.66
C THR A 76 7.27 15.21 0.93
N ASN A 77 6.12 14.52 0.94
CA ASN A 77 4.91 15.05 0.29
C ASN A 77 5.17 15.47 -1.15
N ASP A 78 5.41 14.49 -2.02
CA ASP A 78 5.68 14.76 -3.43
C ASP A 78 5.62 13.47 -4.25
N LEU A 79 6.69 12.66 -4.17
CA LEU A 79 6.76 11.40 -4.93
C LEU A 79 7.62 10.36 -4.20
N ILE A 80 7.11 9.12 -4.15
CA ILE A 80 7.82 7.99 -3.50
C ILE A 80 7.86 6.81 -4.49
N GLU A 81 9.04 6.22 -4.66
CA GLU A 81 9.21 5.08 -5.58
C GLU A 81 10.37 4.22 -5.09
N TYR A 82 10.42 2.97 -5.57
CA TYR A 82 11.48 2.04 -5.17
C TYR A 82 11.63 0.96 -6.23
N THR A 83 12.83 0.37 -6.29
CA THR A 83 13.13 -0.70 -7.26
C THR A 83 12.98 -2.06 -6.59
N ILE A 84 12.27 -2.98 -7.24
CA ILE A 84 12.05 -4.34 -6.73
C ILE A 84 13.09 -5.29 -7.32
N GLY A 85 13.60 -6.19 -6.48
CA GLY A 85 14.60 -7.15 -6.92
C GLY A 85 14.00 -8.21 -7.83
N ASP A 86 12.91 -7.85 -8.54
CA ASP A 86 12.23 -8.77 -9.48
C ASP A 86 12.27 -8.16 -10.88
N GLY A 87 12.62 -6.88 -10.95
CA GLY A 87 12.71 -6.15 -12.22
C GLY A 87 11.45 -5.32 -12.47
N ARG A 88 10.43 -5.50 -11.62
CA ARG A 88 9.17 -4.76 -11.77
C ARG A 88 9.35 -3.32 -11.31
N LYS A 89 8.68 -2.38 -12.01
CA LYS A 89 8.75 -0.96 -11.70
C LYS A 89 7.42 -0.47 -11.14
N VAL A 90 7.49 0.32 -10.06
CA VAL A 90 6.30 0.87 -9.39
C VAL A 90 6.56 2.35 -9.06
N ARG A 91 5.55 3.19 -9.31
CA ARG A 91 5.64 4.64 -9.03
C ARG A 91 4.36 5.09 -8.33
N ILE A 92 4.52 5.91 -7.27
CA ILE A 92 3.39 6.42 -6.49
C ILE A 92 3.42 7.96 -6.57
N VAL A 93 2.28 8.56 -6.95
CA VAL A 93 2.17 10.04 -7.06
C VAL A 93 1.11 10.54 -6.07
N PHE A 94 1.47 11.56 -5.28
CA PHE A 94 0.54 12.13 -4.29
C PHE A 94 -0.11 13.38 -4.89
N THR A 95 -1.45 13.38 -4.93
CA THR A 95 -2.24 14.50 -5.48
C THR A 95 -3.29 14.91 -4.46
N HIS A 96 -3.51 16.22 -4.33
CA HIS A 96 -4.49 16.76 -3.40
C HIS A 96 -4.97 18.11 -3.90
N THR A 97 -6.23 18.44 -3.60
CA THR A 97 -6.84 19.72 -4.02
C THR A 97 -6.82 20.70 -2.86
N GLY A 98 -6.66 20.17 -1.64
CA GLY A 98 -6.62 21.00 -0.43
C GLY A 98 -6.86 20.13 0.80
N ASP A 99 -8.08 20.20 1.34
CA ASP A 99 -8.43 19.43 2.54
C ASP A 99 -8.66 17.96 2.19
N THR A 100 -8.63 17.64 0.89
CA THR A 100 -8.83 16.27 0.40
C THR A 100 -7.51 15.72 -0.09
N THR A 101 -7.46 14.40 -0.27
CA THR A 101 -6.25 13.71 -0.77
C THR A 101 -6.64 12.56 -1.70
N ASN A 102 -5.93 12.45 -2.84
CA ASN A 102 -6.18 11.37 -3.83
C ASN A 102 -4.88 10.62 -4.10
N ILE A 103 -4.92 9.29 -3.90
CA ILE A 103 -3.74 8.43 -4.11
C ILE A 103 -3.93 7.64 -5.41
N VAL A 104 -2.94 7.72 -6.31
CA VAL A 104 -2.97 7.01 -7.60
C VAL A 104 -1.73 6.12 -7.73
N GLU A 105 -1.91 4.87 -8.17
CA GLU A 105 -0.81 3.91 -8.33
C GLU A 105 -0.98 3.15 -9.64
N SER A 106 0.10 3.06 -10.43
CA SER A 106 0.08 2.34 -11.73
C SER A 106 1.35 1.51 -11.87
N PHE A 107 1.18 0.22 -12.18
CA PHE A 107 2.31 -0.69 -12.34
C PHE A 107 1.89 -1.87 -13.21
N ASP A 108 2.89 -2.66 -13.62
CA ASP A 108 2.67 -3.84 -14.47
C ASP A 108 3.00 -5.13 -13.69
N PRO A 109 2.01 -5.89 -13.19
CA PRO A 109 2.32 -7.13 -12.40
C PRO A 109 2.73 -8.28 -13.31
N GLU A 110 2.81 -9.49 -12.75
CA GLU A 110 3.21 -10.66 -13.52
C GLU A 110 2.28 -10.86 -14.72
N GLU A 111 2.89 -11.19 -15.88
CA GLU A 111 2.12 -11.41 -17.12
C GLU A 111 1.56 -12.83 -17.18
N THR A 112 2.35 -13.79 -16.69
CA THR A 112 1.93 -15.19 -16.69
C THR A 112 0.69 -15.40 -15.83
N ASN A 113 0.59 -14.64 -14.75
CA ASN A 113 -0.55 -14.75 -13.82
C ASN A 113 -1.81 -14.13 -14.46
N PRO A 114 -3.01 -14.59 -14.14
CA PRO A 114 -4.26 -14.01 -14.73
C PRO A 114 -4.45 -12.56 -14.27
N ARG A 115 -4.13 -11.62 -15.16
CA ARG A 115 -4.26 -10.19 -14.86
C ARG A 115 -5.70 -9.83 -14.52
N GLU A 116 -6.65 -10.60 -15.04
CA GLU A 116 -8.07 -10.33 -14.80
C GLU A 116 -8.38 -10.37 -13.30
N LEU A 117 -7.96 -11.45 -12.64
CA LEU A 117 -8.20 -11.61 -11.21
C LEU A 117 -7.43 -10.54 -10.42
N GLN A 118 -6.21 -10.22 -10.87
CA GLN A 118 -5.39 -9.22 -10.19
C GLN A 118 -6.12 -7.88 -10.11
N GLN A 119 -6.82 -7.52 -11.18
CA GLN A 119 -7.55 -6.25 -11.23
C GLN A 119 -8.44 -6.11 -9.98
N SER A 120 -9.18 -7.16 -9.69
CA SER A 120 -10.05 -7.16 -8.50
C SER A 120 -9.21 -7.25 -7.24
N GLY A 121 -8.09 -7.99 -7.30
CA GLY A 121 -7.23 -8.16 -6.14
C GLY A 121 -6.65 -6.83 -5.66
N TRP A 122 -6.04 -6.07 -6.58
CA TRP A 122 -5.46 -4.77 -6.22
C TRP A 122 -6.56 -3.82 -5.74
N GLN A 123 -7.75 -3.93 -6.35
CA GLN A 123 -8.89 -3.08 -5.97
C GLN A 123 -9.47 -3.56 -4.63
N ALA A 124 -9.44 -4.88 -4.39
CA ALA A 124 -9.98 -5.46 -3.16
C ALA A 124 -9.27 -4.93 -1.92
N ILE A 125 -7.93 -4.96 -1.92
CA ILE A 125 -7.15 -4.49 -0.78
C ILE A 125 -7.43 -3.00 -0.53
N LEU A 126 -7.51 -2.23 -1.61
CA LEU A 126 -7.80 -0.80 -1.49
C LEU A 126 -9.20 -0.59 -0.90
N ASN A 127 -10.17 -1.40 -1.32
CA ASN A 127 -11.54 -1.28 -0.83
C ASN A 127 -11.57 -1.57 0.68
N SER A 128 -10.78 -2.57 1.11
CA SER A 128 -10.73 -2.93 2.52
C SER A 128 -10.31 -1.74 3.38
N PHE A 129 -9.33 -0.98 2.89
CA PHE A 129 -8.84 0.18 3.64
C PHE A 129 -9.98 1.18 3.87
N LYS A 130 -10.73 1.47 2.81
CA LYS A 130 -11.85 2.40 2.91
C LYS A 130 -12.92 1.85 3.85
N SER A 131 -13.20 0.56 3.70
CA SER A 131 -14.21 -0.10 4.53
C SER A 131 -13.84 -0.02 6.01
N TYR A 132 -12.55 -0.17 6.29
CA TYR A 132 -12.07 -0.12 7.69
C TYR A 132 -12.40 1.25 8.30
N THR A 133 -12.08 2.32 7.58
CA THR A 133 -12.33 3.67 8.08
C THR A 133 -13.83 3.90 8.27
N GLU A 134 -14.63 3.49 7.28
CA GLU A 134 -16.08 3.66 7.34
C GLU A 134 -16.67 2.78 8.45
N ASN A 135 -16.12 1.58 8.62
CA ASN A 135 -16.60 0.65 9.64
C ASN A 135 -16.39 1.24 11.03
N ASN A 136 -15.23 1.88 11.24
CA ASN A 136 -14.90 2.50 12.53
C ASN A 136 -15.36 3.95 12.55
N LEU A 137 -15.86 4.43 11.40
CA LEU A 137 -16.32 5.82 11.27
C LEU A 137 -15.24 6.81 11.74
N GLU A 138 -15.55 8.10 11.70
CA GLU A 138 -14.58 9.13 12.12
C GLU A 138 -14.37 9.06 13.63
N HIS A 139 -13.65 8.03 14.09
CA HIS A 139 -13.37 7.86 15.52
C HIS A 139 -12.32 6.77 15.71
N HIS A 140 -11.49 6.92 16.74
CA HIS A 140 -10.44 5.94 17.02
C HIS A 140 -11.09 4.61 17.44
N HIS A 141 -10.67 3.52 16.79
CA HIS A 141 -11.22 2.20 17.11
C HIS A 141 -10.67 1.72 18.45
N HIS A 142 -11.49 1.82 19.50
CA HIS A 142 -11.08 1.38 20.83
C HIS A 142 -10.88 -0.14 20.86
N HIS A 143 -9.91 -0.60 21.65
CA HIS A 143 -9.62 -2.04 21.75
C HIS A 143 -9.42 -2.65 20.36
N HIS A 144 -8.17 -2.64 19.89
CA HIS A 144 -7.85 -3.21 18.58
C HIS A 144 -8.16 -4.71 18.55
N GLY A 1 -3.22 -4.10 -21.64
CA GLY A 1 -3.03 -2.88 -20.80
C GLY A 1 -2.44 -3.29 -19.45
N ASN A 2 -1.16 -3.63 -19.46
CA ASN A 2 -0.45 -4.04 -18.24
C ASN A 2 -0.27 -2.85 -17.30
N LYS A 3 -0.46 -1.65 -17.85
CA LYS A 3 -0.32 -0.41 -17.07
C LYS A 3 -1.51 -0.23 -16.12
N ILE A 4 -1.77 -1.23 -15.27
CA ILE A 4 -2.89 -1.16 -14.32
C ILE A 4 -2.82 0.13 -13.53
N THR A 5 -3.98 0.73 -13.32
CA THR A 5 -4.11 1.99 -12.57
C THR A 5 -5.30 1.92 -11.62
N VAL A 6 -5.09 2.35 -10.37
CA VAL A 6 -6.15 2.35 -9.36
C VAL A 6 -6.08 3.63 -8.53
N GLU A 7 -7.21 3.99 -7.90
CA GLU A 7 -7.28 5.20 -7.08
C GLU A 7 -8.23 5.02 -5.90
N VAL A 8 -8.04 5.84 -4.86
CA VAL A 8 -8.89 5.78 -3.66
C VAL A 8 -9.01 7.18 -3.03
N THR A 9 -10.21 7.51 -2.55
CA THR A 9 -10.45 8.81 -1.91
C THR A 9 -10.25 8.67 -0.41
N VAL A 10 -9.37 9.52 0.15
CA VAL A 10 -9.08 9.50 1.61
C VAL A 10 -9.24 10.90 2.19
N TYR A 11 -10.07 11.04 3.24
CA TYR A 11 -10.31 12.33 3.88
C TYR A 11 -9.35 12.51 5.06
N ALA A 12 -8.18 13.05 4.76
CA ALA A 12 -7.16 13.27 5.79
C ALA A 12 -6.02 14.11 5.23
N ALA A 13 -5.35 14.88 6.10
CA ALA A 13 -4.23 15.71 5.66
C ALA A 13 -3.11 14.83 5.12
N ILE A 14 -2.57 15.20 3.95
CA ILE A 14 -1.50 14.42 3.33
C ILE A 14 -0.33 14.23 4.29
N GLU A 15 -0.08 15.21 5.14
CA GLU A 15 1.02 15.14 6.10
C GLU A 15 0.86 13.92 7.00
N LYS A 16 -0.38 13.65 7.43
CA LYS A 16 -0.65 12.49 8.29
C LYS A 16 -0.56 11.20 7.48
N VAL A 17 -1.20 11.19 6.31
CA VAL A 17 -1.21 10.00 5.45
C VAL A 17 0.20 9.64 5.02
N TRP A 18 0.99 10.63 4.64
CA TRP A 18 2.36 10.39 4.19
C TRP A 18 3.16 9.62 5.27
N LYS A 19 2.96 10.00 6.52
CA LYS A 19 3.63 9.35 7.64
C LYS A 19 3.14 7.91 7.83
N TYR A 20 1.81 7.74 7.84
CA TYR A 20 1.21 6.40 8.02
C TYR A 20 1.51 5.50 6.82
N TRP A 21 1.41 6.07 5.63
CA TRP A 21 1.64 5.32 4.40
C TRP A 21 3.10 4.84 4.35
N ASN A 22 3.94 5.43 5.21
CA ASN A 22 5.38 5.09 5.28
C ASN A 22 5.73 4.38 6.60
N GLU A 23 4.90 4.60 7.64
CA GLU A 23 5.15 3.97 8.94
C GLU A 23 4.94 2.45 8.85
N PRO A 24 5.92 1.59 9.16
CA PRO A 24 5.70 0.12 9.04
C PRO A 24 4.71 -0.40 10.09
N ALA A 25 4.69 0.24 11.26
CA ALA A 25 3.79 -0.18 12.33
C ALA A 25 2.33 -0.04 11.89
N HIS A 26 2.05 0.97 11.08
CA HIS A 26 0.68 1.21 10.59
C HIS A 26 0.36 0.28 9.42
N ILE A 27 1.30 0.10 8.49
CA ILE A 27 1.07 -0.76 7.33
C ILE A 27 0.83 -2.22 7.75
N MET A 28 1.69 -2.72 8.63
CA MET A 28 1.59 -4.12 9.10
C MET A 28 0.30 -4.35 9.88
N LYS A 29 -0.39 -3.26 10.25
CA LYS A 29 -1.64 -3.36 11.02
C LYS A 29 -2.82 -3.75 10.11
N TRP A 30 -2.72 -3.38 8.83
CA TRP A 30 -3.78 -3.66 7.84
C TRP A 30 -3.19 -4.22 6.54
N CYS A 31 -1.88 -4.49 6.51
CA CYS A 31 -1.23 -5.04 5.31
C CYS A 31 -2.00 -6.26 4.80
N GLN A 32 -2.15 -6.33 3.48
CA GLN A 32 -2.89 -7.43 2.83
C GLN A 32 -4.39 -7.26 3.11
N ALA A 33 -4.72 -6.86 4.34
CA ALA A 33 -6.10 -6.66 4.76
C ALA A 33 -6.94 -7.91 4.51
N SER A 34 -6.35 -9.09 4.77
CA SER A 34 -7.03 -10.39 4.55
C SER A 34 -6.81 -11.31 5.77
N PRO A 35 -7.81 -12.08 6.22
CA PRO A 35 -7.62 -13.01 7.40
C PRO A 35 -6.82 -14.27 7.04
N GLU A 36 -6.57 -14.50 5.75
CA GLU A 36 -5.82 -15.68 5.30
C GLU A 36 -4.32 -15.38 5.27
N TRP A 37 -3.91 -14.29 5.94
CA TRP A 37 -2.50 -13.89 6.02
C TRP A 37 -2.24 -13.17 7.33
N HIS A 38 -0.98 -13.20 7.76
CA HIS A 38 -0.55 -12.55 9.00
C HIS A 38 0.84 -11.95 8.81
N VAL A 39 1.25 -11.04 9.70
CA VAL A 39 2.57 -10.38 9.61
C VAL A 39 3.30 -10.52 10.96
N PRO A 40 4.03 -11.60 11.20
CA PRO A 40 4.78 -11.81 12.48
C PRO A 40 5.77 -10.68 12.75
N ALA A 41 6.13 -9.97 11.68
CA ALA A 41 7.07 -8.86 11.79
C ALA A 41 7.11 -8.06 10.49
N ALA A 42 7.62 -6.84 10.58
CA ALA A 42 7.76 -5.96 9.41
C ALA A 42 8.78 -4.87 9.67
N GLN A 43 9.51 -4.46 8.62
CA GLN A 43 10.53 -3.42 8.72
C GLN A 43 10.49 -2.54 7.47
N ASN A 44 10.91 -1.27 7.63
CA ASN A 44 10.92 -0.33 6.51
C ASN A 44 11.84 0.86 6.84
N ASP A 45 12.71 1.22 5.89
CA ASP A 45 13.64 2.35 6.05
C ASP A 45 13.40 3.33 4.92
N LEU A 46 12.45 4.24 5.13
CA LEU A 46 12.10 5.22 4.11
C LEU A 46 13.27 6.19 3.89
N LYS A 47 14.12 5.88 2.90
CA LYS A 47 15.28 6.73 2.60
C LYS A 47 15.90 6.31 1.26
N ALA A 48 16.40 7.29 0.50
CA ALA A 48 17.02 6.99 -0.79
C ALA A 48 18.22 6.05 -0.60
N GLY A 49 18.33 5.07 -1.49
CA GLY A 49 19.43 4.09 -1.40
C GLY A 49 19.19 3.10 -0.29
N GLY A 50 18.08 3.28 0.44
CA GLY A 50 17.71 2.39 1.54
C GLY A 50 16.87 1.23 1.02
N THR A 51 16.59 0.25 1.88
CA THR A 51 15.78 -0.93 1.50
C THR A 51 14.81 -1.30 2.61
N PHE A 52 13.93 -2.27 2.33
CA PHE A 52 12.92 -2.72 3.29
C PHE A 52 12.79 -4.24 3.24
N THR A 53 12.10 -4.81 4.23
CA THR A 53 11.89 -6.26 4.29
C THR A 53 10.67 -6.55 5.17
N THR A 54 9.66 -7.22 4.59
CA THR A 54 8.42 -7.56 5.31
C THR A 54 8.20 -9.08 5.26
N THR A 55 8.04 -9.70 6.43
CA THR A 55 7.83 -11.15 6.51
C THR A 55 6.33 -11.44 6.47
N MET A 56 5.87 -12.11 5.39
CA MET A 56 4.45 -12.46 5.22
C MET A 56 4.31 -13.97 5.15
N ALA A 57 3.39 -14.53 5.94
CA ALA A 57 3.16 -15.98 5.96
C ALA A 57 1.66 -16.27 6.13
N ALA A 58 1.20 -17.32 5.46
CA ALA A 58 -0.20 -17.72 5.55
C ALA A 58 -0.49 -18.22 6.96
N LYS A 59 -1.74 -18.02 7.41
CA LYS A 59 -2.12 -18.44 8.75
C LYS A 59 -1.86 -19.94 8.94
N ASP A 60 -2.14 -20.73 7.91
CA ASP A 60 -1.92 -22.18 7.96
C ASP A 60 -0.44 -22.49 7.73
N GLY A 61 0.33 -21.46 7.39
CA GLY A 61 1.76 -21.62 7.14
C GLY A 61 2.01 -22.48 5.90
N SER A 62 0.98 -22.60 5.05
CA SER A 62 1.10 -23.39 3.83
C SER A 62 2.11 -22.77 2.87
N MET A 63 2.16 -21.43 2.85
CA MET A 63 3.08 -20.68 1.97
C MET A 63 3.72 -19.52 2.74
N SER A 64 4.99 -19.22 2.41
CA SER A 64 5.73 -18.13 3.06
C SER A 64 6.62 -17.44 2.04
N PHE A 65 6.80 -16.12 2.17
CA PHE A 65 7.65 -15.36 1.25
C PHE A 65 8.08 -14.06 1.91
N ASP A 66 9.07 -13.39 1.33
CA ASP A 66 9.59 -12.11 1.87
C ASP A 66 9.83 -11.12 0.73
N PHE A 67 9.16 -9.97 0.79
CA PHE A 67 9.31 -8.92 -0.24
C PHE A 67 10.37 -7.91 0.18
N GLY A 68 11.18 -7.48 -0.79
CA GLY A 68 12.24 -6.51 -0.54
C GLY A 68 12.62 -5.77 -1.81
N GLY A 69 13.22 -4.60 -1.64
CA GLY A 69 13.63 -3.78 -2.77
C GLY A 69 14.45 -2.61 -2.28
N VAL A 70 14.87 -1.73 -3.21
CA VAL A 70 15.68 -0.55 -2.88
C VAL A 70 14.99 0.72 -3.36
N TYR A 71 14.90 1.73 -2.48
CA TYR A 71 14.27 3.00 -2.84
C TYR A 71 15.18 3.78 -3.79
N ASP A 72 14.73 3.98 -5.04
CA ASP A 72 15.52 4.72 -6.04
C ASP A 72 15.51 6.22 -5.71
N GLN A 73 14.32 6.75 -5.42
CA GLN A 73 14.15 8.17 -5.09
C GLN A 73 12.97 8.32 -4.13
N VAL A 74 13.09 9.28 -3.20
CA VAL A 74 12.04 9.59 -2.21
C VAL A 74 11.85 11.10 -2.16
N LYS A 75 10.60 11.56 -2.30
CA LYS A 75 10.28 13.00 -2.24
C LYS A 75 8.99 13.17 -1.43
N THR A 76 9.12 13.76 -0.24
CA THR A 76 7.99 13.95 0.65
C THR A 76 6.85 14.74 -0.02
N ASN A 77 5.63 14.22 0.10
CA ASN A 77 4.44 14.86 -0.47
C ASN A 77 4.67 15.24 -1.94
N ASP A 78 5.10 14.27 -2.75
CA ASP A 78 5.37 14.51 -4.18
C ASP A 78 5.32 13.19 -4.96
N LEU A 79 6.42 12.43 -4.92
CA LEU A 79 6.50 11.15 -5.66
C LEU A 79 7.34 10.14 -4.89
N ILE A 80 6.84 8.90 -4.79
CA ILE A 80 7.57 7.82 -4.09
C ILE A 80 7.61 6.59 -4.99
N GLU A 81 8.80 6.00 -5.15
CA GLU A 81 8.97 4.81 -6.00
C GLU A 81 10.13 3.98 -5.49
N TYR A 82 10.18 2.72 -5.91
CA TYR A 82 11.24 1.81 -5.50
C TYR A 82 11.37 0.68 -6.51
N THR A 83 12.56 0.08 -6.58
CA THR A 83 12.83 -1.03 -7.51
C THR A 83 12.63 -2.36 -6.79
N ILE A 84 11.86 -3.26 -7.40
CA ILE A 84 11.58 -4.59 -6.82
C ILE A 84 12.59 -5.59 -7.37
N GLY A 85 12.86 -6.65 -6.61
CA GLY A 85 13.83 -7.65 -7.05
C GLY A 85 13.50 -8.20 -8.43
N ASP A 86 12.21 -8.45 -8.70
CA ASP A 86 11.79 -8.96 -10.00
C ASP A 86 12.14 -7.97 -11.11
N GLY A 87 12.54 -6.77 -10.70
CA GLY A 87 12.91 -5.70 -11.65
C GLY A 87 11.69 -4.84 -11.99
N ARG A 88 10.55 -5.15 -11.38
CA ARG A 88 9.33 -4.38 -11.61
C ARG A 88 9.41 -3.07 -10.83
N LYS A 89 8.88 -1.98 -11.43
CA LYS A 89 8.90 -0.65 -10.80
C LYS A 89 7.51 -0.29 -10.31
N VAL A 90 7.46 0.70 -9.42
CA VAL A 90 6.19 1.19 -8.86
C VAL A 90 6.24 2.70 -8.70
N ARG A 91 5.30 3.40 -9.37
CA ARG A 91 5.20 4.86 -9.32
C ARG A 91 3.94 5.26 -8.57
N ILE A 92 4.08 6.05 -7.49
CA ILE A 92 2.95 6.52 -6.69
C ILE A 92 2.87 8.04 -6.78
N VAL A 93 1.74 8.56 -7.28
CA VAL A 93 1.54 10.02 -7.42
C VAL A 93 0.53 10.50 -6.38
N PHE A 94 0.96 11.39 -5.49
CA PHE A 94 0.08 11.93 -4.44
C PHE A 94 -0.54 13.24 -4.92
N THR A 95 -1.89 13.29 -4.93
CA THR A 95 -2.64 14.47 -5.37
C THR A 95 -3.71 14.80 -4.33
N HIS A 96 -3.95 16.08 -4.12
CA HIS A 96 -4.95 16.54 -3.15
C HIS A 96 -5.48 17.90 -3.57
N THR A 97 -6.76 18.16 -3.26
CA THR A 97 -7.40 19.44 -3.62
C THR A 97 -7.49 20.33 -2.39
N GLY A 98 -7.37 19.71 -1.22
CA GLY A 98 -7.43 20.44 0.05
C GLY A 98 -7.62 19.48 1.22
N ASP A 99 -8.84 19.44 1.75
CA ASP A 99 -9.18 18.57 2.89
C ASP A 99 -9.37 17.12 2.43
N THR A 100 -9.25 16.88 1.12
CA THR A 100 -9.41 15.53 0.53
C THR A 100 -8.11 15.11 -0.17
N THR A 101 -7.56 13.96 0.23
CA THR A 101 -6.32 13.42 -0.36
C THR A 101 -6.65 12.25 -1.28
N ASN A 102 -6.05 12.24 -2.48
CA ASN A 102 -6.26 11.17 -3.48
C ASN A 102 -4.94 10.44 -3.71
N ILE A 103 -4.97 9.11 -3.53
CA ILE A 103 -3.77 8.26 -3.72
C ILE A 103 -3.92 7.50 -5.04
N VAL A 104 -2.93 7.63 -5.93
CA VAL A 104 -2.94 6.94 -7.24
C VAL A 104 -1.73 6.01 -7.32
N GLU A 105 -1.98 4.74 -7.67
CA GLU A 105 -0.91 3.73 -7.78
C GLU A 105 -0.99 3.03 -9.14
N SER A 106 0.09 3.07 -9.91
CA SER A 106 0.15 2.44 -11.24
C SER A 106 1.45 1.66 -11.40
N PHE A 107 1.34 0.38 -11.80
CA PHE A 107 2.50 -0.48 -11.97
C PHE A 107 2.19 -1.63 -12.94
N ASP A 108 3.24 -2.33 -13.38
CA ASP A 108 3.08 -3.45 -14.34
C ASP A 108 3.07 -4.80 -13.57
N PRO A 109 2.00 -5.58 -13.57
CA PRO A 109 1.97 -6.89 -12.84
C PRO A 109 2.72 -7.97 -13.62
N GLU A 110 2.98 -9.11 -12.98
CA GLU A 110 3.70 -10.20 -13.64
C GLU A 110 2.97 -10.65 -14.91
N GLU A 111 3.73 -11.04 -15.92
CA GLU A 111 3.15 -11.50 -17.20
C GLU A 111 2.45 -12.84 -17.04
N THR A 112 3.04 -13.74 -16.26
CA THR A 112 2.48 -15.07 -16.05
C THR A 112 1.13 -15.00 -15.33
N ASN A 113 1.05 -14.16 -14.29
CA ASN A 113 -0.18 -14.02 -13.52
C ASN A 113 -1.23 -13.22 -14.33
N PRO A 114 -2.50 -13.64 -14.38
CA PRO A 114 -3.52 -12.86 -15.16
C PRO A 114 -3.66 -11.43 -14.63
N ARG A 115 -3.66 -10.46 -15.56
CA ARG A 115 -3.77 -9.04 -15.20
C ARG A 115 -5.17 -8.73 -14.64
N GLU A 116 -6.19 -9.36 -15.22
CA GLU A 116 -7.57 -9.11 -14.79
C GLU A 116 -7.76 -9.43 -13.30
N LEU A 117 -7.18 -10.54 -12.85
CA LEU A 117 -7.30 -10.95 -11.45
C LEU A 117 -6.65 -9.91 -10.52
N GLN A 118 -5.46 -9.45 -10.90
CA GLN A 118 -4.73 -8.46 -10.10
C GLN A 118 -5.52 -7.16 -9.99
N GLN A 119 -6.04 -6.69 -11.12
CA GLN A 119 -6.81 -5.44 -11.12
C GLN A 119 -7.91 -5.49 -10.06
N SER A 120 -8.63 -6.61 -10.04
CA SER A 120 -9.69 -6.80 -9.05
C SER A 120 -9.10 -6.91 -7.65
N GLY A 121 -7.96 -7.61 -7.54
CA GLY A 121 -7.31 -7.77 -6.24
C GLY A 121 -6.86 -6.45 -5.65
N TRP A 122 -6.13 -5.65 -6.42
CA TRP A 122 -5.65 -4.36 -5.96
C TRP A 122 -6.82 -3.42 -5.67
N GLN A 123 -7.87 -3.53 -6.49
CA GLN A 123 -9.06 -2.68 -6.30
C GLN A 123 -9.85 -3.14 -5.07
N ALA A 124 -9.91 -4.46 -4.85
CA ALA A 124 -10.64 -5.02 -3.71
C ALA A 124 -10.14 -4.48 -2.37
N ILE A 125 -8.82 -4.55 -2.16
CA ILE A 125 -8.22 -4.07 -0.92
C ILE A 125 -8.46 -2.57 -0.74
N LEU A 126 -8.40 -1.83 -1.85
CA LEU A 126 -8.62 -0.40 -1.81
C LEU A 126 -10.06 -0.10 -1.36
N ASN A 127 -11.02 -0.89 -1.86
CA ASN A 127 -12.42 -0.70 -1.50
C ASN A 127 -12.62 -0.93 -0.01
N SER A 128 -11.95 -1.95 0.52
CA SER A 128 -12.05 -2.27 1.94
C SER A 128 -11.56 -1.11 2.80
N PHE A 129 -10.50 -0.44 2.33
CA PHE A 129 -9.93 0.70 3.06
C PHE A 129 -10.98 1.80 3.23
N LYS A 130 -11.73 2.08 2.18
CA LYS A 130 -12.75 3.13 2.23
C LYS A 130 -13.79 2.81 3.31
N SER A 131 -14.28 1.57 3.31
CA SER A 131 -15.27 1.14 4.29
C SER A 131 -14.68 1.17 5.69
N TYR A 132 -13.46 0.65 5.82
CA TYR A 132 -12.78 0.60 7.11
C TYR A 132 -12.56 2.03 7.65
N THR A 133 -12.06 2.91 6.79
CA THR A 133 -11.80 4.29 7.18
C THR A 133 -13.08 4.99 7.61
N GLU A 134 -14.15 4.81 6.82
CA GLU A 134 -15.44 5.44 7.14
C GLU A 134 -16.04 4.80 8.39
N ASN A 135 -15.80 3.50 8.58
CA ASN A 135 -16.34 2.78 9.75
C ASN A 135 -15.76 3.36 11.04
N ASN A 136 -14.84 4.32 10.91
CA ASN A 136 -14.22 4.94 12.08
C ASN A 136 -15.28 5.59 12.98
N LEU A 137 -16.43 5.91 12.38
CA LEU A 137 -17.53 6.54 13.11
C LEU A 137 -18.80 6.52 12.25
N GLU A 138 -19.96 6.53 12.92
CA GLU A 138 -21.24 6.52 12.21
C GLU A 138 -22.38 6.77 13.20
N HIS A 139 -22.08 7.50 14.28
CA HIS A 139 -23.08 7.81 15.30
C HIS A 139 -23.75 6.53 15.82
N HIS A 140 -23.21 5.97 16.90
CA HIS A 140 -23.76 4.74 17.49
C HIS A 140 -23.28 4.59 18.93
N HIS A 141 -24.12 3.98 19.76
CA HIS A 141 -23.79 3.75 21.17
C HIS A 141 -22.68 2.70 21.28
N HIS A 142 -21.86 2.82 22.32
CA HIS A 142 -20.76 1.87 22.53
C HIS A 142 -21.32 0.49 22.86
N HIS A 143 -20.69 -0.55 22.32
CA HIS A 143 -21.14 -1.93 22.55
C HIS A 143 -21.04 -2.28 24.04
N HIS A 144 -19.90 -1.93 24.63
CA HIS A 144 -19.68 -2.20 26.05
C HIS A 144 -20.69 -1.44 26.91
N GLY A 1 2.13 -4.40 -21.92
CA GLY A 1 2.14 -3.18 -21.07
C GLY A 1 1.60 -3.52 -19.69
N ASN A 2 0.33 -3.90 -19.62
CA ASN A 2 -0.31 -4.26 -18.35
C ASN A 2 -0.16 -3.13 -17.33
N LYS A 3 -0.19 -1.89 -17.82
CA LYS A 3 -0.04 -0.72 -16.95
C LYS A 3 -1.30 -0.51 -16.12
N ILE A 4 -1.70 -1.55 -15.39
CA ILE A 4 -2.89 -1.48 -14.57
C ILE A 4 -2.68 -0.46 -13.47
N THR A 5 -3.69 0.38 -13.24
CA THR A 5 -3.65 1.41 -12.21
C THR A 5 -4.96 1.45 -11.46
N VAL A 6 -4.89 1.85 -10.19
CA VAL A 6 -6.07 1.96 -9.33
C VAL A 6 -6.02 3.27 -8.55
N GLU A 7 -7.18 3.68 -8.02
CA GLU A 7 -7.30 4.92 -7.24
C GLU A 7 -8.20 4.68 -6.05
N VAL A 8 -8.07 5.55 -5.05
CA VAL A 8 -8.88 5.47 -3.83
C VAL A 8 -9.05 6.87 -3.24
N THR A 9 -10.24 7.14 -2.70
CA THR A 9 -10.54 8.45 -2.10
C THR A 9 -10.29 8.35 -0.60
N VAL A 10 -9.41 9.23 -0.09
CA VAL A 10 -9.09 9.26 1.36
C VAL A 10 -9.30 10.68 1.86
N TYR A 11 -10.15 10.84 2.89
CA TYR A 11 -10.42 12.15 3.47
C TYR A 11 -9.45 12.40 4.61
N ALA A 12 -8.29 12.94 4.29
CA ALA A 12 -7.28 13.25 5.29
C ALA A 12 -6.14 14.06 4.66
N ALA A 13 -5.49 14.87 5.49
CA ALA A 13 -4.38 15.70 5.00
C ALA A 13 -3.23 14.80 4.52
N ILE A 14 -2.62 15.15 3.38
CA ILE A 14 -1.53 14.35 2.82
C ILE A 14 -0.42 14.12 3.86
N GLU A 15 -0.15 15.14 4.66
CA GLU A 15 0.90 15.05 5.68
C GLU A 15 0.58 13.95 6.67
N LYS A 16 -0.72 13.77 6.96
CA LYS A 16 -1.15 12.72 7.88
C LYS A 16 -1.05 11.36 7.20
N VAL A 17 -1.57 11.26 5.97
CA VAL A 17 -1.56 10.00 5.22
C VAL A 17 -0.13 9.57 4.95
N TRP A 18 0.71 10.51 4.55
CA TRP A 18 2.10 10.21 4.26
C TRP A 18 2.77 9.52 5.47
N LYS A 19 2.43 9.97 6.67
CA LYS A 19 3.02 9.41 7.87
C LYS A 19 2.65 7.94 8.04
N TYR A 20 1.33 7.66 8.06
CA TYR A 20 0.87 6.28 8.25
C TYR A 20 1.18 5.42 7.05
N TRP A 21 0.95 5.97 5.86
CA TRP A 21 1.18 5.23 4.63
C TRP A 21 2.64 4.78 4.50
N ASN A 22 3.52 5.40 5.31
CA ASN A 22 4.95 5.09 5.31
C ASN A 22 5.34 4.44 6.63
N GLU A 23 4.53 4.64 7.67
CA GLU A 23 4.84 4.05 8.97
C GLU A 23 4.71 2.51 8.90
N PRO A 24 5.75 1.73 9.17
CA PRO A 24 5.66 0.23 9.09
C PRO A 24 4.74 -0.34 10.18
N ALA A 25 4.78 0.27 11.38
CA ALA A 25 3.95 -0.20 12.49
C ALA A 25 2.47 -0.14 12.14
N HIS A 26 2.12 0.84 11.29
CA HIS A 26 0.74 1.00 10.86
C HIS A 26 0.41 0.02 9.72
N ILE A 27 1.29 -0.09 8.73
CA ILE A 27 1.02 -0.97 7.59
C ILE A 27 0.90 -2.42 8.05
N MET A 28 1.84 -2.86 8.88
CA MET A 28 1.85 -4.24 9.36
C MET A 28 0.60 -4.53 10.21
N LYS A 29 -0.22 -3.51 10.43
CA LYS A 29 -1.42 -3.67 11.24
C LYS A 29 -2.62 -4.07 10.36
N TRP A 30 -2.58 -3.62 9.10
CA TRP A 30 -3.65 -3.90 8.13
C TRP A 30 -3.03 -4.30 6.78
N CYS A 31 -1.78 -4.76 6.78
CA CYS A 31 -1.14 -5.17 5.54
C CYS A 31 -1.97 -6.21 4.82
N GLN A 32 -2.20 -6.01 3.53
CA GLN A 32 -3.01 -6.92 2.71
C GLN A 32 -4.47 -6.87 3.14
N ALA A 33 -4.71 -6.57 4.43
CA ALA A 33 -6.06 -6.51 4.98
C ALA A 33 -6.81 -7.79 4.69
N SER A 34 -6.11 -8.94 4.79
CA SER A 34 -6.73 -10.25 4.54
C SER A 34 -6.47 -11.23 5.72
N PRO A 35 -7.47 -11.99 6.16
CA PRO A 35 -7.29 -12.94 7.31
C PRO A 35 -6.46 -14.18 6.91
N GLU A 36 -6.35 -14.43 5.61
CA GLU A 36 -5.60 -15.59 5.10
C GLU A 36 -4.10 -15.29 5.07
N TRP A 37 -3.69 -14.20 5.72
CA TRP A 37 -2.29 -13.81 5.78
C TRP A 37 -2.00 -13.08 7.08
N HIS A 38 -0.72 -13.04 7.43
CA HIS A 38 -0.29 -12.38 8.67
C HIS A 38 1.12 -11.82 8.46
N VAL A 39 1.51 -10.91 9.36
CA VAL A 39 2.84 -10.27 9.30
C VAL A 39 3.52 -10.38 10.69
N PRO A 40 4.40 -11.36 10.91
CA PRO A 40 5.09 -11.51 12.24
C PRO A 40 6.22 -10.49 12.42
N ALA A 41 6.53 -9.76 11.35
CA ALA A 41 7.59 -8.74 11.40
C ALA A 41 7.56 -7.87 10.16
N ALA A 42 8.05 -6.63 10.30
CA ALA A 42 8.10 -5.70 9.18
C ALA A 42 9.09 -4.58 9.48
N GLN A 43 9.77 -4.10 8.43
CA GLN A 43 10.75 -3.02 8.58
C GLN A 43 10.65 -2.07 7.38
N ASN A 44 11.00 -0.81 7.62
CA ASN A 44 10.97 0.21 6.56
C ASN A 44 11.82 1.41 6.97
N ASP A 45 12.63 1.91 6.04
CA ASP A 45 13.50 3.07 6.29
C ASP A 45 13.38 4.05 5.11
N LEU A 46 12.58 5.09 5.30
CA LEU A 46 12.39 6.09 4.25
C LEU A 46 13.67 6.88 4.04
N LYS A 47 14.46 6.45 3.06
CA LYS A 47 15.70 7.11 2.75
C LYS A 47 16.25 6.60 1.43
N ALA A 48 16.89 7.48 0.67
CA ALA A 48 17.47 7.11 -0.62
C ALA A 48 18.54 6.04 -0.42
N GLY A 49 18.54 5.04 -1.28
CA GLY A 49 19.53 3.95 -1.20
C GLY A 49 19.28 3.10 0.05
N GLY A 50 18.20 3.41 0.77
CA GLY A 50 17.83 2.65 1.96
C GLY A 50 17.19 1.33 1.56
N THR A 51 17.42 0.28 2.37
CA THR A 51 16.86 -1.06 2.11
C THR A 51 15.76 -1.34 3.11
N PHE A 52 14.83 -2.21 2.72
CA PHE A 52 13.69 -2.59 3.56
C PHE A 52 13.42 -4.08 3.39
N THR A 53 12.77 -4.67 4.39
CA THR A 53 12.43 -6.10 4.34
C THR A 53 11.13 -6.32 5.11
N THR A 54 10.15 -6.97 4.46
CA THR A 54 8.86 -7.27 5.10
C THR A 54 8.62 -8.79 5.03
N THR A 55 8.45 -9.41 6.20
CA THR A 55 8.21 -10.85 6.28
C THR A 55 6.71 -11.12 6.28
N MET A 56 6.23 -11.94 5.35
CA MET A 56 4.81 -12.28 5.26
C MET A 56 4.67 -13.79 5.03
N ALA A 57 3.73 -14.41 5.75
CA ALA A 57 3.50 -15.84 5.63
C ALA A 57 2.02 -16.14 5.86
N ALA A 58 1.53 -17.16 5.16
CA ALA A 58 0.13 -17.58 5.29
C ALA A 58 -0.12 -18.10 6.70
N LYS A 59 -1.34 -17.92 7.20
CA LYS A 59 -1.69 -18.36 8.54
C LYS A 59 -1.44 -19.87 8.68
N ASP A 60 -1.78 -20.62 7.64
CA ASP A 60 -1.58 -22.07 7.65
C ASP A 60 -0.11 -22.40 7.45
N GLY A 61 0.68 -21.38 7.10
CA GLY A 61 2.11 -21.56 6.87
C GLY A 61 2.35 -22.38 5.60
N SER A 62 1.30 -22.53 4.80
CA SER A 62 1.42 -23.30 3.55
C SER A 62 2.33 -22.61 2.55
N MET A 63 2.31 -21.26 2.58
CA MET A 63 3.14 -20.44 1.68
C MET A 63 3.91 -19.40 2.49
N SER A 64 5.09 -19.04 2.00
CA SER A 64 5.95 -18.05 2.65
C SER A 64 6.66 -17.22 1.59
N PHE A 65 6.83 -15.92 1.87
CA PHE A 65 7.51 -15.03 0.95
C PHE A 65 7.97 -13.79 1.70
N ASP A 66 8.97 -13.10 1.14
CA ASP A 66 9.53 -11.88 1.76
C ASP A 66 9.79 -10.82 0.68
N PHE A 67 9.30 -9.60 0.91
CA PHE A 67 9.50 -8.50 -0.03
C PHE A 67 10.72 -7.68 0.39
N GLY A 68 11.56 -7.35 -0.57
CA GLY A 68 12.77 -6.57 -0.32
C GLY A 68 13.15 -5.78 -1.56
N GLY A 69 13.77 -4.62 -1.35
CA GLY A 69 14.18 -3.77 -2.44
C GLY A 69 14.89 -2.54 -1.91
N VAL A 70 15.19 -1.58 -2.79
CA VAL A 70 15.89 -0.34 -2.41
C VAL A 70 15.14 0.86 -3.00
N TYR A 71 15.04 1.93 -2.20
CA TYR A 71 14.38 3.16 -2.65
C TYR A 71 15.28 3.89 -3.63
N ASP A 72 14.75 4.14 -4.83
CA ASP A 72 15.49 4.86 -5.87
C ASP A 72 15.49 6.35 -5.56
N GLN A 73 14.40 6.82 -4.95
CA GLN A 73 14.29 8.24 -4.59
C GLN A 73 13.13 8.42 -3.60
N VAL A 74 13.30 9.37 -2.66
CA VAL A 74 12.28 9.68 -1.65
C VAL A 74 12.14 11.19 -1.53
N LYS A 75 10.89 11.68 -1.59
CA LYS A 75 10.61 13.11 -1.45
C LYS A 75 9.30 13.28 -0.68
N THR A 76 9.40 13.91 0.49
CA THR A 76 8.23 14.14 1.33
C THR A 76 7.16 14.92 0.58
N ASN A 77 5.92 14.46 0.69
CA ASN A 77 4.79 15.11 0.02
C ASN A 77 5.04 15.27 -1.48
N ASP A 78 5.33 14.16 -2.16
CA ASP A 78 5.59 14.19 -3.60
C ASP A 78 5.28 12.83 -4.23
N LEU A 79 6.21 11.89 -4.07
CA LEU A 79 6.03 10.54 -4.62
C LEU A 79 7.00 9.59 -3.96
N ILE A 80 6.70 8.29 -4.06
CA ILE A 80 7.56 7.22 -3.53
C ILE A 80 7.67 6.11 -4.58
N GLU A 81 8.88 5.54 -4.70
CA GLU A 81 9.14 4.46 -5.64
C GLU A 81 10.30 3.62 -5.11
N TYR A 82 10.40 2.39 -5.63
CA TYR A 82 11.46 1.47 -5.23
C TYR A 82 11.61 0.39 -6.31
N THR A 83 12.71 -0.35 -6.24
CA THR A 83 13.01 -1.42 -7.21
C THR A 83 13.17 -2.74 -6.46
N ILE A 84 12.53 -3.79 -6.97
CA ILE A 84 12.59 -5.13 -6.37
C ILE A 84 13.60 -5.99 -7.12
N GLY A 85 14.16 -6.96 -6.42
CA GLY A 85 15.14 -7.87 -7.01
C GLY A 85 14.58 -8.55 -8.26
N ASP A 86 13.32 -8.95 -8.20
CA ASP A 86 12.68 -9.60 -9.34
C ASP A 86 12.66 -8.68 -10.56
N GLY A 87 12.85 -7.37 -10.31
CA GLY A 87 12.86 -6.35 -11.38
C GLY A 87 11.54 -5.58 -11.40
N ARG A 88 10.60 -5.96 -10.54
CA ARG A 88 9.31 -5.28 -10.48
C ARG A 88 9.52 -3.85 -9.99
N LYS A 89 8.69 -2.93 -10.48
CA LYS A 89 8.78 -1.52 -10.12
C LYS A 89 7.39 -0.97 -9.86
N VAL A 90 7.30 -0.05 -8.90
CA VAL A 90 6.03 0.58 -8.54
C VAL A 90 6.29 2.05 -8.23
N ARG A 91 5.39 2.91 -8.72
CA ARG A 91 5.47 4.36 -8.49
C ARG A 91 4.19 4.79 -7.79
N ILE A 92 4.34 5.54 -6.70
CA ILE A 92 3.20 6.06 -5.92
C ILE A 92 3.23 7.58 -5.99
N VAL A 93 2.16 8.18 -6.51
CA VAL A 93 2.05 9.65 -6.62
C VAL A 93 0.87 10.10 -5.76
N PHE A 94 1.12 11.07 -4.89
CA PHE A 94 0.08 11.62 -4.02
C PHE A 94 -0.50 12.88 -4.66
N THR A 95 -1.82 12.89 -4.87
CA THR A 95 -2.52 14.02 -5.47
C THR A 95 -3.57 14.53 -4.50
N HIS A 96 -3.78 15.83 -4.49
CA HIS A 96 -4.76 16.47 -3.61
C HIS A 96 -5.24 17.77 -4.24
N THR A 97 -6.38 18.26 -3.76
CA THR A 97 -6.97 19.51 -4.27
C THR A 97 -7.38 20.41 -3.10
N GLY A 98 -8.08 19.83 -2.12
CA GLY A 98 -8.53 20.59 -0.96
C GLY A 98 -9.43 19.76 -0.06
N ASP A 99 -9.02 19.57 1.20
CA ASP A 99 -9.78 18.78 2.15
C ASP A 99 -10.03 17.37 1.63
N THR A 100 -9.27 16.98 0.59
CA THR A 100 -9.40 15.65 -0.01
C THR A 100 -8.06 15.24 -0.61
N THR A 101 -7.71 13.96 -0.43
CA THR A 101 -6.46 13.40 -0.96
C THR A 101 -6.79 12.17 -1.79
N ASN A 102 -6.20 12.11 -3.00
CA ASN A 102 -6.40 10.98 -3.92
C ASN A 102 -5.05 10.29 -4.15
N ILE A 103 -4.99 8.99 -3.86
CA ILE A 103 -3.77 8.21 -4.06
C ILE A 103 -3.87 7.49 -5.40
N VAL A 104 -2.85 7.64 -6.25
CA VAL A 104 -2.81 7.01 -7.57
C VAL A 104 -1.58 6.13 -7.66
N GLU A 105 -1.76 4.89 -8.14
CA GLU A 105 -0.66 3.94 -8.27
C GLU A 105 -0.80 3.22 -9.62
N SER A 106 0.33 3.10 -10.33
CA SER A 106 0.36 2.42 -11.64
C SER A 106 1.61 1.57 -11.72
N PHE A 107 1.45 0.30 -12.12
CA PHE A 107 2.58 -0.62 -12.23
C PHE A 107 2.24 -1.73 -13.22
N ASP A 108 3.25 -2.53 -13.57
CA ASP A 108 3.08 -3.64 -14.52
C ASP A 108 3.26 -4.99 -13.80
N PRO A 109 2.18 -5.63 -13.30
CA PRO A 109 2.29 -6.93 -12.57
C PRO A 109 2.50 -8.10 -13.53
N GLU A 110 2.34 -9.32 -13.02
CA GLU A 110 2.52 -10.52 -13.84
C GLU A 110 1.63 -10.45 -15.08
N GLU A 111 2.26 -10.42 -16.26
CA GLU A 111 1.54 -10.36 -17.52
C GLU A 111 0.81 -11.67 -17.78
N THR A 112 1.40 -12.76 -17.31
CA THR A 112 0.81 -14.08 -17.51
C THR A 112 -0.53 -14.17 -16.82
N ASN A 113 -0.62 -13.64 -15.60
CA ASN A 113 -1.88 -13.69 -14.86
C ASN A 113 -2.93 -12.78 -15.51
N PRO A 114 -4.23 -13.11 -15.45
CA PRO A 114 -5.29 -12.24 -16.05
C PRO A 114 -5.27 -10.81 -15.48
N ARG A 115 -5.46 -9.83 -16.35
CA ARG A 115 -5.48 -8.43 -15.91
C ARG A 115 -6.71 -8.19 -15.04
N GLU A 116 -7.83 -8.78 -15.42
CA GLU A 116 -9.08 -8.61 -14.68
C GLU A 116 -8.95 -9.17 -13.27
N LEU A 117 -8.34 -10.37 -13.15
CA LEU A 117 -8.19 -11.00 -11.84
C LEU A 117 -7.34 -10.14 -10.94
N GLN A 118 -6.17 -9.78 -11.44
CA GLN A 118 -5.24 -8.96 -10.67
C GLN A 118 -5.87 -7.61 -10.30
N GLN A 119 -6.41 -6.93 -11.32
CA GLN A 119 -7.05 -5.64 -11.10
C GLN A 119 -8.18 -5.76 -10.09
N SER A 120 -8.96 -6.83 -10.20
CA SER A 120 -10.09 -7.07 -9.30
C SER A 120 -9.60 -7.14 -7.84
N GLY A 121 -8.38 -7.65 -7.66
CA GLY A 121 -7.80 -7.79 -6.31
C GLY A 121 -7.28 -6.45 -5.78
N TRP A 122 -6.56 -5.70 -6.63
CA TRP A 122 -6.00 -4.41 -6.24
C TRP A 122 -7.09 -3.42 -5.80
N GLN A 123 -8.20 -3.42 -6.51
CA GLN A 123 -9.31 -2.52 -6.19
C GLN A 123 -10.07 -3.02 -4.95
N ALA A 124 -10.16 -4.34 -4.82
CA ALA A 124 -10.89 -4.96 -3.70
C ALA A 124 -10.31 -4.54 -2.35
N ILE A 125 -8.99 -4.68 -2.20
CA ILE A 125 -8.33 -4.30 -0.96
C ILE A 125 -8.54 -2.80 -0.70
N LEU A 126 -8.53 -2.01 -1.76
CA LEU A 126 -8.74 -0.57 -1.64
C LEU A 126 -10.16 -0.28 -1.15
N ASN A 127 -11.12 -1.07 -1.61
CA ASN A 127 -12.51 -0.86 -1.21
C ASN A 127 -12.67 -1.04 0.30
N SER A 128 -11.99 -2.05 0.85
CA SER A 128 -12.06 -2.32 2.29
C SER A 128 -11.54 -1.14 3.09
N PHE A 129 -10.53 -0.46 2.52
CA PHE A 129 -9.93 0.70 3.20
C PHE A 129 -10.97 1.78 3.44
N LYS A 130 -11.84 2.00 2.45
CA LYS A 130 -12.88 3.03 2.56
C LYS A 130 -13.79 2.74 3.77
N SER A 131 -14.12 1.46 3.95
CA SER A 131 -14.97 1.07 5.07
C SER A 131 -14.32 1.45 6.40
N TYR A 132 -13.01 1.24 6.48
CA TYR A 132 -12.27 1.55 7.71
C TYR A 132 -12.37 3.04 8.03
N THR A 133 -12.14 3.88 7.03
CA THR A 133 -12.19 5.33 7.22
C THR A 133 -13.59 5.75 7.66
N GLU A 134 -14.60 5.06 7.14
CA GLU A 134 -15.99 5.39 7.49
C GLU A 134 -16.25 5.10 8.96
N ASN A 135 -15.59 4.05 9.49
CA ASN A 135 -15.77 3.66 10.88
C ASN A 135 -15.01 4.60 11.82
N ASN A 136 -14.04 5.33 11.27
CA ASN A 136 -13.25 6.27 12.06
C ASN A 136 -14.08 7.47 12.50
N LEU A 137 -15.21 7.68 11.83
CA LEU A 137 -16.10 8.79 12.15
C LEU A 137 -16.63 8.66 13.56
N GLU A 138 -17.01 7.44 13.95
CA GLU A 138 -17.53 7.21 15.29
C GLU A 138 -16.45 7.52 16.32
N HIS A 139 -16.33 8.81 16.66
CA HIS A 139 -15.35 9.24 17.65
C HIS A 139 -15.61 10.70 18.03
N HIS A 140 -15.05 11.63 17.27
CA HIS A 140 -15.21 13.06 17.54
C HIS A 140 -14.76 13.41 18.97
N HIS A 141 -14.16 12.43 19.66
CA HIS A 141 -13.68 12.60 21.04
C HIS A 141 -12.16 12.76 21.05
N HIS A 142 -11.69 13.83 20.42
CA HIS A 142 -10.26 14.11 20.36
C HIS A 142 -9.72 14.37 21.76
N HIS A 143 -10.50 15.12 22.55
CA HIS A 143 -10.11 15.46 23.92
C HIS A 143 -8.70 16.06 23.95
N HIS A 144 -8.61 17.38 23.77
CA HIS A 144 -7.32 18.06 23.77
C HIS A 144 -7.52 19.58 23.82
N GLY A 1 2.78 2.12 -20.90
CA GLY A 1 1.54 1.69 -21.61
C GLY A 1 0.38 1.66 -20.62
N ASN A 2 0.69 1.86 -19.33
CA ASN A 2 -0.34 1.85 -18.29
C ASN A 2 -1.14 0.54 -18.32
N LYS A 3 -0.58 -0.52 -17.73
CA LYS A 3 -1.24 -1.83 -17.71
C LYS A 3 -2.45 -1.80 -16.79
N ILE A 4 -2.20 -1.67 -15.48
CA ILE A 4 -3.25 -1.61 -14.45
C ILE A 4 -3.00 -0.42 -13.53
N THR A 5 -4.07 0.32 -13.25
CA THR A 5 -4.03 1.50 -12.37
C THR A 5 -5.22 1.44 -11.42
N VAL A 6 -4.99 1.80 -10.15
CA VAL A 6 -6.04 1.82 -9.12
C VAL A 6 -5.92 3.10 -8.31
N GLU A 7 -7.04 3.53 -7.74
CA GLU A 7 -7.06 4.76 -6.92
C GLU A 7 -8.12 4.66 -5.81
N VAL A 8 -7.98 5.53 -4.80
CA VAL A 8 -8.94 5.57 -3.68
C VAL A 8 -9.05 7.01 -3.16
N THR A 9 -10.28 7.40 -2.81
CA THR A 9 -10.54 8.74 -2.27
C THR A 9 -10.40 8.71 -0.74
N VAL A 10 -9.47 9.50 -0.20
CA VAL A 10 -9.24 9.56 1.25
C VAL A 10 -9.43 11.00 1.72
N TYR A 11 -10.32 11.20 2.71
CA TYR A 11 -10.59 12.53 3.25
C TYR A 11 -9.70 12.77 4.48
N ALA A 12 -8.50 13.30 4.22
CA ALA A 12 -7.54 13.59 5.28
C ALA A 12 -6.38 14.40 4.73
N ALA A 13 -5.74 15.18 5.60
CA ALA A 13 -4.60 16.01 5.17
C ALA A 13 -3.46 15.09 4.69
N ILE A 14 -2.87 15.43 3.55
CA ILE A 14 -1.78 14.62 2.98
C ILE A 14 -0.67 14.35 4.00
N GLU A 15 -0.39 15.33 4.85
CA GLU A 15 0.65 15.19 5.85
C GLU A 15 0.34 14.03 6.79
N LYS A 16 -0.95 13.83 7.08
CA LYS A 16 -1.38 12.73 7.95
C LYS A 16 -1.31 11.40 7.18
N VAL A 17 -1.80 11.41 5.94
CA VAL A 17 -1.82 10.21 5.10
C VAL A 17 -0.39 9.75 4.82
N TRP A 18 0.51 10.69 4.49
CA TRP A 18 1.89 10.33 4.19
C TRP A 18 2.52 9.58 5.37
N LYS A 19 2.33 10.10 6.57
CA LYS A 19 2.87 9.47 7.77
C LYS A 19 2.22 8.10 8.00
N TYR A 20 0.90 8.02 7.86
CA TYR A 20 0.18 6.76 8.07
C TYR A 20 0.56 5.73 7.01
N TRP A 21 0.61 6.18 5.75
CA TRP A 21 0.95 5.30 4.63
C TRP A 21 2.41 4.87 4.70
N ASN A 22 3.22 5.63 5.47
CA ASN A 22 4.66 5.37 5.62
C ASN A 22 4.94 4.59 6.91
N GLU A 23 4.07 4.73 7.90
CA GLU A 23 4.27 4.05 9.18
C GLU A 23 4.19 2.52 8.95
N PRO A 24 5.23 1.72 9.23
CA PRO A 24 5.17 0.25 8.99
C PRO A 24 4.27 -0.47 10.00
N ALA A 25 4.28 0.00 11.24
CA ALA A 25 3.47 -0.62 12.29
C ALA A 25 1.98 -0.58 11.92
N HIS A 26 1.54 0.53 11.38
CA HIS A 26 0.13 0.67 10.98
C HIS A 26 -0.19 -0.26 9.82
N ILE A 27 0.72 -0.39 8.86
CA ILE A 27 0.48 -1.27 7.70
C ILE A 27 0.36 -2.72 8.18
N MET A 28 1.24 -3.15 9.08
CA MET A 28 1.21 -4.52 9.59
C MET A 28 -0.15 -4.88 10.19
N LYS A 29 -1.02 -3.87 10.39
CA LYS A 29 -2.36 -4.10 10.96
C LYS A 29 -3.37 -4.45 9.86
N TRP A 30 -3.12 -3.94 8.64
CA TRP A 30 -4.01 -4.19 7.49
C TRP A 30 -3.21 -4.51 6.22
N CYS A 31 -1.96 -4.97 6.36
CA CYS A 31 -1.15 -5.30 5.19
C CYS A 31 -1.84 -6.33 4.32
N GLN A 32 -1.91 -6.06 3.01
CA GLN A 32 -2.57 -6.95 2.04
C GLN A 32 -4.08 -7.00 2.31
N ALA A 33 -4.48 -6.79 3.57
CA ALA A 33 -5.89 -6.82 3.96
C ALA A 33 -6.60 -8.05 3.40
N SER A 34 -5.83 -9.13 3.23
CA SER A 34 -6.35 -10.40 2.67
C SER A 34 -6.43 -11.47 3.79
N PRO A 35 -7.52 -12.24 3.91
CA PRO A 35 -7.62 -13.29 4.98
C PRO A 35 -6.75 -14.51 4.68
N GLU A 36 -6.32 -14.67 3.42
CA GLU A 36 -5.49 -15.80 3.00
C GLU A 36 -4.02 -15.51 3.23
N TRP A 37 -3.73 -14.39 3.90
CA TRP A 37 -2.34 -13.99 4.21
C TRP A 37 -2.28 -13.23 5.53
N HIS A 38 -1.10 -13.25 6.14
CA HIS A 38 -0.85 -12.58 7.42
C HIS A 38 0.57 -12.01 7.42
N VAL A 39 0.75 -10.92 8.17
CA VAL A 39 2.05 -10.22 8.27
C VAL A 39 2.61 -10.38 9.70
N PRO A 40 3.39 -11.42 9.99
CA PRO A 40 3.94 -11.62 11.38
C PRO A 40 5.09 -10.65 11.66
N ALA A 41 5.59 -9.98 10.62
CA ALA A 41 6.68 -9.02 10.78
C ALA A 41 6.88 -8.23 9.49
N ALA A 42 7.39 -7.00 9.63
CA ALA A 42 7.68 -6.15 8.47
C ALA A 42 8.65 -5.04 8.87
N GLN A 43 9.43 -4.58 7.88
CA GLN A 43 10.42 -3.50 8.10
C GLN A 43 10.40 -2.54 6.91
N ASN A 44 10.73 -1.28 7.17
CA ASN A 44 10.77 -0.25 6.12
C ASN A 44 11.59 0.94 6.59
N ASP A 45 12.53 1.40 5.72
CA ASP A 45 13.39 2.54 6.02
C ASP A 45 13.37 3.53 4.87
N LEU A 46 12.54 4.57 5.00
CA LEU A 46 12.41 5.59 3.96
C LEU A 46 13.68 6.46 3.91
N LYS A 47 14.60 6.09 3.02
CA LYS A 47 15.84 6.83 2.86
C LYS A 47 16.55 6.37 1.59
N ALA A 48 17.14 7.31 0.85
CA ALA A 48 17.84 6.99 -0.38
C ALA A 48 18.98 6.02 -0.11
N GLY A 49 19.14 5.01 -0.97
CA GLY A 49 20.20 4.02 -0.81
C GLY A 49 19.85 3.05 0.32
N GLY A 50 18.69 3.28 0.96
CA GLY A 50 18.23 2.41 2.05
C GLY A 50 17.52 1.19 1.48
N THR A 51 17.32 0.17 2.32
CA THR A 51 16.66 -1.10 1.92
C THR A 51 15.49 -1.40 2.84
N PHE A 52 14.55 -2.22 2.34
CA PHE A 52 13.35 -2.63 3.10
C PHE A 52 13.14 -4.13 3.00
N THR A 53 12.42 -4.70 3.99
CA THR A 53 12.13 -6.14 4.01
C THR A 53 10.77 -6.38 4.65
N THR A 54 9.84 -6.98 3.88
CA THR A 54 8.48 -7.28 4.36
C THR A 54 8.28 -8.79 4.41
N THR A 55 8.10 -9.35 5.62
CA THR A 55 7.91 -10.79 5.78
C THR A 55 6.43 -11.12 5.71
N MET A 56 6.02 -11.87 4.69
CA MET A 56 4.61 -12.27 4.49
C MET A 56 4.55 -13.79 4.29
N ALA A 57 3.63 -14.45 4.99
CA ALA A 57 3.47 -15.91 4.88
C ALA A 57 2.01 -16.29 5.12
N ALA A 58 1.57 -17.33 4.42
CA ALA A 58 0.21 -17.82 4.57
C ALA A 58 0.01 -18.39 5.98
N LYS A 59 -1.19 -18.26 6.51
CA LYS A 59 -1.49 -18.75 7.86
C LYS A 59 -1.16 -20.25 7.97
N ASP A 60 -1.34 -20.99 6.87
CA ASP A 60 -1.07 -22.42 6.85
C ASP A 60 0.42 -22.67 6.60
N GLY A 61 1.15 -21.59 6.32
CA GLY A 61 2.59 -21.69 6.08
C GLY A 61 2.88 -22.52 4.83
N SER A 62 1.86 -22.73 4.00
CA SER A 62 2.01 -23.50 2.77
C SER A 62 3.03 -22.86 1.85
N MET A 63 3.03 -21.51 1.79
CA MET A 63 3.96 -20.75 0.95
C MET A 63 4.34 -19.45 1.63
N SER A 64 5.58 -19.01 1.42
CA SER A 64 6.10 -17.76 2.01
C SER A 64 7.03 -17.08 1.02
N PHE A 65 7.17 -15.75 1.17
CA PHE A 65 8.04 -14.97 0.29
C PHE A 65 8.51 -13.73 1.04
N ASP A 66 9.55 -13.07 0.50
CA ASP A 66 10.12 -11.86 1.11
C ASP A 66 10.44 -10.82 0.03
N PHE A 67 9.81 -9.64 0.12
CA PHE A 67 10.03 -8.55 -0.85
C PHE A 67 11.11 -7.61 -0.34
N GLY A 68 12.02 -7.21 -1.24
CA GLY A 68 13.12 -6.31 -0.88
C GLY A 68 13.58 -5.54 -2.11
N GLY A 69 14.15 -4.37 -1.86
CA GLY A 69 14.64 -3.52 -2.93
C GLY A 69 15.35 -2.30 -2.35
N VAL A 70 15.73 -1.36 -3.22
CA VAL A 70 16.44 -0.14 -2.79
C VAL A 70 15.67 1.10 -3.25
N TYR A 71 15.48 2.07 -2.35
CA TYR A 71 14.77 3.31 -2.69
C TYR A 71 15.62 4.17 -3.61
N ASP A 72 15.10 4.47 -4.81
CA ASP A 72 15.82 5.30 -5.77
C ASP A 72 15.81 6.76 -5.31
N GLN A 73 14.65 7.20 -4.82
CA GLN A 73 14.49 8.58 -4.33
C GLN A 73 13.28 8.66 -3.41
N VAL A 74 13.37 9.54 -2.39
CA VAL A 74 12.28 9.73 -1.42
C VAL A 74 12.07 11.23 -1.19
N LYS A 75 10.82 11.68 -1.30
CA LYS A 75 10.47 13.09 -1.09
C LYS A 75 9.08 13.16 -0.45
N THR A 76 9.00 13.78 0.73
CA THR A 76 7.74 13.89 1.47
C THR A 76 6.66 14.60 0.63
N ASN A 77 5.49 13.96 0.54
CA ASN A 77 4.37 14.52 -0.19
C ASN A 77 4.75 14.87 -1.63
N ASP A 78 5.25 13.88 -2.37
CA ASP A 78 5.65 14.08 -3.77
C ASP A 78 5.63 12.76 -4.55
N LEU A 79 6.70 11.98 -4.45
CA LEU A 79 6.80 10.70 -5.18
C LEU A 79 7.65 9.70 -4.38
N ILE A 80 7.17 8.45 -4.30
CA ILE A 80 7.89 7.37 -3.61
C ILE A 80 7.99 6.18 -4.57
N GLU A 81 9.20 5.67 -4.77
CA GLU A 81 9.42 4.53 -5.67
C GLU A 81 10.66 3.76 -5.21
N TYR A 82 10.81 2.54 -5.72
CA TYR A 82 11.95 1.69 -5.36
C TYR A 82 12.18 0.66 -6.46
N THR A 83 13.43 0.19 -6.57
CA THR A 83 13.81 -0.80 -7.58
C THR A 83 13.58 -2.21 -7.02
N ILE A 84 12.91 -3.06 -7.81
CA ILE A 84 12.61 -4.45 -7.41
C ILE A 84 13.54 -5.40 -8.16
N GLY A 85 13.94 -6.47 -7.48
CA GLY A 85 14.85 -7.46 -8.09
C GLY A 85 14.32 -7.94 -9.44
N ASP A 86 13.02 -8.20 -9.51
CA ASP A 86 12.40 -8.67 -10.76
C ASP A 86 12.56 -7.62 -11.86
N GLY A 87 12.78 -6.36 -11.45
CA GLY A 87 12.97 -5.26 -12.40
C GLY A 87 11.64 -4.58 -12.73
N ARG A 88 10.55 -5.03 -12.10
CA ARG A 88 9.23 -4.43 -12.35
C ARG A 88 9.23 -2.98 -11.85
N LYS A 89 8.59 -2.09 -12.60
CA LYS A 89 8.52 -0.66 -12.26
C LYS A 89 7.26 -0.39 -11.44
N VAL A 90 7.46 0.15 -10.23
CA VAL A 90 6.36 0.50 -9.31
C VAL A 90 6.63 1.88 -8.72
N ARG A 91 5.69 2.79 -8.92
CA ARG A 91 5.78 4.17 -8.40
C ARG A 91 4.44 4.59 -7.80
N ILE A 92 4.50 5.34 -6.70
CA ILE A 92 3.29 5.82 -6.01
C ILE A 92 3.24 7.35 -6.16
N VAL A 93 2.13 7.87 -6.69
CA VAL A 93 1.95 9.32 -6.89
C VAL A 93 0.94 9.84 -5.86
N PHE A 94 1.34 10.87 -5.09
CA PHE A 94 0.48 11.48 -4.07
C PHE A 94 -0.07 12.80 -4.59
N THR A 95 -1.41 12.90 -4.63
CA THR A 95 -2.10 14.11 -5.11
C THR A 95 -3.17 14.50 -4.10
N HIS A 96 -3.44 15.80 -4.00
CA HIS A 96 -4.44 16.33 -3.07
C HIS A 96 -5.03 17.61 -3.62
N THR A 97 -6.26 17.91 -3.19
CA THR A 97 -6.99 19.11 -3.64
C THR A 97 -7.60 19.84 -2.43
N GLY A 98 -6.83 19.89 -1.34
CA GLY A 98 -7.28 20.54 -0.11
C GLY A 98 -8.34 19.70 0.60
N ASP A 99 -8.16 19.49 1.91
CA ASP A 99 -9.08 18.69 2.73
C ASP A 99 -9.44 17.36 2.06
N THR A 100 -8.62 16.96 1.08
CA THR A 100 -8.84 15.72 0.33
C THR A 100 -7.51 15.19 -0.21
N THR A 101 -7.29 13.88 -0.06
CA THR A 101 -6.06 13.21 -0.54
C THR A 101 -6.44 12.00 -1.40
N ASN A 102 -5.83 11.90 -2.59
CA ASN A 102 -6.06 10.79 -3.52
C ASN A 102 -4.74 10.03 -3.73
N ILE A 103 -4.77 8.71 -3.51
CA ILE A 103 -3.58 7.85 -3.68
C ILE A 103 -3.70 7.13 -5.02
N VAL A 104 -2.69 7.28 -5.90
CA VAL A 104 -2.69 6.63 -7.22
C VAL A 104 -1.41 5.80 -7.37
N GLU A 105 -1.56 4.53 -7.75
CA GLU A 105 -0.41 3.62 -7.95
C GLU A 105 -0.69 2.70 -9.15
N SER A 106 0.35 2.45 -9.95
CA SER A 106 0.24 1.56 -11.12
C SER A 106 1.46 0.65 -11.19
N PHE A 107 1.24 -0.60 -11.60
CA PHE A 107 2.33 -1.57 -11.71
C PHE A 107 1.98 -2.64 -12.75
N ASP A 108 3.03 -3.26 -13.30
CA ASP A 108 2.85 -4.28 -14.34
C ASP A 108 2.33 -5.60 -13.71
N PRO A 109 1.40 -6.31 -14.34
CA PRO A 109 0.88 -7.60 -13.79
C PRO A 109 1.87 -8.74 -14.03
N GLU A 110 1.42 -9.97 -13.76
CA GLU A 110 2.25 -11.19 -13.93
C GLU A 110 3.20 -11.31 -12.73
N GLU A 111 2.76 -10.77 -11.58
CA GLU A 111 3.58 -10.81 -10.36
C GLU A 111 3.35 -12.13 -9.62
N THR A 112 2.16 -12.27 -9.00
CA THR A 112 1.78 -13.50 -8.26
C THR A 112 0.49 -14.10 -8.80
N ASN A 113 -0.39 -13.24 -9.33
CA ASN A 113 -1.73 -13.68 -9.83
C ASN A 113 -2.08 -12.96 -11.16
N PRO A 114 -3.08 -13.46 -11.90
CA PRO A 114 -3.50 -12.83 -13.21
C PRO A 114 -4.06 -11.42 -13.02
N ARG A 115 -4.29 -10.74 -14.14
CA ARG A 115 -4.78 -9.37 -14.12
C ARG A 115 -6.14 -9.25 -13.42
N GLU A 116 -7.10 -10.07 -13.83
CA GLU A 116 -8.44 -10.02 -13.27
C GLU A 116 -8.43 -10.07 -11.73
N LEU A 117 -7.72 -11.04 -11.18
CA LEU A 117 -7.64 -11.20 -9.72
C LEU A 117 -6.90 -10.01 -9.08
N GLN A 118 -5.84 -9.55 -9.74
CA GLN A 118 -5.05 -8.43 -9.24
C GLN A 118 -5.87 -7.15 -9.22
N GLN A 119 -6.48 -6.81 -10.34
CA GLN A 119 -7.28 -5.60 -10.43
C GLN A 119 -8.41 -5.64 -9.40
N SER A 120 -9.20 -6.71 -9.45
CA SER A 120 -10.30 -6.87 -8.50
C SER A 120 -9.79 -7.00 -7.08
N GLY A 121 -8.71 -7.77 -6.90
CA GLY A 121 -8.14 -7.98 -5.56
C GLY A 121 -7.64 -6.68 -4.95
N TRP A 122 -6.80 -5.95 -5.68
CA TRP A 122 -6.26 -4.68 -5.20
C TRP A 122 -7.39 -3.65 -5.01
N GLN A 123 -8.31 -3.61 -5.97
CA GLN A 123 -9.43 -2.66 -5.90
C GLN A 123 -10.34 -2.99 -4.72
N ALA A 124 -10.54 -4.28 -4.46
CA ALA A 124 -11.40 -4.71 -3.36
C ALA A 124 -10.94 -4.16 -2.01
N ILE A 125 -9.66 -4.36 -1.68
CA ILE A 125 -9.11 -3.89 -0.40
C ILE A 125 -9.13 -2.36 -0.34
N LEU A 126 -8.89 -1.72 -1.46
CA LEU A 126 -8.88 -0.26 -1.53
C LEU A 126 -10.29 0.28 -1.23
N ASN A 127 -11.32 -0.43 -1.69
CA ASN A 127 -12.70 -0.01 -1.46
C ASN A 127 -12.98 -0.04 0.05
N SER A 128 -12.42 -1.03 0.73
CA SER A 128 -12.60 -1.18 2.17
C SER A 128 -11.88 -0.05 2.92
N PHE A 129 -10.74 0.39 2.39
CA PHE A 129 -9.95 1.44 3.04
C PHE A 129 -10.77 2.72 3.23
N LYS A 130 -11.40 3.19 2.17
CA LYS A 130 -12.24 4.40 2.24
C LYS A 130 -13.44 4.17 3.13
N SER A 131 -13.99 2.95 3.08
CA SER A 131 -15.16 2.61 3.88
C SER A 131 -14.85 2.75 5.37
N TYR A 132 -13.61 2.43 5.75
CA TYR A 132 -13.20 2.51 7.15
C TYR A 132 -13.34 3.94 7.68
N THR A 133 -12.91 4.92 6.88
CA THR A 133 -12.98 6.33 7.28
C THR A 133 -14.44 6.75 7.50
N GLU A 134 -15.35 6.18 6.70
CA GLU A 134 -16.76 6.51 6.83
C GLU A 134 -17.32 5.95 8.14
N ASN A 135 -16.88 4.74 8.48
CA ASN A 135 -17.31 4.09 9.72
C ASN A 135 -16.79 4.83 10.95
N ASN A 136 -15.64 5.50 10.78
CA ASN A 136 -15.03 6.25 11.89
C ASN A 136 -15.90 7.45 12.27
N LEU A 137 -16.85 7.79 11.40
CA LEU A 137 -17.74 8.93 11.66
C LEU A 137 -18.56 8.68 12.93
N GLU A 138 -18.91 9.76 13.63
CA GLU A 138 -19.70 9.66 14.87
C GLU A 138 -19.01 8.73 15.87
N HIS A 139 -17.68 8.72 15.85
CA HIS A 139 -16.90 7.88 16.75
C HIS A 139 -15.45 8.40 16.84
N HIS A 140 -15.11 9.36 16.01
CA HIS A 140 -13.76 9.93 16.01
C HIS A 140 -13.48 10.61 17.35
N HIS A 141 -14.49 11.33 17.86
CA HIS A 141 -14.35 12.04 19.14
C HIS A 141 -15.72 12.54 19.61
N HIS A 142 -16.65 11.61 19.77
CA HIS A 142 -18.00 11.97 20.22
C HIS A 142 -17.95 12.50 21.66
N HIS A 143 -17.15 11.83 22.49
CA HIS A 143 -17.00 12.24 23.89
C HIS A 143 -16.36 13.61 23.98
N HIS A 144 -16.75 14.39 24.99
CA HIS A 144 -16.20 15.73 25.19
C HIS A 144 -14.68 15.67 25.39
N GLY A 1 -0.86 -4.70 -21.35
CA GLY A 1 -1.22 -3.50 -20.54
C GLY A 1 -1.16 -3.84 -19.05
N ASN A 2 -0.08 -4.51 -18.64
CA ASN A 2 0.11 -4.90 -17.25
C ASN A 2 0.23 -3.67 -16.36
N LYS A 3 0.38 -2.51 -16.99
CA LYS A 3 0.51 -1.24 -16.27
C LYS A 3 -0.84 -0.84 -15.67
N ILE A 4 -1.47 -1.76 -14.95
CA ILE A 4 -2.77 -1.49 -14.34
C ILE A 4 -2.66 -0.24 -13.46
N THR A 5 -3.67 0.62 -13.54
CA THR A 5 -3.72 1.87 -12.76
C THR A 5 -5.00 1.89 -11.92
N VAL A 6 -4.85 2.23 -10.65
CA VAL A 6 -5.97 2.29 -9.70
C VAL A 6 -5.81 3.52 -8.83
N GLU A 7 -6.91 3.95 -8.22
CA GLU A 7 -6.92 5.13 -7.35
C GLU A 7 -7.98 4.98 -6.26
N VAL A 8 -7.90 5.82 -5.24
CA VAL A 8 -8.87 5.79 -4.14
C VAL A 8 -8.99 7.20 -3.52
N THR A 9 -10.20 7.56 -3.11
CA THR A 9 -10.45 8.86 -2.47
C THR A 9 -10.29 8.71 -0.96
N VAL A 10 -9.44 9.54 -0.36
CA VAL A 10 -9.19 9.52 1.09
C VAL A 10 -9.29 10.94 1.65
N TYR A 11 -10.07 11.10 2.73
CA TYR A 11 -10.25 12.40 3.37
C TYR A 11 -9.30 12.53 4.55
N ALA A 12 -8.13 13.09 4.30
CA ALA A 12 -7.13 13.26 5.36
C ALA A 12 -6.01 14.17 4.88
N ALA A 13 -5.36 14.86 5.81
CA ALA A 13 -4.27 15.77 5.48
C ALA A 13 -3.13 14.99 4.84
N ILE A 14 -2.54 15.56 3.78
CA ILE A 14 -1.45 14.90 3.07
C ILE A 14 -0.35 14.45 4.04
N GLU A 15 -0.09 15.28 5.04
CA GLU A 15 0.95 14.99 6.03
C GLU A 15 0.55 13.81 6.92
N LYS A 16 -0.74 13.71 7.25
CA LYS A 16 -1.22 12.62 8.11
C LYS A 16 -1.12 11.27 7.40
N VAL A 17 -1.69 11.19 6.20
CA VAL A 17 -1.68 9.95 5.43
C VAL A 17 -0.26 9.54 5.08
N TRP A 18 0.59 10.53 4.80
CA TRP A 18 1.98 10.24 4.43
C TRP A 18 2.65 9.38 5.51
N LYS A 19 2.52 9.81 6.76
CA LYS A 19 3.12 9.07 7.86
C LYS A 19 2.47 7.70 8.02
N TYR A 20 1.13 7.67 7.96
CA TYR A 20 0.41 6.41 8.10
C TYR A 20 0.73 5.45 6.96
N TRP A 21 0.77 5.98 5.73
CA TRP A 21 1.04 5.18 4.54
C TRP A 21 2.50 4.73 4.48
N ASN A 22 3.37 5.41 5.24
CA ASN A 22 4.81 5.09 5.28
C ASN A 22 5.18 4.35 6.56
N GLU A 23 4.36 4.52 7.60
CA GLU A 23 4.64 3.87 8.89
C GLU A 23 4.60 2.33 8.72
N PRO A 24 5.55 1.56 9.26
CA PRO A 24 5.52 0.08 9.13
C PRO A 24 4.49 -0.56 10.07
N ALA A 25 4.42 -0.05 11.31
CA ALA A 25 3.47 -0.57 12.31
C ALA A 25 2.04 -0.47 11.80
N HIS A 26 1.78 0.52 10.96
CA HIS A 26 0.45 0.73 10.39
C HIS A 26 0.19 -0.23 9.22
N ILE A 27 1.15 -0.36 8.31
CA ILE A 27 0.97 -1.23 7.14
C ILE A 27 0.80 -2.69 7.58
N MET A 28 1.68 -3.14 8.47
CA MET A 28 1.65 -4.52 8.95
C MET A 28 0.39 -4.82 9.75
N LYS A 29 -0.45 -3.80 9.95
CA LYS A 29 -1.70 -3.96 10.71
C LYS A 29 -2.87 -4.32 9.79
N TRP A 30 -2.77 -3.93 8.51
CA TRP A 30 -3.82 -4.21 7.51
C TRP A 30 -3.18 -4.62 6.18
N CYS A 31 -1.94 -5.12 6.22
CA CYS A 31 -1.26 -5.55 4.99
C CYS A 31 -2.10 -6.60 4.26
N GLN A 32 -2.25 -6.43 2.96
CA GLN A 32 -3.05 -7.34 2.13
C GLN A 32 -4.53 -7.26 2.52
N ALA A 33 -4.81 -6.83 3.76
CA ALA A 33 -6.19 -6.73 4.24
C ALA A 33 -6.93 -8.05 4.06
N SER A 34 -6.17 -9.16 4.07
CA SER A 34 -6.73 -10.52 3.90
C SER A 34 -6.59 -11.32 5.21
N PRO A 35 -7.66 -11.52 6.00
CA PRO A 35 -7.57 -12.30 7.29
C PRO A 35 -6.88 -13.67 7.10
N GLU A 36 -6.71 -14.07 5.85
CA GLU A 36 -6.07 -15.35 5.51
C GLU A 36 -4.55 -15.22 5.52
N TRP A 37 -4.06 -14.11 6.06
CA TRP A 37 -2.61 -13.85 6.15
C TRP A 37 -2.33 -13.05 7.41
N HIS A 38 -1.05 -13.05 7.80
CA HIS A 38 -0.59 -12.33 8.99
C HIS A 38 0.81 -11.83 8.76
N VAL A 39 1.24 -10.86 9.58
CA VAL A 39 2.59 -10.28 9.46
C VAL A 39 3.31 -10.38 10.82
N PRO A 40 4.15 -11.38 11.07
CA PRO A 40 4.85 -11.53 12.38
C PRO A 40 5.98 -10.52 12.54
N ALA A 41 6.33 -9.83 11.46
CA ALA A 41 7.38 -8.82 11.50
C ALA A 41 7.38 -7.98 10.23
N ALA A 42 7.86 -6.75 10.33
CA ALA A 42 7.93 -5.85 9.19
C ALA A 42 8.84 -4.68 9.49
N GLN A 43 9.49 -4.14 8.44
CA GLN A 43 10.40 -3.00 8.58
C GLN A 43 10.26 -2.10 7.36
N ASN A 44 10.62 -0.83 7.53
CA ASN A 44 10.55 0.16 6.45
C ASN A 44 11.49 1.32 6.76
N ASP A 45 12.63 1.35 6.06
CA ASP A 45 13.62 2.43 6.24
C ASP A 45 13.31 3.52 5.22
N LEU A 46 12.43 4.45 5.58
CA LEU A 46 12.05 5.52 4.66
C LEU A 46 13.25 6.43 4.40
N LYS A 47 14.00 6.14 3.33
CA LYS A 47 15.17 6.94 2.98
C LYS A 47 15.68 6.54 1.60
N ALA A 48 16.20 7.51 0.85
CA ALA A 48 16.74 7.24 -0.48
C ALA A 48 17.91 6.27 -0.38
N GLY A 49 17.96 5.30 -1.30
CA GLY A 49 19.05 4.30 -1.31
C GLY A 49 18.91 3.34 -0.14
N GLY A 50 17.87 3.56 0.68
CA GLY A 50 17.60 2.68 1.83
C GLY A 50 16.94 1.40 1.36
N THR A 51 16.94 0.38 2.22
CA THR A 51 16.34 -0.95 1.90
C THR A 51 15.31 -1.29 2.97
N PHE A 52 14.35 -2.13 2.60
CA PHE A 52 13.27 -2.56 3.48
C PHE A 52 13.08 -4.07 3.35
N THR A 53 12.48 -4.68 4.38
CA THR A 53 12.22 -6.12 4.37
C THR A 53 10.91 -6.38 5.12
N THR A 54 9.94 -7.01 4.45
CA THR A 54 8.64 -7.35 5.06
C THR A 54 8.45 -8.86 5.05
N THR A 55 8.31 -9.46 6.24
CA THR A 55 8.12 -10.92 6.35
C THR A 55 6.63 -11.21 6.28
N MET A 56 6.20 -11.90 5.20
CA MET A 56 4.79 -12.26 5.00
C MET A 56 4.66 -13.77 4.94
N ALA A 57 3.81 -14.34 5.80
CA ALA A 57 3.60 -15.79 5.84
C ALA A 57 2.12 -16.09 6.07
N ALA A 58 1.61 -17.11 5.39
CA ALA A 58 0.22 -17.53 5.54
C ALA A 58 0.01 -18.13 6.93
N LYS A 59 -1.20 -18.00 7.46
CA LYS A 59 -1.50 -18.54 8.78
C LYS A 59 -1.15 -20.02 8.86
N ASP A 60 -1.39 -20.75 7.77
CA ASP A 60 -1.08 -22.18 7.71
C ASP A 60 0.40 -22.39 7.40
N GLY A 61 1.11 -21.29 7.11
CA GLY A 61 2.53 -21.37 6.81
C GLY A 61 2.79 -22.25 5.59
N SER A 62 1.72 -22.53 4.83
CA SER A 62 1.83 -23.36 3.63
C SER A 62 2.63 -22.65 2.56
N MET A 63 2.75 -21.32 2.68
CA MET A 63 3.49 -20.51 1.71
C MET A 63 3.89 -19.17 2.33
N SER A 64 5.15 -18.77 2.11
CA SER A 64 5.68 -17.51 2.63
C SER A 64 6.68 -16.92 1.65
N PHE A 65 6.83 -15.59 1.71
CA PHE A 65 7.79 -14.88 0.85
C PHE A 65 8.19 -13.57 1.52
N ASP A 66 9.45 -13.17 1.28
CA ASP A 66 10.02 -11.93 1.85
C ASP A 66 10.17 -10.90 0.74
N PHE A 67 9.50 -9.75 0.90
CA PHE A 67 9.56 -8.67 -0.08
C PHE A 67 10.64 -7.68 0.33
N GLY A 68 11.42 -7.22 -0.65
CA GLY A 68 12.49 -6.27 -0.40
C GLY A 68 12.77 -5.47 -1.66
N GLY A 69 13.30 -4.27 -1.49
CA GLY A 69 13.60 -3.39 -2.61
C GLY A 69 14.40 -2.19 -2.13
N VAL A 70 14.78 -1.31 -3.05
CA VAL A 70 15.57 -0.10 -2.71
C VAL A 70 14.85 1.14 -3.24
N TYR A 71 14.75 2.18 -2.39
CA TYR A 71 14.10 3.43 -2.78
C TYR A 71 15.01 4.24 -3.70
N ASP A 72 14.53 4.53 -4.90
CA ASP A 72 15.30 5.32 -5.87
C ASP A 72 15.30 6.79 -5.47
N GLN A 73 14.15 7.25 -4.98
CA GLN A 73 14.01 8.65 -4.55
C GLN A 73 12.78 8.80 -3.66
N VAL A 74 12.86 9.70 -2.68
CA VAL A 74 11.76 9.95 -1.74
C VAL A 74 11.82 11.42 -1.28
N LYS A 75 10.64 12.05 -1.21
CA LYS A 75 10.54 13.44 -0.74
C LYS A 75 9.19 13.63 -0.04
N THR A 76 9.22 14.29 1.12
CA THR A 76 8.00 14.52 1.90
C THR A 76 6.86 15.06 1.02
N ASN A 77 5.77 14.30 0.93
CA ASN A 77 4.61 14.70 0.14
C ASN A 77 5.00 15.02 -1.30
N ASP A 78 5.19 13.98 -2.11
CA ASP A 78 5.56 14.16 -3.52
C ASP A 78 5.41 12.84 -4.27
N LEU A 79 6.42 11.98 -4.19
CA LEU A 79 6.41 10.71 -4.90
C LEU A 79 7.26 9.67 -4.17
N ILE A 80 6.79 8.42 -4.16
CA ILE A 80 7.49 7.30 -3.51
C ILE A 80 7.56 6.15 -4.50
N GLU A 81 8.75 5.58 -4.68
CA GLU A 81 8.95 4.47 -5.59
C GLU A 81 10.15 3.64 -5.11
N TYR A 82 10.23 2.40 -5.57
CA TYR A 82 11.32 1.51 -5.19
C TYR A 82 11.41 0.38 -6.21
N THR A 83 12.61 -0.20 -6.32
CA THR A 83 12.86 -1.32 -7.26
C THR A 83 12.63 -2.65 -6.54
N ILE A 84 11.92 -3.55 -7.21
CA ILE A 84 11.60 -4.89 -6.67
C ILE A 84 12.47 -5.92 -7.37
N GLY A 85 12.85 -6.97 -6.64
CA GLY A 85 13.68 -8.03 -7.19
C GLY A 85 13.11 -8.58 -8.49
N ASP A 86 11.79 -8.78 -8.53
CA ASP A 86 11.13 -9.30 -9.72
C ASP A 86 11.36 -8.37 -10.91
N GLY A 87 11.76 -7.12 -10.62
CA GLY A 87 12.02 -6.12 -11.66
C GLY A 87 10.75 -5.36 -12.03
N ARG A 88 9.66 -5.65 -11.33
CA ARG A 88 8.39 -4.97 -11.57
C ARG A 88 8.54 -3.49 -11.20
N LYS A 89 7.93 -2.62 -12.00
CA LYS A 89 7.99 -1.18 -11.77
C LYS A 89 6.77 -0.72 -10.98
N VAL A 90 7.00 0.11 -9.96
CA VAL A 90 5.92 0.64 -9.12
C VAL A 90 6.20 2.11 -8.82
N ARG A 91 5.21 2.96 -9.07
CA ARG A 91 5.32 4.40 -8.83
C ARG A 91 4.03 4.88 -8.16
N ILE A 92 4.17 5.68 -7.10
CA ILE A 92 3.02 6.23 -6.35
C ILE A 92 3.05 7.75 -6.49
N VAL A 93 2.02 8.31 -7.14
CA VAL A 93 1.91 9.76 -7.32
C VAL A 93 0.92 10.31 -6.29
N PHE A 94 1.41 11.16 -5.38
CA PHE A 94 0.58 11.75 -4.34
C PHE A 94 0.01 13.08 -4.85
N THR A 95 -1.30 13.27 -4.67
CA THR A 95 -2.00 14.48 -5.10
C THR A 95 -2.86 14.97 -3.96
N HIS A 96 -3.18 16.26 -3.99
CA HIS A 96 -4.00 16.89 -2.95
C HIS A 96 -4.89 17.95 -3.58
N THR A 97 -6.08 18.15 -2.99
CA THR A 97 -7.05 19.13 -3.48
C THR A 97 -7.88 19.65 -2.32
N GLY A 98 -7.38 20.68 -1.65
CA GLY A 98 -8.09 21.27 -0.51
C GLY A 98 -8.29 20.23 0.59
N ASP A 99 -9.50 20.17 1.15
CA ASP A 99 -9.83 19.22 2.21
C ASP A 99 -10.07 17.82 1.64
N THR A 100 -9.27 17.43 0.64
CA THR A 100 -9.40 16.12 0.01
C THR A 100 -8.05 15.64 -0.49
N THR A 101 -7.83 14.33 -0.46
CA THR A 101 -6.58 13.71 -0.93
C THR A 101 -6.90 12.52 -1.81
N ASN A 102 -6.05 12.28 -2.82
CA ASN A 102 -6.22 11.17 -3.76
C ASN A 102 -4.89 10.44 -3.91
N ILE A 103 -4.93 9.11 -3.79
CA ILE A 103 -3.73 8.27 -3.91
C ILE A 103 -3.80 7.52 -5.24
N VAL A 104 -2.73 7.61 -6.04
CA VAL A 104 -2.67 6.93 -7.34
C VAL A 104 -1.41 6.06 -7.36
N GLU A 105 -1.59 4.78 -7.69
CA GLU A 105 -0.48 3.83 -7.76
C GLU A 105 -0.74 2.83 -8.89
N SER A 106 0.34 2.40 -9.54
CA SER A 106 0.26 1.44 -10.65
C SER A 106 1.30 0.35 -10.43
N PHE A 107 0.99 -0.86 -10.89
CA PHE A 107 1.89 -2.02 -10.74
C PHE A 107 2.04 -2.73 -12.08
N ASP A 108 2.91 -3.74 -12.12
CA ASP A 108 3.13 -4.53 -13.34
C ASP A 108 3.17 -6.01 -12.98
N PRO A 109 2.02 -6.64 -12.77
CA PRO A 109 1.97 -8.10 -12.43
C PRO A 109 2.59 -8.95 -13.53
N GLU A 110 2.81 -10.23 -13.22
CA GLU A 110 3.41 -11.16 -14.18
C GLU A 110 2.54 -11.25 -15.44
N GLU A 111 3.19 -11.48 -16.57
CA GLU A 111 2.48 -11.60 -17.85
C GLU A 111 1.64 -12.86 -17.88
N THR A 112 2.12 -13.91 -17.21
CA THR A 112 1.41 -15.19 -17.18
C THR A 112 0.04 -15.03 -16.52
N ASN A 113 0.01 -14.34 -15.37
CA ASN A 113 -1.23 -14.16 -14.63
C ASN A 113 -2.16 -13.16 -15.35
N PRO A 114 -3.47 -13.36 -15.35
CA PRO A 114 -4.41 -12.40 -16.02
C PRO A 114 -4.51 -11.06 -15.26
N ARG A 115 -4.59 -9.97 -16.02
CA ARG A 115 -4.68 -8.63 -15.43
C ARG A 115 -6.01 -8.47 -14.69
N GLU A 116 -7.06 -9.07 -15.24
CA GLU A 116 -8.40 -8.97 -14.64
C GLU A 116 -8.38 -9.38 -13.18
N LEU A 117 -7.76 -10.52 -12.87
CA LEU A 117 -7.70 -11.01 -11.49
C LEU A 117 -6.92 -10.02 -10.62
N GLN A 118 -5.78 -9.57 -11.12
CA GLN A 118 -4.94 -8.64 -10.39
C GLN A 118 -5.65 -7.32 -10.16
N GLN A 119 -6.28 -6.78 -11.20
CA GLN A 119 -7.00 -5.52 -11.10
C GLN A 119 -8.01 -5.58 -9.96
N SER A 120 -8.78 -6.67 -9.92
CA SER A 120 -9.78 -6.84 -8.87
C SER A 120 -9.09 -6.96 -7.51
N GLY A 121 -7.94 -7.63 -7.48
CA GLY A 121 -7.21 -7.80 -6.22
C GLY A 121 -6.75 -6.46 -5.65
N TRP A 122 -6.05 -5.67 -6.47
CA TRP A 122 -5.56 -4.36 -6.03
C TRP A 122 -6.73 -3.42 -5.75
N GLN A 123 -7.77 -3.51 -6.57
CA GLN A 123 -8.94 -2.64 -6.40
C GLN A 123 -9.73 -3.04 -5.15
N ALA A 124 -9.83 -4.35 -4.89
CA ALA A 124 -10.57 -4.85 -3.73
C ALA A 124 -10.02 -4.27 -2.41
N ILE A 125 -8.71 -4.40 -2.21
CA ILE A 125 -8.08 -3.90 -0.99
C ILE A 125 -8.26 -2.38 -0.88
N LEU A 126 -8.16 -1.70 -2.02
CA LEU A 126 -8.30 -0.25 -2.05
C LEU A 126 -9.72 0.15 -1.62
N ASN A 127 -10.72 -0.58 -2.11
CA ASN A 127 -12.11 -0.28 -1.77
C ASN A 127 -12.34 -0.56 -0.29
N SER A 128 -11.79 -1.68 0.19
CA SER A 128 -11.95 -2.07 1.60
C SER A 128 -11.37 -1.02 2.52
N PHE A 129 -10.29 -0.36 2.08
CA PHE A 129 -9.62 0.67 2.89
C PHE A 129 -10.62 1.71 3.38
N LYS A 130 -11.81 1.72 2.79
CA LYS A 130 -12.86 2.66 3.17
C LYS A 130 -13.25 2.49 4.64
N SER A 131 -13.27 1.23 5.09
CA SER A 131 -13.64 0.93 6.47
C SER A 131 -12.71 1.65 7.45
N TYR A 132 -11.41 1.58 7.17
CA TYR A 132 -10.41 2.24 8.03
C TYR A 132 -10.58 3.76 7.95
N THR A 133 -10.77 4.27 6.73
CA THR A 133 -10.93 5.72 6.54
C THR A 133 -12.18 6.22 7.27
N GLU A 134 -13.29 5.51 7.08
CA GLU A 134 -14.57 5.88 7.69
C GLU A 134 -14.61 5.46 9.16
N ASN A 135 -13.46 5.00 9.68
CA ASN A 135 -13.39 4.58 11.08
C ASN A 135 -13.69 5.75 12.02
N ASN A 136 -13.84 6.93 11.43
CA ASN A 136 -14.12 8.15 12.21
C ASN A 136 -15.47 8.01 12.90
N LEU A 137 -16.44 7.43 12.20
CA LEU A 137 -17.79 7.26 12.74
C LEU A 137 -18.52 6.14 11.98
N GLU A 138 -19.73 5.82 12.43
CA GLU A 138 -20.54 4.76 11.82
C GLU A 138 -21.27 5.32 10.60
N HIS A 139 -21.81 4.42 9.78
CA HIS A 139 -22.53 4.82 8.57
C HIS A 139 -23.80 5.60 8.95
N HIS A 140 -24.01 6.73 8.28
CA HIS A 140 -25.19 7.57 8.53
C HIS A 140 -25.50 8.40 7.29
N HIS A 141 -26.72 8.93 7.24
CA HIS A 141 -27.16 9.73 6.11
C HIS A 141 -28.47 10.42 6.45
N HIS A 142 -28.38 11.55 7.14
CA HIS A 142 -29.58 12.32 7.53
C HIS A 142 -30.19 12.96 6.29
N HIS A 143 -31.50 12.78 6.11
CA HIS A 143 -32.20 13.36 4.96
C HIS A 143 -32.09 14.89 4.97
N HIS A 144 -33.03 15.54 5.67
CA HIS A 144 -33.04 17.01 5.78
C HIS A 144 -31.93 17.49 6.71
N GLY A 1 -2.63 -2.64 -20.47
CA GLY A 1 -3.40 -3.49 -19.52
C GLY A 1 -2.54 -3.82 -18.31
N ASN A 2 -1.27 -4.12 -18.54
CA ASN A 2 -0.35 -4.46 -17.46
C ASN A 2 -0.18 -3.26 -16.52
N LYS A 3 -0.08 -2.07 -17.10
CA LYS A 3 0.08 -0.84 -16.32
C LYS A 3 -1.23 -0.48 -15.61
N ILE A 4 -1.79 -1.45 -14.89
CA ILE A 4 -3.04 -1.23 -14.16
C ILE A 4 -2.94 0.05 -13.33
N THR A 5 -4.05 0.79 -13.24
CA THR A 5 -4.10 2.04 -12.48
C THR A 5 -5.32 2.01 -11.56
N VAL A 6 -5.12 2.40 -10.31
CA VAL A 6 -6.19 2.42 -9.30
C VAL A 6 -6.05 3.67 -8.45
N GLU A 7 -7.15 4.07 -7.81
CA GLU A 7 -7.16 5.26 -6.96
C GLU A 7 -8.16 5.09 -5.82
N VAL A 8 -8.05 5.92 -4.78
CA VAL A 8 -8.97 5.87 -3.64
C VAL A 8 -9.18 7.30 -3.11
N THR A 9 -10.41 7.60 -2.73
CA THR A 9 -10.75 8.94 -2.19
C THR A 9 -10.64 8.91 -0.67
N VAL A 10 -9.76 9.74 -0.11
CA VAL A 10 -9.56 9.82 1.35
C VAL A 10 -9.69 11.28 1.80
N TYR A 11 -10.53 11.53 2.81
CA TYR A 11 -10.74 12.89 3.33
C TYR A 11 -9.90 13.08 4.60
N ALA A 12 -8.66 13.52 4.41
CA ALA A 12 -7.75 13.74 5.53
C ALA A 12 -6.49 14.47 5.06
N ALA A 13 -5.84 15.19 5.97
CA ALA A 13 -4.63 15.91 5.62
C ALA A 13 -3.55 14.93 5.19
N ILE A 14 -3.08 15.07 3.95
CA ILE A 14 -2.05 14.18 3.41
C ILE A 14 -0.84 14.10 4.36
N GLU A 15 -0.53 15.22 5.01
CA GLU A 15 0.61 15.27 5.92
C GLU A 15 0.42 14.27 7.05
N LYS A 16 -0.82 14.15 7.55
CA LYS A 16 -1.13 13.21 8.62
C LYS A 16 -1.13 11.77 8.08
N VAL A 17 -1.77 11.57 6.92
CA VAL A 17 -1.86 10.23 6.32
C VAL A 17 -0.47 9.72 5.96
N TRP A 18 0.36 10.59 5.40
CA TRP A 18 1.72 10.20 5.00
C TRP A 18 2.44 9.44 6.14
N LYS A 19 2.15 9.83 7.38
CA LYS A 19 2.78 9.19 8.54
C LYS A 19 2.40 7.71 8.59
N TYR A 20 1.11 7.40 8.43
CA TYR A 20 0.65 6.00 8.46
C TYR A 20 1.13 5.25 7.21
N TRP A 21 1.04 5.92 6.06
CA TRP A 21 1.43 5.32 4.79
C TRP A 21 2.94 5.05 4.74
N ASN A 22 3.69 5.65 5.67
CA ASN A 22 5.17 5.51 5.75
C ASN A 22 5.59 4.67 6.96
N GLU A 23 4.76 4.68 8.01
CA GLU A 23 5.09 3.93 9.24
C GLU A 23 4.82 2.42 9.01
N PRO A 24 5.78 1.52 9.25
CA PRO A 24 5.55 0.05 9.01
C PRO A 24 4.62 -0.55 10.06
N ALA A 25 4.66 0.00 11.27
CA ALA A 25 3.82 -0.51 12.37
C ALA A 25 2.35 -0.42 12.01
N HIS A 26 1.97 0.66 11.32
CA HIS A 26 0.57 0.86 10.92
C HIS A 26 0.22 0.02 9.68
N ILE A 27 1.13 -0.04 8.71
CA ILE A 27 0.87 -0.80 7.47
C ILE A 27 0.66 -2.28 7.77
N MET A 28 1.56 -2.87 8.56
CA MET A 28 1.46 -4.30 8.89
C MET A 28 0.16 -4.62 9.64
N LYS A 29 -0.50 -3.58 10.15
CA LYS A 29 -1.76 -3.74 10.90
C LYS A 29 -2.93 -4.10 9.97
N TRP A 30 -2.91 -3.54 8.75
CA TRP A 30 -3.97 -3.77 7.75
C TRP A 30 -3.39 -4.23 6.42
N CYS A 31 -2.06 -4.47 6.37
CA CYS A 31 -1.42 -4.93 5.14
C CYS A 31 -2.16 -6.14 4.57
N GLN A 32 -2.30 -6.18 3.25
CA GLN A 32 -3.02 -7.26 2.57
C GLN A 32 -4.53 -7.12 2.84
N ALA A 33 -4.86 -6.70 4.06
CA ALA A 33 -6.26 -6.53 4.47
C ALA A 33 -7.03 -7.84 4.28
N SER A 34 -6.35 -8.97 4.52
CA SER A 34 -6.95 -10.33 4.36
C SER A 34 -6.86 -11.11 5.70
N PRO A 35 -7.91 -11.80 6.14
CA PRO A 35 -7.86 -12.59 7.43
C PRO A 35 -7.05 -13.89 7.30
N GLU A 36 -6.88 -14.38 6.05
CA GLU A 36 -6.15 -15.63 5.82
C GLU A 36 -4.64 -15.42 5.90
N TRP A 37 -4.20 -14.17 5.67
CA TRP A 37 -2.78 -13.80 5.71
C TRP A 37 -2.52 -12.94 6.94
N HIS A 38 -1.28 -12.97 7.43
CA HIS A 38 -0.88 -12.19 8.60
C HIS A 38 0.55 -11.73 8.41
N VAL A 39 0.98 -10.74 9.20
CA VAL A 39 2.34 -10.19 9.11
C VAL A 39 3.06 -10.34 10.47
N PRO A 40 3.83 -11.41 10.71
CA PRO A 40 4.51 -11.61 12.03
C PRO A 40 5.68 -10.66 12.21
N ALA A 41 6.07 -9.97 11.14
CA ALA A 41 7.19 -9.02 11.20
C ALA A 41 7.22 -8.16 9.94
N ALA A 42 7.74 -6.95 10.09
CA ALA A 42 7.85 -6.02 8.95
C ALA A 42 8.85 -4.92 9.26
N GLN A 43 9.58 -4.46 8.23
CA GLN A 43 10.57 -3.39 8.38
C GLN A 43 10.48 -2.42 7.21
N ASN A 44 10.87 -1.17 7.44
CA ASN A 44 10.85 -0.15 6.40
C ASN A 44 11.77 1.01 6.79
N ASP A 45 12.67 1.38 5.87
CA ASP A 45 13.62 2.47 6.10
C ASP A 45 13.64 3.36 4.86
N LEU A 46 12.82 4.41 4.88
CA LEU A 46 12.75 5.33 3.76
C LEU A 46 14.06 6.12 3.63
N LYS A 47 14.89 5.72 2.68
CA LYS A 47 16.17 6.39 2.44
C LYS A 47 16.70 5.99 1.07
N ALA A 48 17.09 6.98 0.27
CA ALA A 48 17.63 6.72 -1.06
C ALA A 48 18.80 5.74 -0.99
N GLY A 49 18.69 4.62 -1.71
CA GLY A 49 19.75 3.59 -1.72
C GLY A 49 19.64 2.70 -0.49
N GLY A 50 18.58 2.92 0.31
CA GLY A 50 18.33 2.12 1.51
C GLY A 50 17.64 0.83 1.12
N THR A 51 17.48 -0.09 2.07
CA THR A 51 16.83 -1.40 1.83
C THR A 51 15.81 -1.69 2.92
N PHE A 52 14.93 -2.66 2.65
CA PHE A 52 13.89 -3.05 3.61
C PHE A 52 13.57 -4.54 3.46
N THR A 53 12.80 -5.09 4.40
CA THR A 53 12.41 -6.49 4.37
C THR A 53 11.04 -6.65 5.02
N THR A 54 10.08 -7.25 4.29
CA THR A 54 8.72 -7.48 4.80
C THR A 54 8.43 -8.98 4.79
N THR A 55 8.18 -9.56 5.97
CA THR A 55 7.88 -10.99 6.08
C THR A 55 6.37 -11.18 6.07
N MET A 56 5.84 -11.88 5.07
CA MET A 56 4.40 -12.14 4.96
C MET A 56 4.17 -13.60 4.56
N ALA A 57 3.30 -14.28 5.30
CA ALA A 57 3.01 -15.68 5.01
C ALA A 57 1.61 -16.03 5.50
N ALA A 58 1.05 -17.09 4.93
CA ALA A 58 -0.28 -17.55 5.31
C ALA A 58 -0.26 -18.09 6.73
N LYS A 59 -1.39 -17.99 7.42
CA LYS A 59 -1.49 -18.46 8.81
C LYS A 59 -1.15 -19.95 8.88
N ASP A 60 -1.58 -20.71 7.88
CA ASP A 60 -1.32 -22.15 7.84
C ASP A 60 0.16 -22.39 7.55
N GLY A 61 0.87 -21.32 7.17
CA GLY A 61 2.30 -21.41 6.86
C GLY A 61 2.53 -22.16 5.56
N SER A 62 1.43 -22.49 4.88
CA SER A 62 1.51 -23.22 3.61
C SER A 62 2.24 -22.40 2.55
N MET A 63 1.96 -21.09 2.53
CA MET A 63 2.58 -20.16 1.56
C MET A 63 3.42 -19.11 2.30
N SER A 64 4.55 -18.75 1.70
CA SER A 64 5.46 -17.74 2.29
C SER A 64 6.08 -16.92 1.17
N PHE A 65 6.39 -15.66 1.48
CA PHE A 65 7.01 -14.75 0.51
C PHE A 65 7.79 -13.67 1.25
N ASP A 66 8.81 -13.12 0.57
CA ASP A 66 9.65 -12.07 1.16
C ASP A 66 9.93 -11.00 0.11
N PHE A 67 9.52 -9.75 0.40
CA PHE A 67 9.72 -8.63 -0.54
C PHE A 67 11.02 -7.91 -0.18
N GLY A 68 11.93 -7.82 -1.16
CA GLY A 68 13.23 -7.16 -0.97
C GLY A 68 13.52 -6.22 -2.13
N GLY A 69 13.99 -5.02 -1.81
CA GLY A 69 14.30 -4.02 -2.83
C GLY A 69 14.85 -2.77 -2.17
N VAL A 70 15.08 -1.73 -2.97
CA VAL A 70 15.62 -0.45 -2.47
C VAL A 70 14.81 0.71 -3.01
N TYR A 71 14.86 1.84 -2.30
CA TYR A 71 14.14 3.04 -2.71
C TYR A 71 15.03 3.87 -3.65
N ASP A 72 14.52 4.19 -4.84
CA ASP A 72 15.27 4.98 -5.81
C ASP A 72 15.29 6.43 -5.37
N GLN A 73 14.16 6.88 -4.81
CA GLN A 73 14.03 8.27 -4.33
C GLN A 73 12.76 8.40 -3.47
N VAL A 74 12.81 9.31 -2.49
CA VAL A 74 11.67 9.58 -1.60
C VAL A 74 11.48 11.09 -1.46
N LYS A 75 10.24 11.56 -1.61
CA LYS A 75 9.93 12.99 -1.48
C LYS A 75 8.59 13.12 -0.77
N THR A 76 8.60 13.74 0.42
CA THR A 76 7.37 13.89 1.20
C THR A 76 6.27 14.58 0.39
N ASN A 77 5.11 13.91 0.28
CA ASN A 77 3.98 14.47 -0.44
C ASN A 77 4.36 14.94 -1.85
N ASP A 78 4.72 13.99 -2.71
CA ASP A 78 5.11 14.31 -4.09
C ASP A 78 5.16 13.05 -4.94
N LEU A 79 6.24 12.28 -4.78
CA LEU A 79 6.40 11.04 -5.55
C LEU A 79 7.26 10.03 -4.77
N ILE A 80 6.78 8.79 -4.68
CA ILE A 80 7.49 7.70 -3.98
C ILE A 80 7.49 6.48 -4.88
N GLU A 81 8.66 5.87 -5.03
CA GLU A 81 8.80 4.68 -5.87
C GLU A 81 9.98 3.85 -5.36
N TYR A 82 10.06 2.61 -5.82
CA TYR A 82 11.13 1.69 -5.42
C TYR A 82 11.29 0.61 -6.48
N THR A 83 12.41 -0.12 -6.43
CA THR A 83 12.71 -1.20 -7.39
C THR A 83 12.77 -2.53 -6.63
N ILE A 84 12.09 -3.55 -7.16
CA ILE A 84 12.06 -4.89 -6.56
C ILE A 84 13.06 -5.80 -7.26
N GLY A 85 13.60 -6.78 -6.52
CA GLY A 85 14.57 -7.71 -7.08
C GLY A 85 14.03 -8.39 -8.35
N ASP A 86 12.74 -8.76 -8.30
CA ASP A 86 12.10 -9.42 -9.44
C ASP A 86 12.11 -8.52 -10.67
N GLY A 87 12.30 -7.22 -10.45
CA GLY A 87 12.33 -6.22 -11.54
C GLY A 87 11.02 -5.45 -11.61
N ARG A 88 10.05 -5.81 -10.77
CA ARG A 88 8.77 -5.10 -10.77
C ARG A 88 8.99 -3.65 -10.33
N LYS A 89 8.22 -2.73 -10.93
CA LYS A 89 8.32 -1.30 -10.63
C LYS A 89 6.97 -0.79 -10.13
N VAL A 90 7.03 0.18 -9.21
CA VAL A 90 5.82 0.78 -8.63
C VAL A 90 6.02 2.29 -8.53
N ARG A 91 4.98 3.05 -8.89
CA ARG A 91 5.01 4.51 -8.85
C ARG A 91 3.74 5.01 -8.18
N ILE A 92 3.91 5.73 -7.07
CA ILE A 92 2.77 6.28 -6.31
C ILE A 92 2.76 7.80 -6.51
N VAL A 93 1.68 8.32 -7.12
CA VAL A 93 1.53 9.76 -7.37
C VAL A 93 0.47 10.31 -6.42
N PHE A 94 0.87 11.18 -5.50
CA PHE A 94 -0.06 11.77 -4.54
C PHE A 94 -0.65 13.06 -5.12
N THR A 95 -1.98 13.15 -5.09
CA THR A 95 -2.69 14.32 -5.61
C THR A 95 -3.74 14.76 -4.59
N HIS A 96 -4.06 16.05 -4.61
CA HIS A 96 -5.04 16.62 -3.68
C HIS A 96 -5.67 17.86 -4.30
N THR A 97 -6.86 18.23 -3.81
CA THR A 97 -7.58 19.40 -4.31
C THR A 97 -8.14 20.21 -3.15
N GLY A 98 -7.36 20.27 -2.06
CA GLY A 98 -7.76 21.00 -0.85
C GLY A 98 -8.93 20.29 -0.14
N ASP A 99 -8.79 20.10 1.17
CA ASP A 99 -9.81 19.43 1.98
C ASP A 99 -10.10 18.03 1.45
N THR A 100 -9.28 17.58 0.49
CA THR A 100 -9.43 16.26 -0.12
C THR A 100 -8.06 15.73 -0.58
N THR A 101 -7.83 14.42 -0.36
CA THR A 101 -6.57 13.77 -0.76
C THR A 101 -6.89 12.53 -1.59
N ASN A 102 -6.23 12.41 -2.74
CA ASN A 102 -6.41 11.27 -3.66
C ASN A 102 -5.07 10.56 -3.84
N ILE A 103 -5.04 9.25 -3.53
CA ILE A 103 -3.82 8.44 -3.65
C ILE A 103 -3.94 7.60 -4.91
N VAL A 104 -2.92 7.63 -5.78
CA VAL A 104 -2.92 6.85 -7.03
C VAL A 104 -1.75 5.87 -6.98
N GLU A 105 -2.01 4.60 -7.30
CA GLU A 105 -0.99 3.55 -7.28
C GLU A 105 -1.02 2.78 -8.59
N SER A 106 0.14 2.57 -9.20
CA SER A 106 0.27 1.84 -10.47
C SER A 106 1.12 0.61 -10.25
N PHE A 107 0.84 -0.44 -11.03
CA PHE A 107 1.58 -1.70 -10.92
C PHE A 107 1.74 -2.33 -12.29
N ASP A 108 2.71 -3.24 -12.42
CA ASP A 108 2.95 -3.95 -13.70
C ASP A 108 3.13 -5.45 -13.42
N PRO A 109 2.05 -6.18 -13.21
CA PRO A 109 2.13 -7.66 -12.95
C PRO A 109 2.84 -8.39 -14.10
N GLU A 110 3.25 -9.63 -13.83
CA GLU A 110 3.94 -10.44 -14.85
C GLU A 110 2.99 -10.69 -16.03
N GLU A 111 3.57 -10.85 -17.22
CA GLU A 111 2.78 -11.07 -18.43
C GLU A 111 2.05 -12.41 -18.35
N THR A 112 2.76 -13.44 -17.88
CA THR A 112 2.18 -14.77 -17.75
C THR A 112 1.03 -14.77 -16.73
N ASN A 113 1.23 -14.10 -15.60
CA ASN A 113 0.22 -14.06 -14.55
C ASN A 113 -1.07 -13.37 -15.06
N PRO A 114 -2.24 -13.77 -14.60
CA PRO A 114 -3.53 -13.13 -15.05
C PRO A 114 -3.71 -11.73 -14.44
N ARG A 115 -3.61 -10.71 -15.28
CA ARG A 115 -3.75 -9.33 -14.81
C ARG A 115 -5.18 -9.05 -14.34
N GLU A 116 -6.13 -9.81 -14.86
CA GLU A 116 -7.55 -9.64 -14.51
C GLU A 116 -7.77 -9.78 -13.00
N LEU A 117 -7.25 -10.86 -12.42
CA LEU A 117 -7.40 -11.11 -10.98
C LEU A 117 -6.63 -10.06 -10.17
N GLN A 118 -5.47 -9.66 -10.66
CA GLN A 118 -4.64 -8.67 -9.98
C GLN A 118 -5.39 -7.36 -9.83
N GLN A 119 -6.01 -6.89 -10.91
CA GLN A 119 -6.75 -5.64 -10.88
C GLN A 119 -7.77 -5.66 -9.73
N SER A 120 -8.48 -6.78 -9.62
CA SER A 120 -9.46 -6.94 -8.56
C SER A 120 -8.77 -6.94 -7.20
N GLY A 121 -7.61 -7.60 -7.10
CA GLY A 121 -6.89 -7.67 -5.83
C GLY A 121 -6.48 -6.29 -5.34
N TRP A 122 -5.82 -5.51 -6.22
CA TRP A 122 -5.38 -4.16 -5.86
C TRP A 122 -6.58 -3.27 -5.54
N GLN A 123 -7.67 -3.47 -6.27
CA GLN A 123 -8.88 -2.68 -6.05
C GLN A 123 -9.59 -3.13 -4.75
N ALA A 124 -9.57 -4.43 -4.50
CA ALA A 124 -10.22 -5.00 -3.31
C ALA A 124 -9.65 -4.40 -2.01
N ILE A 125 -8.33 -4.43 -1.87
CA ILE A 125 -7.68 -3.90 -0.68
C ILE A 125 -7.93 -2.40 -0.56
N LEU A 126 -7.91 -1.70 -1.69
CA LEU A 126 -8.16 -0.26 -1.71
C LEU A 126 -9.59 0.03 -1.25
N ASN A 127 -10.54 -0.82 -1.66
CA ASN A 127 -11.94 -0.62 -1.29
C ASN A 127 -12.08 -0.71 0.23
N SER A 128 -11.36 -1.65 0.84
CA SER A 128 -11.41 -1.83 2.30
C SER A 128 -10.67 -0.69 3.01
N PHE A 129 -9.64 -0.14 2.36
CA PHE A 129 -8.84 0.93 2.97
C PHE A 129 -9.72 2.11 3.41
N LYS A 130 -10.54 2.62 2.49
CA LYS A 130 -11.43 3.75 2.79
C LYS A 130 -12.55 3.33 3.73
N SER A 131 -13.03 2.10 3.56
CA SER A 131 -14.13 1.59 4.38
C SER A 131 -13.81 1.70 5.86
N TYR A 132 -12.54 1.50 6.21
CA TYR A 132 -12.11 1.60 7.59
C TYR A 132 -12.33 3.03 8.11
N THR A 133 -11.89 4.01 7.33
CA THR A 133 -12.04 5.41 7.71
C THR A 133 -13.52 5.80 7.78
N GLU A 134 -14.30 5.36 6.79
CA GLU A 134 -15.73 5.66 6.74
C GLU A 134 -16.44 4.97 7.91
N ASN A 135 -16.00 3.77 8.25
CA ASN A 135 -16.61 3.01 9.35
C ASN A 135 -16.48 3.77 10.67
N ASN A 136 -15.28 4.32 10.91
CA ASN A 136 -15.03 5.08 12.14
C ASN A 136 -15.84 6.37 12.15
N LEU A 137 -15.89 7.05 11.00
CA LEU A 137 -16.63 8.31 10.89
C LEU A 137 -18.12 8.07 11.11
N GLU A 138 -18.63 7.02 10.49
CA GLU A 138 -20.05 6.69 10.59
C GLU A 138 -20.32 5.30 10.03
N HIS A 139 -21.60 4.99 9.84
CA HIS A 139 -22.00 3.68 9.30
C HIS A 139 -21.40 2.54 10.14
N HIS A 140 -21.96 2.35 11.33
CA HIS A 140 -21.49 1.30 12.23
C HIS A 140 -21.84 -0.07 11.64
N HIS A 141 -21.78 -1.11 12.47
CA HIS A 141 -22.09 -2.47 12.04
C HIS A 141 -22.58 -3.29 13.22
N HIS A 142 -21.81 -3.28 14.32
CA HIS A 142 -22.17 -4.03 15.52
C HIS A 142 -22.44 -5.51 15.17
N HIS A 143 -21.36 -6.30 15.10
CA HIS A 143 -21.49 -7.71 14.77
C HIS A 143 -22.31 -8.44 15.83
N HIS A 144 -22.04 -8.12 17.09
CA HIS A 144 -22.75 -8.76 18.20
C HIS A 144 -22.44 -8.04 19.52
N GLY A 1 2.25 -7.00 -18.37
CA GLY A 1 3.05 -5.89 -18.97
C GLY A 1 2.17 -4.66 -19.16
N ASN A 2 0.87 -4.81 -18.88
CA ASN A 2 -0.07 -3.70 -19.00
C ASN A 2 0.27 -2.61 -17.99
N LYS A 3 -0.38 -1.46 -18.15
CA LYS A 3 -0.17 -0.30 -17.26
C LYS A 3 -1.37 -0.12 -16.33
N ILE A 4 -1.76 -1.19 -15.63
CA ILE A 4 -2.90 -1.12 -14.71
C ILE A 4 -2.75 0.07 -13.77
N THR A 5 -3.86 0.78 -13.52
CA THR A 5 -3.86 1.94 -12.63
C THR A 5 -5.08 1.86 -11.72
N VAL A 6 -4.87 2.21 -10.45
CA VAL A 6 -5.95 2.20 -9.44
C VAL A 6 -5.85 3.47 -8.61
N GLU A 7 -6.96 3.85 -7.99
CA GLU A 7 -7.03 5.05 -7.15
C GLU A 7 -8.02 4.86 -6.02
N VAL A 8 -7.89 5.69 -4.98
CA VAL A 8 -8.80 5.65 -3.82
C VAL A 8 -8.98 7.06 -3.25
N THR A 9 -10.19 7.37 -2.81
CA THR A 9 -10.48 8.69 -2.22
C THR A 9 -10.31 8.62 -0.71
N VAL A 10 -9.42 9.45 -0.15
CA VAL A 10 -9.17 9.49 1.31
C VAL A 10 -9.32 10.93 1.80
N TYR A 11 -10.20 11.13 2.80
CA TYR A 11 -10.45 12.46 3.37
C TYR A 11 -9.56 12.66 4.60
N ALA A 12 -8.36 13.19 4.38
CA ALA A 12 -7.42 13.43 5.48
C ALA A 12 -6.24 14.25 4.99
N ALA A 13 -5.61 14.99 5.89
CA ALA A 13 -4.46 15.82 5.52
C ALA A 13 -3.32 14.91 5.03
N ILE A 14 -2.68 15.29 3.91
CA ILE A 14 -1.60 14.48 3.35
C ILE A 14 -0.52 14.20 4.40
N GLU A 15 -0.31 15.17 5.30
CA GLU A 15 0.69 15.02 6.36
C GLU A 15 0.36 13.83 7.25
N LYS A 16 -0.93 13.65 7.56
CA LYS A 16 -1.36 12.54 8.39
C LYS A 16 -1.26 11.22 7.61
N VAL A 17 -1.77 11.22 6.38
CA VAL A 17 -1.76 10.02 5.55
C VAL A 17 -0.33 9.58 5.27
N TRP A 18 0.55 10.53 4.99
CA TRP A 18 1.95 10.21 4.70
C TRP A 18 2.57 9.40 5.84
N LYS A 19 2.33 9.84 7.08
CA LYS A 19 2.87 9.16 8.25
C LYS A 19 2.25 7.75 8.36
N TYR A 20 0.92 7.67 8.19
CA TYR A 20 0.22 6.38 8.29
C TYR A 20 0.67 5.43 7.16
N TRP A 21 0.78 5.96 5.95
CA TRP A 21 1.15 5.16 4.79
C TRP A 21 2.62 4.72 4.87
N ASN A 22 3.41 5.42 5.68
CA ASN A 22 4.86 5.13 5.84
C ASN A 22 5.15 4.43 7.18
N GLU A 23 4.35 4.72 8.21
CA GLU A 23 4.54 4.12 9.55
C GLU A 23 4.66 2.58 9.42
N PRO A 24 5.83 1.96 9.57
CA PRO A 24 5.95 0.46 9.43
C PRO A 24 4.96 -0.28 10.33
N ALA A 25 4.84 0.18 11.57
CA ALA A 25 3.94 -0.45 12.54
C ALA A 25 2.50 -0.40 12.06
N HIS A 26 2.14 0.67 11.35
CA HIS A 26 0.77 0.83 10.83
C HIS A 26 0.51 -0.11 9.65
N ILE A 27 1.49 -0.30 8.76
CA ILE A 27 1.28 -1.14 7.58
C ILE A 27 0.94 -2.59 7.99
N MET A 28 1.68 -3.13 8.96
CA MET A 28 1.46 -4.50 9.43
C MET A 28 0.10 -4.63 10.14
N LYS A 29 -0.41 -3.51 10.68
CA LYS A 29 -1.68 -3.52 11.40
C LYS A 29 -2.84 -3.94 10.51
N TRP A 30 -2.89 -3.37 9.30
CA TRP A 30 -3.96 -3.66 8.32
C TRP A 30 -3.41 -4.46 7.16
N CYS A 31 -2.08 -4.61 7.08
CA CYS A 31 -1.44 -5.42 6.03
C CYS A 31 -2.21 -5.47 4.70
N GLN A 32 -2.42 -6.67 4.16
CA GLN A 32 -3.14 -6.84 2.91
C GLN A 32 -4.64 -6.63 3.18
N ALA A 33 -4.95 -6.43 4.47
CA ALA A 33 -6.32 -6.21 4.92
C ALA A 33 -7.16 -7.45 4.66
N SER A 34 -6.54 -8.64 4.73
CA SER A 34 -7.24 -9.93 4.49
C SER A 34 -6.90 -10.94 5.61
N PRO A 35 -7.86 -11.75 6.08
CA PRO A 35 -7.58 -12.77 7.16
C PRO A 35 -6.75 -13.95 6.66
N GLU A 36 -6.57 -14.06 5.34
CA GLU A 36 -5.80 -15.17 4.74
C GLU A 36 -4.30 -14.91 4.87
N TRP A 37 -3.92 -13.63 4.99
CA TRP A 37 -2.51 -13.22 5.13
C TRP A 37 -2.31 -12.43 6.40
N HIS A 38 -1.10 -12.55 6.98
CA HIS A 38 -0.74 -11.84 8.21
C HIS A 38 0.71 -11.35 8.10
N VAL A 39 1.09 -10.40 8.98
CA VAL A 39 2.46 -9.83 8.97
C VAL A 39 3.07 -9.98 10.38
N PRO A 40 3.76 -11.08 10.69
CA PRO A 40 4.35 -11.28 12.04
C PRO A 40 5.62 -10.44 12.22
N ALA A 41 6.09 -9.84 11.12
CA ALA A 41 7.28 -9.00 11.17
C ALA A 41 7.43 -8.22 9.87
N ALA A 42 8.02 -7.03 9.96
CA ALA A 42 8.26 -6.19 8.79
C ALA A 42 9.28 -5.12 9.11
N GLN A 43 10.03 -4.69 8.08
CA GLN A 43 11.07 -3.67 8.23
C GLN A 43 11.02 -2.72 7.03
N ASN A 44 11.30 -1.44 7.29
CA ASN A 44 11.31 -0.42 6.24
C ASN A 44 12.04 0.81 6.75
N ASP A 45 12.91 1.38 5.89
CA ASP A 45 13.69 2.58 6.23
C ASP A 45 13.44 3.64 5.16
N LEU A 46 12.53 4.57 5.45
CA LEU A 46 12.19 5.62 4.49
C LEU A 46 13.39 6.53 4.26
N LYS A 47 14.18 6.23 3.22
CA LYS A 47 15.35 7.06 2.91
C LYS A 47 15.88 6.68 1.54
N ALA A 48 16.31 7.68 0.77
CA ALA A 48 16.85 7.43 -0.56
C ALA A 48 18.07 6.51 -0.48
N GLY A 49 18.15 5.54 -1.40
CA GLY A 49 19.26 4.58 -1.42
C GLY A 49 19.08 3.55 -0.32
N GLY A 50 17.99 3.67 0.45
CA GLY A 50 17.69 2.74 1.54
C GLY A 50 16.93 1.54 0.99
N THR A 51 16.78 0.50 1.81
CA THR A 51 16.06 -0.73 1.42
C THR A 51 15.03 -1.09 2.48
N PHE A 52 14.15 -2.03 2.13
CA PHE A 52 13.09 -2.50 3.04
C PHE A 52 12.91 -4.00 2.92
N THR A 53 12.19 -4.58 3.87
CA THR A 53 11.92 -6.02 3.89
C THR A 53 10.63 -6.28 4.67
N THR A 54 9.60 -6.84 3.98
CA THR A 54 8.30 -7.16 4.61
C THR A 54 8.09 -8.67 4.55
N THR A 55 7.90 -9.31 5.73
CA THR A 55 7.68 -10.75 5.81
C THR A 55 6.18 -11.01 5.81
N MET A 56 5.69 -11.71 4.77
CA MET A 56 4.25 -12.03 4.65
C MET A 56 4.09 -13.53 4.56
N ALA A 57 3.25 -14.10 5.44
CA ALA A 57 3.00 -15.56 5.47
C ALA A 57 1.51 -15.82 5.63
N ALA A 58 1.01 -16.81 4.88
CA ALA A 58 -0.40 -17.18 4.94
C ALA A 58 -0.71 -17.75 6.32
N LYS A 59 -1.95 -17.56 6.79
CA LYS A 59 -2.34 -18.05 8.10
C LYS A 59 -2.12 -19.57 8.19
N ASP A 60 -2.45 -20.27 7.10
CA ASP A 60 -2.28 -21.73 7.05
C ASP A 60 -0.80 -22.08 6.86
N GLY A 61 0.02 -21.07 6.59
CA GLY A 61 1.45 -21.28 6.39
C GLY A 61 1.72 -22.18 5.19
N SER A 62 0.75 -22.26 4.28
CA SER A 62 0.88 -23.09 3.08
C SER A 62 1.70 -22.37 2.01
N MET A 63 1.96 -21.09 2.23
CA MET A 63 2.74 -20.29 1.28
C MET A 63 3.20 -18.98 1.95
N SER A 64 4.46 -18.63 1.72
CA SER A 64 5.05 -17.39 2.26
C SER A 64 6.02 -16.79 1.27
N PHE A 65 6.32 -15.50 1.45
CA PHE A 65 7.25 -14.80 0.57
C PHE A 65 7.79 -13.56 1.28
N ASP A 66 8.82 -12.94 0.69
CA ASP A 66 9.44 -11.73 1.27
C ASP A 66 9.76 -10.74 0.15
N PHE A 67 9.16 -9.54 0.24
CA PHE A 67 9.38 -8.48 -0.76
C PHE A 67 10.50 -7.55 -0.29
N GLY A 68 11.34 -7.13 -1.22
CA GLY A 68 12.46 -6.23 -0.90
C GLY A 68 12.88 -5.46 -2.14
N GLY A 69 13.50 -4.32 -1.93
CA GLY A 69 13.95 -3.48 -3.04
C GLY A 69 14.69 -2.26 -2.49
N VAL A 70 15.00 -1.31 -3.38
CA VAL A 70 15.72 -0.08 -3.00
C VAL A 70 14.95 1.15 -3.50
N TYR A 71 14.94 2.21 -2.68
CA TYR A 71 14.24 3.45 -3.04
C TYR A 71 15.13 4.29 -3.97
N ASP A 72 14.61 4.62 -5.16
CA ASP A 72 15.36 5.42 -6.13
C ASP A 72 15.36 6.89 -5.70
N GLN A 73 14.17 7.39 -5.36
CA GLN A 73 13.99 8.79 -4.94
C GLN A 73 12.86 8.87 -3.91
N VAL A 74 13.05 9.73 -2.90
CA VAL A 74 12.04 9.93 -1.83
C VAL A 74 11.91 11.43 -1.56
N LYS A 75 10.68 11.96 -1.64
CA LYS A 75 10.42 13.39 -1.39
C LYS A 75 9.10 13.51 -0.62
N THR A 76 9.16 14.14 0.56
CA THR A 76 7.97 14.31 1.40
C THR A 76 6.82 14.95 0.61
N ASN A 77 5.68 14.24 0.55
CA ASN A 77 4.51 14.75 -0.15
C ASN A 77 4.83 15.15 -1.59
N ASP A 78 5.11 14.16 -2.44
CA ASP A 78 5.44 14.43 -3.85
C ASP A 78 5.37 13.14 -4.68
N LEU A 79 6.44 12.34 -4.65
CA LEU A 79 6.51 11.09 -5.42
C LEU A 79 7.33 10.06 -4.66
N ILE A 80 6.87 8.80 -4.69
CA ILE A 80 7.55 7.67 -4.03
C ILE A 80 7.59 6.52 -5.01
N GLU A 81 8.77 5.93 -5.20
CA GLU A 81 8.94 4.80 -6.11
C GLU A 81 10.13 3.97 -5.66
N TYR A 82 10.14 2.71 -6.06
CA TYR A 82 11.23 1.80 -5.70
C TYR A 82 11.31 0.67 -6.73
N THR A 83 12.47 0.00 -6.78
CA THR A 83 12.71 -1.10 -7.74
C THR A 83 12.83 -2.42 -6.97
N ILE A 84 12.17 -3.47 -7.48
CA ILE A 84 12.20 -4.80 -6.86
C ILE A 84 13.37 -5.60 -7.42
N GLY A 85 13.84 -6.59 -6.65
CA GLY A 85 14.95 -7.42 -7.09
C GLY A 85 14.64 -8.14 -8.40
N ASP A 86 13.37 -8.53 -8.58
CA ASP A 86 12.95 -9.24 -9.79
C ASP A 86 13.00 -8.31 -11.00
N GLY A 87 13.19 -7.01 -10.73
CA GLY A 87 13.27 -5.98 -11.79
C GLY A 87 11.95 -5.21 -11.89
N ARG A 88 10.93 -5.67 -11.16
CA ARG A 88 9.63 -5.01 -11.17
C ARG A 88 9.72 -3.68 -10.43
N LYS A 89 8.75 -2.80 -10.68
CA LYS A 89 8.72 -1.48 -10.06
C LYS A 89 7.29 -1.06 -9.79
N VAL A 90 7.13 -0.10 -8.89
CA VAL A 90 5.81 0.43 -8.52
C VAL A 90 5.92 1.93 -8.25
N ARG A 91 5.30 2.75 -9.10
CA ARG A 91 5.31 4.20 -8.93
C ARG A 91 4.07 4.61 -8.16
N ILE A 92 4.26 5.38 -7.06
CA ILE A 92 3.13 5.85 -6.24
C ILE A 92 3.22 7.38 -6.13
N VAL A 93 2.24 8.07 -6.73
CA VAL A 93 2.18 9.54 -6.71
C VAL A 93 1.04 9.99 -5.80
N PHE A 94 1.32 10.96 -4.94
CA PHE A 94 0.31 11.49 -4.00
C PHE A 94 -0.18 12.84 -4.50
N THR A 95 -1.49 13.00 -4.51
CA THR A 95 -2.12 14.25 -4.96
C THR A 95 -3.20 14.64 -3.96
N HIS A 96 -3.49 15.94 -3.88
CA HIS A 96 -4.50 16.46 -2.96
C HIS A 96 -5.05 17.77 -3.50
N THR A 97 -6.25 18.13 -3.05
CA THR A 97 -6.92 19.38 -3.48
C THR A 97 -7.50 20.11 -2.28
N GLY A 98 -6.87 19.91 -1.12
CA GLY A 98 -7.31 20.55 0.13
C GLY A 98 -8.46 19.77 0.78
N ASP A 99 -8.30 19.46 2.07
CA ASP A 99 -9.31 18.72 2.83
C ASP A 99 -9.62 17.38 2.14
N THR A 100 -8.79 17.00 1.17
CA THR A 100 -8.96 15.75 0.43
C THR A 100 -7.62 15.27 -0.10
N THR A 101 -7.41 13.95 -0.08
CA THR A 101 -6.18 13.32 -0.58
C THR A 101 -6.52 12.17 -1.52
N ASN A 102 -5.88 12.16 -2.69
CA ASN A 102 -6.07 11.12 -3.70
C ASN A 102 -4.75 10.39 -3.93
N ILE A 103 -4.75 9.06 -3.74
CA ILE A 103 -3.55 8.23 -3.91
C ILE A 103 -3.69 7.47 -5.23
N VAL A 104 -2.68 7.59 -6.12
CA VAL A 104 -2.71 6.89 -7.42
C VAL A 104 -1.42 6.11 -7.60
N GLU A 105 -1.54 4.85 -8.03
CA GLU A 105 -0.38 3.99 -8.24
C GLU A 105 -0.58 3.12 -9.48
N SER A 106 0.51 2.85 -10.20
CA SER A 106 0.47 2.02 -11.41
C SER A 106 1.57 0.97 -11.34
N PHE A 107 1.28 -0.25 -11.81
CA PHE A 107 2.25 -1.35 -11.79
C PHE A 107 1.93 -2.34 -12.90
N ASP A 108 2.96 -3.09 -13.34
CA ASP A 108 2.77 -4.08 -14.42
C ASP A 108 2.29 -5.43 -13.85
N PRO A 109 1.32 -6.12 -14.46
CA PRO A 109 0.84 -7.45 -13.93
C PRO A 109 1.85 -8.56 -14.25
N GLU A 110 1.76 -9.64 -13.47
CA GLU A 110 2.63 -10.81 -13.68
C GLU A 110 2.16 -11.57 -14.92
N GLU A 111 3.08 -12.30 -15.56
CA GLU A 111 2.76 -13.07 -16.76
C GLU A 111 2.18 -14.43 -16.39
N THR A 112 2.78 -15.07 -15.39
CA THR A 112 2.34 -16.40 -14.95
C THR A 112 0.91 -16.37 -14.42
N ASN A 113 0.60 -15.36 -13.57
CA ASN A 113 -0.74 -15.24 -12.98
C ASN A 113 -1.64 -14.32 -13.82
N PRO A 114 -2.95 -14.54 -13.87
CA PRO A 114 -3.87 -13.68 -14.68
C PRO A 114 -3.86 -12.21 -14.18
N ARG A 115 -3.82 -11.27 -15.13
CA ARG A 115 -3.83 -9.83 -14.82
C ARG A 115 -5.18 -9.40 -14.24
N GLU A 116 -6.27 -9.97 -14.78
CA GLU A 116 -7.61 -9.63 -14.34
C GLU A 116 -7.78 -9.84 -12.84
N LEU A 117 -7.22 -10.94 -12.32
CA LEU A 117 -7.32 -11.25 -10.89
C LEU A 117 -6.59 -10.19 -10.07
N GLN A 118 -5.40 -9.79 -10.54
CA GLN A 118 -4.61 -8.79 -9.82
C GLN A 118 -5.36 -7.47 -9.73
N GLN A 119 -5.93 -7.02 -10.84
CA GLN A 119 -6.70 -5.77 -10.85
C GLN A 119 -7.77 -5.78 -9.75
N SER A 120 -8.53 -6.87 -9.69
CA SER A 120 -9.58 -7.01 -8.68
C SER A 120 -8.95 -7.03 -7.28
N GLY A 121 -7.85 -7.75 -7.13
CA GLY A 121 -7.18 -7.85 -5.83
C GLY A 121 -6.70 -6.49 -5.35
N TRP A 122 -5.95 -5.77 -6.19
CA TRP A 122 -5.44 -4.44 -5.82
C TRP A 122 -6.60 -3.46 -5.60
N GLN A 123 -7.66 -3.60 -6.39
CA GLN A 123 -8.82 -2.73 -6.26
C GLN A 123 -9.62 -3.09 -5.00
N ALA A 124 -9.72 -4.40 -4.72
CA ALA A 124 -10.47 -4.89 -3.56
C ALA A 124 -9.94 -4.32 -2.24
N ILE A 125 -8.63 -4.44 -2.02
CA ILE A 125 -8.01 -3.95 -0.79
C ILE A 125 -8.20 -2.43 -0.68
N LEU A 126 -8.11 -1.73 -1.81
CA LEU A 126 -8.29 -0.29 -1.83
C LEU A 126 -9.72 0.07 -1.37
N ASN A 127 -10.70 -0.70 -1.84
CA ASN A 127 -12.09 -0.45 -1.46
C ASN A 127 -12.28 -0.65 0.05
N SER A 128 -11.65 -1.69 0.58
CA SER A 128 -11.73 -2.00 2.00
C SER A 128 -11.17 -0.86 2.85
N PHE A 129 -10.15 -0.17 2.33
CA PHE A 129 -9.52 0.93 3.05
C PHE A 129 -10.55 1.99 3.46
N LYS A 130 -11.40 2.37 2.52
CA LYS A 130 -12.43 3.38 2.80
C LYS A 130 -13.40 2.86 3.86
N SER A 131 -13.83 1.60 3.72
CA SER A 131 -14.75 0.99 4.67
C SER A 131 -14.14 0.95 6.06
N TYR A 132 -12.86 0.56 6.14
CA TYR A 132 -12.16 0.48 7.41
C TYR A 132 -12.08 1.86 8.07
N THR A 133 -11.75 2.88 7.27
CA THR A 133 -11.63 4.24 7.78
C THR A 133 -12.95 4.70 8.42
N GLU A 134 -14.05 4.49 7.71
CA GLU A 134 -15.37 4.87 8.21
C GLU A 134 -15.74 4.02 9.42
N ASN A 135 -15.48 2.72 9.32
CA ASN A 135 -15.77 1.79 10.42
C ASN A 135 -14.91 2.11 11.63
N ASN A 136 -13.68 2.54 11.40
CA ASN A 136 -12.77 2.88 12.48
C ASN A 136 -13.34 4.02 13.32
N LEU A 137 -13.90 5.04 12.65
CA LEU A 137 -14.51 6.19 13.34
C LEU A 137 -15.61 6.79 12.46
N GLU A 138 -16.83 6.85 13.01
CA GLU A 138 -17.97 7.43 12.31
C GLU A 138 -17.93 8.95 12.38
N HIS A 139 -16.71 9.51 12.34
CA HIS A 139 -16.53 10.96 12.42
C HIS A 139 -17.21 11.54 13.66
N HIS A 140 -16.56 11.40 14.82
CA HIS A 140 -17.13 11.90 16.07
C HIS A 140 -17.18 13.42 16.05
N HIS A 141 -18.27 13.99 16.60
CA HIS A 141 -18.44 15.44 16.64
C HIS A 141 -17.39 16.05 17.59
N HIS A 142 -16.83 17.19 17.18
CA HIS A 142 -15.83 17.88 17.98
C HIS A 142 -15.69 19.33 17.51
N HIS A 143 -15.22 20.20 18.40
CA HIS A 143 -15.03 21.61 18.07
C HIS A 143 -14.24 22.30 19.18
N HIS A 144 -12.92 22.29 19.05
CA HIS A 144 -12.03 22.92 20.03
C HIS A 144 -12.33 22.42 21.44
N GLY A 1 -2.78 -1.67 -20.61
CA GLY A 1 -3.08 -3.07 -20.18
C GLY A 1 -2.06 -3.53 -19.15
N ASN A 2 -0.78 -3.52 -19.54
CA ASN A 2 0.29 -3.95 -18.65
C ASN A 2 0.64 -2.83 -17.67
N LYS A 3 -0.17 -1.77 -17.66
CA LYS A 3 0.04 -0.60 -16.79
C LYS A 3 -1.22 -0.34 -15.96
N ILE A 4 -1.70 -1.37 -15.26
CA ILE A 4 -2.91 -1.24 -14.43
C ILE A 4 -2.76 -0.01 -13.53
N THR A 5 -3.84 0.76 -13.39
CA THR A 5 -3.84 1.97 -12.55
C THR A 5 -5.10 1.96 -11.68
N VAL A 6 -4.92 2.26 -10.40
CA VAL A 6 -6.03 2.31 -9.44
C VAL A 6 -5.91 3.57 -8.59
N GLU A 7 -7.04 4.02 -8.04
CA GLU A 7 -7.07 5.24 -7.20
C GLU A 7 -8.02 5.02 -6.02
N VAL A 8 -7.83 5.82 -4.97
CA VAL A 8 -8.68 5.73 -3.77
C VAL A 8 -8.88 7.14 -3.20
N THR A 9 -10.11 7.42 -2.73
CA THR A 9 -10.43 8.73 -2.15
C THR A 9 -10.24 8.68 -0.65
N VAL A 10 -9.27 9.43 -0.14
CA VAL A 10 -8.96 9.49 1.31
C VAL A 10 -9.15 10.92 1.81
N TYR A 11 -9.97 11.08 2.86
CA TYR A 11 -10.24 12.40 3.45
C TYR A 11 -9.37 12.60 4.69
N ALA A 12 -8.15 13.12 4.47
CA ALA A 12 -7.21 13.36 5.55
C ALA A 12 -6.02 14.18 5.04
N ALA A 13 -5.39 14.93 5.93
CA ALA A 13 -4.25 15.76 5.56
C ALA A 13 -3.09 14.86 5.10
N ILE A 14 -2.43 15.23 4.00
CA ILE A 14 -1.33 14.43 3.46
C ILE A 14 -0.28 14.15 4.52
N GLU A 15 -0.11 15.10 5.44
CA GLU A 15 0.89 14.95 6.50
C GLU A 15 0.61 13.71 7.34
N LYS A 16 -0.67 13.45 7.62
CA LYS A 16 -1.07 12.29 8.41
C LYS A 16 -0.97 11.01 7.56
N VAL A 17 -1.49 11.08 6.33
CA VAL A 17 -1.48 9.94 5.42
C VAL A 17 -0.04 9.54 5.09
N TRP A 18 0.80 10.52 4.84
CA TRP A 18 2.20 10.26 4.49
C TRP A 18 2.87 9.44 5.60
N LYS A 19 2.66 9.84 6.84
CA LYS A 19 3.22 9.14 7.98
C LYS A 19 2.60 7.76 8.13
N TYR A 20 1.27 7.68 8.01
CA TYR A 20 0.56 6.40 8.14
C TYR A 20 0.93 5.45 6.99
N TRP A 21 1.00 5.98 5.78
CA TRP A 21 1.30 5.19 4.59
C TRP A 21 2.77 4.75 4.57
N ASN A 22 3.63 5.43 5.34
CA ASN A 22 5.08 5.13 5.39
C ASN A 22 5.44 4.40 6.70
N GLU A 23 4.61 4.55 7.73
CA GLU A 23 4.87 3.90 9.02
C GLU A 23 4.78 2.36 8.85
N PRO A 24 5.73 1.57 9.35
CA PRO A 24 5.65 0.08 9.20
C PRO A 24 4.61 -0.53 10.12
N ALA A 25 4.55 -0.02 11.35
CA ALA A 25 3.59 -0.54 12.34
C ALA A 25 2.16 -0.45 11.81
N HIS A 26 1.88 0.62 11.05
CA HIS A 26 0.56 0.83 10.48
C HIS A 26 0.30 -0.13 9.31
N ILE A 27 1.25 -0.28 8.40
CA ILE A 27 1.07 -1.16 7.24
C ILE A 27 0.84 -2.62 7.68
N MET A 28 1.72 -3.14 8.54
CA MET A 28 1.62 -4.52 8.99
C MET A 28 0.29 -4.77 9.73
N LYS A 29 -0.38 -3.70 10.16
CA LYS A 29 -1.65 -3.82 10.89
C LYS A 29 -2.81 -4.21 9.95
N TRP A 30 -2.74 -3.76 8.68
CA TRP A 30 -3.78 -4.04 7.68
C TRP A 30 -3.17 -4.49 6.36
N CYS A 31 -1.89 -4.87 6.38
CA CYS A 31 -1.21 -5.34 5.15
C CYS A 31 -2.00 -6.48 4.52
N GLN A 32 -2.15 -6.42 3.19
CA GLN A 32 -2.89 -7.43 2.44
C GLN A 32 -4.40 -7.30 2.72
N ALA A 33 -4.72 -6.96 3.97
CA ALA A 33 -6.11 -6.79 4.39
C ALA A 33 -6.91 -8.06 4.13
N SER A 34 -6.27 -9.23 4.32
CA SER A 34 -6.91 -10.55 4.09
C SER A 34 -6.65 -11.49 5.29
N PRO A 35 -7.61 -12.30 5.72
CA PRO A 35 -7.40 -13.24 6.88
C PRO A 35 -6.54 -14.45 6.49
N GLU A 36 -6.26 -14.61 5.19
CA GLU A 36 -5.46 -15.74 4.69
C GLU A 36 -3.97 -15.40 4.76
N TRP A 37 -3.64 -14.25 5.37
CA TRP A 37 -2.24 -13.82 5.51
C TRP A 37 -2.08 -12.93 6.72
N HIS A 38 -0.85 -12.88 7.24
CA HIS A 38 -0.52 -12.07 8.41
C HIS A 38 0.93 -11.59 8.31
N VAL A 39 1.28 -10.58 9.10
CA VAL A 39 2.64 -9.99 9.11
C VAL A 39 3.15 -9.96 10.57
N PRO A 40 3.86 -10.98 11.05
CA PRO A 40 4.36 -11.00 12.46
C PRO A 40 5.60 -10.13 12.63
N ALA A 41 6.06 -9.52 11.53
CA ALA A 41 7.22 -8.63 11.59
C ALA A 41 7.32 -7.81 10.30
N ALA A 42 7.91 -6.62 10.41
CA ALA A 42 8.10 -5.75 9.25
C ALA A 42 9.09 -4.64 9.57
N GLN A 43 9.80 -4.17 8.55
CA GLN A 43 10.79 -3.09 8.71
C GLN A 43 10.66 -2.09 7.55
N ASN A 44 11.00 -0.82 7.84
CA ASN A 44 10.92 0.25 6.84
C ASN A 44 11.79 1.44 7.27
N ASP A 45 12.62 1.93 6.35
CA ASP A 45 13.50 3.08 6.60
C ASP A 45 13.33 4.10 5.48
N LEU A 46 12.47 5.09 5.71
CA LEU A 46 12.20 6.11 4.70
C LEU A 46 13.48 6.91 4.41
N LYS A 47 14.22 6.48 3.39
CA LYS A 47 15.46 7.17 3.02
C LYS A 47 15.94 6.67 1.66
N ALA A 48 16.45 7.59 0.83
CA ALA A 48 16.95 7.22 -0.49
C ALA A 48 18.10 6.22 -0.37
N GLY A 49 18.10 5.20 -1.23
CA GLY A 49 19.14 4.18 -1.20
C GLY A 49 18.97 3.28 0.02
N GLY A 50 17.93 3.54 0.80
CA GLY A 50 17.64 2.74 2.00
C GLY A 50 17.01 1.42 1.60
N THR A 51 17.28 0.36 2.39
CA THR A 51 16.73 -0.99 2.14
C THR A 51 15.74 -1.35 3.22
N PHE A 52 14.83 -2.29 2.90
CA PHE A 52 13.82 -2.74 3.85
C PHE A 52 13.34 -4.14 3.47
N THR A 53 12.58 -4.76 4.37
CA THR A 53 12.04 -6.10 4.13
C THR A 53 10.79 -6.32 4.99
N THR A 54 9.80 -7.00 4.41
CA THR A 54 8.54 -7.30 5.13
C THR A 54 8.32 -8.81 5.17
N THR A 55 8.21 -9.37 6.38
CA THR A 55 7.99 -10.81 6.55
C THR A 55 6.50 -11.09 6.49
N MET A 56 6.03 -11.75 5.41
CA MET A 56 4.62 -12.08 5.23
C MET A 56 4.49 -13.58 4.96
N ALA A 57 3.87 -14.31 5.88
CA ALA A 57 3.68 -15.77 5.75
C ALA A 57 2.23 -16.14 6.06
N ALA A 58 1.70 -17.10 5.30
CA ALA A 58 0.33 -17.55 5.51
C ALA A 58 0.17 -18.10 6.93
N LYS A 59 -1.01 -17.94 7.50
CA LYS A 59 -1.27 -18.40 8.87
C LYS A 59 -1.01 -19.91 8.97
N ASP A 60 -1.39 -20.65 7.92
CA ASP A 60 -1.19 -22.09 7.89
C ASP A 60 0.29 -22.41 7.66
N GLY A 61 1.06 -21.38 7.30
CA GLY A 61 2.49 -21.53 7.04
C GLY A 61 2.73 -22.37 5.80
N SER A 62 1.68 -22.50 4.97
CA SER A 62 1.78 -23.28 3.74
C SER A 62 2.81 -22.69 2.79
N MET A 63 2.81 -21.35 2.68
CA MET A 63 3.74 -20.64 1.80
C MET A 63 4.14 -19.30 2.42
N SER A 64 5.38 -18.88 2.16
CA SER A 64 5.91 -17.60 2.68
C SER A 64 6.84 -16.97 1.67
N PHE A 65 6.98 -15.65 1.72
CA PHE A 65 7.86 -14.92 0.81
C PHE A 65 8.31 -13.62 1.46
N ASP A 66 9.56 -13.25 1.21
CA ASP A 66 10.14 -12.02 1.76
C ASP A 66 10.01 -10.89 0.75
N PHE A 67 9.13 -9.92 1.02
CA PHE A 67 8.91 -8.77 0.12
C PHE A 67 9.76 -7.59 0.59
N GLY A 68 10.49 -6.98 -0.34
CA GLY A 68 11.34 -5.84 -0.01
C GLY A 68 11.82 -5.15 -1.28
N GLY A 69 12.54 -4.05 -1.10
CA GLY A 69 13.05 -3.28 -2.23
C GLY A 69 13.95 -2.16 -1.73
N VAL A 70 14.37 -1.28 -2.64
CA VAL A 70 15.25 -0.14 -2.31
C VAL A 70 14.62 1.16 -2.83
N TYR A 71 14.58 2.19 -1.98
CA TYR A 71 14.02 3.48 -2.36
C TYR A 71 14.96 4.20 -3.32
N ASP A 72 14.52 4.38 -4.57
CA ASP A 72 15.34 5.06 -5.58
C ASP A 72 15.36 6.56 -5.32
N GLN A 73 14.17 7.14 -5.08
CA GLN A 73 14.03 8.57 -4.82
C GLN A 73 12.99 8.79 -3.72
N VAL A 74 13.29 9.71 -2.79
CA VAL A 74 12.38 10.03 -1.67
C VAL A 74 12.26 11.55 -1.55
N LYS A 75 11.02 12.07 -1.57
CA LYS A 75 10.77 13.51 -1.46
C LYS A 75 9.47 13.72 -0.66
N THR A 76 9.60 14.30 0.55
CA THR A 76 8.45 14.52 1.43
C THR A 76 7.26 15.16 0.68
N ASN A 77 6.14 14.42 0.62
CA ASN A 77 4.92 14.90 -0.04
C ASN A 77 5.20 15.35 -1.48
N ASP A 78 5.47 14.39 -2.37
CA ASP A 78 5.75 14.70 -3.77
C ASP A 78 5.74 13.42 -4.62
N LEU A 79 6.73 12.55 -4.41
CA LEU A 79 6.83 11.30 -5.18
C LEU A 79 7.50 10.21 -4.34
N ILE A 80 6.92 9.00 -4.33
CA ILE A 80 7.46 7.84 -3.60
C ILE A 80 7.54 6.66 -4.56
N GLU A 81 8.73 6.06 -4.69
CA GLU A 81 8.93 4.91 -5.58
C GLU A 81 10.10 4.08 -5.06
N TYR A 82 10.07 2.79 -5.35
CA TYR A 82 11.13 1.88 -4.92
C TYR A 82 11.24 0.73 -5.92
N THR A 83 12.44 0.15 -6.03
CA THR A 83 12.67 -0.96 -6.97
C THR A 83 12.23 -2.28 -6.35
N ILE A 84 11.41 -3.04 -7.07
CA ILE A 84 10.89 -4.33 -6.60
C ILE A 84 11.93 -5.44 -6.86
N GLY A 85 12.01 -6.40 -5.93
CA GLY A 85 12.96 -7.49 -6.07
C GLY A 85 12.75 -8.24 -7.39
N ASP A 86 11.49 -8.46 -7.76
CA ASP A 86 11.15 -9.16 -9.00
C ASP A 86 11.58 -8.32 -10.22
N GLY A 87 12.05 -7.10 -9.96
CA GLY A 87 12.49 -6.20 -11.04
C GLY A 87 11.33 -5.37 -11.58
N ARG A 88 10.14 -5.57 -11.01
CA ARG A 88 8.96 -4.83 -11.45
C ARG A 88 9.12 -3.35 -11.10
N LYS A 89 8.38 -2.48 -11.77
CA LYS A 89 8.45 -1.02 -11.53
C LYS A 89 7.12 -0.52 -10.96
N VAL A 90 7.23 0.28 -9.90
CA VAL A 90 6.06 0.87 -9.21
C VAL A 90 6.33 2.34 -8.92
N ARG A 91 5.36 3.20 -9.20
CA ARG A 91 5.48 4.64 -8.95
C ARG A 91 4.18 5.14 -8.31
N ILE A 92 4.30 5.82 -7.16
CA ILE A 92 3.14 6.37 -6.44
C ILE A 92 3.18 7.89 -6.58
N VAL A 93 2.15 8.48 -7.22
CA VAL A 93 2.08 9.94 -7.41
C VAL A 93 1.15 10.54 -6.37
N PHE A 94 1.62 11.58 -5.67
CA PHE A 94 0.82 12.25 -4.65
C PHE A 94 0.10 13.45 -5.28
N THR A 95 -1.23 13.48 -5.10
CA THR A 95 -2.05 14.58 -5.62
C THR A 95 -3.20 14.83 -4.65
N HIS A 96 -3.55 16.10 -4.46
CA HIS A 96 -4.63 16.50 -3.55
C HIS A 96 -5.21 17.83 -4.00
N THR A 97 -6.51 18.02 -3.76
CA THR A 97 -7.19 19.27 -4.13
C THR A 97 -7.29 20.21 -2.93
N GLY A 98 -7.02 19.65 -1.75
CA GLY A 98 -7.06 20.41 -0.50
C GLY A 98 -7.33 19.49 0.68
N ASP A 99 -8.58 19.47 1.15
CA ASP A 99 -8.98 18.64 2.28
C ASP A 99 -9.16 17.17 1.85
N THR A 100 -8.98 16.90 0.55
CA THR A 100 -9.12 15.56 -0.01
C THR A 100 -7.80 15.11 -0.62
N THR A 101 -7.34 13.92 -0.23
CA THR A 101 -6.08 13.35 -0.73
C THR A 101 -6.38 12.25 -1.76
N ASN A 102 -5.64 12.27 -2.88
CA ASN A 102 -5.82 11.28 -3.96
C ASN A 102 -4.52 10.50 -4.16
N ILE A 103 -4.55 9.19 -3.88
CA ILE A 103 -3.38 8.32 -4.03
C ILE A 103 -3.51 7.55 -5.34
N VAL A 104 -2.49 7.63 -6.20
CA VAL A 104 -2.48 6.93 -7.49
C VAL A 104 -1.26 6.01 -7.53
N GLU A 105 -1.50 4.73 -7.84
CA GLU A 105 -0.42 3.73 -7.92
C GLU A 105 -0.68 2.76 -9.08
N SER A 106 0.39 2.32 -9.73
CA SER A 106 0.31 1.39 -10.87
C SER A 106 1.27 0.24 -10.67
N PHE A 107 0.91 -0.94 -11.19
CA PHE A 107 1.74 -2.15 -11.07
C PHE A 107 1.75 -2.90 -12.40
N ASP A 108 2.86 -3.60 -12.65
CA ASP A 108 3.05 -4.39 -13.88
C ASP A 108 2.51 -5.82 -13.67
N PRO A 109 1.42 -6.25 -14.31
CA PRO A 109 0.87 -7.63 -14.13
C PRO A 109 1.64 -8.68 -14.92
N GLU A 110 1.53 -9.93 -14.51
CA GLU A 110 2.19 -11.04 -15.18
C GLU A 110 1.41 -11.43 -16.44
N GLU A 111 2.13 -11.97 -17.42
CA GLU A 111 1.52 -12.39 -18.68
C GLU A 111 0.80 -13.74 -18.52
N THR A 112 1.42 -14.64 -17.76
CA THR A 112 0.85 -15.97 -17.55
C THR A 112 -0.49 -15.90 -16.80
N ASN A 113 -0.54 -15.07 -15.74
CA ASN A 113 -1.77 -14.93 -14.94
C ASN A 113 -2.69 -13.86 -15.54
N PRO A 114 -4.01 -14.01 -15.49
CA PRO A 114 -4.95 -12.98 -16.06
C PRO A 114 -4.95 -11.69 -15.23
N ARG A 115 -4.88 -10.55 -15.92
CA ARG A 115 -4.88 -9.25 -15.26
C ARG A 115 -6.21 -8.99 -14.54
N GLU A 116 -7.30 -9.48 -15.13
CA GLU A 116 -8.64 -9.29 -14.57
C GLU A 116 -8.68 -9.65 -13.07
N LEU A 117 -7.99 -10.71 -12.70
CA LEU A 117 -7.95 -11.15 -11.29
C LEU A 117 -7.02 -10.23 -10.48
N GLN A 118 -5.89 -9.83 -11.07
CA GLN A 118 -4.93 -8.97 -10.38
C GLN A 118 -5.52 -7.60 -10.09
N GLN A 119 -6.02 -6.93 -11.14
CA GLN A 119 -6.60 -5.59 -10.97
C GLN A 119 -7.71 -5.61 -9.94
N SER A 120 -8.49 -6.68 -9.96
CA SER A 120 -9.58 -6.85 -9.00
C SER A 120 -9.03 -6.83 -7.57
N GLY A 121 -7.88 -7.48 -7.38
CA GLY A 121 -7.25 -7.55 -6.07
C GLY A 121 -6.75 -6.19 -5.61
N TRP A 122 -6.04 -5.48 -6.49
CA TRP A 122 -5.52 -4.15 -6.16
C TRP A 122 -6.65 -3.19 -5.77
N GLN A 123 -7.78 -3.29 -6.48
CA GLN A 123 -8.93 -2.44 -6.20
C GLN A 123 -9.65 -2.93 -4.94
N ALA A 124 -9.66 -4.25 -4.72
CA ALA A 124 -10.34 -4.84 -3.55
C ALA A 124 -9.76 -4.32 -2.24
N ILE A 125 -8.43 -4.39 -2.10
CA ILE A 125 -7.77 -3.93 -0.88
C ILE A 125 -8.00 -2.43 -0.68
N LEU A 126 -7.97 -1.68 -1.77
CA LEU A 126 -8.19 -0.23 -1.71
C LEU A 126 -9.61 0.06 -1.23
N ASN A 127 -10.58 -0.74 -1.70
CA ASN A 127 -11.98 -0.55 -1.30
C ASN A 127 -12.13 -0.77 0.20
N SER A 128 -11.42 -1.77 0.72
CA SER A 128 -11.47 -2.09 2.15
C SER A 128 -11.01 -0.91 2.99
N PHE A 129 -10.01 -0.18 2.49
CA PHE A 129 -9.47 0.97 3.22
C PHE A 129 -10.59 1.99 3.51
N LYS A 130 -11.38 2.33 2.49
CA LYS A 130 -12.47 3.27 2.67
C LYS A 130 -13.51 2.71 3.64
N SER A 131 -13.81 1.42 3.50
CA SER A 131 -14.79 0.76 4.37
C SER A 131 -14.34 0.83 5.83
N TYR A 132 -13.06 0.56 6.06
CA TYR A 132 -12.52 0.60 7.42
C TYR A 132 -12.64 2.01 8.00
N THR A 133 -12.24 3.01 7.21
CA THR A 133 -12.31 4.40 7.65
C THR A 133 -13.76 4.81 7.95
N GLU A 134 -14.66 4.46 7.04
CA GLU A 134 -16.08 4.79 7.21
C GLU A 134 -16.64 4.03 8.41
N ASN A 135 -16.17 2.80 8.62
CA ASN A 135 -16.65 1.98 9.74
C ASN A 135 -16.29 2.63 11.07
N ASN A 136 -15.15 3.31 11.11
CA ASN A 136 -14.70 3.97 12.34
C ASN A 136 -15.70 5.06 12.74
N LEU A 137 -16.27 5.73 11.74
CA LEU A 137 -17.25 6.81 11.98
C LEU A 137 -16.64 7.89 12.90
N GLU A 138 -17.15 7.99 14.13
CA GLU A 138 -16.64 8.98 15.08
C GLU A 138 -15.18 8.71 15.39
N HIS A 139 -14.56 9.59 16.17
CA HIS A 139 -13.15 9.43 16.53
C HIS A 139 -12.81 10.40 17.68
N HIS A 140 -12.12 9.89 18.69
CA HIS A 140 -11.71 10.70 19.84
C HIS A 140 -10.73 9.93 20.72
N HIS A 141 -10.06 8.95 20.11
CA HIS A 141 -9.08 8.13 20.84
C HIS A 141 -7.97 9.01 21.41
N HIS A 142 -7.48 9.94 20.58
CA HIS A 142 -6.41 10.85 21.00
C HIS A 142 -5.23 10.07 21.59
N HIS A 143 -4.32 9.62 20.73
CA HIS A 143 -3.15 8.86 21.17
C HIS A 143 -3.58 7.66 22.03
N HIS A 144 -4.00 6.59 21.36
CA HIS A 144 -4.44 5.37 22.06
C HIS A 144 -5.53 5.68 23.08
N GLY A 1 2.45 -3.22 -22.44
CA GLY A 1 2.35 -4.56 -21.77
C GLY A 1 1.18 -4.54 -20.80
N ASN A 2 1.42 -4.04 -19.58
CA ASN A 2 0.38 -3.97 -18.55
C ASN A 2 0.76 -2.91 -17.51
N LYS A 3 -0.07 -1.85 -17.42
CA LYS A 3 0.15 -0.73 -16.49
C LYS A 3 -1.10 -0.50 -15.64
N ILE A 4 -1.55 -1.55 -14.94
CA ILE A 4 -2.74 -1.45 -14.09
C ILE A 4 -2.66 -0.20 -13.23
N THR A 5 -3.78 0.51 -13.10
CA THR A 5 -3.83 1.75 -12.31
C THR A 5 -5.10 1.75 -11.46
N VAL A 6 -4.95 2.15 -10.21
CA VAL A 6 -6.07 2.21 -9.26
C VAL A 6 -6.00 3.52 -8.48
N GLU A 7 -7.14 3.95 -7.96
CA GLU A 7 -7.23 5.20 -7.18
C GLU A 7 -8.17 5.01 -6.01
N VAL A 8 -8.03 5.87 -4.99
CA VAL A 8 -8.88 5.83 -3.81
C VAL A 8 -8.98 7.23 -3.21
N THR A 9 -10.17 7.57 -2.70
CA THR A 9 -10.42 8.87 -2.09
C THR A 9 -10.28 8.75 -0.59
N VAL A 10 -9.39 9.57 0.00
CA VAL A 10 -9.16 9.57 1.46
C VAL A 10 -9.28 11.00 1.99
N TYR A 11 -10.09 11.18 3.04
CA TYR A 11 -10.29 12.50 3.64
C TYR A 11 -9.31 12.70 4.80
N ALA A 12 -8.12 13.20 4.49
CA ALA A 12 -7.10 13.43 5.50
C ALA A 12 -5.95 14.22 4.90
N ALA A 13 -5.27 14.99 5.74
CA ALA A 13 -4.13 15.79 5.28
C ALA A 13 -3.03 14.89 4.75
N ILE A 14 -2.48 15.23 3.58
CA ILE A 14 -1.42 14.42 2.96
C ILE A 14 -0.25 14.19 3.92
N GLU A 15 0.05 15.19 4.74
CA GLU A 15 1.15 15.09 5.69
C GLU A 15 0.85 13.99 6.71
N LYS A 16 -0.42 13.85 7.05
CA LYS A 16 -0.85 12.82 8.00
C LYS A 16 -0.80 11.44 7.34
N VAL A 17 -1.40 11.33 6.15
CA VAL A 17 -1.44 10.07 5.41
C VAL A 17 -0.03 9.63 5.06
N TRP A 18 0.80 10.57 4.62
CA TRP A 18 2.18 10.25 4.26
C TRP A 18 2.89 9.53 5.41
N LYS A 19 2.64 9.98 6.64
CA LYS A 19 3.29 9.39 7.80
C LYS A 19 2.85 7.95 8.02
N TYR A 20 1.53 7.72 8.10
CA TYR A 20 0.99 6.37 8.33
C TYR A 20 1.21 5.48 7.12
N TRP A 21 0.98 6.03 5.94
CA TRP A 21 1.12 5.26 4.70
C TRP A 21 2.56 4.77 4.54
N ASN A 22 3.50 5.43 5.22
CA ASN A 22 4.92 5.08 5.16
C ASN A 22 5.34 4.37 6.45
N GLU A 23 4.56 4.55 7.51
CA GLU A 23 4.90 3.92 8.79
C GLU A 23 4.75 2.38 8.67
N PRO A 24 5.77 1.57 8.94
CA PRO A 24 5.64 0.08 8.82
C PRO A 24 4.75 -0.52 9.92
N ALA A 25 4.81 0.07 11.11
CA ALA A 25 4.01 -0.41 12.24
C ALA A 25 2.52 -0.27 11.94
N HIS A 26 2.15 0.83 11.30
CA HIS A 26 0.76 1.07 10.95
C HIS A 26 0.28 0.03 9.93
N ILE A 27 1.09 -0.22 8.91
CA ILE A 27 0.70 -1.19 7.87
C ILE A 27 0.54 -2.57 8.49
N MET A 28 1.49 -2.95 9.36
CA MET A 28 1.44 -4.26 10.00
C MET A 28 0.11 -4.50 10.71
N LYS A 29 -0.64 -3.42 10.94
CA LYS A 29 -1.93 -3.51 11.63
C LYS A 29 -3.07 -3.88 10.66
N TRP A 30 -2.87 -3.54 9.38
CA TRP A 30 -3.88 -3.81 8.33
C TRP A 30 -3.23 -4.25 7.03
N CYS A 31 -2.04 -4.82 7.12
CA CYS A 31 -1.32 -5.28 5.93
C CYS A 31 -2.16 -6.31 5.18
N GLN A 32 -2.32 -6.11 3.87
CA GLN A 32 -3.12 -6.99 3.04
C GLN A 32 -4.60 -6.93 3.43
N ALA A 33 -4.86 -6.61 4.70
CA ALA A 33 -6.22 -6.51 5.19
C ALA A 33 -6.99 -7.78 4.87
N SER A 34 -6.26 -8.93 4.80
CA SER A 34 -6.87 -10.24 4.49
C SER A 34 -6.69 -11.24 5.65
N PRO A 35 -7.71 -12.02 6.03
CA PRO A 35 -7.57 -13.01 7.16
C PRO A 35 -6.75 -14.23 6.74
N GLU A 36 -6.52 -14.39 5.44
CA GLU A 36 -5.76 -15.52 4.89
C GLU A 36 -4.26 -15.24 4.94
N TRP A 37 -3.87 -14.15 5.62
CA TRP A 37 -2.47 -13.78 5.75
C TRP A 37 -2.24 -13.06 7.06
N HIS A 38 -0.98 -12.99 7.48
CA HIS A 38 -0.60 -12.34 8.73
C HIS A 38 0.79 -11.74 8.56
N VAL A 39 1.14 -10.83 9.47
CA VAL A 39 2.45 -10.15 9.46
C VAL A 39 3.00 -10.07 10.89
N PRO A 40 3.78 -11.04 11.36
CA PRO A 40 4.34 -11.02 12.75
C PRO A 40 5.53 -10.06 12.88
N ALA A 41 5.93 -9.44 11.76
CA ALA A 41 7.04 -8.50 11.76
C ALA A 41 7.05 -7.69 10.46
N ALA A 42 7.61 -6.47 10.52
CA ALA A 42 7.67 -5.62 9.35
C ALA A 42 8.65 -4.49 9.58
N GLN A 43 9.31 -4.03 8.52
CA GLN A 43 10.27 -2.95 8.64
C GLN A 43 10.31 -2.17 7.32
N ASN A 44 10.68 -0.89 7.42
CA ASN A 44 10.78 -0.04 6.24
C ASN A 44 11.59 1.22 6.56
N ASP A 45 12.85 1.24 6.11
CA ASP A 45 13.73 2.39 6.33
C ASP A 45 13.49 3.42 5.24
N LEU A 46 12.56 4.35 5.48
CA LEU A 46 12.25 5.37 4.48
C LEU A 46 13.46 6.28 4.26
N LYS A 47 14.25 5.96 3.24
CA LYS A 47 15.42 6.77 2.93
C LYS A 47 16.00 6.36 1.58
N ALA A 48 16.45 7.34 0.80
CA ALA A 48 17.03 7.06 -0.51
C ALA A 48 18.25 6.16 -0.37
N GLY A 49 18.38 5.17 -1.26
CA GLY A 49 19.51 4.24 -1.22
C GLY A 49 19.31 3.20 -0.12
N GLY A 50 18.22 3.34 0.62
CA GLY A 50 17.89 2.40 1.71
C GLY A 50 17.08 1.24 1.15
N THR A 51 16.80 0.25 2.00
CA THR A 51 16.02 -0.94 1.62
C THR A 51 15.00 -1.26 2.69
N PHE A 52 14.07 -2.16 2.36
CA PHE A 52 13.01 -2.58 3.28
C PHE A 52 12.84 -4.09 3.24
N THR A 53 12.10 -4.62 4.21
CA THR A 53 11.85 -6.06 4.29
C THR A 53 10.62 -6.31 5.17
N THR A 54 9.63 -7.04 4.63
CA THR A 54 8.41 -7.37 5.37
C THR A 54 8.22 -8.88 5.40
N THR A 55 8.08 -9.45 6.61
CA THR A 55 7.88 -10.89 6.76
C THR A 55 6.39 -11.20 6.64
N MET A 56 6.01 -11.90 5.56
CA MET A 56 4.61 -12.25 5.31
C MET A 56 4.47 -13.77 5.26
N ALA A 57 3.70 -14.35 6.18
CA ALA A 57 3.49 -15.81 6.23
C ALA A 57 2.02 -16.11 6.48
N ALA A 58 1.51 -17.13 5.80
CA ALA A 58 0.11 -17.53 5.96
C ALA A 58 -0.10 -18.04 7.39
N LYS A 59 -1.30 -17.83 7.92
CA LYS A 59 -1.62 -18.26 9.28
C LYS A 59 -1.37 -19.77 9.45
N ASP A 60 -1.61 -20.52 8.38
CA ASP A 60 -1.40 -21.98 8.38
C ASP A 60 0.06 -22.30 8.11
N GLY A 61 0.84 -21.29 7.74
CA GLY A 61 2.26 -21.47 7.46
C GLY A 61 2.45 -22.33 6.21
N SER A 62 1.39 -22.49 5.43
CA SER A 62 1.44 -23.30 4.21
C SER A 62 2.42 -22.68 3.21
N MET A 63 2.39 -21.34 3.10
CA MET A 63 3.28 -20.61 2.18
C MET A 63 3.72 -19.29 2.80
N SER A 64 4.97 -18.91 2.54
CA SER A 64 5.53 -17.66 3.06
C SER A 64 6.49 -17.07 2.05
N PHE A 65 6.72 -15.76 2.16
CA PHE A 65 7.63 -15.07 1.26
C PHE A 65 8.07 -13.75 1.89
N ASP A 66 9.10 -13.13 1.32
CA ASP A 66 9.65 -11.86 1.83
C ASP A 66 9.98 -10.93 0.66
N PHE A 67 9.36 -9.74 0.65
CA PHE A 67 9.60 -8.74 -0.41
C PHE A 67 10.68 -7.77 0.04
N GLY A 68 11.51 -7.34 -0.91
CA GLY A 68 12.60 -6.41 -0.62
C GLY A 68 12.99 -5.68 -1.89
N GLY A 69 13.61 -4.52 -1.71
CA GLY A 69 14.03 -3.70 -2.84
C GLY A 69 14.80 -2.49 -2.33
N VAL A 70 15.13 -1.56 -3.24
CA VAL A 70 15.88 -0.35 -2.89
C VAL A 70 15.14 0.89 -3.43
N TYR A 71 15.04 1.93 -2.60
CA TYR A 71 14.37 3.17 -3.00
C TYR A 71 15.28 3.95 -3.94
N ASP A 72 14.81 4.21 -5.16
CA ASP A 72 15.60 4.97 -6.13
C ASP A 72 15.60 6.45 -5.76
N GLN A 73 14.42 6.97 -5.40
CA GLN A 73 14.27 8.39 -5.03
C GLN A 73 13.15 8.52 -4.01
N VAL A 74 13.36 9.38 -2.99
CA VAL A 74 12.37 9.62 -1.93
C VAL A 74 12.31 11.12 -1.65
N LYS A 75 11.10 11.68 -1.68
CA LYS A 75 10.90 13.11 -1.41
C LYS A 75 9.57 13.29 -0.67
N THR A 76 9.61 14.01 0.45
CA THR A 76 8.42 14.23 1.25
C THR A 76 7.35 14.97 0.45
N ASN A 77 6.10 14.49 0.56
CA ASN A 77 4.97 15.09 -0.14
C ASN A 77 5.22 15.20 -1.65
N ASP A 78 5.47 14.07 -2.30
CA ASP A 78 5.73 14.04 -3.75
C ASP A 78 5.37 12.67 -4.32
N LEU A 79 6.31 11.72 -4.21
CA LEU A 79 6.10 10.38 -4.72
C LEU A 79 7.10 9.42 -4.10
N ILE A 80 6.79 8.12 -4.16
CA ILE A 80 7.67 7.06 -3.64
C ILE A 80 7.74 5.94 -4.68
N GLU A 81 8.96 5.44 -4.93
CA GLU A 81 9.19 4.37 -5.89
C GLU A 81 10.39 3.54 -5.44
N TYR A 82 10.43 2.29 -5.87
CA TYR A 82 11.52 1.37 -5.52
C TYR A 82 11.57 0.24 -6.54
N THR A 83 12.75 -0.37 -6.69
CA THR A 83 12.95 -1.48 -7.63
C THR A 83 12.80 -2.80 -6.88
N ILE A 84 12.05 -3.74 -7.46
CA ILE A 84 11.83 -5.06 -6.85
C ILE A 84 12.73 -6.08 -7.54
N GLY A 85 13.08 -7.13 -6.82
CA GLY A 85 13.97 -8.17 -7.37
C GLY A 85 13.46 -8.69 -8.71
N ASP A 86 12.15 -8.90 -8.81
CA ASP A 86 11.54 -9.39 -10.05
C ASP A 86 11.80 -8.40 -11.19
N GLY A 87 12.17 -7.16 -10.83
CA GLY A 87 12.45 -6.11 -11.81
C GLY A 87 11.19 -5.34 -12.17
N ARG A 88 10.10 -5.62 -11.46
CA ARG A 88 8.84 -4.93 -11.71
C ARG A 88 8.95 -3.49 -11.24
N LYS A 89 8.40 -2.56 -12.02
CA LYS A 89 8.45 -1.13 -11.70
C LYS A 89 7.18 -0.74 -10.93
N VAL A 90 7.36 0.05 -9.87
CA VAL A 90 6.24 0.54 -9.05
C VAL A 90 6.48 2.01 -8.72
N ARG A 91 5.43 2.83 -8.91
CA ARG A 91 5.49 4.26 -8.63
C ARG A 91 4.21 4.67 -7.90
N ILE A 92 4.36 5.48 -6.84
CA ILE A 92 3.22 5.95 -6.04
C ILE A 92 3.26 7.47 -6.03
N VAL A 93 2.26 8.11 -6.65
CA VAL A 93 2.18 9.58 -6.71
C VAL A 93 1.00 10.04 -5.85
N PHE A 94 1.25 10.99 -4.96
CA PHE A 94 0.21 11.54 -4.08
C PHE A 94 -0.34 12.82 -4.71
N THR A 95 -1.67 12.93 -4.75
CA THR A 95 -2.35 14.10 -5.32
C THR A 95 -3.49 14.49 -4.40
N HIS A 96 -3.87 15.77 -4.47
CA HIS A 96 -4.96 16.30 -3.63
C HIS A 96 -5.62 17.48 -4.34
N THR A 97 -6.95 17.58 -4.18
CA THR A 97 -7.73 18.67 -4.80
C THR A 97 -7.80 19.86 -3.85
N GLY A 98 -8.03 19.57 -2.57
CA GLY A 98 -8.12 20.63 -1.55
C GLY A 98 -8.53 20.05 -0.20
N ASP A 99 -9.77 19.57 -0.11
CA ASP A 99 -10.33 19.01 1.13
C ASP A 99 -10.46 17.49 1.02
N THR A 100 -9.75 16.90 0.05
CA THR A 100 -9.78 15.44 -0.17
C THR A 100 -8.50 14.99 -0.87
N THR A 101 -7.74 14.11 -0.21
CA THR A 101 -6.50 13.58 -0.78
C THR A 101 -6.84 12.41 -1.69
N ASN A 102 -6.06 12.26 -2.77
CA ASN A 102 -6.24 11.17 -3.74
C ASN A 102 -4.91 10.45 -3.94
N ILE A 103 -4.90 9.14 -3.69
CA ILE A 103 -3.69 8.32 -3.85
C ILE A 103 -3.78 7.58 -5.18
N VAL A 104 -2.75 7.71 -6.02
CA VAL A 104 -2.69 7.06 -7.33
C VAL A 104 -1.41 6.24 -7.41
N GLU A 105 -1.55 4.96 -7.74
CA GLU A 105 -0.41 4.05 -7.87
C GLU A 105 -0.68 3.06 -8.99
N SER A 106 0.40 2.65 -9.68
CA SER A 106 0.31 1.69 -10.79
C SER A 106 1.41 0.65 -10.63
N PHE A 107 1.13 -0.58 -11.07
CA PHE A 107 2.10 -1.69 -10.97
C PHE A 107 2.34 -2.26 -12.36
N ASP A 108 3.33 -3.15 -12.47
CA ASP A 108 3.67 -3.79 -13.74
C ASP A 108 3.92 -5.29 -13.50
N PRO A 109 2.87 -6.09 -13.37
CA PRO A 109 3.02 -7.57 -13.13
C PRO A 109 3.33 -8.32 -14.42
N GLU A 110 3.34 -9.65 -14.34
CA GLU A 110 3.63 -10.48 -15.50
C GLU A 110 2.59 -10.23 -16.60
N GLU A 111 3.06 -10.14 -17.84
CA GLU A 111 2.18 -9.89 -18.98
C GLU A 111 1.25 -11.07 -19.22
N THR A 112 1.79 -12.28 -19.08
CA THR A 112 1.01 -13.49 -19.31
C THR A 112 -0.15 -13.58 -18.33
N ASN A 113 0.11 -13.23 -17.08
CA ASN A 113 -0.92 -13.31 -16.04
C ASN A 113 -2.10 -12.38 -16.38
N PRO A 114 -3.33 -12.73 -16.02
CA PRO A 114 -4.52 -11.87 -16.30
C PRO A 114 -4.52 -10.59 -15.44
N ARG A 115 -4.34 -9.45 -16.11
CA ARG A 115 -4.32 -8.17 -15.42
C ARG A 115 -5.68 -7.89 -14.77
N GLU A 116 -6.74 -8.39 -15.40
CA GLU A 116 -8.09 -8.20 -14.89
C GLU A 116 -8.23 -8.78 -13.48
N LEU A 117 -7.72 -9.99 -13.28
CA LEU A 117 -7.82 -10.66 -11.98
C LEU A 117 -7.02 -9.87 -10.94
N GLN A 118 -5.80 -9.49 -11.28
CA GLN A 118 -4.94 -8.74 -10.37
C GLN A 118 -5.58 -7.39 -10.04
N GLN A 119 -6.14 -6.74 -11.06
CA GLN A 119 -6.78 -5.44 -10.86
C GLN A 119 -7.82 -5.51 -9.74
N SER A 120 -8.59 -6.60 -9.72
CA SER A 120 -9.60 -6.79 -8.70
C SER A 120 -8.96 -6.82 -7.31
N GLY A 121 -7.83 -7.51 -7.20
CA GLY A 121 -7.12 -7.61 -5.92
C GLY A 121 -6.68 -6.24 -5.42
N TRP A 122 -6.01 -5.46 -6.28
CA TRP A 122 -5.54 -4.13 -5.92
C TRP A 122 -6.73 -3.23 -5.57
N GLN A 123 -7.84 -3.41 -6.28
CA GLN A 123 -9.04 -2.62 -6.03
C GLN A 123 -9.74 -3.12 -4.77
N ALA A 124 -9.71 -4.43 -4.54
CA ALA A 124 -10.37 -5.04 -3.38
C ALA A 124 -9.81 -4.50 -2.06
N ILE A 125 -8.49 -4.51 -1.92
CA ILE A 125 -7.85 -4.03 -0.70
C ILE A 125 -8.16 -2.54 -0.50
N LEU A 126 -8.21 -1.80 -1.60
CA LEU A 126 -8.51 -0.36 -1.53
C LEU A 126 -9.93 -0.16 -0.99
N ASN A 127 -10.87 -0.98 -1.42
CA ASN A 127 -12.26 -0.87 -0.96
C ASN A 127 -12.33 -1.14 0.55
N SER A 128 -11.55 -2.11 1.01
CA SER A 128 -11.54 -2.47 2.44
C SER A 128 -11.17 -1.26 3.29
N PHE A 129 -10.28 -0.42 2.77
CA PHE A 129 -9.85 0.77 3.50
C PHE A 129 -11.05 1.67 3.81
N LYS A 130 -11.94 1.84 2.83
CA LYS A 130 -13.12 2.68 3.01
C LYS A 130 -14.02 2.13 4.13
N SER A 131 -14.24 0.82 4.11
CA SER A 131 -15.07 0.17 5.12
C SER A 131 -14.46 0.33 6.50
N TYR A 132 -13.13 0.20 6.57
CA TYR A 132 -12.41 0.33 7.84
C TYR A 132 -12.62 1.74 8.43
N THR A 133 -12.51 2.75 7.57
CA THR A 133 -12.68 4.14 8.02
C THR A 133 -14.07 4.34 8.62
N GLU A 134 -15.10 3.86 7.92
CA GLU A 134 -16.47 3.99 8.39
C GLU A 134 -16.69 3.15 9.66
N ASN A 135 -16.17 1.92 9.64
CA ASN A 135 -16.31 1.01 10.77
C ASN A 135 -15.58 1.57 11.99
N ASN A 136 -14.41 2.18 11.76
CA ASN A 136 -13.62 2.76 12.85
C ASN A 136 -14.40 3.89 13.52
N LEU A 137 -15.46 4.35 12.87
CA LEU A 137 -16.30 5.42 13.39
C LEU A 137 -15.43 6.65 13.70
N GLU A 138 -15.20 7.48 12.69
CA GLU A 138 -14.39 8.69 12.88
C GLU A 138 -15.18 9.74 13.65
N HIS A 139 -15.13 9.66 14.98
CA HIS A 139 -15.84 10.61 15.84
C HIS A 139 -17.32 10.70 15.46
N HIS A 140 -17.80 9.68 14.75
CA HIS A 140 -19.19 9.64 14.31
C HIS A 140 -19.51 10.89 13.46
N HIS A 141 -20.73 10.94 12.92
CA HIS A 141 -21.16 12.07 12.09
C HIS A 141 -22.68 12.11 12.02
N HIS A 142 -23.24 13.32 12.03
CA HIS A 142 -24.70 13.51 11.97
C HIS A 142 -25.03 14.95 11.61
N HIS A 143 -24.14 15.88 11.99
CA HIS A 143 -24.36 17.29 11.72
C HIS A 143 -24.40 17.54 10.20
N HIS A 144 -25.33 18.39 9.78
CA HIS A 144 -25.47 18.70 8.35
C HIS A 144 -24.21 19.39 7.82
N GLY A 1 -3.76 -2.41 -20.35
CA GLY A 1 -3.88 -3.77 -19.78
C GLY A 1 -2.85 -3.96 -18.66
N ASN A 2 -1.60 -4.16 -19.06
CA ASN A 2 -0.53 -4.35 -18.08
C ASN A 2 -0.36 -3.11 -17.22
N LYS A 3 -0.47 -1.94 -17.84
CA LYS A 3 -0.33 -0.68 -17.11
C LYS A 3 -1.58 -0.43 -16.25
N ILE A 4 -1.94 -1.41 -15.43
CA ILE A 4 -3.11 -1.30 -14.56
C ILE A 4 -3.00 -0.01 -13.73
N THR A 5 -4.11 0.73 -13.65
CA THR A 5 -4.16 2.00 -12.90
C THR A 5 -5.39 1.99 -12.00
N VAL A 6 -5.20 2.32 -10.73
CA VAL A 6 -6.30 2.36 -9.74
C VAL A 6 -6.13 3.61 -8.87
N GLU A 7 -7.23 4.02 -8.24
CA GLU A 7 -7.23 5.21 -7.38
C GLU A 7 -8.24 5.05 -6.25
N VAL A 8 -8.10 5.87 -5.21
CA VAL A 8 -9.03 5.84 -4.06
C VAL A 8 -9.23 7.27 -3.53
N THR A 9 -10.46 7.58 -3.12
CA THR A 9 -10.78 8.92 -2.58
C THR A 9 -10.68 8.88 -1.05
N VAL A 10 -9.75 9.68 -0.49
CA VAL A 10 -9.57 9.74 0.97
C VAL A 10 -9.72 11.19 1.43
N TYR A 11 -10.56 11.40 2.45
CA TYR A 11 -10.80 12.74 3.00
C TYR A 11 -9.93 12.95 4.24
N ALA A 12 -8.71 13.43 4.02
CA ALA A 12 -7.76 13.67 5.10
C ALA A 12 -6.54 14.43 4.58
N ALA A 13 -5.91 15.20 5.46
CA ALA A 13 -4.73 15.97 5.06
C ALA A 13 -3.59 15.03 4.65
N ILE A 14 -2.97 15.33 3.50
CA ILE A 14 -1.87 14.49 2.99
C ILE A 14 -0.78 14.28 4.04
N GLU A 15 -0.51 15.33 4.83
CA GLU A 15 0.51 15.25 5.86
C GLU A 15 0.19 14.15 6.86
N LYS A 16 -1.10 13.96 7.14
CA LYS A 16 -1.53 12.91 8.07
C LYS A 16 -1.42 11.54 7.41
N VAL A 17 -1.93 11.44 6.18
CA VAL A 17 -1.91 10.17 5.43
C VAL A 17 -0.47 9.75 5.14
N TRP A 18 0.36 10.72 4.73
CA TRP A 18 1.76 10.42 4.42
C TRP A 18 2.45 9.71 5.58
N LYS A 19 2.20 10.20 6.78
CA LYS A 19 2.78 9.61 7.99
C LYS A 19 2.22 8.22 8.24
N TYR A 20 0.90 8.08 8.13
CA TYR A 20 0.24 6.79 8.35
C TYR A 20 0.65 5.77 7.27
N TRP A 21 0.68 6.22 6.02
CA TRP A 21 1.01 5.36 4.89
C TRP A 21 2.48 4.94 4.91
N ASN A 22 3.31 5.67 5.68
CA ASN A 22 4.77 5.41 5.78
C ASN A 22 5.16 4.83 7.16
N GLU A 23 4.41 5.20 8.20
CA GLU A 23 4.70 4.71 9.57
C GLU A 23 4.83 3.16 9.57
N PRO A 24 6.02 2.57 9.67
CA PRO A 24 6.15 1.07 9.62
C PRO A 24 5.21 0.38 10.63
N ALA A 25 5.15 0.91 11.83
CA ALA A 25 4.31 0.33 12.88
C ALA A 25 2.84 0.31 12.47
N HIS A 26 2.40 1.37 11.79
CA HIS A 26 1.01 1.48 11.35
C HIS A 26 0.69 0.46 10.24
N ILE A 27 1.65 0.21 9.33
CA ILE A 27 1.39 -0.75 8.24
C ILE A 27 1.11 -2.16 8.78
N MET A 28 2.00 -2.68 9.64
CA MET A 28 1.82 -4.03 10.19
C MET A 28 0.54 -4.15 11.00
N LYS A 29 -0.04 -3.01 11.38
CA LYS A 29 -1.27 -3.00 12.19
C LYS A 29 -2.49 -3.48 11.38
N TRP A 30 -2.44 -3.30 10.05
CA TRP A 30 -3.55 -3.69 9.15
C TRP A 30 -3.04 -4.43 7.93
N CYS A 31 -1.74 -4.74 7.89
CA CYS A 31 -1.18 -5.46 6.74
C CYS A 31 -1.74 -6.88 6.70
N GLN A 32 -3.01 -6.99 6.34
CA GLN A 32 -3.68 -8.28 6.25
C GLN A 32 -4.92 -8.12 5.40
N ALA A 33 -4.68 -7.77 4.16
CA ALA A 33 -5.75 -7.55 3.21
C ALA A 33 -6.43 -8.86 2.84
N SER A 34 -5.89 -9.99 3.35
CA SER A 34 -6.45 -11.34 3.10
C SER A 34 -6.26 -12.24 4.34
N PRO A 35 -7.21 -13.08 4.73
CA PRO A 35 -7.06 -13.98 5.94
C PRO A 35 -6.10 -15.15 5.69
N GLU A 36 -5.78 -15.39 4.41
CA GLU A 36 -4.89 -16.51 4.03
C GLU A 36 -3.43 -16.08 4.15
N TRP A 37 -3.19 -14.95 4.83
CA TRP A 37 -1.84 -14.42 5.04
C TRP A 37 -1.76 -13.71 6.38
N HIS A 38 -0.61 -13.84 7.05
CA HIS A 38 -0.36 -13.22 8.36
C HIS A 38 0.98 -12.49 8.31
N VAL A 39 1.21 -11.58 9.27
CA VAL A 39 2.47 -10.81 9.34
C VAL A 39 3.07 -10.93 10.76
N PRO A 40 3.87 -11.94 11.04
CA PRO A 40 4.47 -12.12 12.40
C PRO A 40 5.67 -11.21 12.61
N ALA A 41 6.11 -10.54 11.54
CA ALA A 41 7.25 -9.64 11.62
C ALA A 41 7.36 -8.83 10.33
N ALA A 42 7.90 -7.62 10.43
CA ALA A 42 8.09 -6.76 9.27
C ALA A 42 8.95 -5.56 9.65
N GLN A 43 9.61 -4.97 8.63
CA GLN A 43 10.47 -3.80 8.83
C GLN A 43 10.44 -2.91 7.59
N ASN A 44 10.70 -1.62 7.80
CA ASN A 44 10.72 -0.66 6.70
C ASN A 44 11.44 0.62 7.16
N ASP A 45 12.32 1.13 6.30
CA ASP A 45 13.08 2.36 6.58
C ASP A 45 12.93 3.32 5.40
N LEU A 46 12.05 4.33 5.55
CA LEU A 46 11.83 5.30 4.48
C LEU A 46 13.07 6.18 4.30
N LYS A 47 13.89 5.85 3.30
CA LYS A 47 15.11 6.64 3.03
C LYS A 47 15.69 6.27 1.66
N ALA A 48 16.13 7.27 0.90
CA ALA A 48 16.70 7.02 -0.42
C ALA A 48 17.93 6.12 -0.30
N GLY A 49 18.04 5.14 -1.21
CA GLY A 49 19.16 4.20 -1.20
C GLY A 49 19.00 3.20 -0.06
N GLY A 50 17.89 3.31 0.68
CA GLY A 50 17.61 2.41 1.80
C GLY A 50 16.86 1.18 1.28
N THR A 51 16.71 0.16 2.13
CA THR A 51 16.01 -1.09 1.77
C THR A 51 14.98 -1.44 2.83
N PHE A 52 14.08 -2.36 2.48
CA PHE A 52 13.01 -2.81 3.39
C PHE A 52 12.80 -4.32 3.27
N THR A 53 12.13 -4.90 4.27
CA THR A 53 11.84 -6.34 4.27
C THR A 53 10.55 -6.61 5.05
N THR A 54 9.68 -7.46 4.48
CA THR A 54 8.39 -7.80 5.10
C THR A 54 8.22 -9.33 5.09
N THR A 55 8.10 -9.93 6.28
CA THR A 55 7.92 -11.39 6.39
C THR A 55 6.43 -11.69 6.34
N MET A 56 5.99 -12.45 5.33
CA MET A 56 4.58 -12.82 5.16
C MET A 56 4.48 -14.30 4.84
N ALA A 57 3.70 -15.04 5.62
CA ALA A 57 3.52 -16.48 5.41
C ALA A 57 2.08 -16.90 5.73
N ALA A 58 1.59 -17.89 4.99
CA ALA A 58 0.24 -18.40 5.18
C ALA A 58 0.11 -18.97 6.60
N LYS A 59 -1.08 -18.89 7.16
CA LYS A 59 -1.32 -19.39 8.52
C LYS A 59 -0.94 -20.87 8.62
N ASP A 60 -1.26 -21.63 7.56
CA ASP A 60 -0.94 -23.06 7.53
C ASP A 60 0.55 -23.25 7.27
N GLY A 61 1.23 -22.17 6.92
CA GLY A 61 2.66 -22.20 6.63
C GLY A 61 2.93 -22.93 5.31
N SER A 62 1.86 -23.19 4.56
CA SER A 62 1.98 -23.88 3.27
C SER A 62 2.82 -23.07 2.29
N MET A 63 2.59 -21.74 2.27
CA MET A 63 3.33 -20.83 1.37
C MET A 63 4.07 -19.78 2.20
N SER A 64 5.27 -19.42 1.75
CA SER A 64 6.10 -18.41 2.43
C SER A 64 6.84 -17.56 1.40
N PHE A 65 6.92 -16.26 1.65
CA PHE A 65 7.62 -15.35 0.74
C PHE A 65 7.99 -14.07 1.48
N ASP A 66 8.95 -13.32 0.94
CA ASP A 66 9.41 -12.06 1.55
C ASP A 66 9.62 -11.00 0.48
N PHE A 67 9.02 -9.82 0.67
CA PHE A 67 9.14 -8.71 -0.29
C PHE A 67 10.26 -7.78 0.14
N GLY A 68 11.11 -7.39 -0.80
CA GLY A 68 12.24 -6.50 -0.53
C GLY A 68 12.66 -5.75 -1.78
N GLY A 69 13.28 -4.60 -1.60
CA GLY A 69 13.73 -3.79 -2.72
C GLY A 69 14.48 -2.58 -2.20
N VAL A 70 14.82 -1.64 -3.11
CA VAL A 70 15.56 -0.42 -2.75
C VAL A 70 14.83 0.82 -3.27
N TYR A 71 14.83 1.88 -2.47
CA TYR A 71 14.17 3.13 -2.85
C TYR A 71 15.07 3.92 -3.83
N ASP A 72 14.56 4.20 -5.02
CA ASP A 72 15.31 4.95 -6.02
C ASP A 72 15.37 6.42 -5.63
N GLN A 73 14.25 6.92 -5.10
CA GLN A 73 14.16 8.32 -4.69
C GLN A 73 12.92 8.53 -3.82
N VAL A 74 13.01 9.47 -2.86
CA VAL A 74 11.90 9.79 -1.96
C VAL A 74 11.80 11.32 -1.79
N LYS A 75 10.59 11.85 -1.86
CA LYS A 75 10.35 13.31 -1.72
C LYS A 75 9.05 13.51 -0.91
N THR A 76 9.17 14.19 0.23
CA THR A 76 8.02 14.43 1.11
C THR A 76 6.83 15.04 0.33
N ASN A 77 5.71 14.32 0.31
CA ASN A 77 4.49 14.80 -0.38
C ASN A 77 4.78 15.20 -1.84
N ASP A 78 5.02 14.20 -2.69
CA ASP A 78 5.30 14.45 -4.11
C ASP A 78 5.24 13.15 -4.90
N LEU A 79 6.28 12.33 -4.78
CA LEU A 79 6.34 11.04 -5.51
C LEU A 79 7.18 10.03 -4.73
N ILE A 80 6.73 8.77 -4.74
CA ILE A 80 7.43 7.66 -4.06
C ILE A 80 7.52 6.49 -5.03
N GLU A 81 8.70 5.91 -5.17
CA GLU A 81 8.91 4.77 -6.07
C GLU A 81 10.08 3.94 -5.55
N TYR A 82 10.08 2.65 -5.89
CA TYR A 82 11.14 1.75 -5.46
C TYR A 82 11.23 0.58 -6.44
N THR A 83 12.43 -0.04 -6.52
CA THR A 83 12.65 -1.18 -7.42
C THR A 83 12.53 -2.49 -6.64
N ILE A 84 11.72 -3.42 -7.15
CA ILE A 84 11.52 -4.72 -6.49
C ILE A 84 12.51 -5.74 -7.05
N GLY A 85 12.90 -6.72 -6.24
CA GLY A 85 13.86 -7.73 -6.68
C GLY A 85 13.41 -8.41 -7.97
N ASP A 86 12.11 -8.71 -8.08
CA ASP A 86 11.57 -9.36 -9.26
C ASP A 86 11.78 -8.50 -10.50
N GLY A 87 12.17 -7.24 -10.27
CA GLY A 87 12.42 -6.28 -11.36
C GLY A 87 11.15 -5.51 -11.71
N ARG A 88 10.05 -5.85 -11.05
CA ARG A 88 8.78 -5.15 -11.30
C ARG A 88 8.91 -3.71 -10.82
N LYS A 89 8.38 -2.76 -11.62
CA LYS A 89 8.44 -1.34 -11.28
C LYS A 89 7.12 -0.92 -10.64
N VAL A 90 7.22 -0.03 -9.64
CA VAL A 90 6.03 0.48 -8.93
C VAL A 90 6.25 1.95 -8.59
N ARG A 91 5.22 2.77 -8.79
CA ARG A 91 5.27 4.21 -8.50
C ARG A 91 3.98 4.62 -7.80
N ILE A 92 4.10 5.48 -6.78
CA ILE A 92 2.93 5.96 -6.02
C ILE A 92 3.00 7.48 -5.93
N VAL A 93 2.03 8.17 -6.56
CA VAL A 93 1.97 9.64 -6.56
C VAL A 93 0.81 10.10 -5.67
N PHE A 94 1.08 11.07 -4.80
CA PHE A 94 0.06 11.60 -3.88
C PHE A 94 -0.41 12.95 -4.40
N THR A 95 -1.71 13.05 -4.74
CA THR A 95 -2.31 14.29 -5.24
C THR A 95 -3.24 14.85 -4.17
N HIS A 96 -3.42 16.16 -4.18
CA HIS A 96 -4.29 16.83 -3.21
C HIS A 96 -4.96 18.03 -3.87
N THR A 97 -6.22 18.26 -3.51
CA THR A 97 -7.01 19.36 -4.06
C THR A 97 -7.92 19.94 -2.97
N GLY A 98 -7.56 21.12 -2.47
CA GLY A 98 -8.35 21.77 -1.43
C GLY A 98 -8.34 20.97 -0.13
N ASP A 99 -9.34 20.10 0.05
CA ASP A 99 -9.47 19.27 1.26
C ASP A 99 -9.77 17.81 0.89
N THR A 100 -9.22 17.36 -0.25
CA THR A 100 -9.41 15.97 -0.72
C THR A 100 -8.07 15.38 -1.19
N THR A 101 -7.70 14.22 -0.64
CA THR A 101 -6.45 13.52 -1.01
C THR A 101 -6.76 12.29 -1.85
N ASN A 102 -6.15 12.21 -3.04
CA ASN A 102 -6.35 11.08 -3.96
C ASN A 102 -5.00 10.36 -4.17
N ILE A 103 -4.98 9.07 -3.85
CA ILE A 103 -3.76 8.25 -4.00
C ILE A 103 -3.87 7.47 -5.30
N VAL A 104 -2.88 7.62 -6.19
CA VAL A 104 -2.89 6.92 -7.50
C VAL A 104 -1.60 6.10 -7.63
N GLU A 105 -1.75 4.83 -7.99
CA GLU A 105 -0.59 3.93 -8.14
C GLU A 105 -0.81 3.01 -9.33
N SER A 106 0.29 2.70 -10.03
CA SER A 106 0.24 1.81 -11.21
C SER A 106 1.19 0.65 -11.01
N PHE A 107 0.85 -0.51 -11.58
CA PHE A 107 1.66 -1.73 -11.47
C PHE A 107 1.92 -2.31 -12.85
N ASP A 108 3.03 -3.05 -12.98
CA ASP A 108 3.43 -3.69 -14.24
C ASP A 108 3.61 -5.20 -14.00
N PRO A 109 2.54 -5.97 -13.93
CA PRO A 109 2.66 -7.45 -13.68
C PRO A 109 3.05 -8.20 -14.95
N GLU A 110 3.24 -9.51 -14.81
CA GLU A 110 3.60 -10.36 -15.94
C GLU A 110 2.43 -10.54 -16.90
N GLU A 111 2.75 -10.77 -18.16
CA GLU A 111 1.72 -10.95 -19.19
C GLU A 111 0.94 -12.25 -18.94
N THR A 112 1.66 -13.31 -18.58
CA THR A 112 1.03 -14.61 -18.32
C THR A 112 0.10 -14.56 -17.11
N ASN A 113 0.52 -13.84 -16.06
CA ASN A 113 -0.27 -13.75 -14.84
C ASN A 113 -1.64 -13.09 -15.12
N PRO A 114 -2.72 -13.49 -14.45
CA PRO A 114 -4.08 -12.88 -14.68
C PRO A 114 -4.17 -11.46 -14.08
N ARG A 115 -4.33 -10.47 -14.98
CA ARG A 115 -4.44 -9.07 -14.55
C ARG A 115 -5.69 -8.86 -13.71
N GLU A 116 -6.81 -9.46 -14.13
CA GLU A 116 -8.08 -9.31 -13.44
C GLU A 116 -7.94 -9.65 -11.95
N LEU A 117 -7.25 -10.74 -11.64
CA LEU A 117 -7.07 -11.16 -10.25
C LEU A 117 -6.27 -10.11 -9.47
N GLN A 118 -5.18 -9.63 -10.08
CA GLN A 118 -4.31 -8.65 -9.45
C GLN A 118 -5.08 -7.35 -9.22
N GLN A 119 -5.68 -6.82 -10.28
CA GLN A 119 -6.44 -5.57 -10.17
C GLN A 119 -7.51 -5.68 -9.09
N SER A 120 -8.17 -6.84 -9.05
CA SER A 120 -9.21 -7.08 -8.06
C SER A 120 -8.63 -7.01 -6.65
N GLY A 121 -7.46 -7.62 -6.46
CA GLY A 121 -6.81 -7.60 -5.14
C GLY A 121 -6.51 -6.18 -4.68
N TRP A 122 -5.84 -5.40 -5.55
CA TRP A 122 -5.48 -4.02 -5.22
C TRP A 122 -6.76 -3.18 -5.07
N GLN A 123 -7.71 -3.37 -5.98
CA GLN A 123 -8.96 -2.61 -5.93
C GLN A 123 -9.73 -2.96 -4.65
N ALA A 124 -9.71 -4.24 -4.28
CA ALA A 124 -10.44 -4.69 -3.08
C ALA A 124 -10.02 -3.92 -1.82
N ILE A 125 -8.71 -3.90 -1.54
CA ILE A 125 -8.20 -3.20 -0.36
C ILE A 125 -8.37 -1.70 -0.49
N LEU A 126 -8.19 -1.17 -1.69
CA LEU A 126 -8.29 0.28 -1.89
C LEU A 126 -9.70 0.78 -1.54
N ASN A 127 -10.75 0.02 -1.93
CA ASN A 127 -12.12 0.46 -1.62
C ASN A 127 -12.37 0.40 -0.11
N SER A 128 -11.71 -0.56 0.55
CA SER A 128 -11.85 -0.72 2.01
C SER A 128 -11.05 0.34 2.76
N PHE A 129 -9.96 0.81 2.16
CA PHE A 129 -9.09 1.80 2.81
C PHE A 129 -9.89 3.04 3.27
N LYS A 130 -10.67 3.62 2.36
CA LYS A 130 -11.48 4.80 2.69
C LYS A 130 -12.58 4.43 3.69
N SER A 131 -13.13 3.22 3.55
CA SER A 131 -14.20 2.75 4.43
C SER A 131 -13.74 2.73 5.88
N TYR A 132 -12.51 2.28 6.10
CA TYR A 132 -11.96 2.21 7.45
C TYR A 132 -11.92 3.61 8.07
N THR A 133 -11.37 4.58 7.32
CA THR A 133 -11.28 5.94 7.80
C THR A 133 -12.68 6.54 7.95
N GLU A 134 -13.58 6.21 7.04
CA GLU A 134 -14.95 6.73 7.08
C GLU A 134 -15.69 6.18 8.30
N ASN A 135 -15.36 4.95 8.69
CA ASN A 135 -16.00 4.32 9.85
C ASN A 135 -15.76 5.14 11.12
N ASN A 136 -14.58 5.76 11.20
CA ASN A 136 -14.23 6.57 12.37
C ASN A 136 -15.18 7.77 12.49
N LEU A 137 -15.49 8.40 11.35
CA LEU A 137 -16.39 9.56 11.32
C LEU A 137 -17.83 9.09 11.48
N GLU A 138 -18.63 9.87 12.21
CA GLU A 138 -20.03 9.55 12.43
C GLU A 138 -20.80 9.57 11.11
N HIS A 139 -21.75 8.66 10.96
CA HIS A 139 -22.56 8.58 9.73
C HIS A 139 -23.41 9.84 9.58
N HIS A 140 -23.93 10.34 10.69
CA HIS A 140 -24.77 11.54 10.68
C HIS A 140 -23.95 12.75 10.22
N HIS A 141 -24.58 13.62 9.43
CA HIS A 141 -23.91 14.81 8.92
C HIS A 141 -23.47 15.71 10.08
N HIS A 142 -22.18 15.64 10.42
CA HIS A 142 -21.61 16.45 11.50
C HIS A 142 -21.49 17.91 11.07
N HIS A 143 -21.82 18.18 9.81
CA HIS A 143 -21.75 19.54 9.27
C HIS A 143 -22.63 20.49 10.06
N HIS A 144 -23.87 20.08 10.31
CA HIS A 144 -24.83 20.89 11.06
C HIS A 144 -24.47 20.86 12.55
N GLY A 1 -2.20 -4.18 -21.42
CA GLY A 1 -2.95 -3.97 -20.15
C GLY A 1 -2.01 -4.17 -18.97
N ASN A 2 -0.69 -4.15 -19.25
CA ASN A 2 0.33 -4.33 -18.21
C ASN A 2 0.59 -3.00 -17.50
N LYS A 3 -0.42 -2.12 -17.51
CA LYS A 3 -0.34 -0.79 -16.86
C LYS A 3 -1.50 -0.60 -15.88
N ILE A 4 -1.67 -1.56 -14.96
CA ILE A 4 -2.76 -1.48 -13.98
C ILE A 4 -2.73 -0.11 -13.28
N THR A 5 -3.91 0.48 -13.14
CA THR A 5 -4.06 1.80 -12.51
C THR A 5 -5.23 1.79 -11.54
N VAL A 6 -4.99 2.24 -10.30
CA VAL A 6 -6.02 2.32 -9.26
C VAL A 6 -5.86 3.64 -8.51
N GLU A 7 -6.98 4.16 -8.00
CA GLU A 7 -6.98 5.43 -7.25
C GLU A 7 -8.08 5.42 -6.19
N VAL A 8 -7.91 6.29 -5.18
CA VAL A 8 -8.89 6.42 -4.09
C VAL A 8 -8.87 7.86 -3.56
N THR A 9 -9.96 8.25 -2.91
CA THR A 9 -10.12 9.59 -2.33
C THR A 9 -10.39 9.46 -0.84
N VAL A 10 -9.56 10.12 -0.02
CA VAL A 10 -9.69 10.06 1.45
C VAL A 10 -9.73 11.47 2.04
N TYR A 11 -10.56 11.67 3.07
CA TYR A 11 -10.67 12.97 3.73
C TYR A 11 -9.63 13.08 4.84
N ALA A 12 -8.43 13.53 4.46
CA ALA A 12 -7.34 13.71 5.42
C ALA A 12 -6.20 14.51 4.77
N ALA A 13 -5.50 15.31 5.59
CA ALA A 13 -4.39 16.12 5.09
C ALA A 13 -3.26 15.21 4.59
N ILE A 14 -2.66 15.55 3.46
CA ILE A 14 -1.59 14.74 2.87
C ILE A 14 -0.48 14.48 3.90
N GLU A 15 -0.26 15.44 4.80
CA GLU A 15 0.77 15.30 5.82
C GLU A 15 0.52 14.08 6.69
N LYS A 16 -0.75 13.87 7.08
CA LYS A 16 -1.11 12.71 7.90
C LYS A 16 -1.01 11.41 7.09
N VAL A 17 -1.54 11.45 5.86
CA VAL A 17 -1.53 10.29 4.98
C VAL A 17 -0.10 9.88 4.65
N TRP A 18 0.77 10.85 4.37
CA TRP A 18 2.16 10.55 4.04
C TRP A 18 2.84 9.79 5.18
N LYS A 19 2.71 10.30 6.40
CA LYS A 19 3.33 9.65 7.56
C LYS A 19 2.65 8.32 7.85
N TYR A 20 1.31 8.30 7.82
CA TYR A 20 0.56 7.08 8.11
C TYR A 20 0.84 6.01 7.06
N TRP A 21 0.85 6.40 5.80
CA TRP A 21 1.09 5.47 4.70
C TRP A 21 2.52 4.96 4.74
N ASN A 22 3.42 5.70 5.41
CA ASN A 22 4.85 5.32 5.52
C ASN A 22 5.18 4.70 6.87
N GLU A 23 4.38 5.00 7.89
CA GLU A 23 4.63 4.46 9.24
C GLU A 23 4.52 2.91 9.19
N PRO A 24 5.57 2.12 9.48
CA PRO A 24 5.48 0.63 9.39
C PRO A 24 4.60 0.05 10.50
N ALA A 25 4.68 0.62 11.71
CA ALA A 25 3.89 0.13 12.84
C ALA A 25 2.40 0.15 12.52
N HIS A 26 1.98 1.11 11.69
CA HIS A 26 0.56 1.23 11.31
C HIS A 26 0.18 0.21 10.22
N ILE A 27 1.08 -0.05 9.27
CA ILE A 27 0.79 -0.99 8.18
C ILE A 27 0.54 -2.41 8.74
N MET A 28 1.37 -2.85 9.70
CA MET A 28 1.21 -4.20 10.26
C MET A 28 -0.17 -4.37 10.91
N LYS A 29 -0.88 -3.27 11.16
CA LYS A 29 -2.21 -3.33 11.79
C LYS A 29 -3.28 -3.72 10.76
N TRP A 30 -3.06 -3.34 9.49
CA TRP A 30 -4.01 -3.64 8.40
C TRP A 30 -3.28 -4.17 7.16
N CYS A 31 -2.06 -4.70 7.31
CA CYS A 31 -1.34 -5.22 6.15
C CYS A 31 -2.14 -6.31 5.44
N GLN A 32 -2.18 -6.22 4.10
CA GLN A 32 -2.91 -7.18 3.26
C GLN A 32 -4.42 -7.00 3.45
N ALA A 33 -4.83 -6.67 4.67
CA ALA A 33 -6.25 -6.46 5.00
C ALA A 33 -7.08 -7.68 4.62
N SER A 34 -6.45 -8.86 4.76
CA SER A 34 -7.07 -10.16 4.43
C SER A 34 -7.01 -11.09 5.67
N PRO A 35 -8.11 -11.49 6.29
CA PRO A 35 -8.07 -12.41 7.47
C PRO A 35 -7.33 -13.72 7.15
N GLU A 36 -7.25 -14.04 5.86
CA GLU A 36 -6.57 -15.26 5.40
C GLU A 36 -5.05 -15.06 5.36
N TRP A 37 -4.57 -13.99 5.99
CA TRP A 37 -3.13 -13.69 6.03
C TRP A 37 -2.78 -12.94 7.32
N HIS A 38 -1.51 -13.00 7.68
CA HIS A 38 -1.00 -12.32 8.89
C HIS A 38 0.37 -11.71 8.59
N VAL A 39 0.80 -10.79 9.46
CA VAL A 39 2.07 -10.07 9.32
C VAL A 39 2.89 -10.21 10.63
N PRO A 40 3.77 -11.20 10.77
CA PRO A 40 4.55 -11.38 12.05
C PRO A 40 5.65 -10.33 12.20
N ALA A 41 5.95 -9.60 11.12
CA ALA A 41 6.97 -8.55 11.15
C ALA A 41 6.90 -7.72 9.87
N ALA A 42 7.36 -6.48 9.96
CA ALA A 42 7.37 -5.57 8.81
C ALA A 42 8.35 -4.42 9.06
N GLN A 43 9.03 -3.97 7.99
CA GLN A 43 10.00 -2.88 8.09
C GLN A 43 9.87 -1.96 6.87
N ASN A 44 10.24 -0.70 7.05
CA ASN A 44 10.18 0.29 5.97
C ASN A 44 11.13 1.46 6.26
N ASP A 45 12.27 1.47 5.58
CA ASP A 45 13.27 2.54 5.75
C ASP A 45 13.03 3.62 4.70
N LEU A 46 12.13 4.56 5.00
CA LEU A 46 11.82 5.63 4.05
C LEU A 46 13.04 6.52 3.84
N LYS A 47 13.84 6.20 2.81
CA LYS A 47 15.04 6.98 2.50
C LYS A 47 15.60 6.53 1.15
N ALA A 48 16.21 7.47 0.41
CA ALA A 48 16.80 7.16 -0.89
C ALA A 48 17.91 6.12 -0.72
N GLY A 49 17.93 5.12 -1.62
CA GLY A 49 18.96 4.08 -1.55
C GLY A 49 18.72 3.16 -0.36
N GLY A 50 17.70 3.47 0.44
CA GLY A 50 17.36 2.67 1.62
C GLY A 50 16.70 1.36 1.19
N THR A 51 16.80 0.34 2.05
CA THR A 51 16.22 -1.00 1.77
C THR A 51 15.12 -1.31 2.78
N PHE A 52 14.16 -2.14 2.36
CA PHE A 52 13.02 -2.54 3.21
C PHE A 52 12.75 -4.04 3.07
N THR A 53 12.04 -4.60 4.05
CA THR A 53 11.71 -6.03 4.04
C THR A 53 10.39 -6.26 4.78
N THR A 54 9.37 -6.74 4.04
CA THR A 54 8.04 -7.02 4.60
C THR A 54 7.82 -8.53 4.67
N THR A 55 7.74 -9.09 5.89
CA THR A 55 7.54 -10.53 6.08
C THR A 55 6.06 -10.83 6.25
N MET A 56 5.50 -11.68 5.38
CA MET A 56 4.08 -12.04 5.44
C MET A 56 3.92 -13.52 5.10
N ALA A 57 2.99 -14.18 5.79
CA ALA A 57 2.73 -15.62 5.59
C ALA A 57 1.26 -15.93 5.83
N ALA A 58 0.75 -16.94 5.13
CA ALA A 58 -0.64 -17.36 5.28
C ALA A 58 -0.83 -17.91 6.69
N LYS A 59 -2.04 -17.74 7.24
CA LYS A 59 -2.33 -18.21 8.58
C LYS A 59 -2.02 -19.71 8.73
N ASP A 60 -2.31 -20.47 7.68
CA ASP A 60 -2.05 -21.92 7.66
C ASP A 60 -0.57 -22.18 7.37
N GLY A 61 0.16 -21.11 7.02
CA GLY A 61 1.58 -21.23 6.72
C GLY A 61 1.82 -22.14 5.52
N SER A 62 0.79 -22.30 4.69
CA SER A 62 0.88 -23.15 3.49
C SER A 62 1.55 -22.41 2.34
N MET A 63 1.73 -21.10 2.49
CA MET A 63 2.35 -20.28 1.44
C MET A 63 2.76 -18.90 2.00
N SER A 64 4.01 -18.50 1.74
CA SER A 64 4.54 -17.21 2.20
C SER A 64 5.49 -16.63 1.16
N PHE A 65 5.78 -15.33 1.28
CA PHE A 65 6.72 -14.65 0.37
C PHE A 65 7.31 -13.41 1.07
N ASP A 66 8.60 -13.15 0.79
CA ASP A 66 9.33 -12.01 1.38
C ASP A 66 9.57 -10.94 0.31
N PHE A 67 8.96 -9.76 0.48
CA PHE A 67 9.12 -8.64 -0.47
C PHE A 67 10.23 -7.71 -0.01
N GLY A 68 11.06 -7.26 -0.94
CA GLY A 68 12.18 -6.35 -0.65
C GLY A 68 12.60 -5.60 -1.91
N GLY A 69 13.25 -4.47 -1.71
CA GLY A 69 13.72 -3.64 -2.82
C GLY A 69 14.46 -2.43 -2.31
N VAL A 70 14.79 -1.50 -3.22
CA VAL A 70 15.53 -0.27 -2.87
C VAL A 70 14.83 0.94 -3.48
N TYR A 71 14.74 2.03 -2.71
CA TYR A 71 14.08 3.26 -3.17
C TYR A 71 15.03 4.01 -4.11
N ASP A 72 14.57 4.25 -5.35
CA ASP A 72 15.38 4.98 -6.34
C ASP A 72 15.44 6.46 -5.97
N GLN A 73 14.30 6.99 -5.49
CA GLN A 73 14.22 8.39 -5.09
C GLN A 73 12.99 8.62 -4.22
N VAL A 74 13.10 9.55 -3.28
CA VAL A 74 11.98 9.88 -2.37
C VAL A 74 12.05 11.37 -1.97
N LYS A 75 10.88 12.03 -1.96
CA LYS A 75 10.79 13.46 -1.58
C LYS A 75 9.47 13.71 -0.84
N THR A 76 9.54 14.49 0.23
CA THR A 76 8.35 14.77 1.05
C THR A 76 7.23 15.39 0.19
N ASN A 77 6.04 14.79 0.28
CA ASN A 77 4.86 15.27 -0.46
C ASN A 77 5.15 15.32 -1.97
N ASP A 78 5.40 14.16 -2.57
CA ASP A 78 5.70 14.06 -4.01
C ASP A 78 5.35 12.67 -4.55
N LEU A 79 6.28 11.71 -4.40
CA LEU A 79 6.06 10.33 -4.87
C LEU A 79 7.07 9.37 -4.23
N ILE A 80 6.72 8.08 -4.24
CA ILE A 80 7.59 7.01 -3.70
C ILE A 80 7.66 5.89 -4.72
N GLU A 81 8.87 5.42 -5.04
CA GLU A 81 9.07 4.32 -6.00
C GLU A 81 10.26 3.48 -5.55
N TYR A 82 10.27 2.21 -5.99
CA TYR A 82 11.35 1.29 -5.64
C TYR A 82 11.39 0.14 -6.64
N THR A 83 12.56 -0.50 -6.76
CA THR A 83 12.75 -1.62 -7.70
C THR A 83 12.64 -2.95 -6.94
N ILE A 84 11.86 -3.88 -7.51
CA ILE A 84 11.64 -5.21 -6.89
C ILE A 84 12.59 -6.22 -7.55
N GLY A 85 12.97 -7.25 -6.80
CA GLY A 85 13.89 -8.27 -7.31
C GLY A 85 13.40 -8.89 -8.61
N ASP A 86 12.09 -9.13 -8.71
CA ASP A 86 11.50 -9.71 -9.90
C ASP A 86 11.72 -8.79 -11.11
N GLY A 87 12.10 -7.55 -10.81
CA GLY A 87 12.36 -6.55 -11.87
C GLY A 87 11.13 -5.71 -12.14
N ARG A 88 10.04 -6.00 -11.42
CA ARG A 88 8.79 -5.24 -11.59
C ARG A 88 8.98 -3.86 -10.97
N LYS A 89 8.51 -2.81 -11.67
CA LYS A 89 8.63 -1.43 -11.17
C LYS A 89 7.31 -1.00 -10.55
N VAL A 90 7.38 -0.07 -9.60
CA VAL A 90 6.20 0.45 -8.90
C VAL A 90 6.37 1.96 -8.68
N ARG A 91 5.29 2.71 -8.91
CA ARG A 91 5.30 4.18 -8.74
C ARG A 91 4.06 4.59 -7.96
N ILE A 92 4.25 5.38 -6.89
CA ILE A 92 3.14 5.88 -6.05
C ILE A 92 3.22 7.40 -6.00
N VAL A 93 2.23 8.07 -6.61
CA VAL A 93 2.19 9.56 -6.65
C VAL A 93 1.05 10.06 -5.77
N PHE A 94 1.37 11.01 -4.86
CA PHE A 94 0.37 11.59 -3.94
C PHE A 94 -0.08 12.94 -4.47
N THR A 95 -1.40 13.12 -4.59
CA THR A 95 -2.01 14.36 -5.08
C THR A 95 -3.15 14.76 -4.16
N HIS A 96 -3.44 16.06 -4.09
CA HIS A 96 -4.51 16.58 -3.25
C HIS A 96 -5.03 17.90 -3.82
N THR A 97 -6.18 18.35 -3.33
CA THR A 97 -6.81 19.61 -3.79
C THR A 97 -7.33 20.40 -2.61
N GLY A 98 -7.37 19.77 -1.45
CA GLY A 98 -7.84 20.44 -0.24
C GLY A 98 -7.89 19.46 0.94
N ASP A 99 -9.05 19.39 1.59
CA ASP A 99 -9.22 18.51 2.75
C ASP A 99 -9.36 17.04 2.30
N THR A 100 -9.15 16.80 0.99
CA THR A 100 -9.25 15.44 0.41
C THR A 100 -7.95 15.10 -0.31
N THR A 101 -7.37 13.92 -0.01
CA THR A 101 -6.11 13.47 -0.66
C THR A 101 -6.43 12.36 -1.65
N ASN A 102 -5.83 12.44 -2.85
CA ASN A 102 -6.03 11.43 -3.90
C ASN A 102 -4.75 10.64 -4.09
N ILE A 103 -4.77 9.35 -3.70
CA ILE A 103 -3.58 8.47 -3.85
C ILE A 103 -3.69 7.75 -5.19
N VAL A 104 -2.67 7.91 -6.05
CA VAL A 104 -2.64 7.25 -7.38
C VAL A 104 -1.35 6.42 -7.51
N GLU A 105 -1.50 5.14 -7.86
CA GLU A 105 -0.36 4.22 -8.02
C GLU A 105 -0.62 3.26 -9.18
N SER A 106 0.45 2.94 -9.94
CA SER A 106 0.36 2.02 -11.08
C SER A 106 1.41 0.94 -10.96
N PHE A 107 1.08 -0.27 -11.43
CA PHE A 107 1.98 -1.44 -11.38
C PHE A 107 2.30 -1.91 -12.79
N ASP A 108 3.32 -2.75 -12.91
CA ASP A 108 3.75 -3.31 -14.21
C ASP A 108 3.84 -4.84 -14.12
N PRO A 109 2.73 -5.55 -14.19
CA PRO A 109 2.75 -7.06 -14.11
C PRO A 109 3.24 -7.69 -15.41
N GLU A 110 3.61 -8.97 -15.32
CA GLU A 110 4.09 -9.72 -16.48
C GLU A 110 2.93 -9.94 -17.47
N GLU A 111 3.27 -10.51 -18.63
CA GLU A 111 2.27 -10.80 -19.68
C GLU A 111 1.58 -12.14 -19.42
N THR A 112 2.38 -13.17 -19.19
CA THR A 112 1.84 -14.52 -18.96
C THR A 112 1.01 -14.58 -17.68
N ASN A 113 1.47 -13.93 -16.62
CA ASN A 113 0.75 -13.94 -15.34
C ASN A 113 -0.67 -13.36 -15.52
N PRO A 114 -1.68 -13.84 -14.79
CA PRO A 114 -3.08 -13.31 -14.92
C PRO A 114 -3.20 -11.90 -14.32
N ARG A 115 -3.28 -10.90 -15.20
CA ARG A 115 -3.39 -9.51 -14.78
C ARG A 115 -4.71 -9.25 -14.04
N GLU A 116 -5.78 -9.82 -14.55
CA GLU A 116 -7.12 -9.63 -13.97
C GLU A 116 -7.20 -10.13 -12.53
N LEU A 117 -6.53 -11.25 -12.23
CA LEU A 117 -6.55 -11.82 -10.88
C LEU A 117 -5.97 -10.83 -9.86
N GLN A 118 -4.78 -10.31 -10.15
CA GLN A 118 -4.11 -9.37 -9.24
C GLN A 118 -4.78 -8.00 -9.27
N GLN A 119 -5.41 -7.64 -10.39
CA GLN A 119 -6.09 -6.36 -10.52
C GLN A 119 -7.10 -6.18 -9.39
N SER A 120 -7.88 -7.22 -9.13
CA SER A 120 -8.88 -7.19 -8.07
C SER A 120 -8.18 -7.14 -6.71
N GLY A 121 -7.02 -7.78 -6.63
CA GLY A 121 -6.25 -7.82 -5.39
C GLY A 121 -5.85 -6.42 -4.94
N TRP A 122 -5.26 -5.63 -5.84
CA TRP A 122 -4.83 -4.26 -5.52
C TRP A 122 -6.05 -3.41 -5.14
N GLN A 123 -7.15 -3.60 -5.85
CA GLN A 123 -8.37 -2.84 -5.58
C GLN A 123 -8.98 -3.28 -4.24
N ALA A 124 -8.91 -4.58 -3.96
CA ALA A 124 -9.47 -5.14 -2.73
C ALA A 124 -8.87 -4.50 -1.49
N ILE A 125 -7.54 -4.48 -1.40
CA ILE A 125 -6.87 -3.89 -0.24
C ILE A 125 -7.23 -2.40 -0.12
N LEU A 126 -7.33 -1.73 -1.27
CA LEU A 126 -7.67 -0.31 -1.29
C LEU A 126 -9.09 -0.06 -0.75
N ASN A 127 -10.08 -0.83 -1.22
CA ASN A 127 -11.47 -0.65 -0.78
C ASN A 127 -11.69 -1.24 0.61
N SER A 128 -10.97 -2.32 0.92
CA SER A 128 -11.10 -2.97 2.23
C SER A 128 -10.74 -2.00 3.35
N PHE A 129 -9.70 -1.20 3.14
CA PHE A 129 -9.25 -0.23 4.14
C PHE A 129 -10.38 0.74 4.49
N LYS A 130 -11.07 1.23 3.46
CA LYS A 130 -12.17 2.17 3.67
C LYS A 130 -13.26 1.52 4.50
N SER A 131 -13.61 0.28 4.18
CA SER A 131 -14.66 -0.43 4.91
C SER A 131 -14.27 -0.59 6.37
N TYR A 132 -13.05 -1.07 6.62
CA TYR A 132 -12.56 -1.26 7.99
C TYR A 132 -12.48 0.09 8.72
N THR A 133 -11.89 1.07 8.06
CA THR A 133 -11.75 2.40 8.65
C THR A 133 -13.10 3.03 8.95
N GLU A 134 -14.03 2.93 8.01
CA GLU A 134 -15.37 3.49 8.17
C GLU A 134 -16.15 2.69 9.20
N ASN A 135 -15.97 1.36 9.18
CA ASN A 135 -16.67 0.46 10.11
C ASN A 135 -15.93 0.35 11.43
N ASN A 136 -14.91 1.20 11.62
CA ASN A 136 -14.11 1.17 12.84
C ASN A 136 -14.98 1.42 14.08
N LEU A 137 -15.98 2.29 13.95
CA LEU A 137 -16.87 2.61 15.06
C LEU A 137 -17.61 1.35 15.53
N GLU A 138 -18.18 0.61 14.57
CA GLU A 138 -18.90 -0.63 14.88
C GLU A 138 -17.93 -1.80 14.96
N HIS A 139 -18.37 -2.88 15.58
CA HIS A 139 -17.55 -4.09 15.74
C HIS A 139 -18.45 -5.30 16.00
N HIS A 140 -17.96 -6.48 15.63
CA HIS A 140 -18.73 -7.73 15.82
C HIS A 140 -17.76 -8.90 15.96
N HIS A 141 -18.26 -10.00 16.53
CA HIS A 141 -17.43 -11.19 16.73
C HIS A 141 -17.00 -11.77 15.38
N HIS A 142 -17.93 -11.82 14.44
CA HIS A 142 -17.65 -12.35 13.10
C HIS A 142 -18.81 -12.05 12.15
N HIS A 143 -19.91 -11.54 12.69
CA HIS A 143 -21.08 -11.22 11.87
C HIS A 143 -20.74 -10.11 10.86
N HIS A 144 -19.94 -9.15 11.30
CA HIS A 144 -19.53 -8.04 10.44
C HIS A 144 -18.40 -7.25 11.10
N GLY A 1 -3.16 -2.74 -20.98
CA GLY A 1 -3.86 -2.70 -19.67
C GLY A 1 -2.90 -3.14 -18.56
N ASN A 2 -1.65 -3.40 -18.93
CA ASN A 2 -0.64 -3.83 -17.95
C ASN A 2 -0.41 -2.73 -16.93
N LYS A 3 -0.32 -1.49 -17.40
CA LYS A 3 -0.08 -0.35 -16.51
C LYS A 3 -1.36 -0.04 -15.70
N ILE A 4 -1.89 -1.06 -15.04
CA ILE A 4 -3.11 -0.90 -14.23
C ILE A 4 -2.94 0.30 -13.29
N THR A 5 -4.01 1.07 -13.13
CA THR A 5 -4.00 2.24 -12.25
C THR A 5 -5.27 2.23 -11.39
N VAL A 6 -5.09 2.51 -10.10
CA VAL A 6 -6.21 2.55 -9.15
C VAL A 6 -6.10 3.82 -8.33
N GLU A 7 -7.21 4.22 -7.70
CA GLU A 7 -7.24 5.43 -6.88
C GLU A 7 -8.05 5.19 -5.61
N VAL A 8 -7.80 6.02 -4.60
CA VAL A 8 -8.50 5.90 -3.30
C VAL A 8 -8.98 7.29 -2.86
N THR A 9 -10.26 7.43 -2.56
CA THR A 9 -10.81 8.71 -2.11
C THR A 9 -10.67 8.80 -0.59
N VAL A 10 -9.76 9.67 -0.12
CA VAL A 10 -9.54 9.87 1.31
C VAL A 10 -9.66 11.37 1.64
N TYR A 11 -10.51 11.71 2.62
CA TYR A 11 -10.71 13.09 3.05
C TYR A 11 -9.85 13.38 4.27
N ALA A 12 -8.62 13.83 4.03
CA ALA A 12 -7.69 14.14 5.12
C ALA A 12 -6.46 14.85 4.56
N ALA A 13 -5.81 15.64 5.40
CA ALA A 13 -4.61 16.36 4.97
C ALA A 13 -3.51 15.37 4.60
N ILE A 14 -2.87 15.58 3.44
CA ILE A 14 -1.80 14.69 2.99
C ILE A 14 -0.71 14.56 4.05
N GLU A 15 -0.47 15.63 4.78
CA GLU A 15 0.55 15.63 5.83
C GLU A 15 0.21 14.59 6.88
N LYS A 16 -1.07 14.49 7.23
CA LYS A 16 -1.52 13.52 8.23
C LYS A 16 -1.42 12.09 7.67
N VAL A 17 -1.94 11.90 6.46
CA VAL A 17 -1.93 10.58 5.83
C VAL A 17 -0.50 10.10 5.59
N TRP A 18 0.36 11.01 5.14
CA TRP A 18 1.75 10.66 4.88
C TRP A 18 2.39 9.92 6.07
N LYS A 19 2.08 10.36 7.29
CA LYS A 19 2.65 9.73 8.48
C LYS A 19 2.15 8.29 8.63
N TYR A 20 0.83 8.09 8.52
CA TYR A 20 0.26 6.75 8.66
C TYR A 20 0.66 5.86 7.49
N TRP A 21 0.61 6.40 6.29
CA TRP A 21 0.96 5.65 5.08
C TRP A 21 2.43 5.25 5.11
N ASN A 22 3.23 5.96 5.92
CA ASN A 22 4.68 5.72 6.05
C ASN A 22 4.98 4.96 7.32
N GLU A 23 4.08 5.04 8.30
CA GLU A 23 4.30 4.35 9.58
C GLU A 23 4.34 2.82 9.33
N PRO A 24 5.41 2.10 9.65
CA PRO A 24 5.46 0.62 9.39
C PRO A 24 4.51 -0.16 10.31
N ALA A 25 4.46 0.23 11.57
CA ALA A 25 3.61 -0.44 12.54
C ALA A 25 2.15 -0.44 12.07
N HIS A 26 1.78 0.60 11.33
CA HIS A 26 0.41 0.73 10.82
C HIS A 26 0.19 -0.17 9.59
N ILE A 27 1.13 -0.17 8.65
CA ILE A 27 0.96 -0.99 7.44
C ILE A 27 0.82 -2.48 7.78
N MET A 28 1.73 -2.99 8.59
CA MET A 28 1.70 -4.41 8.96
C MET A 28 0.37 -4.79 9.63
N LYS A 29 -0.40 -3.79 10.07
CA LYS A 29 -1.68 -4.04 10.75
C LYS A 29 -2.79 -4.36 9.75
N TRP A 30 -2.71 -3.74 8.55
CA TRP A 30 -3.73 -3.95 7.48
C TRP A 30 -3.04 -4.20 6.13
N CYS A 31 -1.78 -4.62 6.14
CA CYS A 31 -1.07 -4.87 4.88
C CYS A 31 -1.83 -5.86 4.02
N GLN A 32 -2.05 -5.49 2.75
CA GLN A 32 -2.79 -6.34 1.81
C GLN A 32 -4.26 -6.41 2.20
N ALA A 33 -4.56 -6.08 3.46
CA ALA A 33 -5.92 -6.14 3.99
C ALA A 33 -6.53 -7.52 3.77
N SER A 34 -5.69 -8.56 3.88
CA SER A 34 -6.11 -9.96 3.70
C SER A 34 -6.04 -10.72 5.05
N PRO A 35 -7.14 -10.87 5.78
CA PRO A 35 -7.13 -11.59 7.10
C PRO A 35 -6.52 -12.99 7.01
N GLU A 36 -6.53 -13.55 5.80
CA GLU A 36 -5.99 -14.88 5.56
C GLU A 36 -4.47 -14.88 5.72
N TRP A 37 -3.86 -13.70 5.54
CA TRP A 37 -2.40 -13.54 5.66
C TRP A 37 -2.09 -12.82 6.97
N HIS A 38 -0.83 -12.90 7.39
CA HIS A 38 -0.37 -12.26 8.62
C HIS A 38 1.02 -11.68 8.41
N VAL A 39 1.43 -10.76 9.29
CA VAL A 39 2.75 -10.11 9.20
C VAL A 39 3.45 -10.21 10.57
N PRO A 40 4.22 -11.25 10.86
CA PRO A 40 4.89 -11.41 12.19
C PRO A 40 6.07 -10.45 12.34
N ALA A 41 6.45 -9.78 11.26
CA ALA A 41 7.56 -8.82 11.30
C ALA A 41 7.58 -8.00 10.01
N ALA A 42 8.11 -6.78 10.12
CA ALA A 42 8.22 -5.89 8.97
C ALA A 42 9.24 -4.80 9.24
N GLN A 43 9.97 -4.37 8.19
CA GLN A 43 10.99 -3.32 8.31
C GLN A 43 10.82 -2.31 7.18
N ASN A 44 11.21 -1.06 7.46
CA ASN A 44 11.10 0.02 6.48
C ASN A 44 12.03 1.17 6.87
N ASP A 45 12.91 1.56 5.93
CA ASP A 45 13.86 2.67 6.15
C ASP A 45 13.82 3.60 4.95
N LEU A 46 13.02 4.66 5.06
CA LEU A 46 12.89 5.62 3.98
C LEU A 46 14.20 6.38 3.80
N LYS A 47 15.00 5.94 2.83
CA LYS A 47 16.28 6.59 2.55
C LYS A 47 16.78 6.17 1.16
N ALA A 48 17.27 7.15 0.39
CA ALA A 48 17.78 6.86 -0.95
C ALA A 48 18.94 5.86 -0.86
N GLY A 49 18.91 4.84 -1.73
CA GLY A 49 19.95 3.81 -1.75
C GLY A 49 19.80 2.87 -0.56
N GLY A 50 18.73 3.07 0.21
CA GLY A 50 18.44 2.22 1.37
C GLY A 50 17.70 0.96 0.93
N THR A 51 17.64 -0.04 1.83
CA THR A 51 16.95 -1.31 1.55
C THR A 51 16.02 -1.66 2.69
N PHE A 52 15.07 -2.57 2.42
CA PHE A 52 14.09 -2.99 3.42
C PHE A 52 13.58 -4.39 3.09
N THR A 53 12.85 -4.99 4.03
CA THR A 53 12.29 -6.33 3.83
C THR A 53 11.04 -6.49 4.67
N THR A 54 10.00 -7.13 4.10
CA THR A 54 8.73 -7.38 4.80
C THR A 54 8.47 -8.89 4.85
N THR A 55 8.36 -9.44 6.06
CA THR A 55 8.10 -10.88 6.24
C THR A 55 6.60 -11.11 6.35
N MET A 56 6.06 -11.95 5.47
CA MET A 56 4.63 -12.26 5.47
C MET A 56 4.44 -13.74 5.13
N ALA A 57 3.52 -14.40 5.83
CA ALA A 57 3.25 -15.83 5.61
C ALA A 57 1.80 -16.14 5.92
N ALA A 58 1.24 -17.08 5.16
CA ALA A 58 -0.15 -17.49 5.36
C ALA A 58 -0.32 -18.04 6.77
N LYS A 59 -1.52 -17.89 7.34
CA LYS A 59 -1.78 -18.37 8.69
C LYS A 59 -1.36 -19.84 8.86
N ASP A 60 -1.62 -20.64 7.82
CA ASP A 60 -1.25 -22.06 7.84
C ASP A 60 0.22 -22.23 7.50
N GLY A 61 0.86 -21.13 7.08
CA GLY A 61 2.27 -21.17 6.71
C GLY A 61 2.49 -22.04 5.48
N SER A 62 1.42 -22.29 4.73
CA SER A 62 1.50 -23.10 3.53
C SER A 62 2.42 -22.46 2.49
N MET A 63 2.32 -21.13 2.36
CA MET A 63 3.12 -20.37 1.39
C MET A 63 3.54 -19.02 2.00
N SER A 64 4.81 -18.65 1.79
CA SER A 64 5.34 -17.38 2.29
C SER A 64 6.37 -16.82 1.32
N PHE A 65 6.62 -15.52 1.40
CA PHE A 65 7.60 -14.86 0.54
C PHE A 65 8.05 -13.54 1.18
N ASP A 66 9.35 -13.26 1.10
CA ASP A 66 9.92 -12.03 1.64
C ASP A 66 9.85 -10.94 0.58
N PHE A 67 9.00 -9.92 0.81
CA PHE A 67 8.85 -8.82 -0.13
C PHE A 67 9.76 -7.67 0.29
N GLY A 68 10.52 -7.13 -0.66
CA GLY A 68 11.43 -6.03 -0.39
C GLY A 68 11.93 -5.41 -1.68
N GLY A 69 12.69 -4.33 -1.56
CA GLY A 69 13.23 -3.64 -2.73
C GLY A 69 14.17 -2.53 -2.29
N VAL A 70 14.64 -1.73 -3.26
CA VAL A 70 15.57 -0.62 -2.96
C VAL A 70 14.91 0.72 -3.33
N TYR A 71 14.94 1.68 -2.40
CA TYR A 71 14.35 3.00 -2.64
C TYR A 71 15.23 3.79 -3.61
N ASP A 72 14.69 4.07 -4.80
CA ASP A 72 15.42 4.84 -5.82
C ASP A 72 15.46 6.30 -5.42
N GLN A 73 14.34 6.78 -4.86
CA GLN A 73 14.25 8.18 -4.43
C GLN A 73 13.01 8.35 -3.56
N VAL A 74 13.10 9.25 -2.57
CA VAL A 74 11.98 9.54 -1.66
C VAL A 74 11.93 11.03 -1.39
N LYS A 75 10.73 11.63 -1.53
CA LYS A 75 10.53 13.07 -1.28
C LYS A 75 9.21 13.28 -0.56
N THR A 76 9.26 14.02 0.55
CA THR A 76 8.07 14.27 1.34
C THR A 76 7.01 15.02 0.54
N ASN A 77 5.76 14.57 0.65
CA ASN A 77 4.64 15.20 -0.05
C ASN A 77 4.89 15.28 -1.57
N ASP A 78 5.17 14.13 -2.19
CA ASP A 78 5.43 14.08 -3.64
C ASP A 78 5.10 12.70 -4.20
N LEU A 79 6.05 11.77 -4.05
CA LEU A 79 5.87 10.40 -4.54
C LEU A 79 6.89 9.47 -3.91
N ILE A 80 6.59 8.16 -3.94
CA ILE A 80 7.48 7.13 -3.40
C ILE A 80 7.58 5.99 -4.42
N GLU A 81 8.80 5.51 -4.68
CA GLU A 81 9.03 4.42 -5.63
C GLU A 81 10.22 3.60 -5.16
N TYR A 82 10.28 2.36 -5.60
CA TYR A 82 11.37 1.46 -5.24
C TYR A 82 11.43 0.29 -6.21
N THR A 83 12.60 -0.33 -6.34
CA THR A 83 12.81 -1.47 -7.25
C THR A 83 12.84 -2.76 -6.44
N ILE A 84 12.10 -3.77 -6.92
CA ILE A 84 12.04 -5.08 -6.25
C ILE A 84 13.07 -6.02 -6.86
N GLY A 85 13.42 -7.08 -6.14
CA GLY A 85 14.41 -8.04 -6.62
C GLY A 85 14.04 -8.57 -8.00
N ASP A 86 12.76 -8.92 -8.21
CA ASP A 86 12.30 -9.42 -9.50
C ASP A 86 12.47 -8.36 -10.58
N GLY A 87 12.74 -7.12 -10.14
CA GLY A 87 12.91 -6.00 -11.08
C GLY A 87 11.58 -5.31 -11.38
N ARG A 88 10.54 -5.68 -10.62
CA ARG A 88 9.22 -5.09 -10.82
C ARG A 88 9.29 -3.58 -10.63
N LYS A 89 8.35 -2.84 -11.24
CA LYS A 89 8.31 -1.37 -11.14
C LYS A 89 7.05 -0.94 -10.40
N VAL A 90 7.23 -0.11 -9.38
CA VAL A 90 6.11 0.40 -8.57
C VAL A 90 6.33 1.89 -8.30
N ARG A 91 5.28 2.70 -8.52
CA ARG A 91 5.33 4.15 -8.30
C ARG A 91 4.06 4.57 -7.56
N ILE A 92 4.23 5.39 -6.52
CA ILE A 92 3.09 5.88 -5.72
C ILE A 92 3.13 7.39 -5.72
N VAL A 93 2.12 8.02 -6.34
CA VAL A 93 2.03 9.49 -6.42
C VAL A 93 0.85 9.97 -5.58
N PHE A 94 1.12 10.96 -4.70
CA PHE A 94 0.07 11.52 -3.83
C PHE A 94 -0.43 12.82 -4.44
N THR A 95 -1.74 12.86 -4.75
CA THR A 95 -2.39 14.05 -5.33
C THR A 95 -3.50 14.52 -4.41
N HIS A 96 -3.74 15.82 -4.40
CA HIS A 96 -4.76 16.43 -3.55
C HIS A 96 -5.25 17.72 -4.18
N THR A 97 -6.46 18.14 -3.79
CA THR A 97 -7.07 19.37 -4.32
C THR A 97 -7.70 20.17 -3.18
N GLY A 98 -7.21 19.94 -1.96
CA GLY A 98 -7.71 20.63 -0.77
C GLY A 98 -8.89 19.88 -0.16
N ASP A 99 -8.81 19.61 1.15
CA ASP A 99 -9.86 18.89 1.87
C ASP A 99 -10.10 17.51 1.26
N THR A 100 -9.26 17.15 0.28
CA THR A 100 -9.37 15.85 -0.40
C THR A 100 -7.98 15.37 -0.82
N THR A 101 -7.72 14.08 -0.63
CA THR A 101 -6.44 13.46 -1.00
C THR A 101 -6.69 12.18 -1.80
N ASN A 102 -6.10 12.10 -3.00
CA ASN A 102 -6.24 10.94 -3.88
C ASN A 102 -4.90 10.20 -3.95
N ILE A 103 -4.90 8.94 -3.52
CA ILE A 103 -3.67 8.12 -3.54
C ILE A 103 -3.67 7.28 -4.83
N VAL A 104 -2.64 7.45 -5.67
CA VAL A 104 -2.53 6.72 -6.94
C VAL A 104 -1.45 5.64 -6.79
N GLU A 105 -1.77 4.41 -7.20
CA GLU A 105 -0.83 3.29 -7.11
C GLU A 105 -0.82 2.52 -8.43
N SER A 106 0.30 2.55 -9.13
CA SER A 106 0.44 1.83 -10.41
C SER A 106 1.07 0.47 -10.14
N PHE A 107 0.72 -0.52 -10.97
CA PHE A 107 1.26 -1.88 -10.81
C PHE A 107 1.48 -2.52 -12.18
N ASP A 108 2.58 -3.27 -12.31
CA ASP A 108 2.93 -3.96 -13.58
C ASP A 108 2.88 -5.49 -13.36
N PRO A 109 1.75 -6.16 -13.58
CA PRO A 109 1.66 -7.63 -13.36
C PRO A 109 2.35 -8.42 -14.47
N GLU A 110 2.61 -9.70 -14.20
CA GLU A 110 3.25 -10.58 -15.19
C GLU A 110 2.29 -10.89 -16.33
N GLU A 111 2.84 -11.42 -17.41
CA GLU A 111 2.01 -11.78 -18.59
C GLU A 111 1.39 -13.16 -18.38
N THR A 112 2.06 -14.01 -17.60
CA THR A 112 1.57 -15.36 -17.35
C THR A 112 0.23 -15.33 -16.61
N ASN A 113 0.12 -14.47 -15.59
CA ASN A 113 -1.12 -14.36 -14.80
C ASN A 113 -2.10 -13.36 -15.45
N PRO A 114 -3.40 -13.59 -15.39
CA PRO A 114 -4.38 -12.64 -16.02
C PRO A 114 -4.47 -11.31 -15.27
N ARG A 115 -4.54 -10.22 -16.03
CA ARG A 115 -4.61 -8.88 -15.43
C ARG A 115 -5.93 -8.71 -14.68
N GLU A 116 -7.00 -9.26 -15.24
CA GLU A 116 -8.34 -9.14 -14.62
C GLU A 116 -8.30 -9.54 -13.14
N LEU A 117 -7.64 -10.65 -12.83
CA LEU A 117 -7.53 -11.11 -11.45
C LEU A 117 -6.76 -10.10 -10.59
N GLN A 118 -5.63 -9.65 -11.12
CA GLN A 118 -4.78 -8.70 -10.41
C GLN A 118 -5.49 -7.38 -10.20
N GLN A 119 -6.06 -6.82 -11.26
CA GLN A 119 -6.78 -5.55 -11.17
C GLN A 119 -7.81 -5.61 -10.05
N SER A 120 -8.63 -6.65 -10.07
CA SER A 120 -9.65 -6.82 -9.04
C SER A 120 -9.00 -6.98 -7.67
N GLY A 121 -7.88 -7.70 -7.60
CA GLY A 121 -7.20 -7.92 -6.32
C GLY A 121 -6.72 -6.60 -5.69
N TRP A 122 -5.99 -5.81 -6.47
CA TRP A 122 -5.48 -4.53 -5.96
C TRP A 122 -6.63 -3.60 -5.60
N GLN A 123 -7.68 -3.60 -6.41
CA GLN A 123 -8.84 -2.74 -6.16
C GLN A 123 -9.68 -3.29 -4.98
N ALA A 124 -9.75 -4.62 -4.86
CA ALA A 124 -10.53 -5.26 -3.79
C ALA A 124 -10.03 -4.83 -2.41
N ILE A 125 -8.72 -4.94 -2.18
CA ILE A 125 -8.14 -4.56 -0.89
C ILE A 125 -8.33 -3.07 -0.61
N LEU A 126 -8.29 -2.26 -1.67
CA LEU A 126 -8.47 -0.81 -1.53
C LEU A 126 -9.89 -0.50 -1.04
N ASN A 127 -10.87 -1.27 -1.51
CA ASN A 127 -12.26 -1.04 -1.10
C ASN A 127 -12.41 -1.22 0.41
N SER A 128 -11.74 -2.24 0.95
CA SER A 128 -11.78 -2.51 2.39
C SER A 128 -11.20 -1.34 3.17
N PHE A 129 -10.11 -0.76 2.66
CA PHE A 129 -9.45 0.36 3.32
C PHE A 129 -10.44 1.53 3.51
N LYS A 130 -11.20 1.82 2.45
CA LYS A 130 -12.16 2.91 2.49
C LYS A 130 -13.23 2.63 3.56
N SER A 131 -13.67 1.38 3.63
CA SER A 131 -14.68 0.96 4.60
C SER A 131 -14.11 1.03 6.02
N TYR A 132 -12.82 0.70 6.16
CA TYR A 132 -12.18 0.69 7.47
C TYR A 132 -12.23 2.08 8.12
N THR A 133 -11.78 3.09 7.38
CA THR A 133 -11.78 4.47 7.89
C THR A 133 -13.21 4.94 8.13
N GLU A 134 -14.14 4.49 7.30
CA GLU A 134 -15.54 4.89 7.43
C GLU A 134 -16.15 4.26 8.68
N ASN A 135 -15.91 2.96 8.87
CA ASN A 135 -16.44 2.23 10.02
C ASN A 135 -15.82 2.74 11.32
N ASN A 136 -14.60 3.29 11.22
CA ASN A 136 -13.91 3.81 12.39
C ASN A 136 -14.69 4.96 13.02
N LEU A 137 -15.19 5.86 12.16
CA LEU A 137 -15.96 7.02 12.63
C LEU A 137 -17.36 6.58 13.05
N GLU A 138 -17.85 7.15 14.16
CA GLU A 138 -19.18 6.82 14.67
C GLU A 138 -20.25 7.41 13.77
N HIS A 139 -21.43 6.79 13.76
CA HIS A 139 -22.54 7.25 12.93
C HIS A 139 -22.94 8.68 13.32
N HIS A 140 -23.83 8.81 14.31
CA HIS A 140 -24.29 10.12 14.77
C HIS A 140 -24.69 11.01 13.57
N HIS A 141 -23.84 12.01 13.26
CA HIS A 141 -24.11 12.91 12.13
C HIS A 141 -25.54 13.47 12.20
N HIS A 142 -26.47 12.86 11.46
CA HIS A 142 -27.86 13.29 11.45
C HIS A 142 -28.52 12.96 12.79
N HIS A 143 -29.30 13.89 13.32
CA HIS A 143 -29.98 13.69 14.61
C HIS A 143 -31.10 12.65 14.43
N HIS A 144 -31.21 11.75 15.41
CA HIS A 144 -32.24 10.71 15.36
C HIS A 144 -33.63 11.33 15.36
N GLY A 1 -4.98 4.89 -20.15
CA GLY A 1 -5.41 3.47 -20.04
C GLY A 1 -4.28 2.65 -19.42
N ASN A 2 -3.06 2.80 -19.98
CA ASN A 2 -1.87 2.08 -19.51
C ASN A 2 -2.19 0.62 -19.18
N LYS A 3 -1.35 -0.03 -18.38
CA LYS A 3 -1.58 -1.42 -18.02
C LYS A 3 -2.69 -1.51 -16.98
N ILE A 4 -2.40 -1.04 -15.76
CA ILE A 4 -3.38 -1.03 -14.65
C ILE A 4 -3.19 0.26 -13.83
N THR A 5 -4.31 0.94 -13.54
CA THR A 5 -4.31 2.16 -12.73
C THR A 5 -5.48 2.10 -11.75
N VAL A 6 -5.21 2.43 -10.48
CA VAL A 6 -6.22 2.44 -9.43
C VAL A 6 -6.00 3.66 -8.55
N GLU A 7 -7.09 4.13 -7.93
CA GLU A 7 -7.04 5.29 -7.05
C GLU A 7 -8.09 5.18 -5.96
N VAL A 8 -7.94 5.99 -4.92
CA VAL A 8 -8.90 6.00 -3.81
C VAL A 8 -9.02 7.42 -3.27
N THR A 9 -10.15 7.68 -2.61
CA THR A 9 -10.43 9.00 -2.00
C THR A 9 -10.19 8.92 -0.50
N VAL A 10 -9.36 9.84 0.04
CA VAL A 10 -9.05 9.89 1.47
C VAL A 10 -9.23 11.32 1.98
N TYR A 11 -9.98 11.48 3.07
CA TYR A 11 -10.23 12.80 3.66
C TYR A 11 -9.29 13.01 4.84
N ALA A 12 -8.11 13.57 4.56
CA ALA A 12 -7.12 13.83 5.60
C ALA A 12 -6.00 14.70 5.04
N ALA A 13 -5.34 15.42 5.93
CA ALA A 13 -4.24 16.30 5.52
C ALA A 13 -3.12 15.49 4.88
N ILE A 14 -2.59 15.99 3.76
CA ILE A 14 -1.54 15.28 3.04
C ILE A 14 -0.38 14.93 3.97
N GLU A 15 -0.08 15.83 4.90
CA GLU A 15 1.03 15.63 5.83
C GLU A 15 0.72 14.49 6.81
N LYS A 16 -0.55 14.32 7.18
CA LYS A 16 -0.94 13.29 8.13
C LYS A 16 -0.85 11.89 7.49
N VAL A 17 -1.47 11.73 6.32
CA VAL A 17 -1.48 10.44 5.63
C VAL A 17 -0.06 10.03 5.24
N TRP A 18 0.75 11.01 4.87
CA TRP A 18 2.12 10.71 4.46
C TRP A 18 2.86 9.91 5.53
N LYS A 19 2.70 10.33 6.79
CA LYS A 19 3.32 9.64 7.92
C LYS A 19 2.68 8.27 8.14
N TYR A 20 1.35 8.22 8.11
CA TYR A 20 0.64 6.96 8.32
C TYR A 20 0.91 5.98 7.18
N TRP A 21 0.96 6.51 5.95
CA TRP A 21 1.19 5.70 4.75
C TRP A 21 2.64 5.23 4.64
N ASN A 22 3.54 5.89 5.39
CA ASN A 22 4.98 5.58 5.37
C ASN A 22 5.41 4.93 6.68
N GLU A 23 4.61 5.11 7.73
CA GLU A 23 4.96 4.54 9.04
C GLU A 23 4.95 2.99 8.95
N PRO A 24 5.90 2.28 9.55
CA PRO A 24 5.94 0.77 9.47
C PRO A 24 4.86 0.12 10.37
N ALA A 25 4.71 0.62 11.59
CA ALA A 25 3.75 0.07 12.54
C ALA A 25 2.33 0.20 12.00
N HIS A 26 2.03 1.35 11.38
CA HIS A 26 0.70 1.59 10.82
C HIS A 26 0.43 0.64 9.65
N ILE A 27 1.38 0.51 8.74
CA ILE A 27 1.19 -0.36 7.58
C ILE A 27 1.00 -1.81 8.03
N MET A 28 1.88 -2.29 8.90
CA MET A 28 1.81 -3.67 9.38
C MET A 28 0.48 -3.94 10.10
N LYS A 29 -0.15 -2.89 10.60
CA LYS A 29 -1.40 -3.03 11.33
C LYS A 29 -2.52 -3.53 10.41
N TRP A 30 -2.45 -3.15 9.13
CA TRP A 30 -3.47 -3.53 8.13
C TRP A 30 -2.82 -3.99 6.83
N CYS A 31 -1.51 -4.26 6.87
CA CYS A 31 -0.81 -4.71 5.67
C CYS A 31 -1.49 -5.95 5.12
N GLN A 32 -1.56 -6.01 3.79
CA GLN A 32 -2.18 -7.12 3.07
C GLN A 32 -3.70 -7.04 3.24
N ALA A 33 -4.12 -6.83 4.49
CA ALA A 33 -5.53 -6.74 4.81
C ALA A 33 -6.27 -7.98 4.32
N SER A 34 -5.65 -9.17 4.48
CA SER A 34 -6.25 -10.44 4.03
C SER A 34 -6.33 -11.45 5.20
N PRO A 35 -7.43 -12.21 5.34
CA PRO A 35 -7.57 -13.21 6.46
C PRO A 35 -6.71 -14.46 6.23
N GLU A 36 -6.48 -14.82 4.96
CA GLU A 36 -5.69 -16.02 4.62
C GLU A 36 -4.20 -15.73 4.77
N TRP A 37 -3.86 -14.56 5.31
CA TRP A 37 -2.46 -14.17 5.50
C TRP A 37 -2.35 -13.29 6.74
N HIS A 38 -1.13 -13.25 7.28
CA HIS A 38 -0.85 -12.44 8.48
C HIS A 38 0.57 -11.90 8.40
N VAL A 39 0.83 -10.79 9.09
CA VAL A 39 2.17 -10.17 9.11
C VAL A 39 2.71 -10.16 10.55
N PRO A 40 3.41 -11.21 10.97
CA PRO A 40 3.96 -11.29 12.37
C PRO A 40 5.23 -10.45 12.52
N ALA A 41 5.67 -9.82 11.42
CA ALA A 41 6.87 -9.00 11.46
C ALA A 41 6.96 -8.16 10.19
N ALA A 42 7.52 -6.95 10.31
CA ALA A 42 7.69 -6.06 9.17
C ALA A 42 8.84 -5.10 9.43
N GLN A 43 9.62 -4.80 8.38
CA GLN A 43 10.76 -3.88 8.47
C GLN A 43 10.74 -2.92 7.29
N ASN A 44 11.02 -1.66 7.57
CA ASN A 44 11.03 -0.61 6.55
C ASN A 44 11.78 0.61 7.07
N ASP A 45 12.64 1.18 6.22
CA ASP A 45 13.41 2.38 6.56
C ASP A 45 13.25 3.40 5.44
N LEU A 46 12.37 4.37 5.65
CA LEU A 46 12.11 5.40 4.65
C LEU A 46 13.37 6.25 4.47
N LYS A 47 14.18 5.91 3.47
CA LYS A 47 15.40 6.66 3.19
C LYS A 47 15.99 6.22 1.85
N ALA A 48 16.51 7.18 1.09
CA ALA A 48 17.12 6.87 -0.20
C ALA A 48 18.27 5.88 -0.02
N GLY A 49 18.33 4.87 -0.89
CA GLY A 49 19.38 3.85 -0.83
C GLY A 49 19.14 2.89 0.32
N GLY A 50 18.04 3.10 1.05
CA GLY A 50 17.66 2.24 2.17
C GLY A 50 16.94 1.00 1.65
N THR A 51 16.94 -0.07 2.46
CA THR A 51 16.28 -1.34 2.10
C THR A 51 15.17 -1.64 3.10
N PHE A 52 14.32 -2.59 2.73
CA PHE A 52 13.18 -2.99 3.57
C PHE A 52 12.93 -4.49 3.42
N THR A 53 12.23 -5.06 4.41
CA THR A 53 11.89 -6.48 4.39
C THR A 53 10.57 -6.69 5.13
N THR A 54 9.59 -7.30 4.45
CA THR A 54 8.27 -7.58 5.02
C THR A 54 8.01 -9.07 4.99
N THR A 55 7.73 -9.67 6.15
CA THR A 55 7.46 -11.11 6.24
C THR A 55 5.97 -11.34 6.08
N MET A 56 5.57 -12.05 5.01
CA MET A 56 4.17 -12.36 4.74
C MET A 56 4.01 -13.85 4.49
N ALA A 57 3.47 -14.57 5.49
CA ALA A 57 3.26 -16.02 5.39
C ALA A 57 1.82 -16.35 5.70
N ALA A 58 1.36 -17.50 5.21
CA ALA A 58 0.00 -17.96 5.44
C ALA A 58 -0.12 -18.50 6.86
N LYS A 59 -1.29 -18.36 7.45
CA LYS A 59 -1.53 -18.83 8.82
C LYS A 59 -1.25 -20.33 8.94
N ASP A 60 -1.65 -21.08 7.92
CA ASP A 60 -1.45 -22.54 7.91
C ASP A 60 0.04 -22.84 7.72
N GLY A 61 0.82 -21.81 7.41
CA GLY A 61 2.26 -21.96 7.21
C GLY A 61 2.54 -22.74 5.93
N SER A 62 1.49 -22.95 5.14
CA SER A 62 1.63 -23.69 3.87
C SER A 62 2.55 -22.95 2.90
N MET A 63 2.43 -21.61 2.89
CA MET A 63 3.23 -20.75 2.01
C MET A 63 4.00 -19.74 2.84
N SER A 64 5.17 -19.36 2.34
CA SER A 64 6.03 -18.38 3.00
C SER A 64 6.79 -17.56 1.96
N PHE A 65 6.72 -16.24 2.08
CA PHE A 65 7.41 -15.34 1.16
C PHE A 65 7.56 -13.97 1.81
N ASP A 66 8.57 -13.23 1.36
CA ASP A 66 8.85 -11.89 1.87
C ASP A 66 9.25 -10.95 0.72
N PHE A 67 8.81 -9.69 0.80
CA PHE A 67 9.13 -8.68 -0.22
C PHE A 67 10.31 -7.84 0.24
N GLY A 68 11.17 -7.48 -0.71
CA GLY A 68 12.36 -6.68 -0.40
C GLY A 68 12.77 -5.88 -1.63
N GLY A 69 13.40 -4.74 -1.40
CA GLY A 69 13.83 -3.87 -2.47
C GLY A 69 14.60 -2.69 -1.90
N VAL A 70 14.92 -1.71 -2.75
CA VAL A 70 15.66 -0.50 -2.36
C VAL A 70 14.92 0.75 -2.84
N TYR A 71 14.94 1.80 -2.01
CA TYR A 71 14.29 3.06 -2.36
C TYR A 71 15.19 3.85 -3.31
N ASP A 72 14.67 4.14 -4.51
CA ASP A 72 15.42 4.91 -5.50
C ASP A 72 15.46 6.37 -5.08
N GLN A 73 14.31 6.88 -4.62
CA GLN A 73 14.20 8.27 -4.18
C GLN A 73 12.88 8.47 -3.45
N VAL A 74 12.88 9.39 -2.47
CA VAL A 74 11.68 9.70 -1.68
C VAL A 74 11.55 11.22 -1.55
N LYS A 75 10.32 11.71 -1.71
CA LYS A 75 10.04 13.14 -1.61
C LYS A 75 8.75 13.33 -0.80
N THR A 76 8.84 14.11 0.28
CA THR A 76 7.70 14.32 1.16
C THR A 76 6.53 14.96 0.39
N ASN A 77 5.33 14.37 0.54
CA ASN A 77 4.11 14.89 -0.12
C ASN A 77 4.38 15.33 -1.58
N ASP A 78 4.88 14.40 -2.39
CA ASP A 78 5.19 14.72 -3.79
C ASP A 78 5.22 13.44 -4.63
N LEU A 79 6.31 12.68 -4.52
CA LEU A 79 6.47 11.44 -5.28
C LEU A 79 7.31 10.42 -4.50
N ILE A 80 6.84 9.18 -4.47
CA ILE A 80 7.53 8.07 -3.79
C ILE A 80 7.56 6.86 -4.73
N GLU A 81 8.73 6.24 -4.86
CA GLU A 81 8.91 5.07 -5.70
C GLU A 81 10.07 4.25 -5.17
N TYR A 82 10.11 2.98 -5.57
CA TYR A 82 11.16 2.07 -5.15
C TYR A 82 11.21 0.88 -6.11
N THR A 83 12.38 0.23 -6.17
CA THR A 83 12.58 -0.93 -7.06
C THR A 83 12.50 -2.20 -6.22
N ILE A 84 11.65 -3.15 -6.66
CA ILE A 84 11.48 -4.43 -5.98
C ILE A 84 12.46 -5.44 -6.56
N GLY A 85 12.83 -6.43 -5.75
CA GLY A 85 13.77 -7.46 -6.20
C GLY A 85 13.32 -8.12 -7.50
N ASP A 86 12.02 -8.40 -7.60
CA ASP A 86 11.46 -9.02 -8.80
C ASP A 86 11.70 -8.14 -10.03
N GLY A 87 12.14 -6.90 -9.79
CA GLY A 87 12.44 -5.94 -10.87
C GLY A 87 11.17 -5.25 -11.34
N ARG A 88 10.07 -5.46 -10.62
CA ARG A 88 8.80 -4.82 -10.98
C ARG A 88 8.91 -3.33 -10.73
N LYS A 89 8.15 -2.55 -11.50
CA LYS A 89 8.15 -1.08 -11.38
C LYS A 89 6.92 -0.62 -10.63
N VAL A 90 7.12 0.21 -9.60
CA VAL A 90 6.04 0.74 -8.78
C VAL A 90 6.33 2.20 -8.48
N ARG A 91 5.33 3.05 -8.69
CA ARG A 91 5.42 4.49 -8.43
C ARG A 91 4.11 4.95 -7.80
N ILE A 92 4.22 5.88 -6.84
CA ILE A 92 3.04 6.44 -6.15
C ILE A 92 3.02 7.94 -6.41
N VAL A 93 1.88 8.44 -6.91
CA VAL A 93 1.70 9.87 -7.20
C VAL A 93 0.64 10.42 -6.26
N PHE A 94 0.97 11.50 -5.55
CA PHE A 94 0.06 12.14 -4.60
C PHE A 94 -0.59 13.35 -5.27
N THR A 95 -1.92 13.39 -5.26
CA THR A 95 -2.69 14.49 -5.84
C THR A 95 -3.78 14.90 -4.85
N HIS A 96 -4.04 16.20 -4.80
CA HIS A 96 -5.04 16.76 -3.90
C HIS A 96 -5.55 18.07 -4.48
N THR A 97 -6.77 18.45 -4.08
CA THR A 97 -7.40 19.71 -4.55
C THR A 97 -7.60 20.66 -3.39
N GLY A 98 -7.68 20.11 -2.18
CA GLY A 98 -7.86 20.93 -0.99
C GLY A 98 -7.98 20.06 0.27
N ASP A 99 -9.17 20.04 0.87
CA ASP A 99 -9.44 19.27 2.08
C ASP A 99 -9.60 17.79 1.75
N THR A 100 -9.27 17.42 0.50
CA THR A 100 -9.37 16.05 0.03
C THR A 100 -8.03 15.63 -0.56
N THR A 101 -7.69 14.35 -0.37
CA THR A 101 -6.45 13.77 -0.89
C THR A 101 -6.76 12.54 -1.72
N ASN A 102 -6.18 12.47 -2.92
CA ASN A 102 -6.37 11.36 -3.84
C ASN A 102 -5.03 10.65 -4.04
N ILE A 103 -4.99 9.35 -3.72
CA ILE A 103 -3.77 8.53 -3.87
C ILE A 103 -3.93 7.69 -5.13
N VAL A 104 -2.93 7.72 -6.01
CA VAL A 104 -2.95 6.95 -7.26
C VAL A 104 -1.77 5.99 -7.26
N GLU A 105 -2.02 4.73 -7.62
CA GLU A 105 -0.99 3.68 -7.66
C GLU A 105 -1.18 2.85 -8.92
N SER A 106 -0.07 2.39 -9.49
CA SER A 106 -0.07 1.57 -10.71
C SER A 106 0.85 0.37 -10.50
N PHE A 107 0.51 -0.75 -11.15
CA PHE A 107 1.31 -1.98 -11.04
C PHE A 107 1.33 -2.69 -12.38
N ASP A 108 2.47 -3.30 -12.73
CA ASP A 108 2.59 -4.03 -14.00
C ASP A 108 2.16 -5.50 -13.82
N PRO A 109 1.09 -5.97 -14.46
CA PRO A 109 0.64 -7.40 -14.30
C PRO A 109 1.52 -8.36 -15.10
N GLU A 110 1.53 -9.64 -14.69
CA GLU A 110 2.31 -10.66 -15.37
C GLU A 110 1.60 -11.08 -16.64
N GLU A 111 2.35 -11.61 -17.60
CA GLU A 111 1.78 -12.06 -18.88
C GLU A 111 1.14 -13.44 -18.72
N THR A 112 1.82 -14.32 -17.98
CA THR A 112 1.32 -15.68 -17.78
C THR A 112 -0.01 -15.65 -17.04
N ASN A 113 -0.10 -14.85 -15.98
CA ASN A 113 -1.31 -14.78 -15.18
C ASN A 113 -2.32 -13.78 -15.80
N PRO A 114 -3.63 -14.01 -15.66
CA PRO A 114 -4.64 -13.06 -16.23
C PRO A 114 -4.54 -11.65 -15.59
N ARG A 115 -4.63 -10.62 -16.45
CA ARG A 115 -4.55 -9.23 -15.98
C ARG A 115 -5.77 -8.86 -15.14
N GLU A 116 -6.94 -9.30 -15.60
CA GLU A 116 -8.19 -9.00 -14.90
C GLU A 116 -8.10 -9.40 -13.43
N LEU A 117 -7.41 -10.50 -13.14
CA LEU A 117 -7.26 -10.96 -11.77
C LEU A 117 -6.42 -9.98 -10.97
N GLN A 118 -5.32 -9.51 -11.58
CA GLN A 118 -4.42 -8.59 -10.90
C GLN A 118 -5.15 -7.32 -10.50
N GLN A 119 -5.83 -6.69 -11.45
CA GLN A 119 -6.56 -5.46 -11.19
C GLN A 119 -7.50 -5.67 -10.00
N SER A 120 -8.21 -6.80 -10.00
CA SER A 120 -9.13 -7.13 -8.92
C SER A 120 -8.38 -7.24 -7.60
N GLY A 121 -7.20 -7.86 -7.64
CA GLY A 121 -6.39 -8.02 -6.42
C GLY A 121 -5.96 -6.67 -5.85
N TRP A 122 -5.35 -5.84 -6.71
CA TRP A 122 -4.88 -4.52 -6.27
C TRP A 122 -6.05 -3.66 -5.83
N GLN A 123 -7.19 -3.80 -6.51
CA GLN A 123 -8.38 -3.03 -6.17
C GLN A 123 -9.00 -3.55 -4.88
N ALA A 124 -8.94 -4.87 -4.68
CA ALA A 124 -9.52 -5.51 -3.49
C ALA A 124 -8.88 -4.97 -2.20
N ILE A 125 -7.55 -4.98 -2.15
CA ILE A 125 -6.83 -4.49 -0.97
C ILE A 125 -7.11 -3.00 -0.75
N LEU A 126 -7.16 -2.25 -1.83
CA LEU A 126 -7.42 -0.81 -1.76
C LEU A 126 -8.82 -0.55 -1.22
N ASN A 127 -9.78 -1.37 -1.62
CA ASN A 127 -11.15 -1.20 -1.15
C ASN A 127 -11.22 -1.38 0.38
N SER A 128 -10.43 -2.32 0.90
CA SER A 128 -10.40 -2.58 2.34
C SER A 128 -10.02 -1.32 3.11
N PHE A 129 -9.17 -0.49 2.50
CA PHE A 129 -8.72 0.75 3.13
C PHE A 129 -9.93 1.63 3.48
N LYS A 130 -10.89 1.71 2.57
CA LYS A 130 -12.08 2.53 2.79
C LYS A 130 -12.86 2.02 4.00
N SER A 131 -12.98 0.71 4.12
CA SER A 131 -13.70 0.10 5.24
C SER A 131 -13.03 0.47 6.56
N TYR A 132 -11.70 0.47 6.56
CA TYR A 132 -10.93 0.80 7.77
C TYR A 132 -11.26 2.21 8.25
N THR A 133 -11.23 3.18 7.33
CA THR A 133 -11.52 4.56 7.68
C THR A 133 -12.95 4.69 8.22
N GLU A 134 -13.88 3.94 7.60
CA GLU A 134 -15.28 3.98 8.04
C GLU A 134 -15.41 3.38 9.44
N ASN A 135 -14.73 2.26 9.66
CA ASN A 135 -14.77 1.58 10.96
C ASN A 135 -14.17 2.47 12.04
N ASN A 136 -13.12 3.21 11.69
CA ASN A 136 -12.46 4.10 12.63
C ASN A 136 -13.43 5.19 13.11
N LEU A 137 -14.26 5.68 12.17
CA LEU A 137 -15.21 6.74 12.51
C LEU A 137 -16.18 6.26 13.60
N GLU A 138 -16.65 5.03 13.45
CA GLU A 138 -17.60 4.46 14.41
C GLU A 138 -16.96 4.41 15.81
N HIS A 139 -15.72 3.95 15.87
CA HIS A 139 -15.00 3.85 17.14
C HIS A 139 -14.57 5.25 17.61
N HIS A 140 -14.83 5.56 18.87
CA HIS A 140 -14.47 6.85 19.43
C HIS A 140 -12.95 6.97 19.55
N HIS A 141 -12.35 7.81 18.71
CA HIS A 141 -10.90 8.02 18.71
C HIS A 141 -10.48 8.81 19.95
N HIS A 142 -11.44 9.47 20.58
CA HIS A 142 -11.17 10.27 21.78
C HIS A 142 -10.68 9.36 22.90
N HIS A 143 -9.47 9.62 23.39
CA HIS A 143 -8.88 8.83 24.48
C HIS A 143 -9.54 9.20 25.81
N HIS A 144 -9.84 8.19 26.62
CA HIS A 144 -10.46 8.42 27.92
C HIS A 144 -9.55 9.25 28.81
N GLY A 1 -5.22 -3.70 -21.09
CA GLY A 1 -4.56 -2.51 -20.49
C GLY A 1 -3.46 -2.96 -19.54
N ASN A 2 -2.25 -3.07 -20.07
CA ASN A 2 -1.10 -3.49 -19.27
C ASN A 2 -0.79 -2.46 -18.17
N LYS A 3 -0.95 -1.19 -18.50
CA LYS A 3 -0.68 -0.10 -17.56
C LYS A 3 -1.79 -0.05 -16.49
N ILE A 4 -2.00 -1.17 -15.81
CA ILE A 4 -3.04 -1.23 -14.78
C ILE A 4 -2.75 -0.20 -13.69
N THR A 5 -3.77 0.57 -13.34
CA THR A 5 -3.68 1.61 -12.32
C THR A 5 -4.92 1.55 -11.44
N VAL A 6 -4.75 1.93 -10.17
CA VAL A 6 -5.84 1.94 -9.20
C VAL A 6 -5.78 3.22 -8.39
N GLU A 7 -6.91 3.60 -7.79
CA GLU A 7 -6.98 4.81 -6.97
C GLU A 7 -7.97 4.64 -5.83
N VAL A 8 -7.85 5.50 -4.83
CA VAL A 8 -8.74 5.46 -3.66
C VAL A 8 -8.91 6.88 -3.10
N THR A 9 -10.13 7.18 -2.63
CA THR A 9 -10.45 8.50 -2.05
C THR A 9 -10.27 8.43 -0.54
N VAL A 10 -9.35 9.25 0.00
CA VAL A 10 -9.09 9.29 1.46
C VAL A 10 -9.25 10.74 1.95
N TYR A 11 -10.07 10.92 3.00
CA TYR A 11 -10.31 12.26 3.58
C TYR A 11 -9.38 12.50 4.77
N ALA A 12 -8.22 13.11 4.49
CA ALA A 12 -7.23 13.40 5.53
C ALA A 12 -6.13 14.31 4.98
N ALA A 13 -5.50 15.06 5.87
CA ALA A 13 -4.43 15.98 5.47
C ALA A 13 -3.26 15.18 4.87
N ILE A 14 -2.72 15.66 3.75
CA ILE A 14 -1.62 14.95 3.06
C ILE A 14 -0.49 14.60 4.02
N GLU A 15 -0.18 15.54 4.91
CA GLU A 15 0.89 15.35 5.87
C GLU A 15 0.54 14.20 6.83
N LYS A 16 -0.74 14.08 7.17
CA LYS A 16 -1.18 13.01 8.07
C LYS A 16 -1.08 11.64 7.38
N VAL A 17 -1.57 11.58 6.13
CA VAL A 17 -1.54 10.33 5.37
C VAL A 17 -0.12 9.84 5.19
N TRP A 18 0.79 10.77 4.93
CA TRP A 18 2.19 10.40 4.72
C TRP A 18 2.73 9.58 5.91
N LYS A 19 2.35 9.99 7.13
CA LYS A 19 2.79 9.29 8.33
C LYS A 19 2.19 7.88 8.42
N TYR A 20 0.87 7.77 8.30
CA TYR A 20 0.21 6.46 8.37
C TYR A 20 0.63 5.57 7.20
N TRP A 21 0.69 6.16 6.02
CA TRP A 21 1.05 5.42 4.82
C TRP A 21 2.50 4.88 4.90
N ASN A 22 3.31 5.48 5.80
CA ASN A 22 4.73 5.10 5.98
C ASN A 22 4.98 4.38 7.31
N GLU A 23 4.14 4.64 8.32
CA GLU A 23 4.31 4.01 9.64
C GLU A 23 4.40 2.47 9.48
N PRO A 24 5.56 1.82 9.70
CA PRO A 24 5.66 0.32 9.53
C PRO A 24 4.57 -0.41 10.32
N ALA A 25 4.36 0.05 11.56
CA ALA A 25 3.37 -0.57 12.43
C ALA A 25 1.97 -0.49 11.82
N HIS A 26 1.70 0.60 11.10
CA HIS A 26 0.40 0.79 10.46
C HIS A 26 0.23 -0.12 9.23
N ILE A 27 1.28 -0.23 8.41
CA ILE A 27 1.18 -1.04 7.18
C ILE A 27 0.91 -2.51 7.53
N MET A 28 1.63 -3.04 8.52
CA MET A 28 1.48 -4.45 8.92
C MET A 28 0.15 -4.68 9.63
N LYS A 29 -0.60 -3.60 9.89
CA LYS A 29 -1.90 -3.70 10.59
C LYS A 29 -3.06 -4.01 9.62
N TRP A 30 -2.92 -3.56 8.36
CA TRP A 30 -3.96 -3.77 7.32
C TRP A 30 -3.34 -4.25 6.02
N CYS A 31 -2.10 -4.76 6.06
CA CYS A 31 -1.43 -5.26 4.84
C CYS A 31 -2.36 -6.15 4.01
N GLN A 32 -2.47 -5.85 2.71
CA GLN A 32 -3.36 -6.61 1.82
C GLN A 32 -4.83 -6.48 2.29
N ALA A 33 -5.03 -5.94 3.49
CA ALA A 33 -6.36 -5.77 4.07
C ALA A 33 -7.15 -7.10 4.05
N SER A 34 -6.43 -8.23 4.21
CA SER A 34 -7.05 -9.58 4.20
C SER A 34 -6.72 -10.33 5.53
N PRO A 35 -7.66 -11.00 6.18
CA PRO A 35 -7.37 -11.76 7.44
C PRO A 35 -6.67 -13.11 7.17
N GLU A 36 -6.61 -13.52 5.91
CA GLU A 36 -5.99 -14.79 5.53
C GLU A 36 -4.47 -14.69 5.64
N TRP A 37 -3.94 -13.46 5.51
CA TRP A 37 -2.50 -13.19 5.60
C TRP A 37 -2.16 -12.58 6.95
N HIS A 38 -0.90 -12.76 7.36
CA HIS A 38 -0.41 -12.24 8.64
C HIS A 38 1.00 -11.68 8.41
N VAL A 39 1.50 -10.88 9.36
CA VAL A 39 2.83 -10.26 9.28
C VAL A 39 3.59 -10.46 10.60
N PRO A 40 4.41 -11.49 10.76
CA PRO A 40 5.14 -11.73 12.04
C PRO A 40 6.27 -10.71 12.23
N ALA A 41 6.59 -9.97 11.18
CA ALA A 41 7.64 -8.95 11.25
C ALA A 41 7.61 -8.08 10.00
N ALA A 42 8.05 -6.82 10.15
CA ALA A 42 8.11 -5.87 9.03
C ALA A 42 9.18 -4.81 9.30
N GLN A 43 9.90 -4.42 8.24
CA GLN A 43 10.97 -3.41 8.33
C GLN A 43 10.88 -2.46 7.13
N ASN A 44 11.14 -1.18 7.38
CA ASN A 44 11.11 -0.16 6.32
C ASN A 44 11.84 1.09 6.80
N ASP A 45 12.68 1.66 5.93
CA ASP A 45 13.45 2.88 6.24
C ASP A 45 13.27 3.91 5.12
N LEU A 46 12.46 4.93 5.38
CA LEU A 46 12.21 5.98 4.38
C LEU A 46 13.44 6.87 4.21
N LYS A 47 14.28 6.52 3.24
CA LYS A 47 15.50 7.28 2.96
C LYS A 47 16.14 6.77 1.67
N ALA A 48 16.84 7.66 0.97
CA ALA A 48 17.49 7.28 -0.28
C ALA A 48 18.55 6.19 -0.04
N GLY A 49 18.60 5.19 -0.92
CA GLY A 49 19.57 4.10 -0.79
C GLY A 49 19.18 3.18 0.37
N GLY A 50 18.06 3.50 1.02
CA GLY A 50 17.58 2.69 2.15
C GLY A 50 17.03 1.37 1.66
N THR A 51 17.15 0.34 2.49
CA THR A 51 16.65 -1.02 2.18
C THR A 51 15.45 -1.35 3.06
N PHE A 52 14.48 -2.06 2.50
CA PHE A 52 13.26 -2.46 3.23
C PHE A 52 13.06 -3.97 3.12
N THR A 53 12.39 -4.56 4.11
CA THR A 53 12.12 -5.99 4.12
C THR A 53 10.82 -6.26 4.87
N THR A 54 9.81 -6.80 4.16
CA THR A 54 8.49 -7.11 4.74
C THR A 54 8.28 -8.62 4.67
N THR A 55 8.18 -9.28 5.84
CA THR A 55 7.97 -10.73 5.89
C THR A 55 6.47 -11.02 5.96
N MET A 56 5.93 -11.68 4.93
CA MET A 56 4.50 -12.03 4.86
C MET A 56 4.34 -13.55 4.83
N ALA A 57 3.47 -14.07 5.71
CA ALA A 57 3.21 -15.52 5.79
C ALA A 57 1.71 -15.79 5.95
N ALA A 58 1.21 -16.76 5.17
CA ALA A 58 -0.20 -17.14 5.23
C ALA A 58 -0.49 -17.79 6.57
N LYS A 59 -1.73 -17.65 7.06
CA LYS A 59 -2.11 -18.22 8.34
C LYS A 59 -1.82 -19.73 8.35
N ASP A 60 -2.10 -20.41 7.23
CA ASP A 60 -1.88 -21.84 7.12
C ASP A 60 -0.38 -22.12 6.92
N GLY A 61 0.38 -21.06 6.69
CA GLY A 61 1.82 -21.19 6.49
C GLY A 61 2.14 -21.99 5.23
N SER A 62 1.14 -22.11 4.35
CA SER A 62 1.31 -22.86 3.08
C SER A 62 1.94 -21.98 2.02
N MET A 63 2.04 -20.67 2.29
CA MET A 63 2.63 -19.71 1.34
C MET A 63 3.23 -18.52 2.08
N SER A 64 4.54 -18.30 1.90
CA SER A 64 5.24 -17.16 2.53
C SER A 64 6.31 -16.62 1.59
N PHE A 65 6.57 -15.31 1.68
CA PHE A 65 7.58 -14.65 0.85
C PHE A 65 8.00 -13.35 1.51
N ASP A 66 9.13 -12.80 1.05
CA ASP A 66 9.69 -11.55 1.58
C ASP A 66 10.15 -10.66 0.42
N PHE A 67 9.63 -9.44 0.35
CA PHE A 67 10.00 -8.48 -0.71
C PHE A 67 11.12 -7.58 -0.23
N GLY A 68 12.01 -7.20 -1.14
CA GLY A 68 13.14 -6.32 -0.80
C GLY A 68 13.54 -5.49 -2.01
N GLY A 69 14.14 -4.34 -1.74
CA GLY A 69 14.57 -3.44 -2.80
C GLY A 69 15.27 -2.23 -2.21
N VAL A 70 15.57 -1.24 -3.06
CA VAL A 70 16.26 0.00 -2.63
C VAL A 70 15.46 1.22 -3.12
N TYR A 71 15.30 2.21 -2.24
CA TYR A 71 14.58 3.43 -2.60
C TYR A 71 15.43 4.27 -3.55
N ASP A 72 14.90 4.55 -4.75
CA ASP A 72 15.62 5.35 -5.75
C ASP A 72 15.62 6.82 -5.32
N GLN A 73 14.51 7.27 -4.76
CA GLN A 73 14.37 8.65 -4.29
C GLN A 73 13.19 8.76 -3.33
N VAL A 74 13.31 9.63 -2.32
CA VAL A 74 12.25 9.86 -1.32
C VAL A 74 12.13 11.37 -1.04
N LYS A 75 10.91 11.91 -1.10
CA LYS A 75 10.66 13.34 -0.84
C LYS A 75 9.27 13.50 -0.18
N THR A 76 9.25 14.12 0.99
CA THR A 76 8.01 14.32 1.74
C THR A 76 6.91 14.95 0.88
N ASN A 77 5.78 14.25 0.78
CA ASN A 77 4.63 14.74 0.00
C ASN A 77 5.03 15.09 -1.43
N ASP A 78 5.50 14.10 -2.19
CA ASP A 78 5.93 14.31 -3.57
C ASP A 78 5.85 13.00 -4.38
N LEU A 79 6.91 12.18 -4.29
CA LEU A 79 6.96 10.91 -5.03
C LEU A 79 7.76 9.86 -4.26
N ILE A 80 7.24 8.62 -4.21
CA ILE A 80 7.90 7.49 -3.54
C ILE A 80 7.93 6.30 -4.51
N GLU A 81 9.11 5.74 -4.73
CA GLU A 81 9.26 4.58 -5.61
C GLU A 81 10.47 3.76 -5.18
N TYR A 82 10.57 2.54 -5.69
CA TYR A 82 11.68 1.65 -5.36
C TYR A 82 11.79 0.55 -6.40
N THR A 83 13.00 0.00 -6.56
CA THR A 83 13.25 -1.07 -7.53
C THR A 83 13.00 -2.43 -6.88
N ILE A 84 12.23 -3.28 -7.54
CA ILE A 84 11.90 -4.63 -7.02
C ILE A 84 12.76 -5.67 -7.74
N GLY A 85 13.10 -6.75 -7.05
CA GLY A 85 13.94 -7.80 -7.63
C GLY A 85 13.35 -8.31 -8.95
N ASP A 86 12.04 -8.54 -9.00
CA ASP A 86 11.41 -9.03 -10.23
C ASP A 86 11.57 -8.02 -11.36
N GLY A 87 11.89 -6.76 -11.00
CA GLY A 87 12.10 -5.70 -11.98
C GLY A 87 10.78 -4.99 -12.32
N ARG A 88 9.71 -5.37 -11.61
CA ARG A 88 8.39 -4.76 -11.83
C ARG A 88 8.48 -3.27 -11.49
N LYS A 89 7.83 -2.44 -12.30
CA LYS A 89 7.84 -0.99 -12.07
C LYS A 89 6.68 -0.59 -11.17
N VAL A 90 6.96 0.15 -10.11
CA VAL A 90 5.94 0.62 -9.17
C VAL A 90 6.27 2.04 -8.72
N ARG A 91 5.31 2.96 -8.89
CA ARG A 91 5.47 4.36 -8.50
C ARG A 91 4.21 4.85 -7.81
N ILE A 92 4.37 5.69 -6.79
CA ILE A 92 3.23 6.24 -6.03
C ILE A 92 3.25 7.77 -6.15
N VAL A 93 2.19 8.34 -6.72
CA VAL A 93 2.06 9.80 -6.89
C VAL A 93 1.09 10.35 -5.86
N PHE A 94 1.56 11.32 -5.07
CA PHE A 94 0.74 11.93 -4.02
C PHE A 94 0.11 13.22 -4.55
N THR A 95 -1.23 13.29 -4.51
CA THR A 95 -1.98 14.46 -4.99
C THR A 95 -3.14 14.73 -4.04
N HIS A 96 -3.47 16.01 -3.87
CA HIS A 96 -4.56 16.42 -2.99
C HIS A 96 -5.18 17.71 -3.51
N THR A 97 -6.37 18.04 -3.00
CA THR A 97 -7.09 19.25 -3.41
C THR A 97 -7.71 19.94 -2.19
N GLY A 98 -7.12 19.68 -1.02
CA GLY A 98 -7.60 20.27 0.24
C GLY A 98 -8.71 19.42 0.87
N ASP A 99 -8.55 19.10 2.15
CA ASP A 99 -9.54 18.29 2.89
C ASP A 99 -9.78 16.97 2.19
N THR A 100 -8.92 16.63 1.21
CA THR A 100 -9.04 15.38 0.46
C THR A 100 -7.68 14.96 -0.08
N THR A 101 -7.40 13.65 -0.04
CA THR A 101 -6.13 13.08 -0.54
C THR A 101 -6.42 11.98 -1.56
N ASN A 102 -5.75 12.06 -2.72
CA ASN A 102 -5.91 11.07 -3.80
C ASN A 102 -4.63 10.25 -3.92
N ILE A 103 -4.73 8.93 -3.67
CA ILE A 103 -3.58 8.02 -3.75
C ILE A 103 -3.74 7.17 -5.01
N VAL A 104 -2.75 7.22 -5.91
CA VAL A 104 -2.78 6.44 -7.16
C VAL A 104 -1.45 5.78 -7.37
N GLU A 105 -1.48 4.53 -7.83
CA GLU A 105 -0.27 3.79 -8.11
C GLU A 105 -0.44 2.88 -9.33
N SER A 106 0.62 2.77 -10.13
CA SER A 106 0.63 1.91 -11.32
C SER A 106 1.21 0.55 -10.95
N PHE A 107 0.81 -0.50 -11.68
CA PHE A 107 1.32 -1.85 -11.41
C PHE A 107 1.30 -2.66 -12.70
N ASP A 108 2.36 -3.45 -12.92
CA ASP A 108 2.48 -4.28 -14.14
C ASP A 108 1.89 -5.69 -13.89
N PRO A 109 1.16 -6.28 -14.84
CA PRO A 109 0.57 -7.64 -14.64
C PRO A 109 1.63 -8.75 -14.75
N GLU A 110 1.46 -9.81 -13.96
CA GLU A 110 2.38 -10.95 -13.97
C GLU A 110 1.95 -11.93 -15.05
N GLU A 111 2.91 -12.70 -15.57
CA GLU A 111 2.63 -13.70 -16.59
C GLU A 111 1.91 -14.91 -16.00
N THR A 112 2.31 -15.31 -14.78
CA THR A 112 1.71 -16.46 -14.12
C THR A 112 0.26 -16.19 -13.70
N ASN A 113 0.01 -15.03 -13.09
CA ASN A 113 -1.35 -14.66 -12.63
C ASN A 113 -2.09 -13.86 -13.72
N PRO A 114 -3.35 -14.16 -14.05
CA PRO A 114 -4.07 -13.35 -15.08
C PRO A 114 -4.06 -11.86 -14.75
N ARG A 115 -4.05 -11.03 -15.79
CA ARG A 115 -4.07 -9.58 -15.61
C ARG A 115 -5.43 -9.14 -15.06
N GLU A 116 -6.50 -9.83 -15.48
CA GLU A 116 -7.85 -9.49 -15.05
C GLU A 116 -8.06 -9.74 -13.55
N LEU A 117 -7.63 -10.91 -13.07
CA LEU A 117 -7.83 -11.29 -11.67
C LEU A 117 -7.01 -10.41 -10.72
N GLN A 118 -5.70 -10.30 -10.98
CA GLN A 118 -4.82 -9.49 -10.13
C GLN A 118 -5.29 -8.03 -10.09
N GLN A 119 -5.82 -7.53 -11.21
CA GLN A 119 -6.32 -6.15 -11.25
C GLN A 119 -7.41 -5.96 -10.17
N SER A 120 -8.35 -6.89 -10.12
CA SER A 120 -9.43 -6.82 -9.13
C SER A 120 -8.87 -6.93 -7.72
N GLY A 121 -7.79 -7.69 -7.56
CA GLY A 121 -7.18 -7.88 -6.24
C GLY A 121 -6.73 -6.55 -5.64
N TRP A 122 -5.98 -5.76 -6.41
CA TRP A 122 -5.49 -4.47 -5.92
C TRP A 122 -6.67 -3.54 -5.61
N GLN A 123 -7.70 -3.58 -6.45
CA GLN A 123 -8.88 -2.74 -6.26
C GLN A 123 -9.70 -3.24 -5.07
N ALA A 124 -9.77 -4.57 -4.93
CA ALA A 124 -10.56 -5.18 -3.85
C ALA A 124 -10.09 -4.71 -2.47
N ILE A 125 -8.79 -4.81 -2.22
CA ILE A 125 -8.24 -4.41 -0.92
C ILE A 125 -8.42 -2.91 -0.70
N LEU A 126 -8.35 -2.14 -1.78
CA LEU A 126 -8.53 -0.68 -1.69
C LEU A 126 -9.97 -0.35 -1.29
N ASN A 127 -10.93 -1.13 -1.78
CA ASN A 127 -12.33 -0.88 -1.45
C ASN A 127 -12.56 -1.04 0.05
N SER A 128 -11.94 -2.06 0.63
CA SER A 128 -12.08 -2.32 2.07
C SER A 128 -11.53 -1.16 2.89
N PHE A 129 -10.49 -0.51 2.36
CA PHE A 129 -9.87 0.62 3.06
C PHE A 129 -10.89 1.73 3.30
N LYS A 130 -11.77 1.96 2.33
CA LYS A 130 -12.79 3.01 2.44
C LYS A 130 -13.69 2.75 3.66
N SER A 131 -14.13 1.50 3.82
CA SER A 131 -14.99 1.14 4.95
C SER A 131 -14.23 1.31 6.26
N TYR A 132 -12.95 0.93 6.25
CA TYR A 132 -12.11 1.04 7.45
C TYR A 132 -11.99 2.50 7.88
N THR A 133 -11.76 3.39 6.90
CA THR A 133 -11.61 4.81 7.20
C THR A 133 -12.86 5.36 7.87
N GLU A 134 -14.03 5.05 7.32
CA GLU A 134 -15.29 5.51 7.89
C GLU A 134 -15.51 4.88 9.26
N ASN A 135 -15.23 3.59 9.36
CA ASN A 135 -15.40 2.86 10.62
C ASN A 135 -14.44 3.39 11.68
N ASN A 136 -13.24 3.81 11.26
CA ASN A 136 -12.25 4.33 12.19
C ASN A 136 -12.76 5.60 12.87
N LEU A 137 -13.28 6.54 12.07
CA LEU A 137 -13.81 7.80 12.61
C LEU A 137 -15.22 7.59 13.15
N GLU A 138 -15.54 8.26 14.26
CA GLU A 138 -16.86 8.15 14.88
C GLU A 138 -17.20 6.68 15.17
N HIS A 139 -18.37 6.22 14.70
CA HIS A 139 -18.81 4.84 14.89
C HIS A 139 -19.79 4.46 13.79
N HIS A 140 -20.01 3.16 13.61
CA HIS A 140 -20.94 2.69 12.58
C HIS A 140 -22.35 3.22 12.83
N HIS A 141 -22.77 3.18 14.11
CA HIS A 141 -24.09 3.66 14.48
C HIS A 141 -24.20 5.16 14.24
N HIS A 142 -25.32 5.60 13.66
CA HIS A 142 -25.55 7.02 13.38
C HIS A 142 -25.76 7.80 14.68
N HIS A 143 -25.24 9.02 14.73
CA HIS A 143 -25.39 9.86 15.92
C HIS A 143 -26.87 10.18 16.18
N HIS A 144 -27.25 10.20 17.45
CA HIS A 144 -28.63 10.50 17.81
C HIS A 144 -29.02 11.91 17.38
N GLY A 1 -3.67 -5.00 -20.38
CA GLY A 1 -3.37 -3.73 -19.67
C GLY A 1 -2.51 -4.02 -18.44
N ASN A 2 -1.23 -4.34 -18.68
CA ASN A 2 -0.30 -4.64 -17.60
C ASN A 2 -0.13 -3.43 -16.69
N LYS A 3 -0.09 -2.25 -17.31
CA LYS A 3 0.08 -0.99 -16.59
C LYS A 3 -1.22 -0.65 -15.84
N ILE A 4 -1.73 -1.61 -15.07
CA ILE A 4 -2.95 -1.40 -14.31
C ILE A 4 -2.82 -0.15 -13.43
N THR A 5 -3.89 0.63 -13.35
CA THR A 5 -3.93 1.85 -12.55
C THR A 5 -5.16 1.85 -11.65
N VAL A 6 -4.97 2.26 -10.39
CA VAL A 6 -6.05 2.32 -9.39
C VAL A 6 -5.92 3.61 -8.58
N GLU A 7 -7.03 4.04 -7.97
CA GLU A 7 -7.05 5.27 -7.17
C GLU A 7 -8.04 5.13 -6.01
N VAL A 8 -7.85 5.95 -4.97
CA VAL A 8 -8.72 5.95 -3.79
C VAL A 8 -8.84 7.37 -3.23
N THR A 9 -10.02 7.71 -2.71
CA THR A 9 -10.26 9.04 -2.11
C THR A 9 -10.11 8.92 -0.60
N VAL A 10 -9.18 9.69 -0.02
CA VAL A 10 -8.93 9.68 1.44
C VAL A 10 -9.03 11.10 1.99
N TYR A 11 -9.84 11.29 3.03
CA TYR A 11 -10.01 12.62 3.66
C TYR A 11 -9.01 12.77 4.80
N ALA A 12 -7.86 13.36 4.50
CA ALA A 12 -6.82 13.57 5.50
C ALA A 12 -5.72 14.47 4.93
N ALA A 13 -5.04 15.21 5.83
CA ALA A 13 -3.97 16.12 5.42
C ALA A 13 -2.81 15.33 4.80
N ILE A 14 -2.21 15.88 3.74
CA ILE A 14 -1.11 15.21 3.04
C ILE A 14 0.00 14.78 4.03
N GLU A 15 0.25 15.61 5.03
CA GLU A 15 1.29 15.31 6.02
C GLU A 15 0.90 14.13 6.90
N LYS A 16 -0.40 13.99 7.19
CA LYS A 16 -0.88 12.90 8.05
C LYS A 16 -0.75 11.55 7.32
N VAL A 17 -1.26 11.49 6.11
CA VAL A 17 -1.22 10.26 5.31
C VAL A 17 0.21 9.88 4.98
N TRP A 18 1.07 10.88 4.75
CA TRP A 18 2.47 10.60 4.43
C TRP A 18 3.13 9.78 5.55
N LYS A 19 2.97 10.25 6.78
CA LYS A 19 3.57 9.55 7.92
C LYS A 19 2.89 8.20 8.14
N TYR A 20 1.56 8.18 8.09
CA TYR A 20 0.79 6.96 8.30
C TYR A 20 1.09 5.94 7.20
N TRP A 21 1.11 6.40 5.96
CA TRP A 21 1.36 5.52 4.81
C TRP A 21 2.82 5.06 4.78
N ASN A 22 3.71 5.78 5.48
CA ASN A 22 5.15 5.44 5.53
C ASN A 22 5.53 4.76 6.85
N GLU A 23 4.74 4.98 7.90
CA GLU A 23 5.02 4.38 9.22
C GLU A 23 4.94 2.83 9.11
N PRO A 24 5.89 2.06 9.66
CA PRO A 24 5.84 0.57 9.56
C PRO A 24 4.77 -0.03 10.49
N ALA A 25 4.69 0.51 11.71
CA ALA A 25 3.73 0.02 12.69
C ALA A 25 2.29 0.09 12.14
N HIS A 26 2.04 1.10 11.31
CA HIS A 26 0.71 1.28 10.73
C HIS A 26 0.45 0.29 9.58
N ILE A 27 1.44 0.07 8.73
CA ILE A 27 1.26 -0.86 7.59
C ILE A 27 1.00 -2.28 8.09
N MET A 28 1.77 -2.74 9.08
CA MET A 28 1.60 -4.10 9.60
C MET A 28 0.28 -4.28 10.34
N LYS A 29 -0.42 -3.16 10.60
CA LYS A 29 -1.70 -3.23 11.31
C LYS A 29 -2.82 -3.63 10.35
N TRP A 30 -2.66 -3.30 9.06
CA TRP A 30 -3.65 -3.63 8.01
C TRP A 30 -2.97 -4.13 6.74
N CYS A 31 -1.73 -4.62 6.82
CA CYS A 31 -1.03 -5.12 5.64
C CYS A 31 -1.86 -6.20 4.95
N GLN A 32 -1.99 -6.09 3.62
CA GLN A 32 -2.78 -7.03 2.81
C GLN A 32 -4.28 -6.87 3.11
N ALA A 33 -4.59 -6.52 4.35
CA ALA A 33 -5.98 -6.32 4.78
C ALA A 33 -6.83 -7.56 4.51
N SER A 34 -6.20 -8.75 4.64
CA SER A 34 -6.88 -10.04 4.41
C SER A 34 -6.65 -10.97 5.62
N PRO A 35 -7.65 -11.72 6.09
CA PRO A 35 -7.46 -12.63 7.27
C PRO A 35 -6.71 -13.92 6.90
N GLU A 36 -6.54 -14.18 5.59
CA GLU A 36 -5.84 -15.38 5.13
C GLU A 36 -4.33 -15.22 5.30
N TRP A 37 -3.86 -13.95 5.31
CA TRP A 37 -2.44 -13.62 5.46
C TRP A 37 -2.19 -12.86 6.77
N HIS A 38 -1.07 -13.19 7.44
CA HIS A 38 -0.67 -12.56 8.70
C HIS A 38 0.66 -11.85 8.50
N VAL A 39 0.98 -10.96 9.43
CA VAL A 39 2.22 -10.16 9.40
C VAL A 39 2.90 -10.24 10.78
N PRO A 40 3.75 -11.24 11.04
CA PRO A 40 4.44 -11.38 12.36
C PRO A 40 5.65 -10.43 12.46
N ALA A 41 6.00 -9.79 11.35
CA ALA A 41 7.13 -8.85 11.34
C ALA A 41 7.14 -8.08 10.03
N ALA A 42 7.70 -6.87 10.07
CA ALA A 42 7.80 -6.03 8.88
C ALA A 42 8.71 -4.85 9.16
N GLN A 43 9.33 -4.32 8.10
CA GLN A 43 10.26 -3.18 8.21
C GLN A 43 10.07 -2.25 7.02
N ASN A 44 10.43 -0.97 7.21
CA ASN A 44 10.32 0.03 6.15
C ASN A 44 11.25 1.21 6.43
N ASP A 45 12.39 1.26 5.74
CA ASP A 45 13.36 2.35 5.89
C ASP A 45 13.10 3.41 4.83
N LEU A 46 12.22 4.35 5.13
CA LEU A 46 11.89 5.42 4.17
C LEU A 46 13.10 6.32 3.96
N LYS A 47 13.90 6.01 2.93
CA LYS A 47 15.10 6.82 2.62
C LYS A 47 15.66 6.39 1.26
N ALA A 48 16.22 7.35 0.51
CA ALA A 48 16.80 7.04 -0.80
C ALA A 48 17.91 5.99 -0.65
N GLY A 49 17.93 5.00 -1.55
CA GLY A 49 18.92 3.94 -1.50
C GLY A 49 18.67 3.00 -0.32
N GLY A 50 17.62 3.30 0.44
CA GLY A 50 17.24 2.47 1.59
C GLY A 50 16.54 1.20 1.12
N THR A 51 16.47 0.18 2.00
CA THR A 51 15.83 -1.12 1.68
C THR A 51 14.76 -1.45 2.71
N PHE A 52 13.81 -2.31 2.30
CA PHE A 52 12.70 -2.72 3.18
C PHE A 52 12.43 -4.22 3.03
N THR A 53 11.82 -4.82 4.05
CA THR A 53 11.49 -6.25 4.05
C THR A 53 10.19 -6.47 4.82
N THR A 54 9.14 -6.95 4.12
CA THR A 54 7.83 -7.23 4.73
C THR A 54 7.65 -8.75 4.82
N THR A 55 7.63 -9.28 6.05
CA THR A 55 7.46 -10.73 6.26
C THR A 55 5.98 -11.05 6.46
N MET A 56 5.43 -11.90 5.58
CA MET A 56 4.02 -12.30 5.65
C MET A 56 3.86 -13.77 5.26
N ALA A 57 2.96 -14.48 5.95
CA ALA A 57 2.71 -15.91 5.68
C ALA A 57 1.24 -16.24 5.88
N ALA A 58 0.78 -17.27 5.16
CA ALA A 58 -0.61 -17.73 5.26
C ALA A 58 -0.85 -18.34 6.63
N LYS A 59 -2.09 -18.22 7.13
CA LYS A 59 -2.42 -18.76 8.45
C LYS A 59 -2.14 -20.27 8.50
N ASP A 60 -2.45 -20.97 7.41
CA ASP A 60 -2.22 -22.42 7.33
C ASP A 60 -0.73 -22.69 7.07
N GLY A 61 0.03 -21.62 6.85
CA GLY A 61 1.46 -21.75 6.58
C GLY A 61 1.70 -22.57 5.32
N SER A 62 0.67 -22.71 4.49
CA SER A 62 0.78 -23.47 3.25
C SER A 62 1.72 -22.76 2.27
N MET A 63 1.85 -21.44 2.43
CA MET A 63 2.74 -20.64 1.57
C MET A 63 3.30 -19.46 2.35
N SER A 64 4.55 -19.08 2.05
CA SER A 64 5.21 -17.95 2.71
C SER A 64 6.07 -17.20 1.71
N PHE A 65 6.14 -15.87 1.86
CA PHE A 65 6.95 -15.04 0.95
C PHE A 65 7.26 -13.72 1.63
N ASP A 66 8.26 -13.00 1.10
CA ASP A 66 8.68 -11.71 1.66
C ASP A 66 8.96 -10.73 0.51
N PHE A 67 8.39 -9.51 0.62
CA PHE A 67 8.58 -8.47 -0.40
C PHE A 67 9.72 -7.55 0.01
N GLY A 68 10.57 -7.20 -0.96
CA GLY A 68 11.72 -6.33 -0.71
C GLY A 68 12.10 -5.57 -1.98
N GLY A 69 12.74 -4.42 -1.79
CA GLY A 69 13.16 -3.59 -2.91
C GLY A 69 14.04 -2.45 -2.40
N VAL A 70 14.43 -1.55 -3.32
CA VAL A 70 15.30 -0.40 -2.97
C VAL A 70 14.63 0.91 -3.45
N TYR A 71 14.61 1.91 -2.57
CA TYR A 71 14.03 3.22 -2.91
C TYR A 71 14.99 3.98 -3.83
N ASP A 72 14.55 4.23 -5.07
CA ASP A 72 15.37 4.96 -6.04
C ASP A 72 15.41 6.43 -5.69
N GLN A 73 14.24 7.00 -5.36
CA GLN A 73 14.13 8.43 -5.00
C GLN A 73 12.92 8.63 -4.07
N VAL A 74 13.06 9.58 -3.14
CA VAL A 74 11.97 9.91 -2.20
C VAL A 74 12.02 11.39 -1.84
N LYS A 75 10.85 12.04 -1.80
CA LYS A 75 10.76 13.47 -1.45
C LYS A 75 9.49 13.71 -0.62
N THR A 76 9.65 14.44 0.49
CA THR A 76 8.51 14.70 1.38
C THR A 76 7.36 15.39 0.63
N ASN A 77 6.16 14.84 0.77
CA ASN A 77 4.97 15.39 0.12
C ASN A 77 5.16 15.54 -1.39
N ASP A 78 5.22 14.41 -2.11
CA ASP A 78 5.40 14.45 -3.57
C ASP A 78 5.10 13.08 -4.17
N LEU A 79 6.07 12.16 -4.10
CA LEU A 79 5.88 10.79 -4.64
C LEU A 79 6.89 9.83 -4.02
N ILE A 80 6.57 8.53 -4.09
CA ILE A 80 7.45 7.45 -3.58
C ILE A 80 7.52 6.33 -4.63
N GLU A 81 8.73 5.82 -4.89
CA GLU A 81 8.94 4.73 -5.85
C GLU A 81 10.11 3.87 -5.41
N TYR A 82 10.12 2.61 -5.86
CA TYR A 82 11.20 1.67 -5.52
C TYR A 82 11.24 0.53 -6.53
N THR A 83 12.39 -0.15 -6.61
CA THR A 83 12.58 -1.28 -7.53
C THR A 83 12.47 -2.59 -6.74
N ILE A 84 11.64 -3.53 -7.22
CA ILE A 84 11.44 -4.82 -6.57
C ILE A 84 12.37 -5.87 -7.19
N GLY A 85 12.50 -7.01 -6.52
CA GLY A 85 13.34 -8.09 -7.04
C GLY A 85 12.84 -8.56 -8.40
N ASP A 86 11.51 -8.62 -8.58
CA ASP A 86 10.94 -9.06 -9.85
C ASP A 86 11.35 -8.10 -10.97
N GLY A 87 11.79 -6.90 -10.59
CA GLY A 87 12.23 -5.89 -11.56
C GLY A 87 11.06 -5.08 -12.10
N ARG A 88 9.89 -5.21 -11.46
CA ARG A 88 8.71 -4.45 -11.90
C ARG A 88 8.82 -3.02 -11.42
N LYS A 89 8.28 -2.08 -12.18
CA LYS A 89 8.32 -0.66 -11.80
C LYS A 89 7.18 -0.33 -10.84
N VAL A 90 7.38 0.69 -10.01
CA VAL A 90 6.36 1.13 -9.05
C VAL A 90 6.43 2.65 -8.90
N ARG A 91 5.27 3.31 -9.01
CA ARG A 91 5.17 4.78 -8.86
C ARG A 91 3.95 5.13 -8.02
N ILE A 92 4.16 5.83 -6.90
CA ILE A 92 3.06 6.25 -6.01
C ILE A 92 3.12 7.78 -5.87
N VAL A 93 2.08 8.45 -6.40
CA VAL A 93 1.99 9.93 -6.35
C VAL A 93 0.76 10.35 -5.56
N PHE A 94 0.96 11.30 -4.63
CA PHE A 94 -0.12 11.82 -3.79
C PHE A 94 -0.63 13.13 -4.40
N THR A 95 -1.85 13.08 -4.97
CA THR A 95 -2.47 14.27 -5.58
C THR A 95 -3.44 14.91 -4.59
N HIS A 96 -3.21 16.20 -4.28
CA HIS A 96 -4.07 16.94 -3.34
C HIS A 96 -5.03 17.84 -4.13
N THR A 97 -6.22 18.03 -3.56
CA THR A 97 -7.26 18.85 -4.20
C THR A 97 -8.10 19.56 -3.13
N GLY A 98 -7.79 20.83 -2.88
CA GLY A 98 -8.52 21.62 -1.90
C GLY A 98 -8.51 20.96 -0.53
N ASP A 99 -9.57 20.20 -0.23
CA ASP A 99 -9.71 19.50 1.07
C ASP A 99 -10.03 18.02 0.84
N THR A 100 -9.25 17.38 -0.03
CA THR A 100 -9.44 15.95 -0.33
C THR A 100 -8.17 15.40 -0.98
N THR A 101 -7.53 14.41 -0.33
CA THR A 101 -6.31 13.80 -0.85
C THR A 101 -6.66 12.54 -1.65
N ASN A 102 -5.95 12.34 -2.76
CA ASN A 102 -6.15 11.17 -3.64
C ASN A 102 -4.80 10.48 -3.87
N ILE A 103 -4.77 9.16 -3.66
CA ILE A 103 -3.55 8.35 -3.84
C ILE A 103 -3.69 7.58 -5.16
N VAL A 104 -2.70 7.74 -6.06
CA VAL A 104 -2.71 7.05 -7.37
C VAL A 104 -1.44 6.21 -7.48
N GLU A 105 -1.61 4.91 -7.80
CA GLU A 105 -0.48 3.98 -7.95
C GLU A 105 -0.76 3.01 -9.10
N SER A 106 0.32 2.64 -9.82
CA SER A 106 0.23 1.71 -10.95
C SER A 106 1.36 0.70 -10.89
N PHE A 107 1.06 -0.54 -11.28
CA PHE A 107 2.03 -1.65 -11.26
C PHE A 107 2.06 -2.31 -12.63
N ASP A 108 3.06 -3.18 -12.83
CA ASP A 108 3.22 -3.94 -14.09
C ASP A 108 3.46 -5.42 -13.78
N PRO A 109 2.41 -6.18 -13.48
CA PRO A 109 2.55 -7.64 -13.18
C PRO A 109 3.16 -8.40 -14.37
N GLU A 110 3.54 -9.66 -14.12
CA GLU A 110 4.14 -10.49 -15.16
C GLU A 110 3.16 -10.68 -16.31
N GLU A 111 3.66 -11.23 -17.41
CA GLU A 111 2.83 -11.47 -18.61
C GLU A 111 2.04 -12.76 -18.47
N THR A 112 2.70 -13.81 -18.00
CA THR A 112 2.06 -15.12 -17.83
C THR A 112 0.96 -15.06 -16.76
N ASN A 113 1.19 -14.28 -15.70
CA ASN A 113 0.22 -14.15 -14.62
C ASN A 113 -1.07 -13.45 -15.11
N PRO A 114 -2.24 -13.81 -14.61
CA PRO A 114 -3.52 -13.14 -15.05
C PRO A 114 -3.64 -11.70 -14.50
N ARG A 115 -3.75 -10.74 -15.41
CA ARG A 115 -3.87 -9.33 -15.03
C ARG A 115 -5.17 -9.07 -14.27
N GLU A 116 -6.25 -9.72 -14.72
CA GLU A 116 -7.57 -9.52 -14.09
C GLU A 116 -7.52 -9.81 -12.59
N LEU A 117 -6.85 -10.90 -12.21
CA LEU A 117 -6.75 -11.27 -10.79
C LEU A 117 -6.05 -10.17 -9.99
N GLN A 118 -4.97 -9.64 -10.56
CA GLN A 118 -4.19 -8.60 -9.91
C GLN A 118 -5.02 -7.34 -9.74
N GLN A 119 -5.77 -6.98 -10.79
CA GLN A 119 -6.61 -5.79 -10.74
C GLN A 119 -7.54 -5.84 -9.54
N SER A 120 -8.14 -6.99 -9.31
CA SER A 120 -9.04 -7.16 -8.18
C SER A 120 -8.23 -7.12 -6.88
N GLY A 121 -7.01 -7.66 -6.92
CA GLY A 121 -6.15 -7.67 -5.75
C GLY A 121 -5.80 -6.26 -5.30
N TRP A 122 -5.29 -5.44 -6.22
CA TRP A 122 -4.93 -4.05 -5.90
C TRP A 122 -6.16 -3.25 -5.50
N GLN A 123 -7.29 -3.53 -6.15
CA GLN A 123 -8.54 -2.82 -5.83
C GLN A 123 -9.10 -3.28 -4.49
N ALA A 124 -8.97 -4.59 -4.21
CA ALA A 124 -9.48 -5.16 -2.96
C ALA A 124 -8.88 -4.49 -1.73
N ILE A 125 -7.56 -4.42 -1.67
CA ILE A 125 -6.88 -3.81 -0.53
C ILE A 125 -7.29 -2.34 -0.41
N LEU A 126 -7.48 -1.66 -1.54
CA LEU A 126 -7.89 -0.25 -1.55
C LEU A 126 -9.30 -0.08 -0.98
N ASN A 127 -10.26 -0.88 -1.46
CA ASN A 127 -11.65 -0.75 -1.00
C ASN A 127 -11.81 -1.36 0.39
N SER A 128 -11.05 -2.43 0.66
CA SER A 128 -11.13 -3.09 1.95
C SER A 128 -10.73 -2.12 3.08
N PHE A 129 -9.71 -1.30 2.82
CA PHE A 129 -9.24 -0.34 3.82
C PHE A 129 -10.38 0.59 4.25
N LYS A 130 -11.18 1.04 3.29
CA LYS A 130 -12.30 1.93 3.58
C LYS A 130 -13.29 1.24 4.52
N SER A 131 -13.53 -0.05 4.31
CA SER A 131 -14.48 -0.78 5.15
C SER A 131 -14.08 -0.71 6.63
N TYR A 132 -12.80 -0.95 6.92
CA TYR A 132 -12.31 -0.90 8.30
C TYR A 132 -12.40 0.52 8.84
N THR A 133 -12.13 1.51 7.98
CA THR A 133 -12.18 2.91 8.40
C THR A 133 -13.58 3.29 8.87
N GLU A 134 -14.58 2.93 8.07
CA GLU A 134 -15.97 3.24 8.41
C GLU A 134 -16.44 2.40 9.60
N ASN A 135 -16.07 1.12 9.60
CA ASN A 135 -16.45 0.21 10.69
C ASN A 135 -15.77 0.62 12.00
N ASN A 136 -14.64 1.31 11.91
CA ASN A 136 -13.91 1.73 13.10
C ASN A 136 -14.77 2.67 13.95
N LEU A 137 -15.49 3.57 13.30
CA LEU A 137 -16.37 4.54 13.98
C LEU A 137 -15.60 5.28 15.09
N GLU A 138 -15.19 6.52 14.81
CA GLU A 138 -14.44 7.33 15.78
C GLU A 138 -14.53 8.81 15.39
N HIS A 139 -14.90 9.65 16.36
CA HIS A 139 -15.02 11.08 16.12
C HIS A 139 -13.64 11.70 15.90
N HIS A 140 -13.55 12.69 15.01
CA HIS A 140 -12.29 13.36 14.72
C HIS A 140 -11.78 14.10 15.97
N HIS A 141 -10.46 14.07 16.17
CA HIS A 141 -9.84 14.75 17.33
C HIS A 141 -8.33 14.84 17.14
N HIS A 142 -7.85 16.04 16.78
CA HIS A 142 -6.42 16.28 16.57
C HIS A 142 -6.11 17.77 16.73
N HIS A 143 -4.82 18.11 16.85
CA HIS A 143 -4.40 19.50 17.02
C HIS A 143 -2.98 19.68 16.47
N HIS A 144 -2.14 18.65 16.65
CA HIS A 144 -0.74 18.68 16.17
C HIS A 144 -0.07 20.03 16.40
N GLY A 1 0.11 -2.05 -22.94
CA GLY A 1 -0.05 -1.15 -21.76
C GLY A 1 0.62 -1.78 -20.54
N ASN A 2 -0.02 -2.79 -19.98
CA ASN A 2 0.51 -3.49 -18.80
C ASN A 2 0.80 -2.49 -17.67
N LYS A 3 -0.04 -1.45 -17.55
CA LYS A 3 0.13 -0.41 -16.52
C LYS A 3 -1.16 -0.25 -15.73
N ILE A 4 -1.64 -1.35 -15.13
CA ILE A 4 -2.89 -1.32 -14.34
C ILE A 4 -2.85 -0.11 -13.39
N THR A 5 -3.85 0.77 -13.54
CA THR A 5 -3.96 1.99 -12.71
C THR A 5 -5.16 1.89 -11.80
N VAL A 6 -4.96 2.17 -10.51
CA VAL A 6 -6.03 2.14 -9.50
C VAL A 6 -5.93 3.38 -8.63
N GLU A 7 -7.06 3.75 -8.01
CA GLU A 7 -7.12 4.93 -7.15
C GLU A 7 -8.14 4.71 -6.03
N VAL A 8 -8.02 5.52 -4.97
CA VAL A 8 -8.95 5.45 -3.83
C VAL A 8 -9.18 6.85 -3.27
N THR A 9 -10.42 7.11 -2.81
CA THR A 9 -10.77 8.42 -2.25
C THR A 9 -10.53 8.39 -0.74
N VAL A 10 -9.62 9.23 -0.25
CA VAL A 10 -9.30 9.33 1.19
C VAL A 10 -9.46 10.78 1.65
N TYR A 11 -10.23 10.97 2.74
CA TYR A 11 -10.47 12.30 3.31
C TYR A 11 -9.58 12.53 4.52
N ALA A 12 -8.37 13.04 4.27
CA ALA A 12 -7.40 13.30 5.34
C ALA A 12 -6.24 14.12 4.80
N ALA A 13 -5.59 14.87 5.68
CA ALA A 13 -4.44 15.70 5.27
C ALA A 13 -3.29 14.81 4.78
N ILE A 14 -2.71 15.15 3.63
CA ILE A 14 -1.62 14.36 3.05
C ILE A 14 -0.51 14.12 4.07
N GLU A 15 -0.23 15.11 4.90
CA GLU A 15 0.82 14.99 5.90
C GLU A 15 0.53 13.83 6.84
N LYS A 16 -0.74 13.62 7.14
CA LYS A 16 -1.16 12.52 8.01
C LYS A 16 -1.06 11.17 7.27
N VAL A 17 -1.58 11.15 6.03
CA VAL A 17 -1.56 9.95 5.21
C VAL A 17 -0.13 9.52 4.92
N TRP A 18 0.73 10.48 4.58
CA TRP A 18 2.12 10.18 4.27
C TRP A 18 2.78 9.39 5.42
N LYS A 19 2.57 9.87 6.64
CA LYS A 19 3.14 9.20 7.81
C LYS A 19 2.51 7.82 8.00
N TYR A 20 1.18 7.75 7.89
CA TYR A 20 0.48 6.48 8.07
C TYR A 20 0.84 5.49 6.96
N TRP A 21 0.89 5.99 5.73
CA TRP A 21 1.19 5.16 4.57
C TRP A 21 2.66 4.71 4.56
N ASN A 22 3.51 5.37 5.38
CA ASN A 22 4.95 5.07 5.46
C ASN A 22 5.31 4.40 6.79
N GLU A 23 4.49 4.63 7.83
CA GLU A 23 4.75 4.03 9.14
C GLU A 23 4.62 2.49 9.06
N PRO A 24 5.67 1.70 9.30
CA PRO A 24 5.55 0.21 9.20
C PRO A 24 4.71 -0.38 10.33
N ALA A 25 4.81 0.22 11.51
CA ALA A 25 4.05 -0.26 12.67
C ALA A 25 2.56 -0.26 12.38
N HIS A 26 2.11 0.72 11.60
CA HIS A 26 0.70 0.84 11.24
C HIS A 26 0.33 -0.11 10.09
N ILE A 27 1.19 -0.23 9.09
CA ILE A 27 0.90 -1.09 7.93
C ILE A 27 0.78 -2.56 8.36
N MET A 28 1.70 -3.03 9.19
CA MET A 28 1.68 -4.43 9.61
C MET A 28 0.37 -4.77 10.34
N LYS A 29 -0.41 -3.74 10.70
CA LYS A 29 -1.68 -3.93 11.43
C LYS A 29 -2.83 -4.30 10.49
N TRP A 30 -2.88 -3.67 9.30
CA TRP A 30 -3.95 -3.91 8.30
C TRP A 30 -3.37 -4.42 6.98
N CYS A 31 -2.16 -4.96 7.01
CA CYS A 31 -1.54 -5.48 5.79
C CYS A 31 -2.42 -6.54 5.14
N GLN A 32 -2.56 -6.46 3.82
CA GLN A 32 -3.40 -7.39 3.05
C GLN A 32 -4.87 -7.20 3.40
N ALA A 33 -5.12 -6.70 4.61
CA ALA A 33 -6.48 -6.48 5.09
C ALA A 33 -7.31 -7.75 5.01
N SER A 34 -6.62 -8.91 5.09
CA SER A 34 -7.27 -10.24 5.01
C SER A 34 -6.92 -11.08 6.27
N PRO A 35 -7.86 -11.83 6.85
CA PRO A 35 -7.56 -12.67 8.06
C PRO A 35 -6.77 -13.92 7.69
N GLU A 36 -6.62 -14.18 6.40
CA GLU A 36 -5.90 -15.38 5.92
C GLU A 36 -4.39 -15.11 5.89
N TRP A 37 -3.98 -13.98 6.46
CA TRP A 37 -2.55 -13.61 6.51
C TRP A 37 -2.28 -12.73 7.72
N HIS A 38 -1.01 -12.72 8.13
CA HIS A 38 -0.57 -11.93 9.30
C HIS A 38 0.86 -11.46 9.07
N VAL A 39 1.29 -10.46 9.84
CA VAL A 39 2.65 -9.88 9.74
C VAL A 39 3.37 -10.00 11.09
N PRO A 40 4.14 -11.05 11.35
CA PRO A 40 4.84 -11.20 12.67
C PRO A 40 6.05 -10.27 12.78
N ALA A 41 6.41 -9.62 11.67
CA ALA A 41 7.53 -8.68 11.66
C ALA A 41 7.51 -7.84 10.40
N ALA A 42 8.06 -6.63 10.50
CA ALA A 42 8.12 -5.71 9.36
C ALA A 42 9.20 -4.65 9.59
N GLN A 43 9.87 -4.24 8.50
CA GLN A 43 10.93 -3.22 8.57
C GLN A 43 10.80 -2.24 7.41
N ASN A 44 11.12 -0.98 7.66
CA ASN A 44 11.05 0.07 6.64
C ASN A 44 11.88 1.27 7.07
N ASP A 45 12.69 1.81 6.14
CA ASP A 45 13.55 2.97 6.41
C ASP A 45 13.40 3.98 5.27
N LEU A 46 12.58 5.01 5.48
CA LEU A 46 12.36 6.03 4.46
C LEU A 46 13.63 6.84 4.24
N LYS A 47 14.40 6.45 3.22
CA LYS A 47 15.65 7.14 2.90
C LYS A 47 16.12 6.71 1.53
N ALA A 48 16.78 7.63 0.82
CA ALA A 48 17.29 7.33 -0.52
C ALA A 48 18.36 6.24 -0.45
N GLY A 49 18.32 5.29 -1.38
CA GLY A 49 19.28 4.19 -1.40
C GLY A 49 19.08 3.26 -0.20
N GLY A 50 18.01 3.53 0.56
CA GLY A 50 17.67 2.71 1.72
C GLY A 50 16.96 1.44 1.27
N THR A 51 17.11 0.36 2.05
CA THR A 51 16.47 -0.94 1.74
C THR A 51 15.41 -1.26 2.79
N PHE A 52 14.51 -2.18 2.44
CA PHE A 52 13.42 -2.59 3.34
C PHE A 52 13.14 -4.08 3.18
N THR A 53 12.38 -4.64 4.13
CA THR A 53 12.03 -6.05 4.10
C THR A 53 10.81 -6.29 5.00
N THR A 54 9.78 -6.95 4.45
CA THR A 54 8.55 -7.25 5.19
C THR A 54 8.31 -8.76 5.19
N THR A 55 8.19 -9.36 6.39
CA THR A 55 7.97 -10.80 6.51
C THR A 55 6.48 -11.09 6.59
N MET A 56 5.95 -11.81 5.59
CA MET A 56 4.53 -12.19 5.54
C MET A 56 4.42 -13.70 5.49
N ALA A 57 3.54 -14.27 6.35
CA ALA A 57 3.34 -15.72 6.40
C ALA A 57 1.88 -16.05 6.74
N ALA A 58 1.32 -17.04 6.02
CA ALA A 58 -0.06 -17.46 6.26
C ALA A 58 -0.17 -18.01 7.68
N LYS A 59 -1.34 -17.84 8.29
CA LYS A 59 -1.56 -18.33 9.66
C LYS A 59 -1.32 -19.84 9.72
N ASP A 60 -1.76 -20.56 8.69
CA ASP A 60 -1.59 -22.01 8.63
C ASP A 60 -0.13 -22.35 8.32
N GLY A 61 0.62 -21.32 7.94
CA GLY A 61 2.04 -21.50 7.60
C GLY A 61 2.19 -22.34 6.34
N SER A 62 1.11 -22.46 5.57
CA SER A 62 1.14 -23.24 4.33
C SER A 62 2.13 -22.66 3.34
N MET A 63 2.17 -21.32 3.26
CA MET A 63 3.08 -20.62 2.35
C MET A 63 3.52 -19.28 2.96
N SER A 64 4.74 -18.86 2.63
CA SER A 64 5.28 -17.58 3.13
C SER A 64 6.14 -16.92 2.06
N PHE A 65 6.22 -15.60 2.11
CA PHE A 65 7.02 -14.82 1.16
C PHE A 65 7.40 -13.48 1.78
N ASP A 66 8.50 -12.90 1.29
CA ASP A 66 8.99 -11.60 1.79
C ASP A 66 9.44 -10.74 0.62
N PHE A 67 8.98 -9.48 0.59
CA PHE A 67 9.34 -8.53 -0.47
C PHE A 67 10.52 -7.66 0.00
N GLY A 68 11.39 -7.31 -0.94
CA GLY A 68 12.57 -6.49 -0.66
C GLY A 68 12.95 -5.68 -1.88
N GLY A 69 13.60 -4.54 -1.65
CA GLY A 69 14.01 -3.67 -2.74
C GLY A 69 14.74 -2.46 -2.17
N VAL A 70 15.02 -1.47 -3.02
CA VAL A 70 15.73 -0.24 -2.62
C VAL A 70 14.99 0.98 -3.16
N TYR A 71 15.01 2.07 -2.40
CA TYR A 71 14.34 3.31 -2.81
C TYR A 71 15.27 4.09 -3.75
N ASP A 72 14.75 4.44 -4.94
CA ASP A 72 15.52 5.20 -5.93
C ASP A 72 15.48 6.69 -5.59
N GLN A 73 14.41 7.11 -4.91
CA GLN A 73 14.24 8.51 -4.51
C GLN A 73 13.10 8.63 -3.51
N VAL A 74 13.29 9.49 -2.50
CA VAL A 74 12.28 9.72 -1.44
C VAL A 74 12.20 11.23 -1.15
N LYS A 75 10.99 11.79 -1.21
CA LYS A 75 10.76 13.22 -0.94
C LYS A 75 9.40 13.39 -0.27
N THR A 76 9.38 14.02 0.90
CA THR A 76 8.14 14.22 1.65
C THR A 76 7.02 14.81 0.79
N ASN A 77 5.92 14.06 0.66
CA ASN A 77 4.76 14.50 -0.13
C ASN A 77 5.17 14.88 -1.55
N ASP A 78 5.43 13.87 -2.39
CA ASP A 78 5.83 14.12 -3.78
C ASP A 78 5.78 12.83 -4.59
N LEU A 79 6.82 12.00 -4.47
CA LEU A 79 6.88 10.73 -5.22
C LEU A 79 7.67 9.68 -4.45
N ILE A 80 7.13 8.45 -4.40
CA ILE A 80 7.79 7.31 -3.73
C ILE A 80 7.82 6.13 -4.70
N GLU A 81 9.00 5.54 -4.87
CA GLU A 81 9.17 4.39 -5.75
C GLU A 81 10.34 3.54 -5.26
N TYR A 82 10.44 2.32 -5.77
CA TYR A 82 11.50 1.40 -5.39
C TYR A 82 11.66 0.33 -6.47
N THR A 83 12.79 -0.39 -6.42
CA THR A 83 13.10 -1.46 -7.39
C THR A 83 13.18 -2.80 -6.66
N ILE A 84 12.46 -3.79 -7.20
CA ILE A 84 12.43 -5.15 -6.61
C ILE A 84 13.40 -6.07 -7.36
N GLY A 85 13.96 -7.04 -6.64
CA GLY A 85 14.91 -7.97 -7.25
C GLY A 85 14.31 -8.65 -8.48
N ASP A 86 13.03 -9.01 -8.38
CA ASP A 86 12.35 -9.68 -9.49
C ASP A 86 12.33 -8.78 -10.73
N GLY A 87 12.61 -7.49 -10.52
CA GLY A 87 12.63 -6.51 -11.63
C GLY A 87 11.33 -5.72 -11.70
N ARG A 88 10.38 -6.06 -10.82
CA ARG A 88 9.09 -5.38 -10.81
C ARG A 88 9.32 -3.91 -10.40
N LYS A 89 8.54 -3.01 -10.99
CA LYS A 89 8.65 -1.57 -10.69
C LYS A 89 7.29 -1.03 -10.24
N VAL A 90 7.30 -0.15 -9.23
CA VAL A 90 6.09 0.47 -8.69
C VAL A 90 6.32 1.97 -8.54
N ARG A 91 5.34 2.77 -8.96
CA ARG A 91 5.41 4.23 -8.88
C ARG A 91 4.15 4.73 -8.17
N ILE A 92 4.33 5.47 -7.08
CA ILE A 92 3.22 6.02 -6.29
C ILE A 92 3.22 7.54 -6.46
N VAL A 93 2.09 8.10 -6.92
CA VAL A 93 1.95 9.56 -7.12
C VAL A 93 0.89 10.08 -6.14
N PHE A 94 1.28 11.05 -5.31
CA PHE A 94 0.36 11.64 -4.32
C PHE A 94 -0.28 12.90 -4.89
N THR A 95 -1.62 12.92 -4.93
CA THR A 95 -2.40 14.06 -5.44
C THR A 95 -3.53 14.37 -4.48
N HIS A 96 -3.91 15.65 -4.43
CA HIS A 96 -4.99 16.09 -3.55
C HIS A 96 -5.65 17.35 -4.12
N THR A 97 -6.83 17.67 -3.60
CA THR A 97 -7.57 18.85 -4.05
C THR A 97 -8.40 19.41 -2.90
N GLY A 98 -8.12 20.66 -2.51
CA GLY A 98 -8.86 21.29 -1.43
C GLY A 98 -8.71 20.51 -0.12
N ASP A 99 -9.69 19.63 0.15
CA ASP A 99 -9.69 18.80 1.37
C ASP A 99 -9.94 17.33 1.04
N THR A 100 -9.47 16.88 -0.15
CA THR A 100 -9.63 15.49 -0.58
C THR A 100 -8.28 14.95 -1.10
N THR A 101 -7.82 13.83 -0.53
CA THR A 101 -6.54 13.21 -0.93
C THR A 101 -6.83 12.02 -1.86
N ASN A 102 -6.09 11.94 -2.98
CA ASN A 102 -6.25 10.86 -3.96
C ASN A 102 -4.91 10.15 -4.13
N ILE A 103 -4.88 8.85 -3.78
CA ILE A 103 -3.66 8.03 -3.90
C ILE A 103 -3.73 7.25 -5.20
N VAL A 104 -2.67 7.31 -6.02
CA VAL A 104 -2.61 6.58 -7.30
C VAL A 104 -1.42 5.62 -7.26
N GLU A 105 -1.65 4.35 -7.63
CA GLU A 105 -0.60 3.32 -7.64
C GLU A 105 -0.64 2.55 -8.95
N SER A 106 0.47 2.58 -9.70
CA SER A 106 0.59 1.86 -10.98
C SER A 106 1.34 0.56 -10.75
N PHE A 107 1.01 -0.48 -11.52
CA PHE A 107 1.65 -1.79 -11.41
C PHE A 107 1.95 -2.32 -12.80
N ASP A 108 3.03 -3.13 -12.91
CA ASP A 108 3.44 -3.73 -14.19
C ASP A 108 3.69 -5.23 -13.99
N PRO A 109 2.65 -6.05 -13.93
CA PRO A 109 2.81 -7.52 -13.76
C PRO A 109 3.06 -8.21 -15.10
N GLU A 110 3.01 -9.53 -15.09
CA GLU A 110 3.23 -10.32 -16.30
C GLU A 110 2.12 -10.04 -17.32
N GLU A 111 2.53 -9.73 -18.54
CA GLU A 111 1.57 -9.44 -19.62
C GLU A 111 0.74 -10.69 -19.94
N THR A 112 1.38 -11.86 -19.82
CA THR A 112 0.69 -13.13 -20.11
C THR A 112 -0.43 -13.38 -19.11
N ASN A 113 -0.19 -13.03 -17.84
CA ASN A 113 -1.19 -13.25 -16.79
C ASN A 113 -2.44 -12.38 -17.05
N PRO A 114 -3.62 -12.82 -16.65
CA PRO A 114 -4.88 -12.04 -16.86
C PRO A 114 -4.93 -10.80 -15.96
N ARG A 115 -4.72 -9.63 -16.55
CA ARG A 115 -4.73 -8.38 -15.79
C ARG A 115 -6.12 -8.15 -15.18
N GLU A 116 -7.17 -8.60 -15.88
CA GLU A 116 -8.55 -8.41 -15.42
C GLU A 116 -8.72 -8.82 -13.95
N LEU A 117 -8.24 -10.02 -13.60
CA LEU A 117 -8.33 -10.52 -12.23
C LEU A 117 -7.45 -9.71 -11.28
N GLN A 118 -6.24 -9.35 -11.76
CA GLN A 118 -5.30 -8.59 -10.94
C GLN A 118 -5.90 -7.23 -10.56
N GLN A 119 -6.49 -6.54 -11.54
CA GLN A 119 -7.09 -5.24 -11.28
C GLN A 119 -8.11 -5.36 -10.15
N SER A 120 -8.91 -6.41 -10.20
CA SER A 120 -9.92 -6.65 -9.17
C SER A 120 -9.24 -6.86 -7.82
N GLY A 121 -8.11 -7.59 -7.82
CA GLY A 121 -7.40 -7.85 -6.56
C GLY A 121 -6.85 -6.57 -5.95
N TRP A 122 -6.13 -5.79 -6.75
CA TRP A 122 -5.54 -4.53 -6.27
C TRP A 122 -6.66 -3.56 -5.88
N GLN A 123 -7.75 -3.57 -6.64
CA GLN A 123 -8.88 -2.67 -6.35
C GLN A 123 -9.63 -3.14 -5.09
N ALA A 124 -9.72 -4.45 -4.91
CA ALA A 124 -10.42 -5.03 -3.76
C ALA A 124 -9.82 -4.55 -2.43
N ILE A 125 -8.51 -4.69 -2.29
CA ILE A 125 -7.82 -4.27 -1.06
C ILE A 125 -7.98 -2.76 -0.86
N LEU A 126 -7.92 -1.99 -1.94
CA LEU A 126 -8.06 -0.54 -1.86
C LEU A 126 -9.47 -0.18 -1.38
N ASN A 127 -10.48 -0.93 -1.85
CA ASN A 127 -11.86 -0.66 -1.46
C ASN A 127 -12.02 -0.89 0.04
N SER A 128 -11.39 -1.96 0.54
CA SER A 128 -11.47 -2.29 1.97
C SER A 128 -10.96 -1.15 2.84
N PHE A 129 -10.01 -0.38 2.31
CA PHE A 129 -9.41 0.73 3.07
C PHE A 129 -10.51 1.64 3.64
N LYS A 130 -11.70 1.55 3.06
CA LYS A 130 -12.85 2.36 3.50
C LYS A 130 -13.34 1.89 4.87
N SER A 131 -13.33 0.57 5.07
CA SER A 131 -13.81 -0.03 6.31
C SER A 131 -13.02 0.49 7.51
N TYR A 132 -11.71 0.56 7.36
CA TYR A 132 -10.85 1.05 8.44
C TYR A 132 -11.21 2.50 8.79
N THR A 133 -11.26 3.36 7.78
CA THR A 133 -11.60 4.76 7.98
C THR A 133 -13.03 4.91 8.48
N GLU A 134 -13.94 4.09 7.93
CA GLU A 134 -15.34 4.13 8.34
C GLU A 134 -15.49 3.62 9.77
N ASN A 135 -14.67 2.65 10.14
CA ASN A 135 -14.73 2.08 11.48
C ASN A 135 -14.40 3.15 12.53
N ASN A 136 -13.40 3.98 12.24
CA ASN A 136 -13.01 5.04 13.18
C ASN A 136 -14.16 6.04 13.36
N LEU A 137 -14.81 6.42 12.23
CA LEU A 137 -15.93 7.38 12.27
C LEU A 137 -17.27 6.63 12.27
N GLU A 138 -17.96 6.64 13.40
CA GLU A 138 -19.25 5.96 13.52
C GLU A 138 -19.91 6.36 14.85
N HIS A 139 -20.78 7.37 14.78
CA HIS A 139 -21.48 7.84 15.98
C HIS A 139 -22.42 6.75 16.48
N HIS A 140 -21.86 5.80 17.24
CA HIS A 140 -22.64 4.69 17.79
C HIS A 140 -23.32 3.89 16.67
N HIS A 141 -23.71 2.66 16.97
CA HIS A 141 -24.37 1.81 15.98
C HIS A 141 -24.99 0.59 16.65
N HIS A 142 -25.95 -0.04 15.99
CA HIS A 142 -26.62 -1.22 16.53
C HIS A 142 -25.62 -2.37 16.65
N HIS A 143 -25.61 -3.06 17.79
CA HIS A 143 -24.70 -4.18 18.00
C HIS A 143 -25.08 -5.34 17.09
N HIS A 144 -24.08 -5.94 16.43
CA HIS A 144 -24.33 -7.07 15.54
C HIS A 144 -24.90 -8.25 16.32
#